data_6KR4
#
_entry.id   6KR4
#
_cell.length_a   250.378
_cell.length_b   147.678
_cell.length_c   143.972
_cell.angle_alpha   90.000
_cell.angle_beta   103.850
_cell.angle_gamma   90.000
#
_symmetry.space_group_name_H-M   'C 1 2 1'
#
loop_
_entity.id
_entity.type
_entity.pdbx_description
1 polymer 'Receptor-type tyrosine-protein phosphatase F'
2 polymer Liprin-alpha-3
3 non-polymer 'TETRAETHYLENE GLYCOL'
4 non-polymer 'PHOSPHATE ION'
5 non-polymer 'TRIETHYLENE GLYCOL'
6 non-polymer 'HEXAETHYLENE GLYCOL'
7 water water
#
loop_
_entity_poly.entity_id
_entity_poly.type
_entity_poly.pdbx_seq_one_letter_code
_entity_poly.pdbx_strand_id
1 'polypeptide(L)'
;HMGSIPITDLADNIERLKANDGLKFSQEYESIDPGQQFTWENSNLEVNKPKNRYANVIAYDHSRVILTSIDGVPGSDYIN
ANYIDGYRKQNAYIATQGPLPETMGDFWRMVWEQRTATVVMMTRLEEKSRVKCDQYWPARGTETCGLIQVTLLDTVELAT
YTVRTFALHKSGSSEKRELRQFQFMAWPDHGVPEYPTPILAFLRRVKACNPLDAGPMVVHCSAGVGRTGCFIVIDAMLER
MKHEKTVDIYGHVTCMRSQRNYMVQTEDQYVFIHEALLEAATCGHTEVPARNLYAHIQKLGQVPPGESVTAMELEFKLLA
SSKAHTSRFISANLPCNKFKNRLVNIMPYELTRVCLQPIRGVEGSDYINASFLDGYRQQKAYIATQGPLAESTEDFWRML
WEHNSTIIVMLTKLREMGREKCHQYWPAERSARYQYFVVDPMAEYNMPQYILREFKVTDARDGQSRTIRQFQFTDWPEQG
VPKTGEGFIDFIGQVHKTKEQFGQDGPITVHCSAGVGRTGVFITLSIVLERMRYEGVVDMFQTVKTLRTQRPAMVQTEDQ
YQLCYRAALEYLGSFDHYAT
;
A,B,C,D
2 'polypeptide(L)'
;GPGSAKLTGPGDKDRRNKRKHELLEEACRQGLPFAAWDGPTVVSWLELWVGMPAWYVAACRANVKSGAIMANLSDTEIQR
EIGISNPLHRLKLRLAIQEMVSLTSPSAPASSRTPTGNVWMTHEEMESLTAATKPETKEISWEQILAYGDMNHEWVGNDW
LPSLGLPQYRSYFMESLVDARMLDHLNKKELRGQLKMVDSFHRVSLHYGIMCLKRLNYDRKDLERRREESQTQIRDVMVW
SNERVMGWVSGLGLKEFATNLTESGVHGALLALDETFDYSDLALLLQIPTQNAQARQLLEKEFSNLISLGTDRRLDEDSA
KSFSR
;
E,F,H,G
#
# COMPACT_ATOMS: atom_id res chain seq x y z
N HIS A 1 29.75 -42.44 -25.83
CA HIS A 1 31.14 -42.16 -26.17
C HIS A 1 32.05 -42.71 -25.08
N MET A 2 33.15 -43.33 -25.48
CA MET A 2 34.06 -43.92 -24.52
C MET A 2 35.02 -42.86 -23.94
N GLY A 3 34.42 -41.82 -23.36
CA GLY A 3 35.15 -40.70 -22.79
C GLY A 3 34.22 -39.55 -22.44
N SER A 4 34.80 -38.36 -22.23
CA SER A 4 34.04 -37.19 -21.80
C SER A 4 33.14 -36.57 -22.86
N ILE A 5 31.92 -36.20 -22.47
CA ILE A 5 30.98 -35.53 -23.37
C ILE A 5 30.48 -34.21 -22.80
N PRO A 6 30.61 -33.10 -23.57
CA PRO A 6 29.93 -31.87 -23.12
C PRO A 6 28.42 -32.04 -23.19
N ILE A 7 27.70 -31.57 -22.17
CA ILE A 7 26.27 -31.81 -22.06
C ILE A 7 25.46 -31.37 -23.27
N THR A 8 25.97 -30.39 -24.02
CA THR A 8 25.28 -29.93 -25.21
C THR A 8 25.24 -31.01 -26.28
N ASP A 9 26.26 -31.88 -26.30
CA ASP A 9 26.35 -32.94 -27.29
C ASP A 9 25.78 -34.24 -26.77
N LEU A 10 25.22 -34.21 -25.55
CA LEU A 10 24.72 -35.42 -24.92
C LEU A 10 23.58 -36.07 -25.68
N ALA A 11 22.54 -35.30 -26.00
CA ALA A 11 21.39 -35.83 -26.72
C ALA A 11 21.79 -36.47 -28.05
N ASP A 12 22.66 -35.80 -28.78
CA ASP A 12 23.11 -36.29 -30.07
C ASP A 12 23.86 -37.59 -29.90
N ASN A 13 24.69 -37.65 -28.87
CA ASN A 13 25.43 -38.87 -28.60
C ASN A 13 24.51 -40.03 -28.23
N ILE A 14 23.47 -39.75 -27.45
CA ILE A 14 22.57 -40.80 -27.04
C ILE A 14 21.83 -41.31 -28.25
N GLU A 15 21.50 -40.42 -29.17
CA GLU A 15 20.88 -40.81 -30.44
C GLU A 15 21.74 -41.75 -31.26
N ARG A 16 23.04 -41.45 -31.34
CA ARG A 16 23.95 -42.31 -32.09
C ARG A 16 24.10 -43.65 -31.44
N LEU A 17 24.16 -43.67 -30.12
CA LEU A 17 24.25 -44.94 -29.42
C LEU A 17 22.98 -45.76 -29.60
N LYS A 18 21.85 -45.09 -29.73
CA LYS A 18 20.57 -45.78 -29.85
C LYS A 18 20.29 -46.33 -31.23
N ALA A 19 20.95 -45.78 -32.24
CA ALA A 19 20.71 -46.15 -33.61
C ALA A 19 20.94 -47.61 -33.82
N ASN A 20 20.30 -48.13 -34.86
CA ASN A 20 20.43 -49.51 -35.31
C ASN A 20 20.20 -50.53 -34.22
N ASP A 21 19.05 -50.42 -33.57
CA ASP A 21 18.69 -51.21 -32.40
C ASP A 21 19.66 -51.04 -31.24
N GLY A 22 20.29 -49.86 -31.16
CA GLY A 22 21.19 -49.59 -30.05
C GLY A 22 22.42 -50.46 -30.10
N LEU A 23 22.95 -50.66 -31.30
CA LEU A 23 24.16 -51.44 -31.51
C LEU A 23 25.34 -50.79 -30.77
N LYS A 24 25.55 -49.50 -31.03
CA LYS A 24 26.58 -48.72 -30.34
C LYS A 24 26.51 -48.75 -28.83
N PHE A 25 25.29 -48.68 -28.28
CA PHE A 25 25.12 -48.77 -26.83
C PHE A 25 25.63 -50.10 -26.31
N SER A 26 25.29 -51.18 -27.00
CA SER A 26 25.68 -52.52 -26.59
C SER A 26 27.17 -52.72 -26.61
N GLN A 27 27.78 -52.34 -27.72
CA GLN A 27 29.21 -52.48 -27.87
C GLN A 27 29.97 -51.70 -26.81
N GLU A 28 29.52 -50.48 -26.54
CA GLU A 28 30.13 -49.67 -25.52
C GLU A 28 29.95 -50.30 -24.15
N TYR A 29 28.72 -50.70 -23.83
CA TYR A 29 28.46 -51.25 -22.52
C TYR A 29 29.23 -52.54 -22.30
N GLU A 30 29.40 -53.33 -23.35
CA GLU A 30 30.08 -54.61 -23.23
C GLU A 30 31.58 -54.43 -23.10
N SER A 31 32.09 -53.29 -23.54
CA SER A 31 33.53 -53.06 -23.54
C SER A 31 34.05 -52.56 -22.20
N ILE A 32 33.17 -52.20 -21.29
CA ILE A 32 33.59 -51.66 -20.01
C ILE A 32 34.47 -52.67 -19.29
N ASP A 33 35.68 -52.26 -19.00
CA ASP A 33 36.67 -53.15 -18.43
C ASP A 33 37.68 -52.40 -17.56
N PRO A 34 37.73 -52.75 -16.26
CA PRO A 34 38.73 -52.21 -15.35
C PRO A 34 40.16 -52.61 -15.74
N GLY A 35 40.29 -53.73 -16.43
CA GLY A 35 41.57 -54.16 -16.96
C GLY A 35 42.55 -54.65 -15.92
N GLN A 36 42.04 -55.22 -14.83
CA GLN A 36 42.89 -55.82 -13.82
C GLN A 36 42.18 -56.98 -13.14
N GLN A 37 42.94 -57.77 -12.40
CA GLN A 37 42.37 -58.87 -11.61
CA GLN A 37 42.37 -58.86 -11.62
C GLN A 37 42.24 -58.42 -10.16
N PHE A 38 41.29 -59.01 -9.44
CA PHE A 38 41.07 -58.68 -8.03
C PHE A 38 41.06 -59.91 -7.17
N THR A 39 40.99 -59.74 -5.85
CA THR A 39 40.87 -60.88 -4.97
C THR A 39 39.67 -60.66 -4.08
N TRP A 40 39.09 -61.74 -3.62
CA TRP A 40 37.94 -61.71 -2.73
C TRP A 40 38.06 -62.80 -1.68
N GLU A 41 39.24 -62.91 -1.09
CA GLU A 41 39.52 -63.96 -0.13
C GLU A 41 38.59 -63.93 1.06
N ASN A 42 38.29 -62.74 1.54
CA ASN A 42 37.44 -62.59 2.72
C ASN A 42 35.99 -63.02 2.50
N SER A 43 35.46 -62.72 1.31
CA SER A 43 34.12 -63.11 0.94
C SER A 43 33.91 -64.61 0.77
N ASN A 44 34.98 -65.35 0.48
CA ASN A 44 34.85 -66.78 0.23
C ASN A 44 35.07 -67.62 1.46
N LEU A 45 35.49 -66.98 2.55
CA LEU A 45 35.72 -67.70 3.81
C LEU A 45 34.45 -68.40 4.25
N GLU A 46 34.60 -69.61 4.76
CA GLU A 46 33.47 -70.43 5.17
C GLU A 46 32.53 -69.67 6.12
N VAL A 47 33.09 -68.87 7.02
CA VAL A 47 32.31 -68.15 8.00
C VAL A 47 31.59 -66.93 7.41
N ASN A 48 32.08 -66.44 6.28
CA ASN A 48 31.51 -65.25 5.64
C ASN A 48 30.58 -65.56 4.47
N LYS A 49 30.67 -66.76 3.92
CA LYS A 49 29.78 -67.14 2.82
C LYS A 49 28.30 -66.92 3.15
N PRO A 50 27.86 -67.29 4.37
CA PRO A 50 26.44 -67.06 4.65
C PRO A 50 26.09 -65.59 4.75
N LYS A 51 27.10 -64.74 4.76
CA LYS A 51 26.87 -63.31 4.86
C LYS A 51 26.73 -62.66 3.49
N ASN A 52 26.73 -63.47 2.44
CA ASN A 52 26.53 -62.96 1.09
C ASN A 52 25.14 -63.33 0.60
N ARG A 53 24.37 -62.34 0.18
CA ARG A 53 23.02 -62.61 -0.30
C ARG A 53 23.07 -63.48 -1.56
N TYR A 54 23.94 -63.10 -2.48
CA TYR A 54 24.20 -63.88 -3.67
C TYR A 54 25.65 -64.31 -3.60
N ALA A 55 25.91 -65.61 -3.71
CA ALA A 55 27.28 -66.12 -3.64
C ALA A 55 28.17 -65.47 -4.70
N ASN A 56 27.59 -65.12 -5.84
CA ASN A 56 28.34 -64.60 -6.97
C ASN A 56 28.48 -63.09 -6.98
N VAL A 57 28.09 -62.46 -5.88
CA VAL A 57 28.28 -61.01 -5.74
C VAL A 57 29.08 -60.79 -4.48
N ILE A 58 30.35 -60.47 -4.65
CA ILE A 58 31.26 -60.46 -3.53
C ILE A 58 31.91 -59.10 -3.37
N ALA A 59 32.71 -58.97 -2.33
CA ALA A 59 33.42 -57.73 -2.08
C ALA A 59 34.92 -57.90 -2.34
N TYR A 60 35.43 -57.18 -3.34
CA TYR A 60 36.85 -57.15 -3.60
C TYR A 60 37.62 -56.72 -2.33
N ASP A 61 38.77 -57.36 -2.09
CA ASP A 61 39.51 -57.17 -0.85
C ASP A 61 40.07 -55.76 -0.66
N HIS A 62 40.54 -55.14 -1.74
CA HIS A 62 41.21 -53.84 -1.65
C HIS A 62 40.27 -52.71 -1.31
N SER A 63 38.99 -52.89 -1.59
CA SER A 63 38.05 -51.81 -1.43
C SER A 63 36.93 -52.13 -0.47
N ARG A 64 36.95 -53.32 0.10
CA ARG A 64 35.87 -53.71 0.96
C ARG A 64 35.89 -52.86 2.20
N VAL A 65 34.73 -52.70 2.82
CA VAL A 65 34.64 -51.98 4.07
C VAL A 65 34.97 -52.94 5.20
N ILE A 66 36.00 -52.61 5.97
CA ILE A 66 36.43 -53.48 7.07
C ILE A 66 35.93 -52.98 8.42
N LEU A 67 35.13 -53.80 9.09
CA LEU A 67 34.67 -53.53 10.43
C LEU A 67 35.76 -53.91 11.42
N THR A 68 35.73 -53.32 12.61
CA THR A 68 36.67 -53.71 13.64
C THR A 68 36.41 -55.15 14.07
N SER A 69 37.47 -55.86 14.39
CA SER A 69 37.38 -57.25 14.81
C SER A 69 36.83 -57.37 16.23
N ILE A 70 35.98 -58.35 16.43
CA ILE A 70 35.49 -58.70 17.75
C ILE A 70 36.25 -59.90 18.25
N ASP A 71 36.91 -59.73 19.40
CA ASP A 71 37.78 -60.76 19.95
C ASP A 71 37.03 -62.08 20.14
N GLY A 72 37.61 -63.15 19.59
CA GLY A 72 37.05 -64.47 19.74
C GLY A 72 36.10 -64.85 18.63
N VAL A 73 35.81 -63.90 17.75
CA VAL A 73 34.87 -64.18 16.68
C VAL A 73 35.49 -63.97 15.32
N PRO A 74 35.87 -65.07 14.65
CA PRO A 74 36.42 -64.98 13.29
C PRO A 74 35.40 -64.45 12.29
N GLY A 75 35.85 -63.62 11.36
CA GLY A 75 34.97 -63.03 10.36
C GLY A 75 34.23 -61.79 10.83
N SER A 76 34.62 -61.25 11.98
CA SER A 76 33.96 -60.10 12.57
C SER A 76 34.20 -58.83 11.80
N ASP A 77 35.16 -58.85 10.91
CA ASP A 77 35.51 -57.66 10.15
C ASP A 77 34.77 -57.63 8.84
N TYR A 78 33.96 -58.65 8.57
CA TYR A 78 33.39 -58.75 7.25
C TYR A 78 31.95 -58.29 7.12
N ILE A 79 31.73 -57.52 6.06
CA ILE A 79 30.40 -57.23 5.56
C ILE A 79 30.53 -57.11 4.06
N ASN A 80 29.52 -57.58 3.32
CA ASN A 80 29.58 -57.46 1.89
C ASN A 80 29.38 -56.02 1.43
N ALA A 81 30.46 -55.22 1.41
CA ALA A 81 30.37 -53.82 1.04
C ALA A 81 31.71 -53.27 0.54
N ASN A 82 31.64 -52.33 -0.37
CA ASN A 82 32.84 -51.68 -0.91
C ASN A 82 32.70 -50.17 -1.00
N TYR A 83 33.80 -49.46 -0.84
CA TYR A 83 33.83 -48.04 -1.07
C TYR A 83 33.72 -47.77 -2.55
N ILE A 84 33.04 -46.68 -2.90
CA ILE A 84 32.96 -46.24 -4.28
C ILE A 84 33.31 -44.76 -4.36
N ASP A 85 34.21 -44.42 -5.25
CA ASP A 85 34.55 -43.01 -5.45
C ASP A 85 33.42 -42.25 -6.12
N GLY A 86 33.26 -40.99 -5.72
CA GLY A 86 32.31 -40.12 -6.37
C GLY A 86 33.09 -39.20 -7.27
N TYR A 87 32.48 -38.08 -7.66
CA TYR A 87 33.16 -37.14 -8.53
C TYR A 87 34.07 -36.27 -7.71
N ARG A 88 35.37 -36.44 -7.89
CA ARG A 88 36.37 -35.69 -7.13
C ARG A 88 36.17 -35.89 -5.65
N LYS A 89 35.66 -37.05 -5.27
CA LYS A 89 35.48 -37.41 -3.87
C LYS A 89 35.81 -38.89 -3.69
N GLN A 90 36.79 -39.18 -2.85
CA GLN A 90 37.32 -40.51 -2.60
C GLN A 90 36.51 -41.21 -1.54
N ASN A 91 36.16 -42.46 -1.79
CA ASN A 91 35.37 -43.24 -0.87
C ASN A 91 34.09 -42.52 -0.46
N ALA A 92 33.47 -41.84 -1.41
CA ALA A 92 32.28 -41.04 -1.16
C ALA A 92 31.08 -41.88 -0.83
N TYR A 93 30.99 -43.08 -1.42
CA TYR A 93 29.83 -43.94 -1.15
C TYR A 93 30.32 -45.26 -0.61
N ILE A 94 29.38 -46.00 -0.04
CA ILE A 94 29.56 -47.40 0.30
C ILE A 94 28.44 -48.19 -0.34
N ALA A 95 28.76 -49.02 -1.32
CA ALA A 95 27.76 -49.89 -1.96
C ALA A 95 27.68 -51.19 -1.20
N THR A 96 26.48 -51.53 -0.74
CA THR A 96 26.33 -52.73 0.02
C THR A 96 25.06 -53.43 -0.38
N GLN A 97 24.96 -54.71 -0.04
CA GLN A 97 23.76 -55.47 -0.28
C GLN A 97 22.75 -55.11 0.78
N GLY A 98 21.47 -55.32 0.49
CA GLY A 98 20.46 -55.21 1.51
C GLY A 98 20.67 -56.28 2.56
N PRO A 99 20.77 -55.87 3.82
CA PRO A 99 21.15 -56.79 4.88
C PRO A 99 20.28 -58.03 5.03
N LEU A 100 20.93 -59.12 5.38
CA LEU A 100 20.29 -60.39 5.65
C LEU A 100 19.92 -60.36 7.10
N PRO A 101 18.98 -61.21 7.52
CA PRO A 101 18.57 -61.21 8.93
C PRO A 101 19.75 -61.31 9.89
N GLU A 102 20.79 -62.01 9.49
CA GLU A 102 21.92 -62.25 10.37
C GLU A 102 23.11 -61.31 10.15
N THR A 103 22.96 -60.31 9.29
CA THR A 103 24.01 -59.31 9.14
C THR A 103 23.50 -57.90 9.44
N MET A 104 22.33 -57.82 10.05
CA MET A 104 21.74 -56.53 10.38
C MET A 104 22.57 -55.81 11.42
N GLY A 105 23.09 -56.54 12.40
CA GLY A 105 23.99 -55.98 13.38
C GLY A 105 25.25 -55.47 12.75
N ASP A 106 25.77 -56.19 11.76
CA ASP A 106 26.99 -55.80 11.07
C ASP A 106 26.73 -54.54 10.26
N PHE A 107 25.56 -54.52 9.65
CA PHE A 107 25.14 -53.39 8.83
C PHE A 107 25.11 -52.10 9.65
N TRP A 108 24.48 -52.15 10.81
CA TRP A 108 24.40 -50.95 11.63
C TRP A 108 25.74 -50.56 12.19
N ARG A 109 26.56 -51.55 12.54
CA ARG A 109 27.89 -51.28 13.06
C ARG A 109 28.78 -50.65 11.98
N MET A 110 28.52 -50.98 10.72
CA MET A 110 29.26 -50.37 9.64
C MET A 110 28.94 -48.89 9.57
N VAL A 111 27.63 -48.58 9.66
CA VAL A 111 27.12 -47.21 9.68
C VAL A 111 27.72 -46.37 10.80
N TRP A 112 27.89 -46.99 11.96
CA TRP A 112 28.51 -46.34 13.10
C TRP A 112 29.99 -46.07 12.88
N GLU A 113 30.72 -47.12 12.58
CA GLU A 113 32.18 -47.03 12.47
C GLU A 113 32.62 -46.16 11.32
N GLN A 114 31.80 -46.07 10.28
CA GLN A 114 32.14 -45.25 9.12
C GLN A 114 31.64 -43.82 9.27
N ARG A 115 30.92 -43.55 10.36
CA ARG A 115 30.39 -42.23 10.64
C ARG A 115 29.47 -41.75 9.54
N THR A 116 28.63 -42.65 9.07
CA THR A 116 27.62 -42.40 8.05
C THR A 116 26.45 -41.60 8.59
N ALA A 117 26.00 -40.60 7.83
CA ALA A 117 24.83 -39.84 8.25
C ALA A 117 23.59 -40.20 7.43
N THR A 118 23.80 -40.79 6.26
CA THR A 118 22.72 -41.04 5.32
C THR A 118 22.76 -42.43 4.70
N VAL A 119 21.66 -43.15 4.85
CA VAL A 119 21.50 -44.43 4.18
C VAL A 119 20.47 -44.33 3.06
N VAL A 120 20.81 -44.81 1.88
CA VAL A 120 19.94 -44.79 0.71
C VAL A 120 19.46 -46.19 0.30
N MET A 121 18.18 -46.44 0.44
CA MET A 121 17.60 -47.73 0.09
C MET A 121 16.87 -47.66 -1.24
N MET A 122 17.35 -48.39 -2.24
CA MET A 122 16.82 -48.29 -3.60
C MET A 122 15.78 -49.36 -3.90
N THR A 123 15.10 -49.86 -2.88
CA THR A 123 14.17 -50.94 -3.12
C THR A 123 13.03 -50.95 -2.10
N ARG A 124 11.93 -51.61 -2.46
CA ARG A 124 10.89 -51.90 -1.49
C ARG A 124 11.29 -53.19 -0.83
N LEU A 125 10.72 -53.49 0.33
CA LEU A 125 11.07 -54.71 1.03
C LEU A 125 10.73 -55.94 0.21
N GLU A 126 9.59 -55.89 -0.47
CA GLU A 126 9.11 -57.02 -1.21
C GLU A 126 8.61 -56.53 -2.56
N GLU A 127 9.05 -57.19 -3.63
CA GLU A 127 8.57 -56.84 -4.95
C GLU A 127 8.09 -58.10 -5.67
N LYS A 128 6.81 -58.12 -6.01
CA LYS A 128 6.13 -59.27 -6.64
C LYS A 128 6.29 -60.57 -5.86
N SER A 129 6.00 -60.52 -4.56
CA SER A 129 6.03 -61.70 -3.70
C SER A 129 7.41 -62.34 -3.63
N ARG A 130 8.43 -61.55 -3.96
CA ARG A 130 9.83 -61.94 -3.88
C ARG A 130 10.55 -61.01 -2.90
N VAL A 131 11.24 -61.58 -1.91
CA VAL A 131 11.97 -60.76 -0.96
C VAL A 131 13.25 -60.18 -1.57
N LYS A 132 13.36 -58.85 -1.62
CA LYS A 132 14.55 -58.20 -2.14
C LYS A 132 15.51 -57.79 -1.03
N CYS A 133 14.96 -57.58 0.16
CA CYS A 133 15.72 -57.13 1.31
C CYS A 133 14.89 -57.35 2.57
N ASP A 134 15.54 -57.54 3.71
CA ASP A 134 14.82 -57.72 4.96
C ASP A 134 14.72 -56.39 5.72
N GLN A 135 13.62 -56.15 6.41
CA GLN A 135 13.51 -54.90 7.16
C GLN A 135 14.46 -54.89 8.34
N TYR A 136 15.35 -53.91 8.36
CA TYR A 136 16.42 -53.85 9.34
C TYR A 136 16.34 -52.70 10.34
N TRP A 137 15.28 -51.90 10.22
CA TRP A 137 15.04 -50.75 11.11
C TRP A 137 13.81 -51.06 11.92
N PRO A 138 13.72 -50.52 13.14
CA PRO A 138 12.49 -50.75 13.90
C PRO A 138 11.29 -50.01 13.32
N ALA A 139 10.14 -50.68 13.26
CA ALA A 139 8.89 -50.08 12.76
C ALA A 139 8.38 -49.03 13.75
N ARG A 140 8.67 -49.28 15.02
CA ARG A 140 8.36 -48.31 16.07
C ARG A 140 9.33 -48.52 17.22
N GLY A 141 9.72 -47.42 17.84
CA GLY A 141 10.56 -47.46 19.02
C GLY A 141 12.01 -47.79 18.78
N THR A 142 12.56 -48.63 19.66
CA THR A 142 13.98 -48.92 19.70
C THR A 142 14.22 -50.41 19.68
N GLU A 143 15.14 -50.84 18.82
CA GLU A 143 15.56 -52.22 18.78
C GLU A 143 17.06 -52.28 18.90
N THR A 144 17.55 -53.47 19.26
CA THR A 144 18.98 -53.65 19.37
C THR A 144 19.46 -54.64 18.33
N CYS A 145 20.25 -54.15 17.39
CA CYS A 145 20.86 -54.99 16.37
C CYS A 145 22.34 -55.11 16.67
N GLY A 146 22.73 -56.23 17.26
CA GLY A 146 24.11 -56.44 17.64
C GLY A 146 24.52 -55.49 18.74
N LEU A 147 25.50 -54.64 18.44
CA LEU A 147 26.02 -53.69 19.43
C LEU A 147 25.40 -52.31 19.29
N ILE A 148 24.55 -52.15 18.28
CA ILE A 148 23.99 -50.85 17.99
C ILE A 148 22.52 -50.82 18.38
N GLN A 149 22.13 -49.75 19.04
CA GLN A 149 20.76 -49.59 19.48
C GLN A 149 20.11 -48.57 18.55
N VAL A 150 19.14 -49.02 17.75
CA VAL A 150 18.52 -48.14 16.76
C VAL A 150 17.12 -47.65 17.18
N THR A 151 16.94 -46.34 17.17
CA THR A 151 15.67 -45.73 17.59
C THR A 151 15.04 -44.95 16.47
N LEU A 152 13.80 -45.31 16.11
CA LEU A 152 13.07 -44.57 15.10
C LEU A 152 12.47 -43.30 15.68
N LEU A 153 12.91 -42.16 15.17
CA LEU A 153 12.43 -40.87 15.65
C LEU A 153 11.27 -40.32 14.84
N ASP A 154 11.38 -40.38 13.52
CA ASP A 154 10.43 -39.69 12.66
C ASP A 154 10.35 -40.36 11.30
N THR A 155 9.15 -40.37 10.74
CA THR A 155 8.90 -40.90 9.40
C THR A 155 8.17 -39.88 8.56
N VAL A 156 8.59 -39.70 7.31
CA VAL A 156 7.81 -38.89 6.41
C VAL A 156 7.59 -39.63 5.09
N GLU A 157 6.34 -39.98 4.81
CA GLU A 157 5.97 -40.70 3.60
C GLU A 157 5.49 -39.78 2.50
N LEU A 158 6.24 -39.72 1.42
CA LEU A 158 5.83 -39.01 0.23
C LEU A 158 5.55 -40.06 -0.86
N ALA A 159 5.06 -39.61 -2.01
CA ALA A 159 4.62 -40.53 -3.05
C ALA A 159 5.70 -41.50 -3.51
N THR A 160 6.89 -40.98 -3.84
CA THR A 160 7.91 -41.85 -4.42
C THR A 160 9.02 -42.21 -3.46
N TYR A 161 9.11 -41.54 -2.31
CA TYR A 161 10.13 -41.90 -1.34
C TYR A 161 9.72 -41.64 0.09
N THR A 162 10.37 -42.35 1.00
CA THR A 162 10.14 -42.23 2.42
C THR A 162 11.45 -41.84 3.11
N VAL A 163 11.36 -40.93 4.07
CA VAL A 163 12.49 -40.53 4.88
C VAL A 163 12.28 -40.94 6.32
N ARG A 164 13.22 -41.68 6.87
CA ARG A 164 13.16 -42.05 8.28
C ARG A 164 14.34 -41.43 9.02
N THR A 165 14.09 -40.89 10.20
CA THR A 165 15.18 -40.38 11.01
C THR A 165 15.39 -41.27 12.21
N PHE A 166 16.62 -41.73 12.39
CA PHE A 166 16.98 -42.57 13.53
C PHE A 166 18.00 -41.90 14.44
N ALA A 167 18.04 -42.37 15.68
CA ALA A 167 19.10 -42.04 16.60
C ALA A 167 19.84 -43.32 16.90
N LEU A 168 21.17 -43.29 16.81
CA LEU A 168 21.98 -44.47 17.07
C LEU A 168 22.74 -44.39 18.39
N HIS A 169 22.79 -45.52 19.08
CA HIS A 169 23.61 -45.66 20.28
C HIS A 169 24.39 -46.95 20.21
N LYS A 170 25.67 -46.89 20.56
CA LYS A 170 26.49 -48.09 20.63
C LYS A 170 26.66 -48.46 22.10
N SER A 171 26.60 -49.76 22.39
CA SER A 171 26.76 -50.22 23.76
C SER A 171 28.15 -49.92 24.30
N GLY A 172 28.22 -49.38 25.51
CA GLY A 172 29.47 -49.08 26.15
C GLY A 172 29.88 -47.65 25.91
N SER A 173 29.03 -46.92 25.18
CA SER A 173 29.32 -45.52 24.88
C SER A 173 28.12 -44.65 25.21
N SER A 174 28.38 -43.39 25.52
CA SER A 174 27.31 -42.45 25.82
C SER A 174 27.05 -41.58 24.61
N GLU A 175 27.81 -41.83 23.54
CA GLU A 175 27.69 -41.03 22.33
C GLU A 175 26.36 -41.27 21.62
N LYS A 176 25.77 -40.21 21.08
CA LYS A 176 24.56 -40.33 20.27
C LYS A 176 24.78 -39.80 18.86
N ARG A 177 24.39 -40.58 17.86
CA ARG A 177 24.51 -40.12 16.49
C ARG A 177 23.16 -40.13 15.80
N GLU A 178 22.93 -39.15 14.94
CA GLU A 178 21.70 -39.12 14.14
C GLU A 178 21.93 -39.76 12.77
N LEU A 179 20.91 -40.42 12.24
CA LEU A 179 21.01 -41.00 10.91
C LEU A 179 19.68 -40.94 10.15
N ARG A 180 19.71 -40.41 8.93
CA ARG A 180 18.53 -40.40 8.09
C ARG A 180 18.60 -41.43 7.00
N GLN A 181 17.48 -42.11 6.80
CA GLN A 181 17.32 -43.09 5.74
C GLN A 181 16.37 -42.61 4.66
N PHE A 182 16.79 -42.72 3.41
CA PHE A 182 15.96 -42.37 2.27
C PHE A 182 15.61 -43.60 1.47
N GLN A 183 14.33 -44.00 1.47
CA GLN A 183 13.90 -45.16 0.71
C GLN A 183 13.16 -44.79 -0.56
N PHE A 184 13.62 -45.28 -1.70
CA PHE A 184 13.00 -45.01 -3.00
C PHE A 184 11.91 -46.01 -3.33
N MET A 185 10.72 -45.51 -3.65
CA MET A 185 9.56 -46.36 -3.81
C MET A 185 9.08 -46.55 -5.26
N ALA A 186 9.71 -45.87 -6.20
CA ALA A 186 9.19 -45.82 -7.56
C ALA A 186 10.05 -46.53 -8.59
N TRP A 187 10.79 -47.54 -8.17
CA TRP A 187 11.49 -48.41 -9.11
C TRP A 187 10.61 -49.62 -9.39
N PRO A 188 10.31 -49.90 -10.66
CA PRO A 188 9.40 -50.99 -10.98
C PRO A 188 9.93 -52.37 -10.61
N ASP A 189 9.02 -53.33 -10.46
CA ASP A 189 9.35 -54.69 -10.14
C ASP A 189 10.23 -55.30 -11.22
N HIS A 190 10.04 -54.88 -12.46
CA HIS A 190 10.89 -55.41 -13.51
C HIS A 190 11.43 -54.30 -14.38
N GLY A 191 12.69 -54.45 -14.79
CA GLY A 191 13.34 -53.51 -15.68
C GLY A 191 13.64 -52.21 -15.00
N VAL A 192 13.85 -51.17 -15.80
CA VAL A 192 14.17 -49.83 -15.29
C VAL A 192 12.93 -48.94 -15.34
N PRO A 193 12.95 -47.82 -14.60
CA PRO A 193 11.80 -46.90 -14.64
C PRO A 193 11.50 -46.35 -16.04
N GLU A 194 10.24 -46.11 -16.36
CA GLU A 194 9.91 -45.53 -17.65
C GLU A 194 10.39 -44.10 -17.71
N TYR A 195 10.36 -43.42 -16.57
CA TYR A 195 10.77 -42.04 -16.53
C TYR A 195 11.81 -41.78 -15.46
N PRO A 196 12.74 -40.89 -15.77
CA PRO A 196 13.78 -40.52 -14.83
C PRO A 196 13.36 -39.40 -13.91
N THR A 197 12.17 -38.86 -14.07
CA THR A 197 11.80 -37.71 -13.28
C THR A 197 11.78 -38.03 -11.77
N PRO A 198 11.19 -39.16 -11.36
CA PRO A 198 11.16 -39.47 -9.92
C PRO A 198 12.50 -39.73 -9.28
N ILE A 199 13.37 -40.49 -9.95
CA ILE A 199 14.68 -40.78 -9.40
C ILE A 199 15.46 -39.48 -9.27
N LEU A 200 15.34 -38.60 -10.26
CA LEU A 200 16.05 -37.34 -10.20
C LEU A 200 15.60 -36.49 -9.00
N ALA A 201 14.30 -36.52 -8.72
CA ALA A 201 13.79 -35.82 -7.54
C ALA A 201 14.41 -36.36 -6.25
N PHE A 202 14.50 -37.67 -6.15
CA PHE A 202 15.06 -38.36 -5.01
C PHE A 202 16.50 -37.95 -4.73
N LEU A 203 17.33 -37.98 -5.77
CA LEU A 203 18.72 -37.57 -5.72
C LEU A 203 18.86 -36.14 -5.23
N ARG A 204 18.05 -35.25 -5.79
CA ARG A 204 18.06 -33.85 -5.40
C ARG A 204 17.73 -33.71 -3.92
N ARG A 205 16.82 -34.55 -3.44
CA ARG A 205 16.44 -34.48 -2.05
C ARG A 205 17.58 -34.94 -1.20
N VAL A 206 18.20 -36.04 -1.59
CA VAL A 206 19.33 -36.59 -0.86
C VAL A 206 20.50 -35.64 -0.82
N LYS A 207 20.88 -35.07 -1.97
CA LYS A 207 22.00 -34.15 -2.01
C LYS A 207 21.73 -33.00 -1.05
N ALA A 208 20.48 -32.62 -0.96
CA ALA A 208 20.08 -31.54 -0.08
C ALA A 208 20.20 -31.90 1.39
N CYS A 209 20.04 -33.16 1.75
CA CYS A 209 20.00 -33.48 3.17
C CYS A 209 21.23 -34.18 3.73
N ASN A 210 22.13 -34.64 2.87
CA ASN A 210 23.33 -35.31 3.33
C ASN A 210 24.35 -34.28 3.72
N PRO A 211 24.69 -34.22 5.02
CA PRO A 211 25.64 -33.22 5.51
C PRO A 211 26.99 -33.32 4.81
N LEU A 212 27.64 -32.18 4.66
CA LEU A 212 28.88 -32.12 3.89
C LEU A 212 30.07 -32.64 4.67
N ASP A 213 29.89 -32.82 5.98
CA ASP A 213 30.95 -33.24 6.89
C ASP A 213 30.71 -34.62 7.48
N ALA A 214 30.06 -35.50 6.72
CA ALA A 214 29.76 -36.82 7.23
C ALA A 214 30.69 -37.88 6.63
N GLY A 215 30.59 -39.09 7.16
CA GLY A 215 31.29 -40.21 6.58
C GLY A 215 30.67 -40.55 5.25
N PRO A 216 31.13 -41.64 4.64
CA PRO A 216 30.50 -42.04 3.37
C PRO A 216 29.05 -42.43 3.50
N MET A 217 28.30 -42.04 2.47
CA MET A 217 26.91 -42.40 2.27
C MET A 217 26.75 -43.86 1.90
N VAL A 218 25.94 -44.58 2.65
CA VAL A 218 25.64 -45.96 2.34
C VAL A 218 24.50 -46.06 1.36
N VAL A 219 24.73 -46.73 0.24
CA VAL A 219 23.69 -46.99 -0.74
C VAL A 219 23.50 -48.50 -0.88
N HIS A 220 22.26 -48.97 -0.82
CA HIS A 220 22.04 -50.39 -0.97
C HIS A 220 20.77 -50.70 -1.72
N CYS A 221 20.75 -51.87 -2.33
CA CYS A 221 19.52 -52.42 -2.89
C CYS A 221 19.39 -53.87 -2.55
N SER A 222 19.55 -54.70 -3.56
CA SER A 222 19.43 -56.14 -3.34
C SER A 222 20.81 -56.75 -3.16
N ALA A 223 21.60 -56.69 -4.21
CA ALA A 223 22.97 -57.17 -4.17
C ALA A 223 23.92 -56.00 -4.08
N GLY A 224 23.40 -54.81 -4.26
CA GLY A 224 24.20 -53.61 -4.16
C GLY A 224 25.02 -53.31 -5.39
N VAL A 225 24.53 -53.69 -6.57
CA VAL A 225 25.33 -53.48 -7.78
C VAL A 225 24.52 -52.82 -8.90
N GLY A 226 23.22 -53.06 -8.91
CA GLY A 226 22.37 -52.56 -9.98
C GLY A 226 21.78 -51.18 -9.76
N ARG A 227 20.68 -51.14 -9.04
CA ARG A 227 20.03 -49.87 -8.73
C ARG A 227 20.98 -48.97 -7.97
N THR A 228 21.77 -49.57 -7.10
CA THR A 228 22.81 -48.90 -6.33
C THR A 228 23.81 -48.22 -7.23
N GLY A 229 24.26 -48.94 -8.24
CA GLY A 229 25.17 -48.38 -9.21
C GLY A 229 24.59 -47.20 -9.95
N CYS A 230 23.34 -47.32 -10.40
CA CYS A 230 22.65 -46.25 -11.12
C CYS A 230 22.53 -44.97 -10.27
N PHE A 231 22.11 -45.14 -9.02
CA PHE A 231 22.05 -44.00 -8.12
C PHE A 231 23.38 -43.28 -8.02
N ILE A 232 24.44 -44.06 -7.78
CA ILE A 232 25.77 -43.51 -7.55
C ILE A 232 26.33 -42.80 -8.76
N VAL A 233 26.22 -43.40 -9.94
CA VAL A 233 26.76 -42.75 -11.13
C VAL A 233 25.99 -41.48 -11.53
N ILE A 234 24.67 -41.48 -11.35
CA ILE A 234 23.85 -40.30 -11.66
C ILE A 234 24.20 -39.18 -10.67
N ASP A 235 24.32 -39.51 -9.39
CA ASP A 235 24.76 -38.55 -8.36
C ASP A 235 26.15 -37.95 -8.68
N ALA A 236 27.10 -38.77 -9.08
CA ALA A 236 28.43 -38.29 -9.42
C ALA A 236 28.40 -37.44 -10.68
N MET A 237 27.64 -37.86 -11.65
CA MET A 237 27.64 -37.14 -12.90
C MET A 237 26.85 -35.83 -12.80
N LEU A 238 25.88 -35.76 -11.87
CA LEU A 238 25.17 -34.51 -11.64
C LEU A 238 26.11 -33.48 -11.08
N GLU A 239 27.00 -33.91 -10.18
CA GLU A 239 28.02 -33.02 -9.61
C GLU A 239 29.03 -32.60 -10.67
N ARG A 240 29.43 -33.52 -11.52
CA ARG A 240 30.38 -33.20 -12.57
C ARG A 240 29.82 -32.15 -13.52
N MET A 241 28.53 -32.28 -13.84
CA MET A 241 27.83 -31.34 -14.70
C MET A 241 27.82 -29.95 -14.09
N LYS A 242 27.61 -29.92 -12.79
CA LYS A 242 27.54 -28.69 -12.05
C LYS A 242 28.86 -27.95 -12.08
N HIS A 243 29.96 -28.70 -12.23
CA HIS A 243 31.28 -28.11 -12.16
C HIS A 243 31.92 -27.93 -13.54
N GLU A 244 31.76 -28.90 -14.43
CA GLU A 244 32.43 -28.86 -15.72
C GLU A 244 31.50 -28.78 -16.90
N LYS A 245 30.22 -29.06 -16.68
CA LYS A 245 29.26 -29.14 -17.77
C LYS A 245 29.68 -30.17 -18.83
N THR A 246 30.24 -31.27 -18.36
CA THR A 246 30.49 -32.47 -19.17
C THR A 246 30.12 -33.69 -18.37
N VAL A 247 30.07 -34.84 -19.05
CA VAL A 247 29.86 -36.12 -18.39
C VAL A 247 30.77 -37.19 -18.95
N ASP A 248 31.22 -38.10 -18.10
CA ASP A 248 32.00 -39.26 -18.53
C ASP A 248 31.44 -40.50 -17.86
N ILE A 249 30.28 -40.94 -18.32
CA ILE A 249 29.59 -42.08 -17.75
C ILE A 249 30.43 -43.34 -17.90
N TYR A 250 30.89 -43.59 -19.13
CA TYR A 250 31.70 -44.76 -19.46
C TYR A 250 32.96 -44.79 -18.59
N GLY A 251 33.54 -43.61 -18.40
CA GLY A 251 34.70 -43.46 -17.54
C GLY A 251 34.38 -43.77 -16.10
N HIS A 252 33.26 -43.29 -15.59
CA HIS A 252 32.97 -43.44 -14.18
C HIS A 252 32.58 -44.87 -13.83
N VAL A 253 31.80 -45.50 -14.69
CA VAL A 253 31.41 -46.91 -14.49
C VAL A 253 32.63 -47.83 -14.52
N THR A 254 33.56 -47.53 -15.42
CA THR A 254 34.82 -48.25 -15.49
C THR A 254 35.59 -48.20 -14.17
N CYS A 255 35.70 -47.02 -13.58
CA CYS A 255 36.38 -46.81 -12.30
CA CYS A 255 36.40 -46.86 -12.32
C CYS A 255 35.64 -47.52 -11.18
N MET A 256 34.31 -47.45 -11.22
CA MET A 256 33.45 -48.12 -10.24
C MET A 256 33.63 -49.64 -10.27
N ARG A 257 33.85 -50.20 -11.46
CA ARG A 257 34.06 -51.65 -11.61
C ARG A 257 35.39 -52.08 -10.97
N SER A 258 36.26 -51.12 -10.66
CA SER A 258 37.51 -51.40 -9.95
C SER A 258 37.33 -51.49 -8.46
N GLN A 259 36.14 -51.13 -7.97
CA GLN A 259 35.88 -51.11 -6.54
C GLN A 259 34.84 -52.13 -6.09
N ARG A 260 33.93 -52.47 -6.99
CA ARG A 260 32.93 -53.51 -6.72
C ARG A 260 32.47 -54.14 -8.03
N ASN A 261 32.20 -55.45 -7.99
CA ASN A 261 31.79 -56.16 -9.20
C ASN A 261 30.42 -55.75 -9.75
N TYR A 262 30.30 -55.78 -11.06
CA TYR A 262 29.02 -55.61 -11.74
C TYR A 262 28.29 -54.30 -11.54
N MET A 263 28.96 -53.24 -11.10
CA MET A 263 28.25 -51.98 -10.90
C MET A 263 27.61 -51.56 -12.19
N VAL A 264 26.29 -51.36 -12.12
CA VAL A 264 25.43 -51.19 -13.29
C VAL A 264 25.40 -52.51 -14.01
N GLN A 265 24.52 -53.42 -13.61
CA GLN A 265 24.69 -54.79 -14.06
C GLN A 265 23.92 -55.16 -15.31
N THR A 266 23.09 -54.25 -15.82
CA THR A 266 22.44 -54.51 -17.10
C THR A 266 22.59 -53.33 -18.04
N GLU A 267 22.50 -53.58 -19.34
CA GLU A 267 22.61 -52.53 -20.33
C GLU A 267 21.48 -51.53 -20.26
N ASP A 268 20.27 -51.98 -19.95
CA ASP A 268 19.14 -51.05 -19.90
C ASP A 268 19.37 -50.04 -18.78
N GLN A 269 20.01 -50.48 -17.70
CA GLN A 269 20.42 -49.59 -16.62
C GLN A 269 21.46 -48.58 -17.08
N TYR A 270 22.39 -49.01 -17.88
CA TYR A 270 23.38 -48.12 -18.46
C TYR A 270 22.69 -47.05 -19.31
N VAL A 271 21.70 -47.47 -20.08
CA VAL A 271 20.92 -46.54 -20.90
C VAL A 271 20.11 -45.61 -20.02
N PHE A 272 19.49 -46.17 -19.00
CA PHE A 272 18.70 -45.37 -18.08
C PHE A 272 19.51 -44.23 -17.48
N ILE A 273 20.75 -44.49 -17.11
CA ILE A 273 21.63 -43.46 -16.59
C ILE A 273 21.81 -42.35 -17.60
N HIS A 274 22.05 -42.71 -18.85
CA HIS A 274 22.21 -41.69 -19.88
C HIS A 274 20.99 -40.81 -20.01
N GLU A 275 19.82 -41.45 -20.12
CA GLU A 275 18.56 -40.73 -20.24
C GLU A 275 18.25 -39.84 -19.04
N ALA A 276 18.61 -40.29 -17.83
CA ALA A 276 18.38 -39.48 -16.64
C ALA A 276 19.21 -38.22 -16.72
N LEU A 277 20.47 -38.36 -17.09
CA LEU A 277 21.34 -37.21 -17.13
C LEU A 277 20.96 -36.27 -18.25
N LEU A 278 20.41 -36.81 -19.34
CA LEU A 278 19.93 -35.94 -20.41
C LEU A 278 18.76 -35.10 -19.94
N GLU A 279 17.88 -35.67 -19.13
CA GLU A 279 16.77 -34.91 -18.60
C GLU A 279 17.24 -33.80 -17.67
N ALA A 280 18.22 -34.10 -16.82
CA ALA A 280 18.80 -33.12 -15.89
C ALA A 280 19.52 -32.00 -16.62
N ALA A 281 20.17 -32.33 -17.73
CA ALA A 281 20.87 -31.34 -18.51
C ALA A 281 19.92 -30.35 -19.20
N THR A 282 18.73 -30.85 -19.47
CA THR A 282 17.72 -30.18 -20.28
C THR A 282 16.76 -29.30 -19.49
N CYS A 283 16.47 -29.72 -18.27
CA CYS A 283 15.46 -29.09 -17.44
C CYS A 283 15.99 -28.03 -16.49
N GLY A 284 17.30 -27.94 -16.35
CA GLY A 284 17.87 -26.93 -15.48
C GLY A 284 17.45 -27.09 -14.04
N HIS A 285 17.27 -25.97 -13.35
CA HIS A 285 16.79 -26.01 -11.97
CA HIS A 285 16.82 -25.98 -11.96
C HIS A 285 15.66 -25.03 -11.81
N THR A 286 14.54 -25.53 -11.31
CA THR A 286 13.32 -24.75 -11.33
C THR A 286 12.69 -24.57 -9.95
N GLU A 287 13.36 -25.02 -8.91
CA GLU A 287 12.81 -24.84 -7.57
C GLU A 287 13.15 -23.46 -7.05
N VAL A 288 12.20 -22.87 -6.35
CA VAL A 288 12.37 -21.56 -5.78
C VAL A 288 11.74 -21.55 -4.40
N PRO A 289 12.48 -21.06 -3.40
CA PRO A 289 11.89 -20.97 -2.07
C PRO A 289 10.83 -19.89 -2.04
N ALA A 290 9.87 -20.02 -1.12
CA ALA A 290 8.74 -19.13 -1.03
C ALA A 290 9.13 -17.67 -0.98
N ARG A 291 10.24 -17.41 -0.32
CA ARG A 291 10.81 -16.09 -0.15
C ARG A 291 11.07 -15.40 -1.49
N ASN A 292 11.33 -16.20 -2.51
CA ASN A 292 11.72 -15.68 -3.82
C ASN A 292 10.70 -15.84 -4.91
N LEU A 293 9.51 -16.30 -4.56
CA LEU A 293 8.47 -16.56 -5.55
C LEU A 293 8.03 -15.31 -6.32
N TYR A 294 7.77 -14.23 -5.60
CA TYR A 294 7.37 -12.99 -6.26
C TYR A 294 8.32 -12.53 -7.34
N ALA A 295 9.59 -12.39 -6.98
CA ALA A 295 10.58 -11.93 -7.94
C ALA A 295 10.70 -12.91 -9.09
N HIS A 296 10.59 -14.20 -8.78
CA HIS A 296 10.69 -15.23 -9.80
C HIS A 296 9.60 -15.12 -10.86
N ILE A 297 8.36 -14.87 -10.43
CA ILE A 297 7.26 -14.72 -11.37
C ILE A 297 7.42 -13.45 -12.20
N GLN A 298 7.92 -12.39 -11.58
CA GLN A 298 8.20 -11.17 -12.32
C GLN A 298 9.21 -11.45 -13.41
N LYS A 299 10.22 -12.24 -13.06
CA LYS A 299 11.29 -12.61 -13.96
C LYS A 299 10.80 -13.50 -15.12
N LEU A 300 9.84 -14.37 -14.87
CA LEU A 300 9.30 -15.29 -15.88
C LEU A 300 8.51 -14.54 -16.94
N GLY A 301 7.96 -13.40 -16.55
CA GLY A 301 7.15 -12.57 -17.43
C GLY A 301 7.99 -11.66 -18.30
N GLN A 302 9.31 -11.81 -18.22
CA GLN A 302 10.21 -11.00 -19.03
C GLN A 302 10.67 -11.81 -20.25
N VAL A 303 11.04 -11.10 -21.32
CA VAL A 303 11.57 -11.76 -22.51
C VAL A 303 13.09 -11.72 -22.52
N PRO A 304 13.74 -12.88 -22.37
CA PRO A 304 15.20 -12.97 -22.33
C PRO A 304 15.83 -12.42 -23.60
N PRO A 305 17.08 -11.93 -23.50
CA PRO A 305 17.75 -11.38 -24.69
C PRO A 305 17.92 -12.41 -25.80
N GLY A 306 17.57 -12.02 -27.03
CA GLY A 306 17.71 -12.90 -28.17
C GLY A 306 16.53 -13.84 -28.35
N GLU A 307 15.51 -13.67 -27.52
CA GLU A 307 14.33 -14.52 -27.59
C GLU A 307 13.19 -13.74 -28.17
N SER A 308 12.02 -14.36 -28.24
CA SER A 308 10.86 -13.72 -28.86
C SER A 308 9.66 -13.74 -27.93
N VAL A 309 9.67 -14.62 -26.95
CA VAL A 309 8.58 -14.72 -25.98
C VAL A 309 9.09 -14.74 -24.54
N THR A 310 8.16 -14.68 -23.59
CA THR A 310 8.52 -14.65 -22.17
C THR A 310 9.18 -15.94 -21.71
N ALA A 311 9.87 -15.86 -20.59
CA ALA A 311 10.48 -17.03 -19.99
C ALA A 311 9.41 -18.02 -19.59
N MET A 312 8.24 -17.50 -19.21
CA MET A 312 7.09 -18.33 -18.84
C MET A 312 6.68 -19.23 -19.99
N GLU A 313 6.52 -18.63 -21.17
CA GLU A 313 6.17 -19.39 -22.35
C GLU A 313 7.23 -20.43 -22.66
N LEU A 314 8.50 -20.04 -22.63
CA LEU A 314 9.60 -20.96 -22.92
C LEU A 314 9.60 -22.10 -21.94
N GLU A 315 9.34 -21.78 -20.68
CA GLU A 315 9.29 -22.78 -19.63
C GLU A 315 8.16 -23.73 -19.89
N PHE A 316 7.05 -23.21 -20.38
CA PHE A 316 5.90 -24.06 -20.67
C PHE A 316 6.15 -24.94 -21.88
N LYS A 317 6.77 -24.40 -22.91
CA LYS A 317 7.10 -25.16 -24.11
C LYS A 317 7.99 -26.34 -23.77
N LEU A 318 8.87 -26.12 -22.79
CA LEU A 318 9.85 -27.11 -22.38
C LEU A 318 9.22 -28.33 -21.73
N LEU A 319 8.02 -28.14 -21.18
CA LEU A 319 7.27 -29.24 -20.59
C LEU A 319 6.91 -30.28 -21.65
N ALA A 320 6.61 -29.80 -22.84
CA ALA A 320 6.22 -30.63 -23.97
C ALA A 320 7.43 -31.24 -24.66
N SER A 321 8.56 -30.55 -24.56
CA SER A 321 9.79 -30.95 -25.25
C SER A 321 10.36 -32.31 -24.83
N SER A 322 10.02 -32.79 -23.64
CA SER A 322 10.59 -34.04 -23.16
C SER A 322 9.81 -35.28 -23.61
N LYS A 323 9.45 -35.29 -24.90
CA LYS A 323 8.81 -36.47 -25.51
C LYS A 323 9.70 -37.05 -26.61
N SER A 327 4.02 -45.44 -28.98
CA SER A 327 2.87 -46.34 -28.86
C SER A 327 2.55 -46.60 -27.40
N ARG A 328 1.98 -45.61 -26.72
CA ARG A 328 1.64 -45.76 -25.31
C ARG A 328 0.13 -45.85 -25.12
N PHE A 329 -0.63 -45.58 -26.18
CA PHE A 329 -2.10 -45.68 -26.11
C PHE A 329 -2.60 -46.95 -26.80
N ILE A 330 -2.48 -48.07 -26.12
CA ILE A 330 -2.83 -49.35 -26.70
C ILE A 330 -4.33 -49.63 -26.57
N SER A 331 -4.83 -49.73 -25.35
CA SER A 331 -6.25 -50.00 -25.12
C SER A 331 -7.17 -48.91 -25.62
N ALA A 332 -6.69 -47.69 -25.56
CA ALA A 332 -7.47 -46.51 -25.95
C ALA A 332 -7.74 -46.47 -27.44
N ASN A 333 -6.88 -47.09 -28.22
CA ASN A 333 -7.05 -47.15 -29.67
C ASN A 333 -7.77 -48.39 -30.18
N LEU A 334 -8.07 -49.34 -29.29
CA LEU A 334 -8.81 -50.52 -29.73
C LEU A 334 -10.14 -50.08 -30.30
N PRO A 335 -10.52 -50.64 -31.46
CA PRO A 335 -11.78 -50.25 -32.07
C PRO A 335 -12.94 -50.32 -31.09
N CYS A 336 -12.97 -51.33 -30.23
CA CYS A 336 -14.07 -51.50 -29.32
C CYS A 336 -14.14 -50.41 -28.27
N ASN A 337 -13.07 -49.63 -28.11
CA ASN A 337 -13.05 -48.59 -27.09
C ASN A 337 -12.99 -47.15 -27.57
N LYS A 338 -12.82 -46.92 -28.86
CA LYS A 338 -12.70 -45.56 -29.38
C LYS A 338 -13.86 -44.63 -29.03
N PHE A 339 -15.08 -45.17 -28.93
CA PHE A 339 -16.23 -44.32 -28.69
C PHE A 339 -16.32 -43.97 -27.21
N LYS A 340 -15.37 -44.48 -26.43
CA LYS A 340 -15.36 -44.28 -24.98
C LYS A 340 -14.43 -43.16 -24.63
N ASN A 341 -13.84 -42.54 -25.64
CA ASN A 341 -13.00 -41.36 -25.45
C ASN A 341 -13.75 -40.12 -25.95
N ARG A 342 -13.99 -39.16 -25.07
CA ARG A 342 -14.73 -37.95 -25.42
C ARG A 342 -14.01 -37.16 -26.52
N LEU A 343 -12.69 -37.07 -26.42
CA LEU A 343 -11.87 -36.56 -27.51
C LEU A 343 -11.03 -37.72 -28.01
N VAL A 344 -10.98 -37.91 -29.32
CA VAL A 344 -10.35 -39.11 -29.84
C VAL A 344 -8.83 -39.05 -29.77
N ASN A 345 -8.30 -37.88 -29.45
CA ASN A 345 -6.86 -37.68 -29.38
C ASN A 345 -6.33 -37.54 -27.95
N ILE A 346 -7.23 -37.65 -26.98
CA ILE A 346 -6.84 -37.55 -25.59
C ILE A 346 -7.13 -38.89 -24.93
N MET A 347 -6.07 -39.63 -24.69
CA MET A 347 -6.15 -40.99 -24.22
C MET A 347 -5.22 -41.21 -23.06
N PRO A 348 -5.53 -42.18 -22.20
CA PRO A 348 -4.68 -42.54 -21.05
C PRO A 348 -3.42 -43.34 -21.46
N TYR A 349 -2.32 -43.15 -20.75
CA TYR A 349 -1.16 -44.04 -20.93
C TYR A 349 -1.55 -45.46 -20.51
N GLU A 350 -1.03 -46.46 -21.20
CA GLU A 350 -1.39 -47.84 -20.89
C GLU A 350 -0.93 -48.22 -19.49
N LEU A 351 0.25 -47.75 -19.09
CA LEU A 351 0.81 -48.12 -17.81
C LEU A 351 0.04 -47.57 -16.61
N THR A 352 -0.42 -46.33 -16.70
CA THR A 352 -1.05 -45.69 -15.55
C THR A 352 -2.58 -45.58 -15.61
N ARG A 353 -3.21 -46.19 -16.61
CA ARG A 353 -4.66 -46.11 -16.77
C ARG A 353 -5.39 -46.90 -15.71
N VAL A 354 -6.59 -46.41 -15.37
CA VAL A 354 -7.45 -47.05 -14.39
C VAL A 354 -8.26 -48.12 -15.07
N CYS A 355 -8.17 -49.34 -14.55
CA CYS A 355 -8.74 -50.54 -15.15
C CYS A 355 -9.96 -51.03 -14.41
N LEU A 356 -10.98 -51.45 -15.14
CA LEU A 356 -12.15 -52.00 -14.49
C LEU A 356 -12.07 -53.51 -14.56
N GLN A 357 -12.72 -54.18 -13.64
CA GLN A 357 -12.80 -55.63 -13.69
C GLN A 357 -13.49 -56.01 -15.01
N PRO A 358 -12.86 -56.90 -15.79
CA PRO A 358 -13.44 -57.29 -17.07
C PRO A 358 -14.74 -58.05 -16.90
N ILE A 359 -15.65 -57.92 -17.86
CA ILE A 359 -16.91 -58.64 -17.87
C ILE A 359 -16.86 -59.74 -18.92
N ARG A 360 -17.24 -60.96 -18.57
CA ARG A 360 -17.08 -62.07 -19.50
C ARG A 360 -17.82 -61.84 -20.80
N GLY A 361 -17.10 -61.99 -21.91
CA GLY A 361 -17.68 -61.90 -23.24
C GLY A 361 -17.70 -60.51 -23.83
N VAL A 362 -17.32 -59.50 -23.04
CA VAL A 362 -17.39 -58.14 -23.54
C VAL A 362 -16.02 -57.54 -23.71
N GLU A 363 -15.56 -57.44 -24.95
CA GLU A 363 -14.24 -56.87 -25.20
C GLU A 363 -14.21 -55.42 -24.78
N GLY A 364 -13.13 -55.05 -24.11
CA GLY A 364 -12.86 -53.69 -23.66
C GLY A 364 -13.73 -53.24 -22.51
N SER A 365 -14.30 -54.17 -21.76
CA SER A 365 -15.13 -53.84 -20.62
C SER A 365 -14.29 -53.46 -19.42
N ASP A 366 -12.98 -53.46 -19.62
CA ASP A 366 -12.03 -53.12 -18.57
C ASP A 366 -11.52 -51.70 -18.77
N TYR A 367 -11.98 -51.05 -19.83
CA TYR A 367 -11.45 -49.75 -20.19
C TYR A 367 -12.32 -48.56 -19.78
N ILE A 368 -11.64 -47.50 -19.36
CA ILE A 368 -12.25 -46.20 -19.15
C ILE A 368 -11.17 -45.16 -19.32
N ASN A 369 -11.49 -44.06 -19.98
CA ASN A 369 -10.50 -43.01 -20.15
C ASN A 369 -10.21 -42.30 -18.83
N ALA A 370 -9.30 -42.88 -18.08
CA ALA A 370 -8.94 -42.39 -16.77
C ALA A 370 -7.54 -42.84 -16.43
N SER A 371 -6.80 -42.01 -15.69
CA SER A 371 -5.43 -42.32 -15.28
C SER A 371 -5.24 -42.15 -13.80
N PHE A 372 -4.33 -42.93 -13.22
CA PHE A 372 -3.92 -42.73 -11.82
C PHE A 372 -2.85 -41.67 -11.73
N LEU A 373 -3.05 -40.70 -10.86
CA LEU A 373 -2.06 -39.66 -10.68
C LEU A 373 -1.58 -39.60 -9.23
N ASP A 374 -0.30 -39.36 -9.05
CA ASP A 374 0.32 -39.33 -7.72
C ASP A 374 0.03 -38.04 -7.00
N GLY A 375 -0.16 -38.13 -5.69
CA GLY A 375 -0.28 -36.93 -4.89
C GLY A 375 1.05 -36.53 -4.26
N TYR A 376 0.98 -35.67 -3.27
CA TYR A 376 2.15 -35.20 -2.56
C TYR A 376 2.62 -36.32 -1.66
N ARG A 377 1.66 -37.01 -1.04
CA ARG A 377 2.00 -37.99 -0.02
C ARG A 377 1.85 -39.44 -0.46
N GLN A 378 0.99 -39.69 -1.43
CA GLN A 378 0.76 -41.05 -1.86
C GLN A 378 0.54 -41.18 -3.35
N GLN A 379 0.83 -42.36 -3.86
CA GLN A 379 0.54 -42.65 -5.25
C GLN A 379 -0.92 -42.97 -5.40
N LYS A 380 -1.42 -42.86 -6.62
N LYS A 380 -1.41 -42.85 -6.63
CA LYS A 380 -2.82 -43.11 -6.93
CA LYS A 380 -2.80 -43.09 -6.94
C LYS A 380 -3.74 -42.32 -6.01
C LYS A 380 -3.71 -42.35 -5.98
N ALA A 381 -3.41 -41.06 -5.80
CA ALA A 381 -4.16 -40.20 -4.90
C ALA A 381 -5.27 -39.51 -5.64
N TYR A 382 -5.10 -39.43 -6.96
CA TYR A 382 -6.07 -38.83 -7.84
C TYR A 382 -6.35 -39.72 -9.01
N ILE A 383 -7.62 -39.74 -9.44
CA ILE A 383 -8.00 -40.26 -10.74
C ILE A 383 -8.39 -39.11 -11.63
N ALA A 384 -7.63 -38.89 -12.69
CA ALA A 384 -7.93 -37.86 -13.64
C ALA A 384 -8.59 -38.47 -14.86
N THR A 385 -9.82 -38.03 -15.13
CA THR A 385 -10.60 -38.61 -16.18
C THR A 385 -11.36 -37.52 -16.91
N GLN A 386 -11.89 -37.87 -18.07
CA GLN A 386 -12.71 -36.99 -18.90
C GLN A 386 -14.06 -36.81 -18.29
N GLY A 387 -14.78 -35.80 -18.75
CA GLY A 387 -16.18 -35.65 -18.38
C GLY A 387 -16.96 -36.79 -18.97
N PRO A 388 -17.57 -37.59 -18.10
CA PRO A 388 -18.28 -38.80 -18.51
C PRO A 388 -19.24 -38.56 -19.66
N LEU A 389 -19.23 -39.50 -20.60
CA LEU A 389 -20.18 -39.54 -21.68
C LEU A 389 -21.35 -40.35 -21.19
N ALA A 390 -22.49 -40.21 -21.83
CA ALA A 390 -23.65 -41.01 -21.50
C ALA A 390 -23.32 -42.49 -21.72
N GLU A 391 -22.43 -42.75 -22.68
CA GLU A 391 -21.95 -44.08 -23.02
C GLU A 391 -21.10 -44.65 -21.89
N SER A 392 -20.39 -43.76 -21.20
CA SER A 392 -19.44 -44.20 -20.19
C SER A 392 -19.86 -43.96 -18.76
N THR A 393 -21.11 -43.55 -18.58
CA THR A 393 -21.66 -43.28 -17.27
C THR A 393 -21.70 -44.50 -16.37
N GLU A 394 -22.18 -45.62 -16.92
CA GLU A 394 -22.24 -46.86 -16.16
C GLU A 394 -20.85 -47.28 -15.73
N ASP A 395 -19.90 -47.14 -16.65
CA ASP A 395 -18.51 -47.44 -16.35
C ASP A 395 -17.94 -46.49 -15.32
N PHE A 396 -18.34 -45.21 -15.37
CA PHE A 396 -17.87 -44.21 -14.42
C PHE A 396 -18.24 -44.56 -13.00
N TRP A 397 -19.49 -44.96 -12.78
CA TRP A 397 -19.92 -45.36 -11.46
C TRP A 397 -19.20 -46.61 -11.02
N ARG A 398 -18.93 -47.52 -11.96
CA ARG A 398 -18.21 -48.76 -11.63
C ARG A 398 -16.75 -48.50 -11.22
N MET A 399 -16.13 -47.49 -11.82
CA MET A 399 -14.77 -47.12 -11.47
C MET A 399 -14.68 -46.60 -10.04
N LEU A 400 -15.59 -45.71 -9.66
CA LEU A 400 -15.61 -45.15 -8.31
C LEU A 400 -15.83 -46.24 -7.28
N TRP A 401 -16.58 -47.26 -7.65
CA TRP A 401 -16.86 -48.32 -6.70
C TRP A 401 -15.66 -49.26 -6.59
N GLU A 402 -15.12 -49.69 -7.72
CA GLU A 402 -14.02 -50.64 -7.76
C GLU A 402 -12.72 -50.06 -7.18
N HIS A 403 -12.62 -48.74 -7.11
CA HIS A 403 -11.42 -48.12 -6.64
C HIS A 403 -11.66 -47.27 -5.38
N ASN A 404 -12.78 -47.55 -4.71
CA ASN A 404 -13.12 -46.92 -3.46
CA ASN A 404 -13.13 -46.92 -3.45
C ASN A 404 -13.00 -45.39 -3.45
N SER A 405 -13.34 -44.77 -4.58
CA SER A 405 -13.32 -43.32 -4.69
C SER A 405 -14.68 -42.77 -4.24
N THR A 406 -14.69 -41.96 -3.20
CA THR A 406 -15.95 -41.49 -2.64
C THR A 406 -16.04 -39.96 -2.63
N ILE A 407 -15.14 -39.31 -3.35
CA ILE A 407 -15.13 -37.87 -3.54
C ILE A 407 -14.85 -37.55 -4.98
N ILE A 408 -15.78 -36.86 -5.62
CA ILE A 408 -15.65 -36.46 -7.02
C ILE A 408 -15.45 -34.98 -7.14
N VAL A 409 -14.61 -34.57 -8.09
CA VAL A 409 -14.43 -33.16 -8.36
C VAL A 409 -14.73 -32.83 -9.83
N MET A 410 -15.77 -32.02 -10.04
CA MET A 410 -16.21 -31.58 -11.35
C MET A 410 -15.80 -30.12 -11.55
N LEU A 411 -15.11 -29.83 -12.65
CA LEU A 411 -14.50 -28.51 -12.87
C LEU A 411 -15.12 -27.78 -14.05
N THR A 412 -16.26 -28.29 -14.51
CA THR A 412 -16.98 -27.68 -15.64
C THR A 412 -18.48 -27.59 -15.37
N LYS A 413 -19.17 -26.83 -16.22
CA LYS A 413 -20.63 -26.92 -16.31
C LYS A 413 -20.96 -28.09 -17.23
N LEU A 414 -22.22 -28.51 -17.26
CA LEU A 414 -22.65 -29.57 -18.18
C LEU A 414 -22.46 -29.16 -19.64
N ARG A 415 -22.76 -27.90 -19.95
CA ARG A 415 -22.50 -27.36 -21.28
C ARG A 415 -21.86 -26.01 -21.13
N GLU A 416 -20.92 -25.69 -21.99
CA GLU A 416 -20.30 -24.38 -22.05
C GLU A 416 -20.11 -23.97 -23.48
N MET A 417 -20.27 -22.70 -23.78
CA MET A 417 -20.09 -22.24 -25.16
C MET A 417 -20.93 -22.99 -26.17
N GLY A 418 -22.09 -23.50 -25.74
CA GLY A 418 -22.99 -24.25 -26.58
C GLY A 418 -22.67 -25.70 -26.84
N ARG A 419 -21.65 -26.23 -26.15
CA ARG A 419 -21.19 -27.62 -26.36
C ARG A 419 -21.12 -28.39 -25.07
N GLU A 420 -21.25 -29.70 -25.14
CA GLU A 420 -21.22 -30.51 -23.95
C GLU A 420 -19.79 -30.68 -23.43
N LYS A 421 -19.61 -30.42 -22.14
CA LYS A 421 -18.34 -30.63 -21.49
C LYS A 421 -18.49 -31.88 -20.66
N CYS A 422 -19.72 -32.16 -20.25
CA CYS A 422 -19.96 -33.29 -19.38
C CYS A 422 -21.43 -33.70 -19.41
N HIS A 423 -21.68 -35.00 -19.36
CA HIS A 423 -23.03 -35.52 -19.29
C HIS A 423 -23.49 -35.55 -17.85
N GLN A 424 -24.77 -35.33 -17.61
CA GLN A 424 -25.23 -35.41 -16.25
C GLN A 424 -25.35 -36.87 -15.87
N TYR A 425 -24.32 -37.38 -15.23
CA TYR A 425 -24.23 -38.81 -14.89
C TYR A 425 -24.88 -39.12 -13.57
N TRP A 426 -25.44 -38.10 -12.93
CA TRP A 426 -26.02 -38.27 -11.61
C TRP A 426 -27.55 -38.01 -11.58
N PRO A 427 -28.27 -38.65 -10.66
CA PRO A 427 -29.69 -38.37 -10.50
C PRO A 427 -29.94 -37.04 -9.82
N ALA A 428 -30.98 -36.35 -10.27
CA ALA A 428 -31.26 -35.02 -9.80
C ALA A 428 -32.40 -35.05 -8.80
N GLU A 429 -33.50 -35.70 -9.15
CA GLU A 429 -34.66 -35.63 -8.27
C GLU A 429 -35.05 -36.97 -7.68
N ARG A 430 -34.86 -38.03 -8.45
CA ARG A 430 -35.26 -39.35 -8.00
C ARG A 430 -34.09 -40.28 -8.23
N SER A 431 -34.23 -41.53 -7.77
CA SER A 431 -33.19 -42.52 -7.95
C SER A 431 -32.98 -42.90 -9.40
N ALA A 432 -31.87 -43.58 -9.65
CA ALA A 432 -31.55 -44.09 -10.97
C ALA A 432 -30.73 -45.36 -10.85
N ARG A 433 -30.92 -46.28 -11.77
CA ARG A 433 -30.13 -47.48 -11.75
C ARG A 433 -29.16 -47.45 -12.92
N TYR A 434 -27.87 -47.55 -12.61
CA TYR A 434 -26.83 -47.60 -13.64
C TYR A 434 -26.13 -48.96 -13.66
N GLN A 435 -26.70 -49.88 -14.43
CA GLN A 435 -26.28 -51.28 -14.51
C GLN A 435 -26.37 -51.97 -13.14
N TYR A 436 -25.23 -52.18 -12.48
CA TYR A 436 -25.22 -52.89 -11.20
C TYR A 436 -25.48 -51.96 -10.02
N PHE A 437 -25.51 -50.66 -10.26
CA PHE A 437 -25.55 -49.68 -9.18
C PHE A 437 -26.78 -48.80 -9.16
N VAL A 438 -27.30 -48.61 -7.95
CA VAL A 438 -28.40 -47.67 -7.70
C VAL A 438 -27.94 -46.41 -6.98
N VAL A 439 -28.09 -45.26 -7.63
CA VAL A 439 -27.67 -43.96 -7.08
C VAL A 439 -28.84 -43.07 -6.56
N ASP A 440 -28.87 -42.81 -5.26
CA ASP A 440 -29.90 -41.97 -4.62
C ASP A 440 -29.42 -40.56 -4.29
N PRO A 441 -30.11 -39.53 -4.81
CA PRO A 441 -29.80 -38.15 -4.40
C PRO A 441 -30.11 -37.94 -2.93
N MET A 442 -29.12 -37.60 -2.13
CA MET A 442 -29.31 -37.42 -0.69
C MET A 442 -29.46 -35.96 -0.27
N ALA A 443 -28.62 -35.10 -0.82
CA ALA A 443 -28.62 -33.68 -0.50
C ALA A 443 -27.91 -32.89 -1.58
N GLU A 444 -28.06 -31.59 -1.55
CA GLU A 444 -27.39 -30.72 -2.50
C GLU A 444 -27.22 -29.34 -1.82
N TYR A 445 -26.00 -28.84 -1.75
CA TYR A 445 -25.72 -27.60 -1.02
C TYR A 445 -25.09 -26.57 -1.94
N ASN A 446 -25.69 -25.39 -2.02
CA ASN A 446 -25.17 -24.37 -2.92
C ASN A 446 -24.31 -23.38 -2.16
N MET A 447 -23.07 -23.25 -2.61
CA MET A 447 -22.08 -22.39 -2.02
C MET A 447 -21.68 -21.37 -3.09
N PRO A 448 -21.08 -20.25 -2.70
CA PRO A 448 -20.78 -19.22 -3.69
C PRO A 448 -20.05 -19.67 -4.94
N GLN A 449 -19.02 -20.50 -4.83
CA GLN A 449 -18.25 -20.82 -6.02
C GLN A 449 -18.27 -22.31 -6.34
N TYR A 450 -19.09 -23.05 -5.62
CA TYR A 450 -19.24 -24.46 -5.93
C TYR A 450 -20.57 -25.03 -5.41
N ILE A 451 -20.89 -26.24 -5.86
CA ILE A 451 -22.06 -26.98 -5.41
C ILE A 451 -21.56 -28.32 -4.90
N LEU A 452 -22.13 -28.78 -3.79
CA LEU A 452 -21.81 -30.09 -3.27
C LEU A 452 -23.04 -31.00 -3.34
N ARG A 453 -22.91 -32.13 -4.03
CA ARG A 453 -23.98 -33.12 -4.13
C ARG A 453 -23.56 -34.41 -3.46
N GLU A 454 -24.42 -34.94 -2.60
CA GLU A 454 -24.17 -36.19 -1.91
C GLU A 454 -25.07 -37.29 -2.45
N PHE A 455 -24.49 -38.46 -2.72
CA PHE A 455 -25.28 -39.59 -3.21
C PHE A 455 -25.10 -40.78 -2.32
N LYS A 456 -26.11 -41.64 -2.30
CA LYS A 456 -25.98 -42.92 -1.65
C LYS A 456 -25.95 -43.96 -2.74
N VAL A 457 -24.78 -44.53 -3.00
CA VAL A 457 -24.65 -45.53 -4.06
C VAL A 457 -24.80 -46.92 -3.49
N THR A 458 -25.57 -47.77 -4.15
CA THR A 458 -25.80 -49.12 -3.67
C THR A 458 -25.44 -50.13 -4.75
N ASP A 459 -24.64 -51.12 -4.37
CA ASP A 459 -24.36 -52.24 -5.26
C ASP A 459 -25.54 -53.19 -5.21
N ALA A 460 -26.24 -53.32 -6.33
CA ALA A 460 -27.43 -54.15 -6.37
C ALA A 460 -27.08 -55.64 -6.22
N ARG A 461 -25.81 -55.98 -6.36
CA ARG A 461 -25.41 -57.38 -6.29
C ARG A 461 -25.41 -57.91 -4.86
N ASP A 462 -24.87 -57.16 -3.90
CA ASP A 462 -24.81 -57.64 -2.53
C ASP A 462 -25.52 -56.71 -1.56
N GLY A 463 -25.83 -55.49 -2.01
CA GLY A 463 -26.58 -54.54 -1.21
C GLY A 463 -25.76 -53.58 -0.36
N GLN A 464 -24.44 -53.60 -0.51
CA GLN A 464 -23.57 -52.68 0.19
C GLN A 464 -23.69 -51.27 -0.38
N SER A 465 -23.57 -50.27 0.48
CA SER A 465 -23.75 -48.91 0.03
C SER A 465 -22.67 -47.97 0.57
N ARG A 466 -22.36 -46.94 -0.20
CA ARG A 466 -21.42 -45.92 0.21
C ARG A 466 -21.98 -44.53 -0.07
N THR A 467 -21.49 -43.54 0.64
CA THR A 467 -21.80 -42.17 0.33
C THR A 467 -20.73 -41.63 -0.59
N ILE A 468 -21.13 -41.21 -1.79
CA ILE A 468 -20.20 -40.59 -2.71
C ILE A 468 -20.56 -39.10 -2.73
N ARG A 469 -19.57 -38.23 -2.65
CA ARG A 469 -19.80 -36.80 -2.66
CA ARG A 469 -19.80 -36.80 -2.66
C ARG A 469 -19.18 -36.15 -3.89
N GLN A 470 -19.90 -35.22 -4.50
CA GLN A 470 -19.41 -34.51 -5.67
C GLN A 470 -19.33 -33.01 -5.41
N PHE A 471 -18.14 -32.43 -5.63
CA PHE A 471 -17.93 -31.00 -5.51
C PHE A 471 -17.80 -30.44 -6.91
N GLN A 472 -18.74 -29.60 -7.31
CA GLN A 472 -18.71 -29.01 -8.63
C GLN A 472 -18.32 -27.54 -8.58
N PHE A 473 -17.24 -27.18 -9.26
CA PHE A 473 -16.82 -25.79 -9.30
C PHE A 473 -17.58 -24.98 -10.36
N THR A 474 -18.22 -23.90 -9.94
CA THR A 474 -19.10 -23.18 -10.84
C THR A 474 -18.53 -21.85 -11.32
N ASP A 475 -17.40 -21.44 -10.74
CA ASP A 475 -16.88 -20.11 -11.07
C ASP A 475 -15.66 -20.09 -12.01
N TRP A 476 -15.52 -21.10 -12.88
CA TRP A 476 -14.49 -21.06 -13.90
C TRP A 476 -15.03 -20.41 -15.17
N PRO A 477 -14.42 -19.30 -15.60
CA PRO A 477 -14.85 -18.59 -16.80
C PRO A 477 -14.87 -19.49 -18.04
N GLU A 478 -15.89 -19.37 -18.88
CA GLU A 478 -16.00 -20.23 -20.06
C GLU A 478 -14.99 -19.84 -21.15
N GLN A 479 -14.34 -18.70 -20.97
CA GLN A 479 -13.19 -18.31 -21.78
C GLN A 479 -12.06 -17.87 -20.85
N GLY A 480 -10.91 -18.52 -20.97
CA GLY A 480 -9.76 -18.18 -20.17
C GLY A 480 -9.78 -18.72 -18.77
N VAL A 481 -9.04 -18.06 -17.90
CA VAL A 481 -8.86 -18.55 -16.55
C VAL A 481 -9.34 -17.48 -15.58
N PRO A 482 -9.62 -17.87 -14.33
CA PRO A 482 -9.98 -16.92 -13.28
C PRO A 482 -8.94 -15.81 -13.14
N LYS A 483 -9.34 -14.57 -12.86
CA LYS A 483 -8.36 -13.50 -12.61
C LYS A 483 -7.62 -13.76 -11.31
N THR A 484 -8.34 -14.20 -10.29
CA THR A 484 -7.72 -14.59 -9.03
C THR A 484 -7.94 -16.06 -8.71
N GLY A 485 -7.10 -16.61 -7.85
CA GLY A 485 -7.22 -18.01 -7.48
C GLY A 485 -7.83 -18.18 -6.11
N GLU A 486 -8.27 -17.07 -5.54
CA GLU A 486 -8.84 -17.07 -4.21
C GLU A 486 -9.93 -18.11 -4.06
N GLY A 487 -10.92 -18.06 -4.93
CA GLY A 487 -12.04 -18.98 -4.87
C GLY A 487 -11.67 -20.41 -5.13
N PHE A 488 -10.76 -20.62 -6.08
CA PHE A 488 -10.31 -21.96 -6.44
C PHE A 488 -9.46 -22.62 -5.37
N ILE A 489 -8.58 -21.83 -4.77
CA ILE A 489 -7.76 -22.33 -3.67
C ILE A 489 -8.67 -22.77 -2.54
N ASP A 490 -9.65 -21.95 -2.18
CA ASP A 490 -10.58 -22.33 -1.14
C ASP A 490 -11.31 -23.62 -1.49
N PHE A 491 -11.63 -23.78 -2.75
CA PHE A 491 -12.29 -24.99 -3.24
C PHE A 491 -11.39 -26.23 -3.01
N ILE A 492 -10.14 -26.15 -3.45
CA ILE A 492 -9.13 -27.19 -3.23
C ILE A 492 -8.98 -27.52 -1.74
N GLY A 493 -9.03 -26.49 -0.90
CA GLY A 493 -8.99 -26.66 0.53
C GLY A 493 -10.17 -27.44 1.07
N GLN A 494 -11.37 -27.11 0.58
CA GLN A 494 -12.61 -27.75 1.04
C GLN A 494 -12.71 -29.20 0.61
N VAL A 495 -12.31 -29.47 -0.62
CA VAL A 495 -12.30 -30.84 -1.10
C VAL A 495 -11.38 -31.70 -0.23
N HIS A 496 -10.15 -31.23 -0.01
CA HIS A 496 -9.20 -31.99 0.77
C HIS A 496 -9.51 -31.98 2.27
N LYS A 497 -10.07 -30.88 2.78
CA LYS A 497 -10.48 -30.84 4.17
C LYS A 497 -11.55 -31.88 4.43
N THR A 498 -12.42 -32.08 3.46
CA THR A 498 -13.49 -33.06 3.55
C THR A 498 -12.96 -34.49 3.59
N LYS A 499 -12.03 -34.78 2.69
CA LYS A 499 -11.38 -36.09 2.64
C LYS A 499 -10.78 -36.45 3.99
N GLU A 500 -10.15 -35.48 4.64
CA GLU A 500 -9.51 -35.69 5.92
C GLU A 500 -10.49 -35.83 7.06
N GLN A 501 -11.41 -34.89 7.15
CA GLN A 501 -12.36 -34.81 8.25
C GLN A 501 -13.32 -35.98 8.26
N PHE A 502 -13.59 -36.54 7.09
CA PHE A 502 -14.52 -37.65 7.00
C PHE A 502 -13.80 -38.99 6.89
N GLY A 503 -12.47 -38.96 6.91
CA GLY A 503 -11.68 -40.17 6.87
C GLY A 503 -11.89 -40.98 5.61
N GLN A 504 -11.91 -40.31 4.47
CA GLN A 504 -12.05 -40.97 3.19
C GLN A 504 -10.70 -41.31 2.60
N ASP A 505 -10.34 -42.58 2.65
CA ASP A 505 -9.00 -43.00 2.29
C ASP A 505 -8.71 -43.14 0.80
N GLY A 506 -9.76 -43.30 0.01
CA GLY A 506 -9.61 -43.56 -1.41
C GLY A 506 -9.15 -42.38 -2.23
N PRO A 507 -8.99 -42.59 -3.54
CA PRO A 507 -8.60 -41.52 -4.44
C PRO A 507 -9.69 -40.48 -4.67
N ILE A 508 -9.28 -39.32 -5.15
CA ILE A 508 -10.16 -38.23 -5.49
C ILE A 508 -10.26 -38.18 -7.00
N THR A 509 -11.46 -38.43 -7.50
CA THR A 509 -11.70 -38.44 -8.94
C THR A 509 -11.96 -37.04 -9.46
N VAL A 510 -11.12 -36.61 -10.42
CA VAL A 510 -11.19 -35.26 -10.95
C VAL A 510 -11.50 -35.25 -12.42
N HIS A 511 -12.49 -34.48 -12.83
CA HIS A 511 -12.80 -34.39 -14.26
C HIS A 511 -13.16 -33.01 -14.73
N CYS A 512 -12.78 -32.75 -15.96
CA CYS A 512 -13.18 -31.57 -16.70
C CYS A 512 -13.66 -32.13 -18.03
N SER A 513 -13.30 -31.55 -19.17
CA SER A 513 -13.76 -32.15 -20.43
C SER A 513 -12.90 -33.36 -20.79
N ALA A 514 -11.69 -33.12 -21.26
CA ALA A 514 -10.79 -34.20 -21.67
C ALA A 514 -10.00 -34.75 -20.48
N GLY A 515 -10.06 -34.06 -19.36
CA GLY A 515 -9.39 -34.50 -18.16
C GLY A 515 -7.92 -34.11 -18.12
N VAL A 516 -7.55 -33.01 -18.77
CA VAL A 516 -6.14 -32.65 -18.75
C VAL A 516 -5.90 -31.18 -18.41
N GLY A 517 -6.75 -30.28 -18.89
CA GLY A 517 -6.52 -28.86 -18.69
C GLY A 517 -6.83 -28.39 -17.29
N ARG A 518 -8.09 -28.20 -16.97
CA ARG A 518 -8.46 -27.75 -15.66
C ARG A 518 -8.12 -28.77 -14.59
N THR A 519 -8.18 -30.04 -14.95
CA THR A 519 -7.82 -31.12 -14.03
C THR A 519 -6.34 -31.03 -13.65
N GLY A 520 -5.50 -30.72 -14.62
CA GLY A 520 -4.11 -30.49 -14.34
C GLY A 520 -3.96 -29.38 -13.32
N VAL A 521 -4.64 -28.27 -13.56
CA VAL A 521 -4.54 -27.12 -12.65
C VAL A 521 -5.01 -27.51 -11.25
N PHE A 522 -6.09 -28.26 -11.17
CA PHE A 522 -6.56 -28.67 -9.85
C PHE A 522 -5.50 -29.46 -9.12
N ILE A 523 -5.02 -30.53 -9.76
CA ILE A 523 -4.07 -31.44 -9.14
C ILE A 523 -2.69 -30.84 -8.90
N THR A 524 -2.20 -30.05 -9.86
CA THR A 524 -0.93 -29.36 -9.73
C THR A 524 -0.93 -28.49 -8.49
N LEU A 525 -1.97 -27.67 -8.35
CA LEU A 525 -2.09 -26.78 -7.22
C LEU A 525 -2.31 -27.55 -5.93
N SER A 526 -3.06 -28.63 -5.97
CA SER A 526 -3.21 -29.48 -4.77
C SER A 526 -1.86 -29.94 -4.19
N ILE A 527 -0.92 -30.25 -5.07
CA ILE A 527 0.36 -30.76 -4.65
C ILE A 527 1.29 -29.61 -4.27
N VAL A 528 1.38 -28.62 -5.15
CA VAL A 528 2.28 -27.50 -4.94
C VAL A 528 1.96 -26.73 -3.66
N LEU A 529 0.69 -26.45 -3.43
CA LEU A 529 0.29 -25.67 -2.28
C LEU A 529 0.57 -26.42 -0.98
N GLU A 530 0.39 -27.73 -0.97
CA GLU A 530 0.71 -28.44 0.25
C GLU A 530 2.24 -28.50 0.46
N ARG A 531 2.97 -28.73 -0.63
CA ARG A 531 4.42 -28.79 -0.53
C ARG A 531 5.00 -27.46 -0.08
N MET A 532 4.39 -26.36 -0.54
CA MET A 532 4.82 -25.03 -0.14
C MET A 532 4.55 -24.82 1.34
N ARG A 533 3.46 -25.38 1.83
CA ARG A 533 3.12 -25.15 3.22
C ARG A 533 4.08 -25.93 4.14
N TYR A 534 4.53 -27.10 3.71
CA TYR A 534 5.35 -27.95 4.58
C TYR A 534 6.85 -27.87 4.31
N GLU A 535 7.26 -27.52 3.10
CA GLU A 535 8.66 -27.48 2.75
C GLU A 535 9.11 -26.08 2.37
N GLY A 536 8.16 -25.16 2.24
CA GLY A 536 8.49 -23.78 1.95
C GLY A 536 9.14 -23.54 0.61
N VAL A 537 8.93 -24.44 -0.36
CA VAL A 537 9.51 -24.30 -1.70
C VAL A 537 8.47 -24.52 -2.77
N VAL A 538 8.74 -24.07 -3.99
CA VAL A 538 7.81 -24.24 -5.12
C VAL A 538 8.50 -24.71 -6.40
N ASP A 539 8.16 -25.90 -6.87
CA ASP A 539 8.74 -26.40 -8.14
C ASP A 539 7.64 -26.70 -9.14
N MET A 540 7.17 -25.66 -9.81
CA MET A 540 6.03 -25.77 -10.70
C MET A 540 6.35 -26.68 -11.89
N PHE A 541 7.46 -26.40 -12.56
CA PHE A 541 7.87 -27.14 -13.74
C PHE A 541 7.95 -28.63 -13.46
N GLN A 542 8.61 -28.97 -12.37
CA GLN A 542 8.77 -30.36 -11.98
C GLN A 542 7.46 -31.04 -11.63
N THR A 543 6.53 -30.29 -11.03
CA THR A 543 5.24 -30.86 -10.66
C THR A 543 4.39 -31.22 -11.87
N VAL A 544 4.32 -30.32 -12.84
CA VAL A 544 3.55 -30.55 -14.06
C VAL A 544 4.22 -31.62 -14.89
N LYS A 545 5.54 -31.56 -14.98
CA LYS A 545 6.31 -32.54 -15.74
C LYS A 545 6.14 -33.94 -15.18
N THR A 546 6.08 -34.08 -13.87
CA THR A 546 5.79 -35.35 -13.26
C THR A 546 4.42 -35.87 -13.61
N LEU A 547 3.45 -34.97 -13.61
CA LEU A 547 2.05 -35.31 -13.88
C LEU A 547 1.94 -35.78 -15.31
N ARG A 548 2.66 -35.12 -16.22
CA ARG A 548 2.59 -35.48 -17.63
C ARG A 548 3.18 -36.86 -17.95
N THR A 549 3.87 -37.45 -16.99
CA THR A 549 4.42 -38.80 -17.15
C THR A 549 3.40 -39.84 -16.71
N GLN A 550 2.25 -39.38 -16.22
CA GLN A 550 1.21 -40.27 -15.73
C GLN A 550 -0.07 -40.10 -16.56
N ARG A 551 -0.20 -38.94 -17.21
CA ARG A 551 -1.30 -38.68 -18.11
C ARG A 551 -0.90 -37.54 -19.05
N PRO A 552 -1.07 -37.73 -20.35
CA PRO A 552 -0.52 -36.74 -21.27
C PRO A 552 -1.17 -35.36 -21.16
N ALA A 553 -0.36 -34.33 -21.41
CA ALA A 553 -0.79 -32.94 -21.52
C ALA A 553 -1.44 -32.34 -20.29
N MET A 554 -1.05 -32.75 -19.09
CA MET A 554 -1.63 -32.10 -17.91
C MET A 554 -1.22 -30.64 -17.87
N VAL A 555 -2.21 -29.78 -17.60
CA VAL A 555 -2.12 -28.32 -17.71
C VAL A 555 -1.86 -27.96 -19.17
N GLN A 556 -2.93 -27.73 -19.92
CA GLN A 556 -2.87 -27.76 -21.38
C GLN A 556 -2.43 -26.46 -22.04
N THR A 557 -2.74 -25.35 -21.40
CA THR A 557 -2.44 -24.06 -21.99
C THR A 557 -1.61 -23.23 -21.06
N GLU A 558 -0.92 -22.24 -21.61
CA GLU A 558 -0.03 -21.39 -20.82
C GLU A 558 -0.76 -20.51 -19.80
N ASP A 559 -1.94 -20.04 -20.14
CA ASP A 559 -2.65 -19.22 -19.18
C ASP A 559 -3.06 -20.06 -17.98
N GLN A 560 -3.23 -21.37 -18.19
CA GLN A 560 -3.50 -22.28 -17.09
C GLN A 560 -2.26 -22.46 -16.21
N TYR A 561 -1.09 -22.52 -16.86
CA TYR A 561 0.18 -22.58 -16.19
C TYR A 561 0.50 -21.26 -15.43
N GLN A 562 0.32 -20.14 -16.12
CA GLN A 562 0.40 -18.83 -15.51
C GLN A 562 -0.51 -18.80 -14.28
N LEU A 563 -1.68 -19.41 -14.38
CA LEU A 563 -2.63 -19.43 -13.29
C LEU A 563 -2.09 -20.13 -12.06
N CYS A 564 -1.38 -21.22 -12.28
CA CYS A 564 -0.83 -22.00 -11.19
C CYS A 564 0.16 -21.18 -10.38
N TYR A 565 1.02 -20.47 -11.08
CA TYR A 565 1.98 -19.58 -10.44
C TYR A 565 1.29 -18.49 -9.66
N ARG A 566 0.32 -17.85 -10.31
CA ARG A 566 -0.44 -16.76 -9.74
C ARG A 566 -1.16 -17.21 -8.49
N ALA A 567 -1.83 -18.35 -8.55
CA ALA A 567 -2.52 -18.88 -7.37
C ALA A 567 -1.56 -19.22 -6.23
N ALA A 568 -0.42 -19.83 -6.56
CA ALA A 568 0.58 -20.14 -5.53
C ALA A 568 1.03 -18.87 -4.80
N LEU A 569 1.28 -17.79 -5.53
CA LEU A 569 1.67 -16.53 -4.90
C LEU A 569 0.55 -16.00 -3.99
N GLU A 570 -0.69 -16.17 -4.42
CA GLU A 570 -1.82 -15.73 -3.62
C GLU A 570 -1.95 -16.53 -2.34
N TYR A 571 -1.76 -17.84 -2.42
CA TYR A 571 -1.84 -18.67 -1.23
C TYR A 571 -0.77 -18.27 -0.23
N LEU A 572 0.39 -17.89 -0.76
CA LEU A 572 1.51 -17.48 0.05
C LEU A 572 1.18 -16.24 0.86
N GLY A 573 0.43 -15.33 0.24
CA GLY A 573 0.06 -14.08 0.89
C GLY A 573 -0.76 -14.25 2.15
N SER A 574 -1.33 -15.44 2.32
CA SER A 574 -2.16 -15.72 3.48
C SER A 574 -1.35 -16.26 4.66
N PHE A 575 -0.03 -16.28 4.54
CA PHE A 575 0.82 -16.75 5.65
C PHE A 575 1.38 -15.55 6.42
N ASP A 576 2.14 -15.83 7.47
CA ASP A 576 2.54 -14.80 8.44
C ASP A 576 3.60 -13.83 7.91
N HIS A 577 4.74 -14.37 7.47
CA HIS A 577 5.83 -13.57 6.94
C HIS A 577 5.34 -12.80 5.72
N TYR A 578 4.35 -13.37 5.03
CA TYR A 578 3.92 -12.88 3.73
C TYR A 578 2.48 -12.39 3.75
N HIS B 1 17.84 -3.33 -21.51
CA HIS B 1 17.06 -4.45 -22.02
C HIS B 1 16.08 -3.98 -23.10
N MET B 2 16.03 -4.72 -24.20
CA MET B 2 15.17 -4.35 -25.32
C MET B 2 13.74 -4.85 -25.10
N GLY B 3 13.14 -4.44 -23.99
CA GLY B 3 11.82 -4.89 -23.63
C GLY B 3 11.42 -4.49 -22.23
N SER B 4 10.43 -5.19 -21.69
CA SER B 4 9.92 -4.89 -20.38
C SER B 4 10.92 -5.26 -19.31
N ILE B 5 11.08 -4.38 -18.33
CA ILE B 5 11.96 -4.65 -17.22
C ILE B 5 11.19 -4.56 -15.92
N PRO B 6 11.19 -5.64 -15.13
CA PRO B 6 10.63 -5.52 -13.79
C PRO B 6 11.51 -4.58 -12.99
N ILE B 7 10.92 -3.68 -12.22
CA ILE B 7 11.68 -2.68 -11.49
C ILE B 7 12.68 -3.33 -10.53
N THR B 8 12.39 -4.57 -10.14
CA THR B 8 13.27 -5.28 -9.22
C THR B 8 14.64 -5.53 -9.85
N ASP B 9 14.66 -5.77 -11.16
CA ASP B 9 15.92 -5.97 -11.87
C ASP B 9 16.37 -4.71 -12.57
N LEU B 10 15.62 -3.62 -12.38
CA LEU B 10 15.90 -2.38 -13.08
C LEU B 10 17.29 -1.87 -12.76
N ALA B 11 17.58 -1.77 -11.46
CA ALA B 11 18.89 -1.29 -11.04
C ALA B 11 19.96 -2.16 -11.63
N ASP B 12 19.70 -3.46 -11.58
CA ASP B 12 20.64 -4.47 -12.07
C ASP B 12 20.86 -4.36 -13.58
N ASN B 13 19.78 -4.14 -14.31
CA ASN B 13 19.85 -3.99 -15.75
C ASN B 13 20.64 -2.76 -16.17
N ILE B 14 20.47 -1.68 -15.43
CA ILE B 14 21.15 -0.42 -15.72
C ILE B 14 22.66 -0.51 -15.56
N GLU B 15 23.10 -1.26 -14.55
CA GLU B 15 24.54 -1.46 -14.32
C GLU B 15 25.22 -2.08 -15.53
N ARG B 16 24.57 -3.06 -16.15
CA ARG B 16 25.13 -3.73 -17.33
C ARG B 16 25.26 -2.82 -18.56
N LEU B 17 24.24 -2.01 -18.77
CA LEU B 17 24.22 -1.06 -19.87
C LEU B 17 25.32 -0.03 -19.68
N LYS B 18 25.63 0.25 -18.42
CA LYS B 18 26.62 1.25 -18.06
C LYS B 18 28.07 0.72 -18.18
N ALA B 19 28.21 -0.60 -18.09
CA ALA B 19 29.53 -1.24 -18.09
C ALA B 19 30.30 -0.97 -19.39
N ASN B 20 31.63 -1.10 -19.30
CA ASN B 20 32.55 -0.90 -20.42
C ASN B 20 32.36 0.45 -21.08
N ASP B 21 32.37 1.51 -20.28
CA ASP B 21 32.07 2.86 -20.75
C ASP B 21 30.69 2.96 -21.39
N GLY B 22 29.76 2.13 -20.92
CA GLY B 22 28.40 2.14 -21.42
C GLY B 22 28.27 1.65 -22.85
N LEU B 23 29.03 0.61 -23.18
CA LEU B 23 29.00 0.04 -24.51
C LEU B 23 27.63 -0.50 -24.85
N LYS B 24 27.10 -1.34 -23.96
CA LYS B 24 25.80 -1.94 -24.14
C LYS B 24 24.71 -0.87 -24.30
N PHE B 25 24.82 0.21 -23.52
CA PHE B 25 23.89 1.35 -23.56
C PHE B 25 23.86 2.00 -24.92
N SER B 26 25.04 2.22 -25.50
CA SER B 26 25.15 2.79 -26.82
C SER B 26 24.52 1.85 -27.84
N GLN B 27 24.86 0.58 -27.74
CA GLN B 27 24.34 -0.43 -28.65
C GLN B 27 22.82 -0.48 -28.61
N GLU B 28 22.25 -0.40 -27.41
CA GLU B 28 20.80 -0.39 -27.29
C GLU B 28 20.16 0.86 -27.88
N TYR B 29 20.70 2.02 -27.51
CA TYR B 29 20.14 3.28 -27.94
C TYR B 29 20.24 3.51 -29.45
N GLU B 30 21.33 3.04 -30.04
CA GLU B 30 21.58 3.22 -31.47
C GLU B 30 20.73 2.27 -32.32
N SER B 31 20.22 1.21 -31.70
CA SER B 31 19.45 0.20 -32.41
C SER B 31 17.98 0.60 -32.54
N ILE B 32 17.56 1.63 -31.81
CA ILE B 32 16.17 2.09 -31.83
C ILE B 32 15.71 2.49 -33.22
N ASP B 33 14.68 1.80 -33.70
CA ASP B 33 14.18 2.01 -35.06
C ASP B 33 12.69 1.69 -35.09
N PRO B 34 11.87 2.70 -35.37
CA PRO B 34 10.41 2.51 -35.51
C PRO B 34 10.08 1.59 -36.68
N GLY B 35 10.98 1.50 -37.66
CA GLY B 35 10.80 0.57 -38.76
C GLY B 35 9.69 0.92 -39.73
N GLN B 36 9.50 2.21 -39.97
CA GLN B 36 8.50 2.67 -40.92
C GLN B 36 9.02 3.86 -41.70
N GLN B 37 8.35 4.19 -42.79
CA GLN B 37 8.69 5.38 -43.56
C GLN B 37 7.61 6.44 -43.40
N PHE B 38 8.01 7.70 -43.44
CA PHE B 38 7.08 8.80 -43.15
C PHE B 38 7.02 9.84 -44.27
N THR B 39 6.07 10.75 -44.16
CA THR B 39 5.99 11.90 -45.06
C THR B 39 5.80 13.16 -44.22
N TRP B 40 6.24 14.30 -44.75
CA TRP B 40 6.03 15.58 -44.07
C TRP B 40 5.76 16.67 -45.09
N GLU B 41 4.88 16.39 -46.05
CA GLU B 41 4.62 17.34 -47.12
C GLU B 41 4.14 18.70 -46.63
N ASN B 42 3.32 18.71 -45.59
CA ASN B 42 2.82 19.97 -45.04
C ASN B 42 3.96 20.79 -44.45
N SER B 43 4.90 20.10 -43.82
CA SER B 43 6.06 20.76 -43.25
C SER B 43 6.96 21.32 -44.34
N ASN B 44 6.88 20.74 -45.54
CA ASN B 44 7.76 21.17 -46.62
C ASN B 44 7.16 22.29 -47.46
N LEU B 45 5.88 22.56 -47.25
CA LEU B 45 5.21 23.62 -47.98
C LEU B 45 5.84 24.98 -47.72
N GLU B 46 6.00 25.75 -48.79
CA GLU B 46 6.65 27.05 -48.73
C GLU B 46 6.00 27.97 -47.72
N VAL B 47 4.69 27.89 -47.59
CA VAL B 47 3.94 28.78 -46.71
C VAL B 47 4.11 28.37 -45.24
N ASN B 48 4.55 27.13 -45.02
CA ASN B 48 4.70 26.62 -43.66
C ASN B 48 6.13 26.63 -43.14
N LYS B 49 7.10 26.72 -44.04
CA LYS B 49 8.51 26.75 -43.64
C LYS B 49 8.83 27.80 -42.56
N PRO B 50 8.31 29.05 -42.70
CA PRO B 50 8.60 30.01 -41.62
C PRO B 50 7.95 29.67 -40.28
N LYS B 51 7.08 28.66 -40.26
CA LYS B 51 6.43 28.23 -39.03
C LYS B 51 7.24 27.14 -38.33
N ASN B 52 8.41 26.82 -38.88
CA ASN B 52 9.31 25.86 -38.26
C ASN B 52 10.52 26.53 -37.63
N ARG B 53 10.73 26.30 -36.34
CA ARG B 53 11.87 26.88 -35.65
C ARG B 53 13.16 26.29 -36.20
N TYR B 54 13.19 24.97 -36.35
CA TYR B 54 14.33 24.28 -36.95
C TYR B 54 13.93 23.60 -38.25
N ALA B 55 14.62 23.95 -39.32
CA ALA B 55 14.32 23.40 -40.63
C ALA B 55 14.41 21.87 -40.67
N ASN B 56 15.28 21.29 -39.85
CA ASN B 56 15.48 19.84 -39.87
C ASN B 56 14.59 19.10 -38.90
N VAL B 57 13.66 19.81 -38.27
CA VAL B 57 12.73 19.18 -37.34
C VAL B 57 11.30 19.45 -37.77
N ILE B 58 10.67 18.40 -38.29
CA ILE B 58 9.39 18.54 -38.95
C ILE B 58 8.30 17.67 -38.31
N ALA B 59 7.08 17.80 -38.82
CA ALA B 59 5.95 17.04 -38.28
C ALA B 59 5.49 15.96 -39.26
N TYR B 60 5.60 14.70 -38.86
CA TYR B 60 5.11 13.60 -39.66
C TYR B 60 3.61 13.80 -39.94
N ASP B 61 3.20 13.54 -41.18
CA ASP B 61 1.83 13.81 -41.62
C ASP B 61 0.77 12.98 -40.90
N HIS B 62 1.09 11.71 -40.67
CA HIS B 62 0.08 10.80 -40.15
C HIS B 62 -0.31 11.11 -38.70
N SER B 63 0.58 11.80 -37.99
CA SER B 63 0.37 12.04 -36.58
C SER B 63 0.34 13.53 -36.22
N ARG B 64 0.44 14.39 -37.22
CA ARG B 64 0.51 15.82 -36.94
C ARG B 64 -0.82 16.33 -36.40
N VAL B 65 -0.75 17.40 -35.61
CA VAL B 65 -1.94 18.06 -35.10
C VAL B 65 -2.53 19.00 -36.15
N ILE B 66 -3.81 18.80 -36.47
CA ILE B 66 -4.48 19.56 -37.52
C ILE B 66 -5.28 20.75 -36.97
N LEU B 67 -4.93 21.96 -37.37
CA LEU B 67 -5.76 23.11 -37.03
C LEU B 67 -6.88 23.21 -38.03
N THR B 68 -8.02 23.75 -37.62
CA THR B 68 -9.11 23.97 -38.55
C THR B 68 -8.68 25.01 -39.57
N SER B 69 -9.10 24.84 -40.81
CA SER B 69 -8.71 25.77 -41.85
C SER B 69 -9.42 27.10 -41.66
N ILE B 70 -8.70 28.19 -41.93
CA ILE B 70 -9.32 29.50 -41.96
C ILE B 70 -9.57 29.82 -43.42
N ASP B 71 -10.84 30.03 -43.76
CA ASP B 71 -11.21 30.27 -45.14
C ASP B 71 -10.45 31.46 -45.70
N GLY B 72 -9.79 31.24 -46.83
CA GLY B 72 -9.05 32.29 -47.50
C GLY B 72 -7.59 32.34 -47.12
N VAL B 73 -7.19 31.53 -46.14
CA VAL B 73 -5.80 31.51 -45.69
C VAL B 73 -5.17 30.13 -45.83
N PRO B 74 -4.37 29.94 -46.89
CA PRO B 74 -3.63 28.68 -47.07
C PRO B 74 -2.61 28.43 -45.97
N GLY B 75 -2.50 27.17 -45.55
CA GLY B 75 -1.54 26.78 -44.53
C GLY B 75 -2.01 27.10 -43.12
N SER B 76 -3.27 27.49 -43.00
CA SER B 76 -3.83 27.88 -41.71
C SER B 76 -4.06 26.67 -40.82
N ASP B 77 -3.95 25.48 -41.40
CA ASP B 77 -4.19 24.24 -40.68
C ASP B 77 -2.92 23.69 -40.07
N TYR B 78 -1.81 24.37 -40.31
CA TYR B 78 -0.53 23.82 -39.93
C TYR B 78 0.07 24.40 -38.66
N ILE B 79 0.56 23.51 -37.83
CA ILE B 79 1.44 23.82 -36.72
C ILE B 79 2.43 22.67 -36.55
N ASN B 80 3.68 22.98 -36.26
CA ASN B 80 4.67 21.94 -36.05
C ASN B 80 4.42 21.22 -34.74
N ALA B 81 3.58 20.19 -34.81
CA ALA B 81 3.19 19.44 -33.63
C ALA B 81 2.76 18.04 -34.01
N ASN B 82 2.98 17.10 -33.11
CA ASN B 82 2.57 15.73 -33.34
C ASN B 82 1.96 15.14 -32.09
N TYR B 83 0.97 14.28 -32.26
CA TYR B 83 0.44 13.52 -31.15
C TYR B 83 1.44 12.45 -30.72
N ILE B 84 1.51 12.19 -29.43
CA ILE B 84 2.35 11.10 -28.92
C ILE B 84 1.53 10.20 -28.02
N ASP B 85 1.56 8.90 -28.28
CA ASP B 85 0.85 7.97 -27.41
C ASP B 85 1.55 7.90 -26.06
N GLY B 86 0.79 7.72 -25.00
CA GLY B 86 1.34 7.49 -23.68
C GLY B 86 1.19 6.04 -23.30
N TYR B 87 1.21 5.74 -22.01
CA TYR B 87 1.03 4.36 -21.60
C TYR B 87 -0.46 4.03 -21.52
N ARG B 88 -0.91 3.19 -22.45
CA ARG B 88 -2.30 2.76 -22.56
C ARG B 88 -3.21 3.98 -22.71
N LYS B 89 -2.69 4.98 -23.40
CA LYS B 89 -3.43 6.19 -23.72
C LYS B 89 -3.06 6.63 -25.12
N GLN B 90 -4.07 6.71 -25.98
CA GLN B 90 -3.84 7.08 -27.37
C GLN B 90 -3.83 8.59 -27.43
N ASN B 91 -2.86 9.16 -28.15
CA ASN B 91 -2.74 10.61 -28.31
C ASN B 91 -2.79 11.36 -26.99
N ALA B 92 -2.11 10.81 -25.98
CA ALA B 92 -2.13 11.39 -24.64
C ALA B 92 -1.39 12.73 -24.56
N TYR B 93 -0.38 12.89 -25.41
CA TYR B 93 0.43 14.13 -25.44
C TYR B 93 0.51 14.77 -26.81
N ILE B 94 0.92 16.04 -26.83
CA ILE B 94 1.29 16.73 -28.05
C ILE B 94 2.68 17.35 -27.88
N ALA B 95 3.65 16.84 -28.62
CA ALA B 95 4.97 17.42 -28.63
C ALA B 95 5.04 18.47 -29.71
N THR B 96 5.41 19.68 -29.34
CA THR B 96 5.51 20.76 -30.30
C THR B 96 6.76 21.56 -30.01
N GLN B 97 7.17 22.37 -30.98
CA GLN B 97 8.29 23.28 -30.79
C GLN B 97 7.87 24.45 -29.90
N GLY B 98 8.84 25.13 -29.33
CA GLY B 98 8.54 26.38 -28.66
C GLY B 98 8.08 27.36 -29.72
N PRO B 99 6.87 27.91 -29.56
CA PRO B 99 6.26 28.77 -30.58
C PRO B 99 7.10 29.97 -30.96
N LEU B 100 7.03 30.30 -32.25
CA LEU B 100 7.70 31.47 -32.81
C LEU B 100 6.75 32.66 -32.68
N PRO B 101 7.28 33.88 -32.77
CA PRO B 101 6.41 35.06 -32.68
C PRO B 101 5.20 34.99 -33.61
N GLU B 102 5.35 34.38 -34.79
CA GLU B 102 4.29 34.36 -35.78
C GLU B 102 3.48 33.07 -35.76
N THR B 103 3.75 32.19 -34.79
CA THR B 103 2.95 30.98 -34.64
C THR B 103 2.31 30.91 -33.26
N MET B 104 2.34 32.03 -32.54
CA MET B 104 1.73 32.11 -31.21
C MET B 104 0.22 32.01 -31.30
N GLY B 105 -0.35 32.60 -32.34
CA GLY B 105 -1.78 32.49 -32.58
C GLY B 105 -2.20 31.06 -32.85
N ASP B 106 -1.39 30.35 -33.62
CA ASP B 106 -1.65 28.95 -33.95
C ASP B 106 -1.53 28.07 -32.72
N PHE B 107 -0.56 28.40 -31.89
CA PHE B 107 -0.31 27.65 -30.67
C PHE B 107 -1.53 27.72 -29.75
N TRP B 108 -2.04 28.91 -29.53
CA TRP B 108 -3.19 29.05 -28.63
C TRP B 108 -4.45 28.46 -29.25
N ARG B 109 -4.59 28.62 -30.57
CA ARG B 109 -5.73 28.07 -31.28
C ARG B 109 -5.66 26.55 -31.19
N MET B 110 -4.45 26.01 -31.13
CA MET B 110 -4.29 24.58 -30.96
C MET B 110 -4.75 24.14 -29.59
N VAL B 111 -4.29 24.86 -28.56
CA VAL B 111 -4.68 24.57 -27.19
C VAL B 111 -6.19 24.63 -27.04
N TRP B 112 -6.80 25.59 -27.71
CA TRP B 112 -8.25 25.72 -27.67
C TRP B 112 -8.90 24.52 -28.34
N GLU B 113 -8.54 24.28 -29.61
CA GLU B 113 -9.18 23.23 -30.39
C GLU B 113 -8.95 21.81 -29.86
N GLN B 114 -7.83 21.57 -29.18
CA GLN B 114 -7.52 20.24 -28.69
C GLN B 114 -8.11 20.00 -27.32
N ARG B 115 -8.73 21.03 -26.77
CA ARG B 115 -9.33 20.98 -25.45
C ARG B 115 -8.30 20.64 -24.39
N THR B 116 -7.11 21.19 -24.56
CA THR B 116 -5.99 21.04 -23.65
C THR B 116 -6.18 21.87 -22.38
N ALA B 117 -5.90 21.27 -21.23
CA ALA B 117 -5.98 21.94 -19.94
C ALA B 117 -4.60 22.23 -19.36
N THR B 118 -3.59 21.56 -19.91
CA THR B 118 -2.25 21.65 -19.36
C THR B 118 -1.20 21.77 -20.44
N VAL B 119 -0.40 22.83 -20.33
CA VAL B 119 0.78 23.05 -21.16
C VAL B 119 2.03 22.87 -20.31
N VAL B 120 2.98 22.06 -20.77
CA VAL B 120 4.23 21.83 -20.05
C VAL B 120 5.43 22.39 -20.79
N MET B 121 6.07 23.38 -20.19
CA MET B 121 7.23 24.03 -20.81
C MET B 121 8.53 23.55 -20.18
N MET B 122 9.37 22.87 -20.96
CA MET B 122 10.57 22.25 -20.43
C MET B 122 11.78 23.13 -20.59
N THR B 123 11.60 24.43 -20.67
CA THR B 123 12.73 25.31 -20.89
C THR B 123 12.55 26.71 -20.34
N ARG B 124 13.65 27.41 -20.10
CA ARG B 124 13.61 28.82 -19.78
C ARG B 124 13.58 29.60 -21.07
N LEU B 125 13.14 30.86 -21.01
CA LEU B 125 13.01 31.66 -22.21
C LEU B 125 14.36 31.84 -22.88
N GLU B 126 15.39 32.04 -22.09
CA GLU B 126 16.71 32.26 -22.65
C GLU B 126 17.75 31.49 -21.83
N GLU B 127 18.60 30.74 -22.51
CA GLU B 127 19.64 29.97 -21.86
C GLU B 127 21.00 30.20 -22.49
N LYS B 128 21.95 30.65 -21.68
CA LYS B 128 23.29 31.01 -22.15
C LYS B 128 23.21 32.04 -23.26
N SER B 129 22.47 33.10 -22.99
CA SER B 129 22.34 34.25 -23.89
C SER B 129 21.79 33.87 -25.26
N ARG B 130 21.16 32.71 -25.34
CA ARG B 130 20.52 32.28 -26.59
C ARG B 130 19.02 32.06 -26.38
N VAL B 131 18.20 32.68 -27.22
CA VAL B 131 16.76 32.53 -27.14
C VAL B 131 16.36 31.14 -27.63
N LYS B 132 15.78 30.35 -26.74
CA LYS B 132 15.35 28.99 -27.09
C LYS B 132 13.87 29.02 -27.48
N CYS B 133 13.16 30.00 -26.96
CA CYS B 133 11.73 30.12 -27.19
C CYS B 133 11.31 31.54 -26.83
N ASP B 134 10.29 32.04 -27.52
CA ASP B 134 9.78 33.37 -27.26
C ASP B 134 8.60 33.30 -26.31
N GLN B 135 8.45 34.30 -25.45
CA GLN B 135 7.34 34.30 -24.50
C GLN B 135 6.03 34.48 -25.22
N TYR B 136 5.12 33.53 -25.02
CA TYR B 136 3.87 33.49 -25.75
C TYR B 136 2.67 33.78 -24.85
N TRP B 137 2.94 34.06 -23.58
CA TRP B 137 1.89 34.36 -22.63
C TRP B 137 1.99 35.79 -22.15
N PRO B 138 0.86 36.37 -21.74
CA PRO B 138 0.91 37.75 -21.23
C PRO B 138 1.63 37.84 -19.89
N ALA B 139 2.48 38.85 -19.75
CA ALA B 139 3.19 39.08 -18.50
C ALA B 139 2.23 39.55 -17.42
N ARG B 140 1.21 40.29 -17.85
CA ARG B 140 0.15 40.73 -16.96
C ARG B 140 -1.11 41.03 -17.77
N GLY B 141 -2.26 40.72 -17.17
CA GLY B 141 -3.54 41.02 -17.77
C GLY B 141 -3.91 40.12 -18.93
N THR B 142 -4.45 40.75 -19.97
CA THR B 142 -5.02 40.03 -21.10
C THR B 142 -4.42 40.47 -22.40
N GLU B 143 -3.99 39.52 -23.21
CA GLU B 143 -3.50 39.81 -24.55
C GLU B 143 -4.27 38.98 -25.54
N THR B 144 -4.21 39.36 -26.81
CA THR B 144 -4.92 38.64 -27.85
C THR B 144 -3.96 38.00 -28.86
N CYS B 145 -3.95 36.67 -28.89
CA CYS B 145 -3.13 35.93 -29.84
C CYS B 145 -4.03 35.31 -30.88
N GLY B 146 -4.07 35.92 -32.07
CA GLY B 146 -4.92 35.42 -33.14
C GLY B 146 -6.39 35.53 -32.80
N LEU B 147 -7.06 34.39 -32.72
CA LEU B 147 -8.48 34.39 -32.43
C LEU B 147 -8.71 34.13 -30.95
N ILE B 148 -7.63 33.86 -30.23
CA ILE B 148 -7.72 33.48 -28.83
C ILE B 148 -7.27 34.60 -27.91
N GLN B 149 -8.04 34.83 -26.86
CA GLN B 149 -7.77 35.85 -25.88
C GLN B 149 -7.23 35.21 -24.61
N VAL B 150 -5.96 35.45 -24.29
CA VAL B 150 -5.30 34.81 -23.17
C VAL B 150 -5.21 35.75 -21.97
N THR B 151 -5.69 35.28 -20.82
CA THR B 151 -5.69 36.09 -19.61
C THR B 151 -4.91 35.42 -18.49
N LEU B 152 -3.88 36.09 -18.00
CA LEU B 152 -3.13 35.55 -16.87
C LEU B 152 -3.91 35.77 -15.59
N LEU B 153 -4.25 34.67 -14.92
CA LEU B 153 -5.01 34.72 -13.68
C LEU B 153 -4.11 34.71 -12.47
N ASP B 154 -3.08 33.85 -12.53
CA ASP B 154 -2.25 33.58 -11.39
C ASP B 154 -0.85 33.08 -11.78
N THR B 155 0.15 33.48 -11.01
CA THR B 155 1.52 32.97 -11.15
C THR B 155 1.99 32.49 -9.80
N VAL B 156 2.57 31.29 -9.74
CA VAL B 156 3.19 30.80 -8.52
C VAL B 156 4.60 30.32 -8.80
N GLU B 157 5.59 31.03 -8.28
CA GLU B 157 6.99 30.73 -8.50
C GLU B 157 7.66 29.95 -7.38
N LEU B 158 8.06 28.73 -7.66
CA LEU B 158 8.86 27.95 -6.73
C LEU B 158 10.24 27.79 -7.33
N ALA B 159 11.14 27.18 -6.57
CA ALA B 159 12.56 27.11 -6.92
C ALA B 159 12.83 26.46 -8.28
N THR B 160 12.24 25.30 -8.53
CA THR B 160 12.56 24.57 -9.76
C THR B 160 11.49 24.66 -10.84
N TYR B 161 10.30 25.15 -10.47
CA TYR B 161 9.25 25.35 -11.46
C TYR B 161 8.28 26.48 -11.16
N THR B 162 7.62 26.95 -12.21
CA THR B 162 6.63 28.00 -12.10
C THR B 162 5.31 27.47 -12.66
N VAL B 163 4.21 27.78 -11.98
CA VAL B 163 2.87 27.44 -12.44
C VAL B 163 2.06 28.69 -12.75
N ARG B 164 1.54 28.76 -13.96
CA ARG B 164 0.67 29.89 -14.35
C ARG B 164 -0.73 29.41 -14.69
N THR B 165 -1.73 30.13 -14.21
CA THR B 165 -3.12 29.82 -14.56
C THR B 165 -3.70 30.87 -15.50
N PHE B 166 -4.25 30.40 -16.61
CA PHE B 166 -4.85 31.30 -17.59
C PHE B 166 -6.35 31.09 -17.75
N ALA B 167 -7.01 32.11 -18.28
CA ALA B 167 -8.38 31.98 -18.75
C ALA B 167 -8.37 32.20 -20.24
N LEU B 168 -9.01 31.31 -21.00
CA LEU B 168 -9.03 31.44 -22.45
C LEU B 168 -10.41 31.83 -23.00
N HIS B 169 -10.39 32.70 -24.01
CA HIS B 169 -11.60 33.06 -24.75
C HIS B 169 -11.32 33.03 -26.25
N LYS B 170 -12.25 32.45 -27.01
CA LYS B 170 -12.16 32.46 -28.45
C LYS B 170 -13.09 33.53 -28.99
N SER B 171 -12.67 34.20 -30.05
CA SER B 171 -13.48 35.23 -30.67
C SER B 171 -14.77 34.64 -31.22
N GLY B 172 -15.89 35.28 -30.91
CA GLY B 172 -17.17 34.83 -31.44
C GLY B 172 -17.89 33.86 -30.53
N SER B 173 -17.27 33.56 -29.40
CA SER B 173 -17.84 32.60 -28.47
C SER B 173 -17.89 33.14 -27.05
N SER B 174 -18.85 32.67 -26.27
CA SER B 174 -18.99 33.08 -24.88
C SER B 174 -18.38 32.06 -23.94
N GLU B 175 -17.82 30.99 -24.50
CA GLU B 175 -17.23 29.94 -23.68
C GLU B 175 -15.96 30.39 -22.99
N LYS B 176 -15.76 29.95 -21.76
CA LYS B 176 -14.52 30.21 -21.05
C LYS B 176 -13.83 28.91 -20.62
N ARG B 177 -12.54 28.79 -20.92
CA ARG B 177 -11.76 27.62 -20.53
C ARG B 177 -10.56 27.97 -19.67
N GLU B 178 -10.23 27.11 -18.71
CA GLU B 178 -9.03 27.28 -17.90
C GLU B 178 -7.87 26.51 -18.49
N LEU B 179 -6.67 27.05 -18.28
CA LEU B 179 -5.46 26.38 -18.69
C LEU B 179 -4.31 26.68 -17.72
N ARG B 180 -3.67 25.63 -17.23
CA ARG B 180 -2.51 25.79 -16.38
C ARG B 180 -1.25 25.57 -17.17
N GLN B 181 -0.26 26.41 -16.95
CA GLN B 181 1.03 26.19 -17.58
C GLN B 181 2.03 25.81 -16.51
N PHE B 182 2.74 24.73 -16.75
CA PHE B 182 3.79 24.30 -15.85
C PHE B 182 5.14 24.45 -16.51
N GLN B 183 5.95 25.38 -16.01
CA GLN B 183 7.28 25.62 -16.56
C GLN B 183 8.42 25.11 -15.68
N PHE B 184 9.25 24.25 -16.24
CA PHE B 184 10.39 23.68 -15.51
C PHE B 184 11.62 24.57 -15.63
N MET B 185 12.19 24.94 -14.50
CA MET B 185 13.26 25.95 -14.46
C MET B 185 14.66 25.40 -14.16
N ALA B 186 14.77 24.11 -13.89
CA ALA B 186 16.02 23.55 -13.40
C ALA B 186 16.69 22.61 -14.39
N TRP B 187 16.50 22.85 -15.67
CA TRP B 187 17.24 22.11 -16.69
C TRP B 187 18.48 22.89 -17.11
N PRO B 188 19.65 22.27 -17.02
CA PRO B 188 20.92 22.95 -17.29
C PRO B 188 21.04 23.41 -18.73
N ASP B 189 21.90 24.40 -18.96
CA ASP B 189 22.15 24.92 -20.31
C ASP B 189 22.76 23.85 -21.18
N HIS B 190 23.57 22.98 -20.59
CA HIS B 190 24.18 21.90 -21.33
C HIS B 190 23.99 20.55 -20.64
N GLY B 191 23.79 19.52 -21.45
CA GLY B 191 23.67 18.15 -20.98
C GLY B 191 22.36 17.90 -20.27
N VAL B 192 22.31 16.82 -19.50
CA VAL B 192 21.10 16.47 -18.74
C VAL B 192 21.33 16.84 -17.27
N PRO B 193 20.24 16.92 -16.46
CA PRO B 193 20.44 17.21 -15.04
C PRO B 193 21.31 16.17 -14.36
N GLU B 194 22.10 16.56 -13.37
CA GLU B 194 22.92 15.60 -12.66
C GLU B 194 22.09 14.66 -11.80
N TYR B 195 20.97 15.15 -11.29
CA TYR B 195 20.08 14.34 -10.48
C TYR B 195 18.67 14.38 -11.02
N PRO B 196 17.95 13.27 -10.92
CA PRO B 196 16.58 13.26 -11.44
C PRO B 196 15.54 13.73 -10.43
N THR B 197 15.97 14.05 -9.22
CA THR B 197 15.02 14.40 -8.18
C THR B 197 14.15 15.63 -8.50
N PRO B 198 14.75 16.71 -9.06
CA PRO B 198 13.90 17.86 -9.39
C PRO B 198 12.86 17.60 -10.47
N ILE B 199 13.25 16.93 -11.56
CA ILE B 199 12.33 16.65 -12.65
C ILE B 199 11.20 15.77 -12.14
N LEU B 200 11.52 14.84 -11.24
CA LEU B 200 10.51 13.95 -10.68
C LEU B 200 9.47 14.71 -9.84
N ALA B 201 9.93 15.69 -9.08
CA ALA B 201 9.03 16.54 -8.30
C ALA B 201 8.07 17.27 -9.22
N PHE B 202 8.59 17.76 -10.33
CA PHE B 202 7.84 18.44 -11.36
C PHE B 202 6.76 17.57 -11.98
N LEU B 203 7.16 16.37 -12.41
CA LEU B 203 6.26 15.40 -13.00
C LEU B 203 5.11 15.05 -12.08
N ARG B 204 5.45 14.81 -10.81
CA ARG B 204 4.46 14.46 -9.81
C ARG B 204 3.43 15.55 -9.65
N ARG B 205 3.87 16.80 -9.75
CA ARG B 205 2.94 17.91 -9.60
C ARG B 205 2.02 17.99 -10.79
N VAL B 206 2.57 17.84 -11.98
CA VAL B 206 1.78 17.91 -13.20
C VAL B 206 0.70 16.84 -13.16
N LYS B 207 1.08 15.61 -12.80
CA LYS B 207 0.13 14.52 -12.69
C LYS B 207 -0.99 14.85 -11.72
N ALA B 208 -0.64 15.54 -10.64
CA ALA B 208 -1.61 15.88 -9.62
C ALA B 208 -2.60 16.89 -10.15
N CYS B 209 -2.16 17.74 -11.07
CA CYS B 209 -2.99 18.85 -11.49
C CYS B 209 -3.62 18.71 -12.86
N ASN B 210 -3.18 17.74 -13.65
CA ASN B 210 -3.78 17.55 -14.95
C ASN B 210 -5.04 16.71 -14.84
N PRO B 211 -6.18 17.31 -15.17
CA PRO B 211 -7.49 16.64 -15.08
C PRO B 211 -7.56 15.37 -15.93
N LEU B 212 -8.35 14.40 -15.45
CA LEU B 212 -8.45 13.10 -16.10
C LEU B 212 -9.37 13.11 -17.32
N ASP B 213 -10.14 14.18 -17.48
CA ASP B 213 -11.11 14.30 -18.56
C ASP B 213 -10.76 15.40 -19.55
N ALA B 214 -9.47 15.64 -19.74
CA ALA B 214 -9.00 16.73 -20.58
C ALA B 214 -8.51 16.23 -21.94
N GLY B 215 -8.24 17.17 -22.83
CA GLY B 215 -7.62 16.85 -24.09
C GLY B 215 -6.16 16.49 -23.88
N PRO B 216 -5.42 16.29 -24.96
CA PRO B 216 -4.00 15.95 -24.81
C PRO B 216 -3.21 17.04 -24.12
N MET B 217 -2.25 16.62 -23.30
CA MET B 217 -1.29 17.51 -22.66
C MET B 217 -0.29 18.04 -23.67
N VAL B 218 -0.13 19.35 -23.73
CA VAL B 218 0.86 19.91 -24.64
C VAL B 218 2.22 20.00 -23.93
N VAL B 219 3.24 19.39 -24.51
CA VAL B 219 4.60 19.48 -24.00
C VAL B 219 5.49 20.14 -25.03
N HIS B 220 6.30 21.08 -24.61
CA HIS B 220 7.21 21.71 -25.55
C HIS B 220 8.49 22.12 -24.86
N CYS B 221 9.56 22.21 -25.64
CA CYS B 221 10.80 22.77 -25.16
C CYS B 221 11.34 23.70 -26.23
N SER B 222 12.43 23.28 -26.86
CA SER B 222 13.05 24.06 -27.92
C SER B 222 12.54 23.60 -29.28
N ALA B 223 12.88 22.36 -29.63
CA ALA B 223 12.42 21.78 -30.87
C ALA B 223 11.25 20.82 -30.63
N GLY B 224 11.01 20.50 -29.36
CA GLY B 224 9.90 19.66 -28.97
C GLY B 224 10.19 18.19 -29.22
N VAL B 225 11.46 17.81 -29.09
CA VAL B 225 11.86 16.42 -29.33
C VAL B 225 12.79 15.90 -28.24
N GLY B 226 13.55 16.79 -27.62
CA GLY B 226 14.55 16.39 -26.65
C GLY B 226 14.03 16.30 -25.24
N ARG B 227 14.00 17.43 -24.53
CA ARG B 227 13.47 17.49 -23.18
C ARG B 227 12.01 17.07 -23.14
N THR B 228 11.29 17.47 -24.18
CA THR B 228 9.90 17.08 -24.36
C THR B 228 9.78 15.57 -24.39
N GLY B 229 10.68 14.92 -25.14
CA GLY B 229 10.69 13.47 -25.20
C GLY B 229 10.91 12.85 -23.84
N CYS B 230 11.88 13.39 -23.10
CA CYS B 230 12.22 12.89 -21.78
C CYS B 230 11.06 12.97 -20.83
N PHE B 231 10.38 14.11 -20.81
CA PHE B 231 9.20 14.26 -19.97
C PHE B 231 8.15 13.20 -20.29
N ILE B 232 7.86 13.03 -21.57
CA ILE B 232 6.79 12.14 -21.98
C ILE B 232 7.06 10.69 -21.58
N VAL B 233 8.25 10.21 -21.89
CA VAL B 233 8.55 8.81 -21.62
C VAL B 233 8.65 8.53 -20.13
N ILE B 234 9.18 9.49 -19.34
CA ILE B 234 9.24 9.29 -17.90
C ILE B 234 7.84 9.29 -17.30
N ASP B 235 7.01 10.23 -17.76
CA ASP B 235 5.61 10.27 -17.34
C ASP B 235 4.87 8.98 -17.70
N ALA B 236 5.09 8.48 -18.90
CA ALA B 236 4.42 7.25 -19.35
C ALA B 236 4.90 6.05 -18.55
N MET B 237 6.21 5.97 -18.31
CA MET B 237 6.76 4.80 -17.63
C MET B 237 6.41 4.79 -16.15
N LEU B 238 6.15 5.97 -15.60
CA LEU B 238 5.68 6.06 -14.21
C LEU B 238 4.30 5.45 -14.08
N GLU B 239 3.45 5.64 -15.08
CA GLU B 239 2.13 5.02 -15.07
C GLU B 239 2.21 3.51 -15.21
N ARG B 240 3.11 3.03 -16.06
CA ARG B 240 3.28 1.59 -16.25
C ARG B 240 3.76 0.89 -14.99
N MET B 241 4.68 1.53 -14.27
CA MET B 241 5.18 1.00 -13.00
C MET B 241 4.06 0.84 -12.01
N LYS B 242 3.14 1.79 -12.02
CA LYS B 242 1.99 1.79 -11.13
C LYS B 242 1.02 0.64 -11.42
N HIS B 243 0.99 0.18 -12.67
N HIS B 243 0.95 0.19 -12.67
CA HIS B 243 0.03 -0.82 -13.11
CA HIS B 243 -0.02 -0.83 -13.05
C HIS B 243 0.65 -2.20 -13.17
C HIS B 243 0.61 -2.21 -13.26
N GLU B 244 1.88 -2.25 -13.65
CA GLU B 244 2.56 -3.52 -13.88
C GLU B 244 3.81 -3.70 -13.05
N LYS B 245 4.30 -2.62 -12.45
CA LYS B 245 5.56 -2.66 -11.72
C LYS B 245 6.66 -3.14 -12.65
N THR B 246 6.58 -2.72 -13.91
CA THR B 246 7.64 -2.90 -14.88
C THR B 246 7.84 -1.61 -15.69
N VAL B 247 8.94 -1.53 -16.44
CA VAL B 247 9.15 -0.43 -17.37
C VAL B 247 9.64 -0.98 -18.70
N ASP B 248 9.24 -0.33 -19.78
CA ASP B 248 9.70 -0.71 -21.12
C ASP B 248 10.12 0.53 -21.89
N ILE B 249 11.25 1.09 -21.49
CA ILE B 249 11.75 2.32 -22.09
C ILE B 249 12.05 2.14 -23.58
N TYR B 250 12.82 1.10 -23.89
CA TYR B 250 13.22 0.84 -25.28
C TYR B 250 12.01 0.71 -26.20
N GLY B 251 10.98 -0.01 -25.73
CA GLY B 251 9.77 -0.16 -26.52
C GLY B 251 9.05 1.15 -26.74
N HIS B 252 8.95 1.96 -25.69
CA HIS B 252 8.17 3.20 -25.76
C HIS B 252 8.83 4.29 -26.59
N VAL B 253 10.15 4.41 -26.48
CA VAL B 253 10.87 5.39 -27.30
C VAL B 253 10.72 5.05 -28.78
N THR B 254 10.78 3.76 -29.09
CA THR B 254 10.55 3.28 -30.44
C THR B 254 9.20 3.74 -30.96
N CYS B 255 8.17 3.57 -30.13
CA CYS B 255 6.83 3.98 -30.49
C CYS B 255 6.76 5.49 -30.66
N MET B 256 7.44 6.23 -29.79
CA MET B 256 7.48 7.68 -29.89
C MET B 256 8.12 8.15 -31.19
N ARG B 257 9.15 7.44 -31.62
CA ARG B 257 9.85 7.80 -32.84
C ARG B 257 9.00 7.61 -34.09
N SER B 258 7.94 6.82 -33.98
CA SER B 258 7.02 6.61 -35.10
C SER B 258 5.97 7.71 -35.20
N GLN B 259 5.94 8.59 -34.22
CA GLN B 259 4.94 9.65 -34.20
C GLN B 259 5.59 11.02 -34.38
N ARG B 260 6.83 11.16 -33.95
CA ARG B 260 7.57 12.41 -34.16
C ARG B 260 9.08 12.12 -34.22
N ASN B 261 9.79 12.82 -35.08
CA ASN B 261 11.22 12.60 -35.24
C ASN B 261 12.04 12.98 -34.01
N TYR B 262 13.15 12.27 -33.80
CA TYR B 262 14.16 12.65 -32.81
C TYR B 262 13.67 12.71 -31.37
N MET B 263 12.56 12.04 -31.07
CA MET B 263 12.10 12.01 -29.68
C MET B 263 13.17 11.36 -28.84
N VAL B 264 13.63 12.06 -27.80
CA VAL B 264 14.83 11.68 -27.05
C VAL B 264 16.02 11.66 -28.02
N GLN B 265 16.67 12.81 -28.19
CA GLN B 265 17.63 12.98 -29.28
C GLN B 265 19.09 12.78 -28.91
N THR B 266 19.39 12.57 -27.63
CA THR B 266 20.76 12.25 -27.25
C THR B 266 20.78 11.03 -26.34
N GLU B 267 21.90 10.32 -26.36
CA GLU B 267 22.04 9.11 -25.55
C GLU B 267 22.04 9.49 -24.07
N ASP B 268 22.58 10.67 -23.76
CA ASP B 268 22.63 11.12 -22.37
C ASP B 268 21.23 11.23 -21.82
N GLN B 269 20.32 11.70 -22.68
CA GLN B 269 18.92 11.77 -22.33
C GLN B 269 18.35 10.39 -22.13
N TYR B 270 18.73 9.46 -23.01
CA TYR B 270 18.29 8.09 -22.90
C TYR B 270 18.74 7.50 -21.57
N VAL B 271 19.98 7.76 -21.21
CA VAL B 271 20.51 7.31 -19.93
C VAL B 271 19.82 8.04 -18.78
N PHE B 272 19.61 9.34 -18.94
CA PHE B 272 18.95 10.11 -17.92
C PHE B 272 17.57 9.58 -17.56
N ILE B 273 16.81 9.15 -18.57
CA ILE B 273 15.48 8.59 -18.34
C ILE B 273 15.53 7.35 -17.46
N HIS B 274 16.47 6.46 -17.75
CA HIS B 274 16.66 5.25 -16.96
C HIS B 274 16.97 5.58 -15.50
N GLU B 275 17.91 6.50 -15.30
CA GLU B 275 18.30 6.90 -13.96
C GLU B 275 17.13 7.53 -13.23
N ALA B 276 16.30 8.27 -13.96
CA ALA B 276 15.15 8.92 -13.36
C ALA B 276 14.17 7.90 -12.84
N LEU B 277 13.88 6.91 -13.66
CA LEU B 277 12.91 5.88 -13.32
C LEU B 277 13.42 4.95 -12.22
N LEU B 278 14.74 4.79 -12.15
CA LEU B 278 15.34 4.00 -11.07
C LEU B 278 15.12 4.71 -9.73
N GLU B 279 15.27 6.02 -9.71
CA GLU B 279 15.07 6.75 -8.48
C GLU B 279 13.61 6.67 -8.06
N ALA B 280 12.70 6.79 -9.03
CA ALA B 280 11.27 6.69 -8.76
C ALA B 280 10.86 5.30 -8.27
N ALA B 281 11.49 4.27 -8.81
CA ALA B 281 11.22 2.91 -8.36
C ALA B 281 11.79 2.65 -6.97
N THR B 282 12.86 3.35 -6.63
CA THR B 282 13.60 3.12 -5.39
C THR B 282 13.09 3.94 -4.19
N CYS B 283 12.62 5.16 -4.44
CA CYS B 283 12.29 6.08 -3.36
C CYS B 283 10.84 6.00 -2.91
N GLY B 284 10.00 5.39 -3.73
CA GLY B 284 8.59 5.24 -3.41
C GLY B 284 7.86 6.56 -3.26
N HIS B 285 6.89 6.59 -2.35
CA HIS B 285 6.08 7.78 -2.13
C HIS B 285 6.12 8.21 -0.67
N THR B 286 6.62 9.41 -0.40
CA THR B 286 6.86 9.85 0.97
C THR B 286 6.22 11.17 1.40
N GLU B 287 5.33 11.71 0.56
CA GLU B 287 4.63 12.94 0.92
C GLU B 287 3.38 12.63 1.73
N VAL B 288 3.11 13.43 2.74
CA VAL B 288 1.94 13.19 3.59
C VAL B 288 1.25 14.48 4.03
N PRO B 289 -0.08 14.55 3.88
CA PRO B 289 -0.81 15.75 4.28
C PRO B 289 -0.78 15.96 5.78
N ALA B 290 -0.90 17.22 6.20
CA ALA B 290 -0.76 17.61 7.59
C ALA B 290 -1.67 16.85 8.55
N ARG B 291 -2.88 16.52 8.11
CA ARG B 291 -3.82 15.77 8.92
C ARG B 291 -3.26 14.42 9.36
N ASN B 292 -2.36 13.86 8.57
CA ASN B 292 -1.84 12.53 8.85
C ASN B 292 -0.43 12.55 9.41
N LEU B 293 0.09 13.75 9.64
CA LEU B 293 1.46 13.91 10.12
C LEU B 293 1.67 13.24 11.46
N TYR B 294 0.74 13.47 12.39
CA TYR B 294 0.85 12.84 13.71
C TYR B 294 0.96 11.33 13.52
N ALA B 295 -0.01 10.76 12.80
CA ALA B 295 -0.08 9.33 12.56
C ALA B 295 1.14 8.82 11.83
N HIS B 296 1.61 9.58 10.84
CA HIS B 296 2.76 9.20 10.04
C HIS B 296 4.00 9.03 10.90
N ILE B 297 4.22 9.98 11.81
CA ILE B 297 5.38 9.94 12.69
C ILE B 297 5.25 8.76 13.65
N GLN B 298 4.04 8.48 14.08
CA GLN B 298 3.80 7.31 14.92
C GLN B 298 4.17 6.02 14.20
N LYS B 299 3.79 5.93 12.93
CA LYS B 299 4.08 4.74 12.12
C LYS B 299 5.58 4.57 11.91
N LEU B 300 6.27 5.70 11.79
CA LEU B 300 7.72 5.71 11.58
C LEU B 300 8.46 5.32 12.85
N GLY B 301 7.79 5.43 13.99
CA GLY B 301 8.37 5.05 15.25
C GLY B 301 8.26 3.55 15.48
N GLN B 302 7.79 2.85 14.46
CA GLN B 302 7.63 1.41 14.52
C GLN B 302 8.81 0.70 13.87
N VAL B 303 9.05 -0.54 14.31
CA VAL B 303 10.04 -1.39 13.68
C VAL B 303 9.27 -2.31 12.75
N PRO B 304 9.45 -2.14 11.44
CA PRO B 304 8.71 -2.96 10.47
C PRO B 304 8.98 -4.43 10.69
N PRO B 305 8.01 -5.28 10.35
CA PRO B 305 8.18 -6.74 10.51
C PRO B 305 9.34 -7.27 9.68
N GLY B 306 10.20 -8.07 10.30
CA GLY B 306 11.34 -8.63 9.59
C GLY B 306 12.54 -7.71 9.57
N GLU B 307 12.42 -6.59 10.27
CA GLU B 307 13.51 -5.62 10.33
C GLU B 307 14.19 -5.61 11.69
N SER B 308 15.16 -4.72 11.84
CA SER B 308 15.96 -4.65 13.06
C SER B 308 15.98 -3.22 13.61
N VAL B 309 15.64 -2.24 12.76
CA VAL B 309 15.65 -0.85 13.19
C VAL B 309 14.32 -0.18 12.86
N THR B 310 14.14 1.06 13.32
CA THR B 310 12.87 1.75 13.15
C THR B 310 12.56 2.04 11.68
N ALA B 311 11.28 2.24 11.37
CA ALA B 311 10.87 2.58 10.02
C ALA B 311 11.49 3.91 9.63
N MET B 312 11.64 4.78 10.63
CA MET B 312 12.33 6.05 10.51
C MET B 312 13.77 5.87 10.07
N GLU B 313 14.47 4.98 10.76
CA GLU B 313 15.87 4.69 10.48
C GLU B 313 16.05 4.15 9.06
N LEU B 314 15.19 3.21 8.66
CA LEU B 314 15.26 2.63 7.33
C LEU B 314 15.11 3.70 6.25
N GLU B 315 14.22 4.65 6.50
CA GLU B 315 14.00 5.73 5.57
C GLU B 315 15.24 6.60 5.43
N PHE B 316 15.92 6.83 6.55
CA PHE B 316 17.14 7.64 6.58
C PHE B 316 18.28 6.92 5.85
N LYS B 317 18.36 5.61 6.02
CA LYS B 317 19.35 4.80 5.31
C LYS B 317 19.15 4.93 3.82
N LEU B 318 17.89 5.04 3.41
CA LEU B 318 17.51 5.12 2.02
C LEU B 318 17.96 6.43 1.38
N LEU B 319 18.15 7.45 2.20
CA LEU B 319 18.67 8.71 1.68
C LEU B 319 20.09 8.54 1.18
N ALA B 320 20.89 7.80 1.93
CA ALA B 320 22.29 7.58 1.56
C ALA B 320 22.44 6.45 0.55
N SER B 321 21.55 5.47 0.62
CA SER B 321 21.66 4.29 -0.22
C SER B 321 21.54 4.61 -1.71
N SER B 322 20.80 5.67 -2.03
CA SER B 322 20.65 6.07 -3.42
C SER B 322 21.73 7.09 -3.79
N LYS B 323 22.94 6.85 -3.30
CA LYS B 323 24.10 7.67 -3.66
C LYS B 323 25.15 6.85 -4.37
N PHE B 329 34.27 15.96 -6.79
CA PHE B 329 34.98 16.96 -6.01
C PHE B 329 36.35 17.26 -6.61
N ILE B 330 36.37 18.05 -7.67
CA ILE B 330 37.62 18.30 -8.37
C ILE B 330 38.42 19.44 -7.71
N SER B 331 37.79 20.60 -7.57
CA SER B 331 38.47 21.75 -6.96
C SER B 331 38.81 21.54 -5.48
N ALA B 332 37.99 20.75 -4.79
CA ALA B 332 38.19 20.48 -3.38
C ALA B 332 39.39 19.55 -3.12
N ASN B 333 39.75 18.73 -4.09
CA ASN B 333 40.89 17.83 -3.94
C ASN B 333 42.22 18.39 -4.45
N LEU B 334 42.18 19.57 -5.05
CA LEU B 334 43.42 20.20 -5.50
C LEU B 334 44.32 20.44 -4.30
N PRO B 335 45.62 20.12 -4.45
CA PRO B 335 46.62 20.24 -3.39
C PRO B 335 46.63 21.60 -2.70
N CYS B 336 46.43 22.66 -3.48
CA CYS B 336 46.47 24.03 -2.95
C CYS B 336 45.29 24.33 -2.01
N ASN B 337 44.32 23.43 -2.00
CA ASN B 337 43.11 23.64 -1.20
C ASN B 337 43.01 22.67 -0.03
N LYS B 338 44.05 21.87 0.16
CA LYS B 338 44.09 20.87 1.23
C LYS B 338 43.78 21.44 2.62
N PHE B 339 44.25 22.65 2.90
CA PHE B 339 44.08 23.27 4.21
C PHE B 339 42.77 24.07 4.34
N LYS B 340 41.95 24.07 3.30
CA LYS B 340 40.72 24.86 3.32
C LYS B 340 39.47 24.07 3.67
N ASN B 341 39.60 22.75 3.87
CA ASN B 341 38.47 21.91 4.24
C ASN B 341 38.50 21.43 5.69
N ARG B 342 37.46 21.75 6.45
CA ARG B 342 37.42 21.35 7.86
C ARG B 342 37.40 19.83 8.02
N LEU B 343 36.56 19.14 7.27
CA LEU B 343 36.58 17.67 7.21
C LEU B 343 37.03 17.22 5.84
N VAL B 344 37.90 16.22 5.81
CA VAL B 344 38.48 15.77 4.56
C VAL B 344 37.49 14.91 3.77
N ASN B 345 36.41 14.49 4.43
CA ASN B 345 35.44 13.62 3.78
C ASN B 345 34.17 14.36 3.42
N ILE B 346 34.13 15.66 3.73
CA ILE B 346 32.99 16.50 3.40
C ILE B 346 33.41 17.63 2.46
N MET B 347 33.09 17.48 1.18
CA MET B 347 33.51 18.45 0.17
C MET B 347 32.36 18.84 -0.73
N PRO B 348 32.40 20.07 -1.27
CA PRO B 348 31.33 20.54 -2.17
C PRO B 348 31.37 19.92 -3.56
N TYR B 349 30.19 19.66 -4.12
CA TYR B 349 30.03 19.22 -5.49
C TYR B 349 30.53 20.35 -6.38
N GLU B 350 31.15 20.02 -7.50
CA GLU B 350 31.74 21.05 -8.33
C GLU B 350 30.65 21.96 -8.92
N LEU B 351 29.50 21.38 -9.24
CA LEU B 351 28.42 22.11 -9.92
C LEU B 351 27.77 23.19 -9.06
N THR B 352 27.54 22.88 -7.78
CA THR B 352 26.81 23.78 -6.92
C THR B 352 27.71 24.51 -5.91
N ARG B 353 29.01 24.36 -6.05
CA ARG B 353 29.94 25.00 -5.12
C ARG B 353 29.96 26.50 -5.36
N VAL B 354 30.23 27.25 -4.29
CA VAL B 354 30.32 28.71 -4.35
C VAL B 354 31.67 29.19 -4.83
N CYS B 355 31.68 29.98 -5.90
CA CYS B 355 32.93 30.38 -6.52
C CYS B 355 33.31 31.83 -6.21
N LEU B 356 34.58 32.03 -5.91
CA LEU B 356 35.10 33.37 -5.67
C LEU B 356 35.83 33.87 -6.90
N GLN B 357 35.85 35.19 -7.07
CA GLN B 357 36.60 35.80 -8.14
C GLN B 357 38.07 35.46 -7.95
N PRO B 358 38.72 34.94 -9.01
CA PRO B 358 40.12 34.54 -8.91
C PRO B 358 41.05 35.74 -8.68
N ILE B 359 42.13 35.53 -7.94
CA ILE B 359 43.13 36.55 -7.75
C ILE B 359 44.39 36.18 -8.53
N ARG B 360 44.90 37.14 -9.29
CA ARG B 360 46.01 36.91 -10.21
C ARG B 360 47.24 36.33 -9.51
N GLY B 361 47.74 35.22 -10.04
CA GLY B 361 48.96 34.63 -9.53
C GLY B 361 48.75 33.64 -8.40
N VAL B 362 47.52 33.53 -7.93
CA VAL B 362 47.23 32.68 -6.78
C VAL B 362 46.40 31.46 -7.18
N GLU B 363 47.04 30.31 -7.25
CA GLU B 363 46.37 29.06 -7.59
C GLU B 363 45.38 28.66 -6.51
N GLY B 364 44.19 28.27 -6.94
CA GLY B 364 43.16 27.83 -6.02
C GLY B 364 42.58 28.96 -5.19
N SER B 365 42.73 30.18 -5.68
CA SER B 365 42.21 31.37 -5.00
C SER B 365 40.72 31.53 -5.22
N ASP B 366 40.11 30.60 -5.94
CA ASP B 366 38.67 30.65 -6.21
C ASP B 366 37.86 29.71 -5.34
N TYR B 367 38.51 28.93 -4.50
CA TYR B 367 37.82 27.86 -3.79
C TYR B 367 37.43 28.22 -2.36
N ILE B 368 36.26 27.74 -1.98
CA ILE B 368 35.83 27.78 -0.58
C ILE B 368 34.84 26.65 -0.32
N ASN B 369 34.96 26.02 0.83
CA ASN B 369 34.05 24.94 1.19
C ASN B 369 32.67 25.49 1.49
N ALA B 370 31.87 25.65 0.43
CA ALA B 370 30.53 26.18 0.54
C ALA B 370 29.72 25.73 -0.65
N SER B 371 28.43 25.52 -0.45
CA SER B 371 27.56 25.10 -1.54
C SER B 371 26.32 25.98 -1.61
N PHE B 372 25.80 26.19 -2.83
CA PHE B 372 24.51 26.85 -3.00
C PHE B 372 23.38 25.85 -2.84
N LEU B 373 22.43 26.16 -1.97
CA LEU B 373 21.28 25.29 -1.81
C LEU B 373 19.99 26.04 -2.13
N ASP B 374 19.07 25.35 -2.81
CA ASP B 374 17.82 25.96 -3.23
C ASP B 374 16.87 26.06 -2.06
N GLY B 375 16.07 27.12 -2.05
CA GLY B 375 15.03 27.25 -1.05
C GLY B 375 13.70 26.77 -1.57
N TYR B 376 12.63 27.18 -0.89
CA TYR B 376 11.30 26.80 -1.31
C TYR B 376 10.87 27.59 -2.53
N ARG B 377 11.22 28.87 -2.58
CA ARG B 377 10.71 29.76 -3.61
C ARG B 377 11.75 30.13 -4.64
N GLN B 378 13.02 30.05 -4.27
CA GLN B 378 14.09 30.43 -5.19
C GLN B 378 15.31 29.53 -5.16
N GLN B 379 16.05 29.52 -6.27
CA GLN B 379 17.32 28.81 -6.32
C GLN B 379 18.40 29.67 -5.66
N LYS B 380 19.48 29.03 -5.24
CA LYS B 380 20.61 29.72 -4.61
C LYS B 380 20.17 30.63 -3.46
N ALA B 381 19.27 30.13 -2.63
CA ALA B 381 18.70 30.89 -1.52
C ALA B 381 19.52 30.69 -0.26
N TYR B 382 20.32 29.63 -0.24
CA TYR B 382 21.18 29.38 0.91
C TYR B 382 22.58 29.06 0.44
N ILE B 383 23.57 29.49 1.21
CA ILE B 383 24.92 29.00 1.07
C ILE B 383 25.19 28.16 2.29
N ALA B 384 25.42 26.87 2.09
CA ALA B 384 25.72 25.98 3.19
C ALA B 384 27.22 25.76 3.23
N THR B 385 27.83 26.12 4.35
CA THR B 385 29.26 26.06 4.44
C THR B 385 29.70 25.57 5.81
N GLN B 386 30.96 25.19 5.90
CA GLN B 386 31.55 24.79 7.17
C GLN B 386 31.77 26.01 8.03
N GLY B 387 31.99 25.79 9.32
CA GLY B 387 32.45 26.85 10.19
C GLY B 387 33.86 27.23 9.78
N PRO B 388 34.07 28.50 9.38
CA PRO B 388 35.35 28.96 8.84
C PRO B 388 36.54 28.61 9.70
N LEU B 389 37.63 28.26 9.02
CA LEU B 389 38.92 28.09 9.66
C LEU B 389 39.63 29.44 9.64
N ALA B 390 40.65 29.60 10.48
CA ALA B 390 41.42 30.84 10.51
C ALA B 390 42.07 31.13 9.16
N GLU B 391 42.43 30.06 8.45
CA GLU B 391 43.01 30.16 7.12
C GLU B 391 41.99 30.61 6.07
N SER B 392 40.72 30.29 6.30
CA SER B 392 39.69 30.60 5.31
C SER B 392 38.80 31.76 5.72
N THR B 393 39.17 32.44 6.80
CA THR B 393 38.39 33.57 7.30
C THR B 393 38.36 34.71 6.29
N GLU B 394 39.50 35.03 5.70
CA GLU B 394 39.56 36.09 4.70
C GLU B 394 38.66 35.76 3.51
N ASP B 395 38.68 34.51 3.07
CA ASP B 395 37.80 34.10 1.97
C ASP B 395 36.32 34.16 2.37
N PHE B 396 36.03 33.82 3.63
CA PHE B 396 34.65 33.79 4.11
C PHE B 396 33.95 35.14 3.96
N TRP B 397 34.61 36.21 4.37
CA TRP B 397 34.04 37.54 4.20
C TRP B 397 33.95 37.88 2.73
N ARG B 398 34.93 37.45 1.95
CA ARG B 398 34.93 37.72 0.52
C ARG B 398 33.77 37.01 -0.15
N MET B 399 33.39 35.85 0.36
CA MET B 399 32.26 35.11 -0.20
C MET B 399 30.96 35.86 -0.01
N LEU B 400 30.75 36.36 1.19
CA LEU B 400 29.56 37.12 1.53
C LEU B 400 29.43 38.39 0.70
N TRP B 401 30.55 38.98 0.34
CA TRP B 401 30.50 40.21 -0.43
C TRP B 401 30.17 39.96 -1.88
N GLU B 402 30.90 39.02 -2.47
CA GLU B 402 30.79 38.73 -3.90
C GLU B 402 29.44 38.12 -4.26
N HIS B 403 28.75 37.61 -3.25
CA HIS B 403 27.48 36.94 -3.46
C HIS B 403 26.33 37.61 -2.71
N ASN B 404 26.53 38.88 -2.36
CA ASN B 404 25.50 39.73 -1.75
CA ASN B 404 25.50 39.74 -1.74
C ASN B 404 24.75 39.09 -0.57
N SER B 405 25.42 38.26 0.21
CA SER B 405 24.82 37.66 1.40
C SER B 405 25.02 38.58 2.59
N THR B 406 23.93 39.00 3.23
CA THR B 406 24.02 39.92 4.36
C THR B 406 23.35 39.36 5.60
N ILE B 407 23.10 38.06 5.60
CA ILE B 407 22.55 37.37 6.75
C ILE B 407 23.32 36.08 6.98
N ILE B 408 23.95 35.96 8.15
CA ILE B 408 24.70 34.75 8.47
C ILE B 408 23.98 33.95 9.55
N VAL B 409 24.00 32.63 9.43
CA VAL B 409 23.44 31.78 10.47
C VAL B 409 24.49 30.82 11.01
N MET B 410 24.81 30.99 12.28
CA MET B 410 25.78 30.13 12.95
C MET B 410 25.07 29.19 13.91
N LEU B 411 25.31 27.91 13.77
CA LEU B 411 24.55 26.92 14.53
C LEU B 411 25.37 26.20 15.58
N THR B 412 26.54 26.73 15.88
CA THR B 412 27.40 26.15 16.91
C THR B 412 27.99 27.22 17.83
N LYS B 413 28.47 26.81 19.00
CA LYS B 413 29.30 27.69 19.81
C LYS B 413 30.71 27.60 19.24
N LEU B 414 31.58 28.52 19.63
CA LEU B 414 32.96 28.49 19.19
C LEU B 414 33.66 27.23 19.63
N ARG B 415 33.34 26.79 20.85
CA ARG B 415 33.89 25.55 21.38
C ARG B 415 32.77 24.69 21.97
N GLU B 416 32.83 23.39 21.70
CA GLU B 416 31.89 22.45 22.27
C GLU B 416 32.60 21.15 22.66
N MET B 417 32.16 20.56 23.76
CA MET B 417 32.71 19.31 24.24
C MET B 417 34.23 19.36 24.43
N GLY B 418 34.75 20.55 24.73
CA GLY B 418 36.19 20.74 24.93
C GLY B 418 36.96 20.84 23.64
N ARG B 419 36.24 20.94 22.52
CA ARG B 419 36.89 21.02 21.22
C ARG B 419 36.41 22.22 20.42
N GLU B 420 37.25 22.69 19.52
CA GLU B 420 36.90 23.82 18.68
C GLU B 420 35.96 23.36 17.57
N LYS B 421 34.83 24.05 17.43
CA LYS B 421 33.87 23.75 16.38
C LYS B 421 33.96 24.76 15.26
N CYS B 422 34.42 25.96 15.60
CA CYS B 422 34.47 27.08 14.66
C CYS B 422 35.48 28.13 15.11
N HIS B 423 36.16 28.76 14.16
CA HIS B 423 37.07 29.84 14.47
C HIS B 423 36.29 31.14 14.59
N GLN B 424 36.71 32.02 15.50
CA GLN B 424 36.03 33.29 15.64
C GLN B 424 36.43 34.20 14.49
N TYR B 425 35.58 34.24 13.47
CA TYR B 425 35.88 35.00 12.26
C TYR B 425 35.41 36.44 12.39
N TRP B 426 34.80 36.78 13.51
CA TRP B 426 34.28 38.14 13.70
C TRP B 426 34.94 38.88 14.85
N PRO B 427 35.10 40.19 14.70
CA PRO B 427 35.64 41.07 15.74
C PRO B 427 34.60 41.36 16.82
N ALA B 428 35.02 41.42 18.08
CA ALA B 428 34.05 41.52 19.18
C ALA B 428 33.92 42.93 19.75
N GLU B 429 35.04 43.54 20.09
CA GLU B 429 35.02 44.85 20.73
C GLU B 429 35.63 45.86 19.78
N ARG B 430 36.45 45.35 18.88
CA ARG B 430 37.21 46.20 17.97
C ARG B 430 37.04 45.86 16.50
N SER B 431 37.55 46.71 15.63
CA SER B 431 37.56 46.45 14.20
C SER B 431 38.58 45.39 13.84
N ALA B 432 38.49 44.90 12.61
CA ALA B 432 39.47 43.97 12.08
C ALA B 432 39.58 44.17 10.58
N ARG B 433 40.78 44.02 10.03
CA ARG B 433 40.92 44.13 8.58
C ARG B 433 41.24 42.76 8.00
N TYR B 434 40.42 42.31 7.07
CA TYR B 434 40.66 41.05 6.40
C TYR B 434 40.92 41.25 4.90
N GLN B 435 42.18 41.47 4.55
CA GLN B 435 42.60 41.80 3.19
C GLN B 435 41.92 43.08 2.68
N TYR B 436 40.92 42.91 1.83
CA TYR B 436 40.24 44.03 1.21
C TYR B 436 39.09 44.56 2.07
N PHE B 437 38.79 43.86 3.16
CA PHE B 437 37.59 44.20 3.93
C PHE B 437 37.88 44.60 5.37
N VAL B 438 37.21 45.67 5.81
CA VAL B 438 37.25 46.12 7.18
C VAL B 438 35.93 45.83 7.88
N VAL B 439 35.96 45.03 8.94
CA VAL B 439 34.75 44.67 9.65
C VAL B 439 34.62 45.40 11.00
N ASP B 440 33.65 46.31 11.08
CA ASP B 440 33.37 47.10 12.29
C ASP B 440 32.17 46.55 13.04
N PRO B 441 32.35 46.21 14.31
CA PRO B 441 31.21 45.81 15.16
C PRO B 441 30.22 46.94 15.37
N MET B 442 28.95 46.78 15.01
CA MET B 442 27.98 47.84 15.25
C MET B 442 27.19 47.57 16.52
N ALA B 443 26.71 46.34 16.68
CA ALA B 443 25.84 46.02 17.79
C ALA B 443 25.85 44.53 18.10
N GLU B 444 25.30 44.19 19.26
CA GLU B 444 25.20 42.80 19.68
C GLU B 444 24.02 42.62 20.62
N TYR B 445 23.13 41.70 20.30
CA TYR B 445 21.91 41.52 21.09
C TYR B 445 21.74 40.10 21.60
N ASN B 446 21.55 39.96 22.90
CA ASN B 446 21.42 38.65 23.52
C ASN B 446 19.98 38.26 23.72
N MET B 447 19.59 37.13 23.16
CA MET B 447 18.23 36.63 23.26
C MET B 447 18.26 35.29 23.97
N PRO B 448 17.11 34.84 24.52
CA PRO B 448 17.09 33.62 25.33
C PRO B 448 17.82 32.45 24.70
N GLN B 449 17.59 32.20 23.42
CA GLN B 449 18.15 31.00 22.79
C GLN B 449 19.05 31.34 21.60
N TYR B 450 19.35 32.61 21.40
CA TYR B 450 20.25 33.03 20.33
C TYR B 450 20.89 34.40 20.56
N ILE B 451 21.86 34.72 19.73
CA ILE B 451 22.55 36.01 19.78
C ILE B 451 22.55 36.67 18.40
N LEU B 452 22.35 37.98 18.35
CA LEU B 452 22.41 38.69 17.08
C LEU B 452 23.53 39.71 17.06
N ARG B 453 24.42 39.59 16.08
CA ARG B 453 25.50 40.56 15.92
C ARG B 453 25.40 41.29 14.59
N GLU B 454 25.45 42.62 14.63
CA GLU B 454 25.44 43.42 13.42
C GLU B 454 26.85 43.98 13.17
N PHE B 455 27.32 43.86 11.93
CA PHE B 455 28.65 44.36 11.55
C PHE B 455 28.53 45.34 10.40
N LYS B 456 29.47 46.27 10.31
CA LYS B 456 29.56 47.12 9.14
C LYS B 456 30.79 46.77 8.32
N VAL B 457 30.58 46.11 7.18
CA VAL B 457 31.68 45.66 6.33
C VAL B 457 31.99 46.70 5.25
N THR B 458 33.27 47.01 5.08
CA THR B 458 33.69 48.01 4.10
C THR B 458 34.74 47.43 3.14
N ASP B 459 34.49 47.56 1.84
CA ASP B 459 35.49 47.20 0.84
C ASP B 459 36.49 48.35 0.80
N ALA B 460 37.73 48.09 1.20
CA ALA B 460 38.75 49.14 1.31
C ALA B 460 39.17 49.70 -0.04
N ARG B 461 38.80 48.98 -1.09
CA ARG B 461 39.18 49.35 -2.45
C ARG B 461 38.36 50.52 -3.00
N ASP B 462 37.05 50.50 -2.79
CA ASP B 462 36.18 51.53 -3.34
C ASP B 462 35.40 52.28 -2.27
N GLY B 463 35.35 51.72 -1.06
CA GLY B 463 34.72 52.40 0.06
C GLY B 463 33.24 52.12 0.28
N GLN B 464 32.68 51.18 -0.49
CA GLN B 464 31.28 50.81 -0.32
C GLN B 464 31.10 49.99 0.94
N SER B 465 29.96 50.13 1.60
CA SER B 465 29.74 49.42 2.85
C SER B 465 28.38 48.76 2.90
N ARG B 466 28.30 47.64 3.62
CA ARG B 466 27.06 46.92 3.83
C ARG B 466 26.90 46.54 5.30
N THR B 467 25.67 46.36 5.75
CA THR B 467 25.44 45.84 7.09
C THR B 467 25.22 44.34 7.00
N ILE B 468 26.08 43.56 7.65
CA ILE B 468 25.92 42.10 7.69
C ILE B 468 25.47 41.72 9.08
N ARG B 469 24.45 40.88 9.18
CA ARG B 469 23.97 40.44 10.48
C ARG B 469 24.20 38.96 10.69
N GLN B 470 24.55 38.59 11.91
CA GLN B 470 24.84 37.20 12.22
C GLN B 470 23.90 36.69 13.29
N PHE B 471 23.21 35.59 13.02
CA PHE B 471 22.35 34.95 14.00
C PHE B 471 23.02 33.69 14.52
N GLN B 472 23.37 33.66 15.79
CA GLN B 472 23.99 32.47 16.37
C GLN B 472 23.05 31.74 17.32
N PHE B 473 22.69 30.50 17.00
CA PHE B 473 21.86 29.69 17.88
C PHE B 473 22.69 29.11 19.00
N THR B 474 22.33 29.42 20.25
CA THR B 474 23.15 29.06 21.39
C THR B 474 22.59 27.94 22.28
N ASP B 475 21.37 27.50 22.00
CA ASP B 475 20.71 26.51 22.85
C ASP B 475 20.75 25.12 22.23
N TRP B 476 21.78 24.88 21.42
CA TRP B 476 21.96 23.55 20.86
C TRP B 476 22.85 22.72 21.77
N PRO B 477 22.28 21.62 22.30
CA PRO B 477 23.00 20.74 23.22
C PRO B 477 24.27 20.24 22.56
N GLU B 478 25.35 20.20 23.33
CA GLU B 478 26.65 19.82 22.79
C GLU B 478 26.72 18.32 22.52
N GLN B 479 25.71 17.59 23.02
CA GLN B 479 25.55 16.18 22.71
C GLN B 479 24.12 15.92 22.28
N GLY B 480 23.96 15.39 21.07
CA GLY B 480 22.65 15.08 20.54
C GLY B 480 21.90 16.30 20.06
N VAL B 481 20.58 16.19 20.02
CA VAL B 481 19.73 17.23 19.48
C VAL B 481 18.72 17.73 20.54
N PRO B 482 18.18 18.94 20.34
CA PRO B 482 17.18 19.49 21.27
C PRO B 482 16.00 18.56 21.54
N LYS B 483 15.50 18.63 22.77
CA LYS B 483 14.36 17.85 23.19
C LYS B 483 13.12 18.28 22.42
N THR B 484 12.93 19.59 22.31
CA THR B 484 11.85 20.16 21.53
C THR B 484 12.46 21.02 20.45
N GLY B 485 11.68 21.32 19.41
CA GLY B 485 12.17 22.18 18.36
C GLY B 485 11.61 23.59 18.52
N GLU B 486 10.89 23.81 19.62
CA GLU B 486 10.24 25.08 19.89
C GLU B 486 11.18 26.28 19.75
N GLY B 487 12.32 26.22 20.44
CA GLY B 487 13.29 27.31 20.40
C GLY B 487 13.90 27.49 19.02
N PHE B 488 14.18 26.37 18.35
CA PHE B 488 14.81 26.41 17.03
C PHE B 488 13.86 26.90 15.96
N ILE B 489 12.60 26.50 16.04
CA ILE B 489 11.58 26.96 15.10
C ILE B 489 11.44 28.49 15.12
N ASP B 490 11.33 29.05 16.31
CA ASP B 490 11.25 30.50 16.46
C ASP B 490 12.47 31.19 15.88
N PHE B 491 13.63 30.57 16.05
CA PHE B 491 14.87 31.09 15.50
C PHE B 491 14.79 31.15 13.97
N ILE B 492 14.40 30.05 13.36
CA ILE B 492 14.23 30.00 11.91
C ILE B 492 13.25 31.09 11.46
N GLY B 493 12.19 31.26 12.24
CA GLY B 493 11.23 32.31 11.98
C GLY B 493 11.83 33.70 12.06
N GLN B 494 12.64 33.93 13.08
CA GLN B 494 13.25 35.24 13.28
C GLN B 494 14.23 35.58 12.18
N VAL B 495 14.99 34.59 11.76
CA VAL B 495 15.95 34.78 10.67
C VAL B 495 15.27 35.18 9.39
N HIS B 496 14.22 34.44 9.02
CA HIS B 496 13.49 34.70 7.79
C HIS B 496 12.59 35.91 7.90
N LYS B 497 12.08 36.19 9.10
CA LYS B 497 11.30 37.42 9.30
C LYS B 497 12.19 38.63 9.05
N THR B 498 13.43 38.54 9.49
CA THR B 498 14.41 39.60 9.29
C THR B 498 14.73 39.79 7.82
N LYS B 499 14.99 38.69 7.12
CA LYS B 499 15.25 38.72 5.68
C LYS B 499 14.13 39.44 4.96
N GLU B 500 12.90 39.17 5.38
CA GLU B 500 11.72 39.79 4.79
C GLU B 500 11.57 41.25 5.19
N GLN B 501 11.69 41.53 6.49
CA GLN B 501 11.45 42.87 7.00
C GLN B 501 12.46 43.88 6.49
N PHE B 502 13.67 43.42 6.21
CA PHE B 502 14.72 44.35 5.82
C PHE B 502 14.99 44.38 4.32
N GLY B 503 14.27 43.55 3.58
CA GLY B 503 14.43 43.51 2.13
C GLY B 503 15.80 43.08 1.67
N GLN B 504 16.33 42.02 2.28
CA GLN B 504 17.62 41.48 1.88
C GLN B 504 17.49 40.37 0.84
N ASP B 505 17.86 40.67 -0.40
CA ASP B 505 17.59 39.76 -1.51
C ASP B 505 18.56 38.59 -1.63
N GLY B 506 19.73 38.71 -1.02
CA GLY B 506 20.77 37.71 -1.16
C GLY B 506 20.54 36.40 -0.43
N PRO B 507 21.48 35.45 -0.58
CA PRO B 507 21.36 34.17 0.12
C PRO B 507 21.58 34.30 1.61
N ILE B 508 21.15 33.30 2.35
CA ILE B 508 21.36 33.25 3.79
C ILE B 508 22.49 32.25 4.04
N THR B 509 23.64 32.74 4.49
CA THR B 509 24.79 31.86 4.69
C THR B 509 24.69 31.14 6.02
N VAL B 510 24.67 29.81 5.94
CA VAL B 510 24.48 28.99 7.10
C VAL B 510 25.69 28.09 7.36
N HIS B 511 26.20 28.11 8.59
CA HIS B 511 27.31 27.21 8.90
C HIS B 511 27.19 26.64 10.30
N CYS B 512 27.63 25.40 10.42
CA CYS B 512 27.76 24.74 11.71
C CYS B 512 29.17 24.20 11.78
N SER B 513 29.32 22.95 12.23
CA SER B 513 30.62 22.33 12.27
C SER B 513 31.07 21.95 10.85
N ALA B 514 30.49 20.90 10.30
CA ALA B 514 30.86 20.48 8.96
C ALA B 514 30.03 21.19 7.89
N GLY B 515 28.93 21.80 8.30
CA GLY B 515 28.09 22.49 7.37
C GLY B 515 27.18 21.51 6.66
N VAL B 516 26.86 20.41 7.33
CA VAL B 516 25.97 19.42 6.75
C VAL B 516 24.93 18.91 7.75
N GLY B 517 25.33 18.80 9.01
CA GLY B 517 24.46 18.23 10.02
C GLY B 517 23.40 19.21 10.47
N ARG B 518 23.80 20.13 11.34
CA ARG B 518 22.88 21.13 11.86
C ARG B 518 22.44 22.06 10.74
N THR B 519 23.34 22.32 9.80
CA THR B 519 23.01 23.14 8.65
C THR B 519 21.89 22.48 7.85
N GLY B 520 21.98 21.17 7.70
CA GLY B 520 20.95 20.42 7.03
C GLY B 520 19.61 20.68 7.68
N VAL B 521 19.56 20.55 9.00
CA VAL B 521 18.31 20.70 9.73
C VAL B 521 17.70 22.09 9.56
N PHE B 522 18.54 23.13 9.63
CA PHE B 522 18.04 24.49 9.48
C PHE B 522 17.37 24.67 8.12
N ILE B 523 18.10 24.34 7.07
CA ILE B 523 17.65 24.51 5.70
C ILE B 523 16.50 23.56 5.36
N THR B 524 16.57 22.32 5.85
CA THR B 524 15.45 21.40 5.73
C THR B 524 14.19 21.98 6.37
N LEU B 525 14.32 22.47 7.60
CA LEU B 525 13.17 23.02 8.30
C LEU B 525 12.68 24.32 7.68
N SER B 526 13.60 25.15 7.22
CA SER B 526 13.23 26.39 6.55
C SER B 526 12.31 26.14 5.36
N ILE B 527 12.53 25.04 4.64
CA ILE B 527 11.75 24.67 3.46
C ILE B 527 10.47 23.91 3.79
N VAL B 528 10.60 22.90 4.63
CA VAL B 528 9.47 22.06 4.98
C VAL B 528 8.37 22.84 5.67
N LEU B 529 8.75 23.70 6.60
CA LEU B 529 7.78 24.45 7.38
C LEU B 529 7.01 25.43 6.51
N GLU B 530 7.71 26.06 5.57
CA GLU B 530 7.03 27.01 4.71
C GLU B 530 6.08 26.32 3.74
N ARG B 531 6.52 25.21 3.16
CA ARG B 531 5.66 24.45 2.26
C ARG B 531 4.46 23.93 3.04
N MET B 532 4.68 23.56 4.30
CA MET B 532 3.58 23.04 5.10
C MET B 532 2.50 24.07 5.31
N ARG B 533 2.92 25.32 5.45
CA ARG B 533 2.01 26.43 5.68
C ARG B 533 1.24 26.79 4.41
N TYR B 534 1.88 26.63 3.26
CA TYR B 534 1.28 27.08 2.01
C TYR B 534 0.64 25.96 1.18
N GLU B 535 1.07 24.72 1.37
CA GLU B 535 0.52 23.65 0.56
C GLU B 535 -0.14 22.57 1.41
N GLY B 536 0.02 22.67 2.73
CA GLY B 536 -0.60 21.75 3.65
C GLY B 536 -0.14 20.30 3.57
N VAL B 537 1.08 20.09 3.07
CA VAL B 537 1.66 18.75 2.98
C VAL B 537 3.10 18.73 3.51
N VAL B 538 3.60 17.53 3.83
CA VAL B 538 4.97 17.38 4.33
C VAL B 538 5.68 16.21 3.66
N ASP B 539 6.76 16.49 2.94
CA ASP B 539 7.59 15.46 2.34
C ASP B 539 9.01 15.61 2.84
N MET B 540 9.29 15.06 4.02
CA MET B 540 10.59 15.19 4.65
C MET B 540 11.67 14.54 3.78
N PHE B 541 11.42 13.32 3.32
CA PHE B 541 12.38 12.55 2.52
C PHE B 541 12.80 13.28 1.25
N GLN B 542 11.83 13.75 0.47
CA GLN B 542 12.15 14.44 -0.78
C GLN B 542 12.91 15.74 -0.53
N THR B 543 12.62 16.40 0.60
CA THR B 543 13.30 17.64 0.93
C THR B 543 14.79 17.44 1.17
N VAL B 544 15.10 16.44 1.99
CA VAL B 544 16.46 16.12 2.34
C VAL B 544 17.22 15.52 1.16
N LYS B 545 16.58 14.64 0.41
CA LYS B 545 17.24 14.03 -0.72
C LYS B 545 17.61 15.10 -1.73
N THR B 546 16.70 16.04 -1.93
CA THR B 546 16.95 17.14 -2.85
C THR B 546 18.14 17.98 -2.39
N LEU B 547 18.26 18.17 -1.09
CA LEU B 547 19.38 18.92 -0.55
C LEU B 547 20.70 18.22 -0.81
N ARG B 548 20.71 16.89 -0.65
CA ARG B 548 21.93 16.12 -0.83
C ARG B 548 22.39 16.11 -2.26
N THR B 549 21.56 16.63 -3.16
CA THR B 549 21.95 16.75 -4.56
C THR B 549 22.74 18.02 -4.81
N GLN B 550 22.84 18.87 -3.79
CA GLN B 550 23.57 20.12 -3.92
C GLN B 550 24.75 20.19 -2.95
N ARG B 551 24.67 19.42 -1.88
CA ARG B 551 25.74 19.31 -0.91
C ARG B 551 25.59 17.99 -0.18
N PRO B 552 26.68 17.21 -0.12
CA PRO B 552 26.61 15.84 0.38
C PRO B 552 26.27 15.75 1.86
N ALA B 553 25.60 14.66 2.23
CA ALA B 553 25.39 14.31 3.64
C ALA B 553 24.63 15.35 4.43
N MET B 554 23.71 16.05 3.78
CA MET B 554 22.86 16.97 4.53
C MET B 554 22.02 16.16 5.49
N VAL B 555 21.90 16.65 6.72
CA VAL B 555 21.29 15.93 7.83
C VAL B 555 22.06 14.64 8.06
N GLN B 556 23.06 14.71 8.94
CA GLN B 556 24.08 13.68 9.01
C GLN B 556 23.68 12.50 9.89
N THR B 557 22.88 12.75 10.91
CA THR B 557 22.54 11.68 11.85
C THR B 557 21.04 11.46 11.91
N GLU B 558 20.63 10.29 12.38
CA GLU B 558 19.21 9.94 12.43
C GLU B 558 18.42 10.81 13.42
N ASP B 559 19.01 11.14 14.56
CA ASP B 559 18.27 11.94 15.54
C ASP B 559 18.09 13.35 15.03
N GLN B 560 18.97 13.77 14.12
CA GLN B 560 18.78 15.05 13.45
C GLN B 560 17.58 14.96 12.50
N TYR B 561 17.46 13.82 11.85
CA TYR B 561 16.32 13.55 10.99
C TYR B 561 15.07 13.47 11.85
N GLN B 562 15.16 12.77 12.97
CA GLN B 562 14.08 12.74 13.96
C GLN B 562 13.68 14.14 14.39
N LEU B 563 14.67 14.99 14.59
CA LEU B 563 14.42 16.35 15.03
C LEU B 563 13.52 17.06 14.02
N CYS B 564 13.76 16.78 12.74
CA CYS B 564 13.02 17.42 11.66
C CYS B 564 11.53 17.11 11.71
N TYR B 565 11.18 15.85 11.92
CA TYR B 565 9.78 15.49 12.05
C TYR B 565 9.14 16.12 13.28
N ARG B 566 9.82 16.00 14.41
CA ARG B 566 9.26 16.51 15.66
C ARG B 566 8.98 18.02 15.63
N ALA B 567 9.95 18.81 15.14
CA ALA B 567 9.76 20.25 15.03
C ALA B 567 8.62 20.59 14.06
N ALA B 568 8.60 19.88 12.93
CA ALA B 568 7.54 20.07 11.95
C ALA B 568 6.20 19.78 12.59
N LEU B 569 6.16 18.71 13.39
CA LEU B 569 4.96 18.35 14.11
C LEU B 569 4.58 19.43 15.11
N GLU B 570 5.57 20.03 15.75
CA GLU B 570 5.31 21.11 16.70
C GLU B 570 4.75 22.35 16.00
N TYR B 571 5.32 22.70 14.85
CA TYR B 571 4.86 23.86 14.09
C TYR B 571 3.42 23.68 13.64
N LEU B 572 3.08 22.45 13.27
CA LEU B 572 1.72 22.14 12.85
C LEU B 572 0.72 22.37 13.97
N GLY B 573 1.14 22.05 15.19
CA GLY B 573 0.27 22.22 16.35
C GLY B 573 -0.12 23.66 16.63
N SER B 574 0.64 24.59 16.08
CA SER B 574 0.38 26.01 16.30
C SER B 574 -0.62 26.55 15.27
N PHE B 575 -1.15 25.66 14.45
CA PHE B 575 -2.16 26.04 13.47
C PHE B 575 -3.54 25.63 13.98
N ASP B 576 -4.57 25.97 13.22
CA ASP B 576 -5.94 25.78 13.67
C ASP B 576 -6.37 24.31 13.61
N HIS C 1 36.24 -12.30 -6.15
CA HIS C 1 36.98 -12.24 -7.41
C HIS C 1 37.89 -13.43 -7.56
N MET C 2 37.97 -13.96 -8.78
CA MET C 2 38.80 -15.11 -9.06
C MET C 2 40.24 -14.72 -9.26
N GLY C 3 40.80 -14.05 -8.27
CA GLY C 3 42.16 -13.57 -8.33
C GLY C 3 42.41 -12.60 -7.19
N SER C 4 43.46 -11.80 -7.33
CA SER C 4 43.87 -10.86 -6.31
C SER C 4 42.88 -9.72 -6.20
N ILE C 5 42.59 -9.30 -4.97
CA ILE C 5 41.71 -8.17 -4.69
C ILE C 5 42.44 -7.10 -3.91
N PRO C 6 42.41 -5.84 -4.39
CA PRO C 6 42.96 -4.79 -3.54
C PRO C 6 42.10 -4.62 -2.30
N ILE C 7 42.72 -4.49 -1.13
CA ILE C 7 42.00 -4.45 0.14
C ILE C 7 40.99 -3.31 0.19
N THR C 8 41.27 -2.24 -0.52
CA THR C 8 40.36 -1.11 -0.55
C THR C 8 39.06 -1.50 -1.24
N ASP C 9 39.18 -2.38 -2.21
CA ASP C 9 38.02 -2.76 -3.00
C ASP C 9 37.38 -4.02 -2.45
N LEU C 10 37.92 -4.49 -1.34
CA LEU C 10 37.49 -5.75 -0.75
C LEU C 10 36.01 -5.71 -0.34
N ALA C 11 35.58 -4.70 0.41
CA ALA C 11 34.19 -4.56 0.82
C ALA C 11 33.25 -4.49 -0.38
N ASP C 12 33.65 -3.73 -1.39
CA ASP C 12 32.87 -3.54 -2.59
C ASP C 12 32.66 -4.83 -3.34
N ASN C 13 33.73 -5.63 -3.39
CA ASN C 13 33.69 -6.93 -4.03
C ASN C 13 32.75 -7.89 -3.33
N ILE C 14 32.76 -7.86 -2.01
CA ILE C 14 31.93 -8.77 -1.23
C ILE C 14 30.45 -8.47 -1.47
N GLU C 15 30.11 -7.21 -1.64
CA GLU C 15 28.74 -6.86 -1.98
C GLU C 15 28.31 -7.51 -3.27
N ARG C 16 29.18 -7.47 -4.27
CA ARG C 16 28.88 -8.06 -5.57
C ARG C 16 28.77 -9.58 -5.54
N LEU C 17 29.67 -10.21 -4.80
CA LEU C 17 29.64 -11.64 -4.59
C LEU C 17 28.39 -12.05 -3.80
N LYS C 18 27.95 -11.20 -2.88
CA LYS C 18 26.79 -11.51 -2.02
C LYS C 18 25.46 -11.24 -2.68
N ALA C 19 25.47 -10.35 -3.67
CA ALA C 19 24.26 -9.91 -4.36
C ALA C 19 23.52 -11.07 -5.03
N ASN C 20 22.23 -10.87 -5.28
CA ASN C 20 21.38 -11.84 -5.98
C ASN C 20 21.40 -13.22 -5.34
N ASP C 21 21.11 -13.27 -4.04
CA ASP C 21 21.20 -14.49 -3.25
C ASP C 21 22.57 -15.13 -3.29
N GLY C 22 23.62 -14.32 -3.42
CA GLY C 22 24.97 -14.81 -3.44
C GLY C 22 25.29 -15.63 -4.66
N LEU C 23 24.80 -15.19 -5.81
CA LEU C 23 25.01 -15.88 -7.06
C LEU C 23 26.49 -15.96 -7.43
N LYS C 24 27.13 -14.79 -7.50
CA LYS C 24 28.56 -14.69 -7.80
C LYS C 24 29.44 -15.46 -6.80
N PHE C 25 29.08 -15.43 -5.53
CA PHE C 25 29.82 -16.18 -4.52
C PHE C 25 29.76 -17.69 -4.79
N SER C 26 28.58 -18.19 -5.11
CA SER C 26 28.38 -19.61 -5.38
C SER C 26 29.14 -20.08 -6.61
N GLN C 27 29.00 -19.34 -7.69
CA GLN C 27 29.65 -19.66 -8.94
C GLN C 27 31.16 -19.71 -8.75
N GLU C 28 31.70 -18.75 -8.01
CA GLU C 28 33.14 -18.69 -7.73
C GLU C 28 33.64 -19.87 -6.89
N TYR C 29 32.96 -20.13 -5.79
CA TYR C 29 33.39 -21.20 -4.91
C TYR C 29 33.33 -22.55 -5.66
N GLU C 30 32.39 -22.71 -6.57
CA GLU C 30 32.24 -23.95 -7.31
C GLU C 30 33.31 -24.09 -8.38
N SER C 31 33.90 -22.98 -8.80
CA SER C 31 34.85 -23.05 -9.90
C SER C 31 36.25 -23.44 -9.45
N ILE C 32 36.47 -23.42 -8.14
CA ILE C 32 37.76 -23.72 -7.56
C ILE C 32 38.23 -25.11 -7.97
N ASP C 33 39.34 -25.14 -8.69
CA ASP C 33 39.91 -26.37 -9.22
C ASP C 33 41.42 -26.20 -9.40
N PRO C 34 42.22 -26.99 -8.67
CA PRO C 34 43.69 -27.05 -8.75
C PRO C 34 44.16 -27.52 -10.11
N GLY C 35 43.31 -28.24 -10.83
CA GLY C 35 43.58 -28.65 -12.19
C GLY C 35 44.62 -29.74 -12.34
N GLN C 36 44.66 -30.63 -11.36
CA GLN C 36 45.56 -31.76 -11.41
C GLN C 36 44.90 -33.00 -10.81
N GLN C 37 45.51 -34.16 -11.03
CA GLN C 37 45.02 -35.40 -10.44
C GLN C 37 45.94 -35.88 -9.33
N PHE C 38 45.36 -36.57 -8.36
CA PHE C 38 46.07 -36.97 -7.16
C PHE C 38 46.00 -38.45 -6.94
N THR C 39 46.74 -38.93 -5.94
CA THR C 39 46.68 -40.33 -5.55
C THR C 39 46.57 -40.36 -4.04
N TRP C 40 46.03 -41.44 -3.51
CA TRP C 40 45.93 -41.63 -2.07
C TRP C 40 46.16 -43.09 -1.74
N GLU C 41 47.18 -43.66 -2.37
CA GLU C 41 47.52 -45.08 -2.25
C GLU C 41 47.84 -45.53 -0.84
N ASN C 42 48.58 -44.71 -0.09
CA ASN C 42 48.91 -45.00 1.30
C ASN C 42 47.71 -44.94 2.24
N SER C 43 46.78 -44.03 1.99
CA SER C 43 45.55 -43.96 2.77
C SER C 43 44.68 -45.20 2.51
N ASN C 44 44.92 -45.85 1.37
CA ASN C 44 44.14 -47.02 0.95
C ASN C 44 44.70 -48.34 1.43
N LEU C 45 45.91 -48.33 1.94
CA LEU C 45 46.51 -49.56 2.43
C LEU C 45 45.69 -50.15 3.53
N GLU C 46 45.50 -51.46 3.51
CA GLU C 46 44.63 -52.08 4.50
C GLU C 46 45.03 -51.74 5.93
N VAL C 47 46.32 -51.65 6.20
CA VAL C 47 46.79 -51.39 7.55
C VAL C 47 46.57 -49.93 7.96
N ASN C 48 46.36 -49.06 6.97
CA ASN C 48 46.20 -47.63 7.23
C ASN C 48 44.76 -47.11 7.24
N LYS C 49 43.84 -47.83 6.62
CA LYS C 49 42.44 -47.43 6.59
C LYS C 49 41.85 -47.13 7.97
N PRO C 50 42.10 -47.97 9.00
CA PRO C 50 41.56 -47.61 10.31
C PRO C 50 42.20 -46.38 10.91
N LYS C 51 43.25 -45.85 10.27
CA LYS C 51 43.89 -44.65 10.77
C LYS C 51 43.23 -43.41 10.24
N ASN C 52 42.17 -43.60 9.47
CA ASN C 52 41.40 -42.47 8.97
C ASN C 52 40.09 -42.34 9.73
N ARG C 53 39.83 -41.14 10.27
CA ARG C 53 38.61 -40.85 11.01
C ARG C 53 37.41 -40.96 10.06
N TYR C 54 37.55 -40.36 8.88
CA TYR C 54 36.57 -40.50 7.84
C TYR C 54 37.16 -41.21 6.63
N ALA C 55 36.57 -42.32 6.21
CA ALA C 55 37.09 -43.05 5.07
C ALA C 55 37.18 -42.15 3.86
N ASN C 56 36.29 -41.16 3.78
CA ASN C 56 36.23 -40.29 2.62
C ASN C 56 37.06 -39.03 2.74
N VAL C 57 37.90 -38.97 3.77
CA VAL C 57 38.85 -37.86 3.94
C VAL C 57 40.26 -38.40 4.06
N ILE C 58 41.04 -38.26 2.99
CA ILE C 58 42.30 -38.97 2.91
C ILE C 58 43.47 -38.02 2.68
N ALA C 59 44.67 -38.59 2.66
CA ALA C 59 45.89 -37.83 2.48
C ALA C 59 46.47 -38.07 1.11
N TYR C 60 46.50 -37.00 0.31
CA TYR C 60 47.16 -37.04 -0.97
C TYR C 60 48.58 -37.47 -0.75
N ASP C 61 49.09 -38.32 -1.64
CA ASP C 61 50.39 -38.92 -1.46
C ASP C 61 51.52 -37.93 -1.54
N HIS C 62 51.42 -37.02 -2.50
CA HIS C 62 52.53 -36.13 -2.83
C HIS C 62 52.81 -35.09 -1.75
N SER C 63 51.84 -34.85 -0.88
CA SER C 63 51.95 -33.81 0.14
C SER C 63 51.78 -34.33 1.57
N ARG C 64 51.63 -35.63 1.74
CA ARG C 64 51.39 -36.18 3.07
C ARG C 64 52.58 -36.05 3.98
N VAL C 65 52.34 -36.00 5.28
CA VAL C 65 53.43 -36.02 6.23
C VAL C 65 53.86 -37.45 6.44
N ILE C 66 55.12 -37.72 6.15
CA ILE C 66 55.65 -39.04 6.29
C ILE C 66 56.45 -39.14 7.59
N LEU C 67 56.03 -40.06 8.44
CA LEU C 67 56.75 -40.40 9.64
C LEU C 67 57.91 -41.34 9.37
N THR C 68 58.90 -41.33 10.25
CA THR C 68 59.96 -42.28 10.14
C THR C 68 59.37 -43.64 10.45
N SER C 69 59.85 -44.66 9.75
CA SER C 69 59.40 -46.04 9.95
C SER C 69 59.93 -46.66 11.22
N ILE C 70 59.09 -47.46 11.85
CA ILE C 70 59.44 -48.31 12.97
C ILE C 70 59.62 -49.72 12.44
N ASP C 71 60.82 -50.29 12.60
CA ASP C 71 61.15 -51.60 12.05
C ASP C 71 60.24 -52.73 12.51
N GLY C 72 59.71 -53.49 11.55
CA GLY C 72 58.88 -54.64 11.87
C GLY C 72 57.40 -54.30 11.86
N VAL C 73 57.09 -53.02 11.68
CA VAL C 73 55.71 -52.56 11.67
C VAL C 73 55.37 -51.91 10.34
N PRO C 74 54.72 -52.67 9.46
CA PRO C 74 54.25 -52.07 8.21
C PRO C 74 53.23 -50.96 8.46
N GLY C 75 53.33 -49.89 7.68
CA GLY C 75 52.44 -48.75 7.78
C GLY C 75 52.77 -47.75 8.87
N SER C 76 53.93 -47.88 9.51
CA SER C 76 54.32 -47.03 10.64
C SER C 76 54.67 -45.61 10.21
N ASP C 77 54.80 -45.39 8.91
CA ASP C 77 55.14 -44.09 8.35
C ASP C 77 53.92 -43.19 8.05
N TYR C 78 52.72 -43.71 8.28
CA TYR C 78 51.51 -43.03 7.84
C TYR C 78 50.74 -42.27 8.92
N ILE C 79 50.30 -41.07 8.57
CA ILE C 79 49.31 -40.34 9.34
C ILE C 79 48.46 -39.55 8.35
N ASN C 80 47.16 -39.46 8.60
CA ASN C 80 46.27 -38.65 7.77
C ASN C 80 46.59 -37.16 7.99
N ALA C 81 47.55 -36.65 7.22
CA ALA C 81 47.98 -35.28 7.35
C ALA C 81 48.65 -34.79 6.09
N ASN C 82 48.48 -33.51 5.79
CA ASN C 82 49.13 -32.92 4.63
C ASN C 82 49.78 -31.60 4.96
N TYR C 83 50.89 -31.31 4.28
CA TYR C 83 51.49 -30.01 4.32
C TYR C 83 50.61 -29.04 3.54
N ILE C 84 50.52 -27.81 4.04
CA ILE C 84 49.81 -26.76 3.34
C ILE C 84 50.69 -25.53 3.23
N ASP C 85 50.84 -24.99 2.03
CA ASP C 85 51.66 -23.80 1.84
C ASP C 85 51.00 -22.60 2.49
N GLY C 86 51.83 -21.70 3.01
CA GLY C 86 51.39 -20.42 3.55
C GLY C 86 51.77 -19.29 2.63
N TYR C 87 51.86 -18.07 3.17
CA TYR C 87 52.23 -16.93 2.35
C TYR C 87 53.75 -16.83 2.16
N ARG C 88 54.17 -17.05 0.92
CA ARG C 88 55.58 -17.04 0.56
C ARG C 88 56.41 -18.02 1.40
N LYS C 89 55.78 -19.09 1.85
CA LYS C 89 56.44 -20.17 2.56
C LYS C 89 55.79 -21.52 2.25
N GLN C 90 56.56 -22.47 1.75
CA GLN C 90 56.05 -23.78 1.39
C GLN C 90 55.98 -24.67 2.61
N ASN C 91 54.93 -25.49 2.67
CA ASN C 91 54.74 -26.43 3.76
C ASN C 91 54.76 -25.74 5.12
N ALA C 92 54.12 -24.58 5.18
CA ALA C 92 54.09 -23.75 6.37
C ALA C 92 53.24 -24.34 7.48
N TYR C 93 52.20 -25.08 7.08
CA TYR C 93 51.27 -25.70 8.03
C TYR C 93 51.18 -27.19 7.81
N ILE C 94 50.60 -27.87 8.79
CA ILE C 94 50.18 -29.25 8.64
C ILE C 94 48.71 -29.38 8.98
N ALA C 95 47.91 -29.74 7.98
CA ALA C 95 46.51 -30.04 8.20
C ALA C 95 46.31 -31.52 8.52
N THR C 96 45.68 -31.81 9.65
CA THR C 96 45.47 -33.19 10.05
C THR C 96 44.09 -33.33 10.67
N GLN C 97 43.61 -34.55 10.72
CA GLN C 97 42.36 -34.88 11.38
C GLN C 97 42.55 -34.88 12.89
N GLY C 98 41.47 -34.80 13.64
CA GLY C 98 41.56 -35.00 15.07
C GLY C 98 41.97 -36.43 15.33
N PRO C 99 43.05 -36.64 16.07
CA PRO C 99 43.58 -37.99 16.26
C PRO C 99 42.58 -38.98 16.86
N LEU C 100 42.69 -40.24 16.40
CA LEU C 100 41.93 -41.36 16.92
C LEU C 100 42.67 -42.01 18.05
N PRO C 101 41.97 -42.76 18.90
CA PRO C 101 42.63 -43.44 20.02
C PRO C 101 43.83 -44.26 19.60
N GLU C 102 43.79 -44.81 18.40
CA GLU C 102 44.86 -45.66 17.91
CA GLU C 102 44.88 -45.64 17.93
C GLU C 102 45.88 -44.89 17.06
N THR C 103 45.69 -43.58 16.89
CA THR C 103 46.70 -42.81 16.15
C THR C 103 47.27 -41.64 16.95
N MET C 104 47.02 -41.62 18.26
CA MET C 104 47.53 -40.56 19.12
C MET C 104 49.04 -40.56 19.26
N GLY C 105 49.63 -41.75 19.35
CA GLY C 105 51.06 -41.89 19.37
C GLY C 105 51.65 -41.37 18.07
N ASP C 106 51.00 -41.66 16.97
CA ASP C 106 51.49 -41.21 15.68
C ASP C 106 51.42 -39.70 15.59
N PHE C 107 50.35 -39.13 16.15
CA PHE C 107 50.13 -37.70 16.14
C PHE C 107 51.25 -36.95 16.88
N TRP C 108 51.56 -37.36 18.09
CA TRP C 108 52.60 -36.70 18.88
C TRP C 108 53.98 -36.92 18.28
N ARG C 109 54.19 -38.10 17.71
CA ARG C 109 55.44 -38.43 17.02
C ARG C 109 55.62 -37.54 15.79
N MET C 110 54.51 -37.15 15.17
CA MET C 110 54.57 -36.19 14.07
C MET C 110 55.00 -34.82 14.58
N VAL C 111 54.39 -34.40 15.68
CA VAL C 111 54.73 -33.13 16.32
C VAL C 111 56.20 -33.08 16.68
N TRP C 112 56.71 -34.19 17.19
CA TRP C 112 58.11 -34.27 17.54
C TRP C 112 59.00 -34.18 16.30
N GLU C 113 58.80 -35.07 15.35
CA GLU C 113 59.67 -35.15 14.17
C GLU C 113 59.59 -33.91 13.29
N GLN C 114 58.47 -33.20 13.31
CA GLN C 114 58.32 -31.99 12.53
C GLN C 114 58.78 -30.74 13.27
N ARG C 115 59.16 -30.92 14.53
CA ARG C 115 59.56 -29.81 15.39
C ARG C 115 58.46 -28.77 15.53
N THR C 116 57.24 -29.24 15.70
CA THR C 116 56.13 -28.36 15.87
C THR C 116 56.18 -27.78 17.27
N ALA C 117 55.97 -26.47 17.35
CA ALA C 117 55.94 -25.79 18.64
C ALA C 117 54.51 -25.45 19.02
N THR C 118 53.62 -25.43 18.03
CA THR C 118 52.25 -25.00 18.22
C THR C 118 51.20 -25.88 17.56
N VAL C 119 50.26 -26.38 18.35
CA VAL C 119 49.13 -27.13 17.82
C VAL C 119 47.84 -26.31 17.88
N VAL C 120 47.14 -26.22 16.77
CA VAL C 120 45.90 -25.45 16.76
C VAL C 120 44.71 -26.37 16.59
N MET C 121 43.89 -26.46 17.64
CA MET C 121 42.68 -27.27 17.64
C MET C 121 41.46 -26.36 17.42
N MET C 122 40.77 -26.54 16.30
CA MET C 122 39.71 -25.63 15.94
C MET C 122 38.34 -26.09 16.39
N THR C 123 38.26 -26.93 17.42
CA THR C 123 36.98 -27.48 17.82
C THR C 123 36.95 -27.92 19.28
N ARG C 124 35.75 -28.10 19.81
CA ARG C 124 35.56 -28.76 21.10
C ARG C 124 35.50 -30.26 20.87
N LEU C 125 35.69 -31.04 21.94
CA LEU C 125 35.65 -32.50 21.82
C LEU C 125 34.27 -32.99 21.38
N GLU C 126 33.25 -32.33 21.93
CA GLU C 126 31.86 -32.73 21.76
C GLU C 126 31.01 -31.51 21.46
N GLU C 127 30.20 -31.61 20.42
CA GLU C 127 29.27 -30.56 20.06
C GLU C 127 27.89 -31.18 19.80
N LYS C 128 26.88 -30.72 20.54
CA LYS C 128 25.54 -31.27 20.46
C LYS C 128 25.53 -32.79 20.69
N SER C 129 26.17 -33.21 21.77
CA SER C 129 26.19 -34.61 22.18
C SER C 129 26.84 -35.51 21.14
N ARG C 130 27.60 -34.91 20.23
CA ARG C 130 28.30 -35.69 19.21
C ARG C 130 29.79 -35.51 19.32
N VAL C 131 30.52 -36.60 19.40
CA VAL C 131 31.97 -36.53 19.50
C VAL C 131 32.56 -36.02 18.19
N LYS C 132 33.27 -34.90 18.26
CA LYS C 132 33.92 -34.33 17.08
C LYS C 132 35.38 -34.74 16.97
N CYS C 133 35.96 -35.08 18.10
CA CYS C 133 37.38 -35.39 18.17
C CYS C 133 37.67 -36.12 19.48
N ASP C 134 38.71 -36.94 19.50
CA ASP C 134 39.05 -37.61 20.74
C ASP C 134 40.14 -36.84 21.46
N GLN C 135 40.04 -36.80 22.78
CA GLN C 135 41.04 -36.12 23.58
C GLN C 135 42.35 -36.88 23.59
N TYR C 136 43.41 -36.20 23.18
CA TYR C 136 44.71 -36.79 23.00
C TYR C 136 45.81 -36.26 23.93
N TRP C 137 45.45 -35.37 24.85
CA TRP C 137 46.39 -34.80 25.82
C TRP C 137 45.98 -35.21 27.23
N PRO C 138 46.93 -35.29 28.16
CA PRO C 138 46.57 -35.67 29.52
C PRO C 138 45.77 -34.60 30.25
N ALA C 139 44.75 -35.00 31.00
CA ALA C 139 43.95 -34.07 31.77
C ALA C 139 44.77 -33.50 32.90
N ARG C 140 45.70 -34.32 33.38
CA ARG C 140 46.66 -33.95 34.40
C ARG C 140 47.89 -34.80 34.27
N GLY C 141 49.04 -34.22 34.56
CA GLY C 141 50.27 -34.97 34.62
C GLY C 141 50.86 -35.43 33.30
N THR C 142 51.32 -36.67 33.29
CA THR C 142 52.10 -37.22 32.19
C THR C 142 51.51 -38.53 31.69
N GLU C 143 51.33 -38.64 30.39
CA GLU C 143 50.92 -39.89 29.79
C GLU C 143 51.87 -40.28 28.68
N THR C 144 51.81 -41.53 28.27
CA THR C 144 52.66 -41.99 27.19
C THR C 144 51.84 -42.39 25.97
N CYS C 145 52.00 -41.63 24.91
CA CYS C 145 51.36 -41.95 23.65
C CYS C 145 52.46 -42.37 22.69
N GLY C 146 52.58 -43.68 22.50
CA GLY C 146 53.62 -44.25 21.66
C GLY C 146 55.02 -44.06 22.19
N LEU C 147 55.86 -43.37 21.40
CA LEU C 147 57.25 -43.15 21.81
C LEU C 147 57.41 -41.81 22.47
N ILE C 148 56.32 -41.05 22.52
CA ILE C 148 56.36 -39.70 23.05
C ILE C 148 55.70 -39.63 24.42
N GLN C 149 56.33 -38.90 25.32
CA GLN C 149 55.84 -38.71 26.66
C GLN C 149 55.30 -37.29 26.79
N VAL C 150 53.99 -37.16 27.02
CA VAL C 150 53.37 -35.83 27.07
C VAL C 150 53.05 -35.39 28.49
N THR C 151 53.54 -34.22 28.87
CA THR C 151 53.31 -33.71 30.22
C THR C 151 52.61 -32.37 30.18
N LEU C 152 51.43 -32.27 30.81
CA LEU C 152 50.71 -31.00 30.88
C LEU C 152 51.29 -30.07 31.94
N LEU C 153 51.81 -28.92 31.50
CA LEU C 153 52.43 -27.99 32.41
C LEU C 153 51.49 -26.92 32.95
N ASP C 154 50.71 -26.29 32.07
CA ASP C 154 49.88 -25.16 32.47
C ASP C 154 48.66 -25.02 31.59
N THR C 155 47.54 -24.66 32.19
CA THR C 155 46.30 -24.45 31.43
C THR C 155 45.72 -23.08 31.72
N VAL C 156 45.32 -22.37 30.67
CA VAL C 156 44.66 -21.08 30.82
C VAL C 156 43.35 -21.03 30.04
N GLU C 157 42.22 -20.98 30.75
CA GLU C 157 40.90 -20.94 30.12
C GLU C 157 40.36 -19.52 30.01
N LEU C 158 40.22 -19.05 28.79
CA LEU C 158 39.56 -17.78 28.51
C LEU C 158 38.23 -18.05 27.82
N ALA C 159 37.48 -17.00 27.55
CA ALA C 159 36.13 -17.15 27.04
C ALA C 159 36.05 -17.92 25.74
N THR C 160 36.86 -17.53 24.75
CA THR C 160 36.71 -18.17 23.44
C THR C 160 37.81 -19.18 23.12
N TYR C 161 38.87 -19.19 23.91
CA TYR C 161 39.93 -20.15 23.69
C TYR C 161 40.62 -20.60 24.95
N THR C 162 41.30 -21.74 24.85
CA THR C 162 42.06 -22.32 25.94
C THR C 162 43.50 -22.56 25.49
N VAL C 163 44.47 -22.24 26.34
CA VAL C 163 45.85 -22.54 25.99
C VAL C 163 46.43 -23.57 26.93
N ARG C 164 46.96 -24.64 26.38
CA ARG C 164 47.63 -25.63 27.19
C ARG C 164 49.11 -25.70 26.82
N THR C 165 49.95 -25.75 27.84
CA THR C 165 51.38 -25.85 27.65
C THR C 165 51.87 -27.22 28.02
N PHE C 166 52.57 -27.87 27.10
CA PHE C 166 53.10 -29.20 27.34
C PHE C 166 54.63 -29.27 27.33
N ALA C 167 55.13 -30.31 27.98
CA ALA C 167 56.52 -30.71 27.86
C ALA C 167 56.54 -32.06 27.17
N LEU C 168 57.38 -32.20 26.17
CA LEU C 168 57.49 -33.46 25.45
C LEU C 168 58.83 -34.16 25.68
N HIS C 169 58.78 -35.47 25.85
CA HIS C 169 59.99 -36.29 25.91
C HIS C 169 59.80 -37.51 25.01
N LYS C 170 60.80 -37.81 24.20
CA LYS C 170 60.77 -39.01 23.38
C LYS C 170 61.67 -40.06 24.01
N SER C 171 61.26 -41.33 23.96
CA SER C 171 62.04 -42.41 24.55
C SER C 171 63.43 -42.60 23.91
N GLY C 172 64.45 -42.72 24.75
CA GLY C 172 65.80 -42.94 24.27
C GLY C 172 66.55 -41.64 24.09
N SER C 173 65.90 -40.53 24.42
CA SER C 173 66.49 -39.23 24.26
C SER C 173 66.35 -38.47 25.56
N SER C 174 67.29 -37.58 25.83
CA SER C 174 67.26 -36.78 27.04
C SER C 174 66.71 -35.40 26.74
N GLU C 175 66.39 -35.16 25.47
CA GLU C 175 65.88 -33.89 24.99
C GLU C 175 64.48 -33.59 25.49
N LYS C 176 64.23 -32.33 25.80
CA LYS C 176 62.90 -31.86 26.18
C LYS C 176 62.42 -30.73 25.26
N ARG C 177 61.17 -30.84 24.82
CA ARG C 177 60.59 -29.81 23.97
C ARG C 177 59.32 -29.22 24.54
N GLU C 178 59.13 -27.93 24.33
CA GLU C 178 57.89 -27.30 24.74
C GLU C 178 56.91 -27.26 23.59
N LEU C 179 55.63 -27.40 23.90
CA LEU C 179 54.60 -27.30 22.89
C LEU C 179 53.35 -26.64 23.45
N ARG C 180 52.84 -25.63 22.76
CA ARG C 180 51.60 -25.02 23.16
C ARG C 180 50.43 -25.47 22.27
N GLN C 181 49.30 -25.76 22.90
CA GLN C 181 48.07 -26.08 22.20
C GLN C 181 47.09 -24.93 22.34
N PHE C 182 46.51 -24.48 21.23
CA PHE C 182 45.48 -23.46 21.29
C PHE C 182 44.15 -24.04 20.82
N GLN C 183 43.19 -24.15 21.74
CA GLN C 183 41.88 -24.69 21.41
C GLN C 183 40.87 -23.59 21.30
N PHE C 184 40.23 -23.52 20.14
CA PHE C 184 39.21 -22.52 19.87
C PHE C 184 37.87 -23.05 20.36
N MET C 185 37.18 -22.27 21.19
CA MET C 185 35.96 -22.75 21.84
C MET C 185 34.65 -22.16 21.33
N ALA C 186 34.73 -21.20 20.42
CA ALA C 186 33.55 -20.41 20.08
C ALA C 186 33.05 -20.59 18.65
N TRP C 187 33.27 -21.77 18.09
CA TRP C 187 32.71 -22.13 16.79
C TRP C 187 31.39 -22.84 17.02
N PRO C 188 30.33 -22.37 16.35
CA PRO C 188 29.00 -22.93 16.58
C PRO C 188 28.85 -24.41 16.18
N ASP C 189 27.85 -25.06 16.74
CA ASP C 189 27.53 -26.45 16.41
C ASP C 189 27.16 -26.59 14.94
N HIS C 190 26.50 -25.59 14.39
CA HIS C 190 26.12 -25.62 12.99
C HIS C 190 26.54 -24.33 12.30
N GLY C 191 27.00 -24.47 11.06
CA GLY C 191 27.40 -23.30 10.29
C GLY C 191 28.68 -22.70 10.80
N VAL C 192 28.89 -21.45 10.41
CA VAL C 192 30.05 -20.64 10.75
C VAL C 192 29.72 -19.59 11.81
N PRO C 193 30.75 -18.98 12.43
CA PRO C 193 30.45 -17.91 13.39
C PRO C 193 29.68 -16.73 12.80
N GLU C 194 28.80 -16.10 13.58
CA GLU C 194 28.06 -14.95 13.10
C GLU C 194 28.97 -13.74 12.94
N TYR C 195 29.96 -13.66 13.81
CA TYR C 195 30.91 -12.57 13.75
C TYR C 195 32.33 -13.13 13.74
N PRO C 196 33.23 -12.49 12.98
CA PRO C 196 34.60 -12.96 12.86
C PRO C 196 35.54 -12.44 13.94
N THR C 197 35.04 -11.63 14.86
CA THR C 197 35.89 -10.97 15.85
C THR C 197 36.62 -11.94 16.78
N PRO C 198 35.94 -12.97 17.32
CA PRO C 198 36.70 -13.87 18.19
C PRO C 198 37.79 -14.66 17.49
N ILE C 199 37.53 -15.21 16.31
CA ILE C 199 38.54 -16.01 15.61
C ILE C 199 39.75 -15.13 15.28
N LEU C 200 39.51 -13.87 14.93
CA LEU C 200 40.63 -13.00 14.65
C LEU C 200 41.51 -12.74 15.90
N ALA C 201 40.90 -12.63 17.06
CA ALA C 201 41.65 -12.52 18.28
C ALA C 201 42.51 -13.77 18.46
N PHE C 202 41.91 -14.93 18.21
CA PHE C 202 42.58 -16.22 18.32
C PHE C 202 43.80 -16.34 17.40
N LEU C 203 43.61 -16.01 16.12
CA LEU C 203 44.72 -15.99 15.17
C LEU C 203 45.83 -15.07 15.60
N ARG C 204 45.48 -13.86 16.00
N ARG C 204 45.48 -13.85 16.00
CA ARG C 204 46.47 -12.87 16.41
CA ARG C 204 46.48 -12.88 16.40
C ARG C 204 47.31 -13.39 17.57
C ARG C 204 47.32 -13.39 17.57
N ARG C 205 46.67 -14.10 18.48
CA ARG C 205 47.36 -14.62 19.65
C ARG C 205 48.29 -15.73 19.27
N VAL C 206 47.82 -16.65 18.41
CA VAL C 206 48.62 -17.78 17.96
C VAL C 206 49.89 -17.27 17.27
N LYS C 207 49.73 -16.30 16.38
CA LYS C 207 50.87 -15.75 15.66
C LYS C 207 51.93 -15.17 16.59
N ALA C 208 51.48 -14.56 17.68
CA ALA C 208 52.38 -13.95 18.64
C ALA C 208 53.16 -14.99 19.43
N CYS C 209 52.58 -16.18 19.59
CA CYS C 209 53.15 -17.19 20.47
C CYS C 209 53.89 -18.31 19.74
N ASN C 210 53.75 -18.37 18.42
CA ASN C 210 54.46 -19.36 17.65
C ASN C 210 55.85 -18.84 17.36
N PRO C 211 56.90 -19.49 17.91
CA PRO C 211 58.28 -19.07 17.71
C PRO C 211 58.67 -18.97 16.25
N LEU C 212 59.63 -18.10 15.93
CA LEU C 212 59.98 -17.85 14.54
C LEU C 212 60.82 -18.95 13.90
N ASP C 213 61.37 -19.84 14.71
CA ASP C 213 62.25 -20.90 14.20
C ASP C 213 61.65 -22.30 14.39
N ALA C 214 60.33 -22.40 14.31
CA ALA C 214 59.68 -23.66 14.64
C ALA C 214 59.30 -24.46 13.39
N GLY C 215 58.94 -25.71 13.58
CA GLY C 215 58.49 -26.54 12.48
C GLY C 215 57.11 -26.10 12.03
N PRO C 216 56.52 -26.81 11.07
CA PRO C 216 55.19 -26.42 10.64
C PRO C 216 54.23 -26.47 11.79
N MET C 217 53.35 -25.49 11.82
CA MET C 217 52.28 -25.42 12.80
C MET C 217 51.26 -26.50 12.44
N VAL C 218 50.91 -27.35 13.40
CA VAL C 218 49.88 -28.36 13.19
C VAL C 218 48.48 -27.77 13.50
N VAL C 219 47.58 -27.86 12.53
CA VAL C 219 46.22 -27.37 12.68
C VAL C 219 45.24 -28.50 12.51
N HIS C 220 44.30 -28.62 13.42
CA HIS C 220 43.32 -29.67 13.26
C HIS C 220 41.92 -29.31 13.78
N CYS C 221 40.94 -30.01 13.24
CA CYS C 221 39.60 -30.01 13.79
C CYS C 221 39.11 -31.44 13.84
N SER C 222 38.14 -31.76 13.00
CA SER C 222 37.59 -33.11 12.97
C SER C 222 38.22 -33.96 11.86
N ALA C 223 38.01 -33.56 10.61
CA ALA C 223 38.60 -34.25 9.47
C ALA C 223 39.81 -33.47 8.94
N GLY C 224 40.01 -32.27 9.46
CA GLY C 224 41.15 -31.45 9.11
C GLY C 224 41.07 -30.75 7.76
N VAL C 225 39.87 -30.40 7.33
CA VAL C 225 39.67 -29.77 6.02
C VAL C 225 38.74 -28.52 6.04
N GLY C 226 37.79 -28.48 6.98
CA GLY C 226 36.82 -27.42 6.99
C GLY C 226 37.26 -26.22 7.79
N ARG C 227 37.02 -26.25 9.10
CA ARG C 227 37.45 -25.16 9.97
C ARG C 227 38.94 -24.93 9.87
N THR C 228 39.66 -26.05 9.71
CA THR C 228 41.11 -26.04 9.54
C THR C 228 41.58 -25.27 8.33
N GLY C 229 40.92 -25.47 7.21
CA GLY C 229 41.17 -24.70 6.01
C GLY C 229 40.92 -23.24 6.29
N CYS C 230 39.86 -22.94 7.03
CA CYS C 230 39.55 -21.55 7.37
C CYS C 230 40.63 -20.86 8.15
N PHE C 231 41.10 -21.50 9.20
CA PHE C 231 42.19 -20.93 9.97
C PHE C 231 43.42 -20.65 9.09
N ILE C 232 43.82 -21.62 8.28
CA ILE C 232 45.06 -21.47 7.52
C ILE C 232 44.99 -20.33 6.51
N VAL C 233 43.92 -20.26 5.74
CA VAL C 233 43.82 -19.25 4.69
C VAL C 233 43.71 -17.83 5.28
N ILE C 234 43.05 -17.69 6.43
CA ILE C 234 42.99 -16.38 7.08
C ILE C 234 44.38 -15.98 7.61
N ASP C 235 45.06 -16.91 8.29
CA ASP C 235 46.41 -16.68 8.79
C ASP C 235 47.37 -16.25 7.69
N ALA C 236 47.29 -16.92 6.55
CA ALA C 236 48.14 -16.60 5.42
C ALA C 236 47.82 -15.24 4.82
N MET C 237 46.55 -14.89 4.76
CA MET C 237 46.18 -13.63 4.11
C MET C 237 46.47 -12.44 5.02
N LEU C 238 46.42 -12.67 6.32
CA LEU C 238 46.75 -11.64 7.30
C LEU C 238 48.21 -11.22 7.17
N GLU C 239 49.07 -12.21 6.93
CA GLU C 239 50.47 -11.96 6.68
C GLU C 239 50.66 -11.26 5.36
N ARG C 240 49.90 -11.69 4.34
CA ARG C 240 50.01 -11.07 3.03
C ARG C 240 49.62 -9.60 3.04
N MET C 241 48.59 -9.29 3.80
CA MET C 241 48.06 -7.94 3.96
C MET C 241 49.11 -6.99 4.50
N LYS C 242 49.93 -7.47 5.41
CA LYS C 242 51.01 -6.66 5.95
C LYS C 242 52.06 -6.31 4.88
N HIS C 243 52.16 -7.12 3.83
CA HIS C 243 53.18 -6.89 2.81
CA HIS C 243 53.20 -6.91 2.82
C HIS C 243 52.67 -6.28 1.51
N GLU C 244 51.50 -6.69 1.04
CA GLU C 244 51.10 -6.19 -0.26
C GLU C 244 49.84 -5.33 -0.30
N LYS C 245 49.05 -5.39 0.78
CA LYS C 245 47.77 -4.70 0.81
C LYS C 245 46.86 -5.13 -0.34
N THR C 246 46.94 -6.41 -0.71
CA THR C 246 45.95 -7.06 -1.56
C THR C 246 45.73 -8.43 -0.97
N VAL C 247 44.67 -9.12 -1.39
CA VAL C 247 44.46 -10.49 -0.95
C VAL C 247 44.07 -11.35 -2.12
N ASP C 248 44.45 -12.62 -2.04
CA ASP C 248 44.13 -13.59 -3.06
C ASP C 248 43.59 -14.85 -2.42
N ILE C 249 42.38 -14.75 -1.89
CA ILE C 249 41.71 -15.85 -1.21
C ILE C 249 41.45 -17.02 -2.15
N TYR C 250 40.87 -16.70 -3.30
CA TYR C 250 40.54 -17.68 -4.32
C TYR C 250 41.78 -18.45 -4.75
N GLY C 251 42.88 -17.72 -4.95
CA GLY C 251 44.13 -18.33 -5.34
C GLY C 251 44.66 -19.24 -4.25
N HIS C 252 44.54 -18.83 -3.01
CA HIS C 252 45.16 -19.59 -1.96
C HIS C 252 44.42 -20.87 -1.68
N VAL C 253 43.09 -20.80 -1.70
CA VAL C 253 42.28 -22.00 -1.50
C VAL C 253 42.50 -23.00 -2.64
N THR C 254 42.60 -22.50 -3.87
CA THR C 254 42.95 -23.35 -5.00
C THR C 254 44.28 -24.08 -4.77
N CYS C 255 45.29 -23.37 -4.32
CA CYS C 255 46.57 -23.98 -3.98
CA CYS C 255 46.57 -23.99 -3.98
C CYS C 255 46.42 -24.99 -2.84
N MET C 256 45.60 -24.65 -1.86
CA MET C 256 45.35 -25.59 -0.77
C MET C 256 44.70 -26.88 -1.24
N ARG C 257 43.80 -26.79 -2.23
CA ARG C 257 43.10 -27.96 -2.72
C ARG C 257 44.00 -28.93 -3.46
N SER C 258 45.15 -28.46 -3.90
CA SER C 258 46.10 -29.33 -4.56
C SER C 258 46.95 -30.07 -3.53
N GLN C 259 46.80 -29.72 -2.26
CA GLN C 259 47.62 -30.33 -1.22
C GLN C 259 46.84 -31.20 -0.27
N ARG C 260 45.56 -30.89 -0.10
CA ARG C 260 44.66 -31.71 0.70
C ARG C 260 43.25 -31.52 0.20
N ASN C 261 42.50 -32.61 0.20
CA ASN C 261 41.16 -32.59 -0.32
C ASN C 261 40.21 -31.74 0.53
N TYR C 262 39.27 -31.10 -0.15
CA TYR C 262 38.15 -30.41 0.47
C TYR C 262 38.54 -29.24 1.36
N MET C 263 39.73 -28.69 1.21
CA MET C 263 40.10 -27.56 2.06
C MET C 263 39.11 -26.42 1.85
N VAL C 264 38.48 -26.01 2.96
CA VAL C 264 37.31 -25.15 2.98
C VAL C 264 36.16 -25.91 2.30
N GLN C 265 35.43 -26.72 3.06
CA GLN C 265 34.55 -27.68 2.40
C GLN C 265 33.11 -27.22 2.24
N THR C 266 32.78 -26.05 2.79
CA THR C 266 31.47 -25.48 2.56
C THR C 266 31.59 -24.04 2.11
N GLU C 267 30.59 -23.60 1.35
CA GLU C 267 30.54 -22.24 0.84
C GLU C 267 30.41 -21.15 1.95
N ASP C 268 29.69 -21.45 3.03
CA ASP C 268 29.56 -20.46 4.07
C ASP C 268 30.91 -20.16 4.69
N GLN C 269 31.76 -21.18 4.78
CA GLN C 269 33.12 -21.01 5.25
C GLN C 269 33.92 -20.10 4.32
N TYR C 270 33.73 -20.32 3.03
CA TYR C 270 34.37 -19.52 2.01
C TYR C 270 33.98 -18.06 2.20
N VAL C 271 32.69 -17.82 2.47
CA VAL C 271 32.21 -16.49 2.73
C VAL C 271 32.77 -15.94 4.04
N PHE C 272 32.76 -16.76 5.08
CA PHE C 272 33.25 -16.35 6.39
C PHE C 272 34.69 -15.83 6.31
N ILE C 273 35.53 -16.49 5.53
CA ILE C 273 36.93 -16.07 5.31
C ILE C 273 36.99 -14.66 4.73
N HIS C 274 36.16 -14.40 3.73
CA HIS C 274 36.06 -13.05 3.17
C HIS C 274 35.65 -12.05 4.25
N GLU C 275 34.61 -12.39 4.99
CA GLU C 275 34.10 -11.51 6.04
C GLU C 275 35.14 -11.25 7.13
N ALA C 276 35.92 -12.26 7.46
CA ALA C 276 36.97 -12.15 8.48
C ALA C 276 38.08 -11.23 8.02
N LEU C 277 38.52 -11.38 6.78
CA LEU C 277 39.61 -10.56 6.30
C LEU C 277 39.21 -9.11 6.12
N LEU C 278 37.95 -8.86 5.78
CA LEU C 278 37.45 -7.50 5.66
C LEU C 278 37.45 -6.79 7.01
N GLU C 279 37.08 -7.50 8.07
CA GLU C 279 37.10 -6.89 9.38
C GLU C 279 38.52 -6.55 9.81
N ALA C 280 39.47 -7.44 9.52
CA ALA C 280 40.87 -7.22 9.86
C ALA C 280 41.47 -6.05 9.10
N ALA C 281 41.06 -5.88 7.86
CA ALA C 281 41.51 -4.78 7.02
C ALA C 281 40.96 -3.45 7.50
N THR C 282 39.82 -3.51 8.16
CA THR C 282 39.12 -2.33 8.61
C THR C 282 39.47 -1.87 10.03
N CYS C 283 39.71 -2.82 10.93
CA CYS C 283 39.86 -2.49 12.34
C CYS C 283 41.31 -2.30 12.71
N GLY C 284 42.21 -2.77 11.87
CA GLY C 284 43.62 -2.62 12.14
C GLY C 284 43.98 -3.26 13.46
N HIS C 285 44.94 -2.65 14.14
CA HIS C 285 45.45 -3.16 15.40
C HIS C 285 45.31 -2.10 16.48
N THR C 286 44.62 -2.41 17.56
CA THR C 286 44.31 -1.40 18.57
C THR C 286 44.79 -1.76 19.98
N GLU C 287 45.55 -2.83 20.11
CA GLU C 287 46.07 -3.23 21.41
C GLU C 287 47.36 -2.49 21.74
N VAL C 288 47.50 -2.13 23.01
CA VAL C 288 48.65 -1.37 23.51
C VAL C 288 49.08 -1.95 24.86
N PRO C 289 50.40 -2.16 25.04
CA PRO C 289 50.84 -2.65 26.35
C PRO C 289 50.62 -1.58 27.42
N ALA C 290 50.42 -2.01 28.66
CA ALA C 290 50.07 -1.10 29.74
C ALA C 290 51.06 0.06 29.94
N ARG C 291 52.35 -0.19 29.74
CA ARG C 291 53.34 0.88 29.90
C ARG C 291 53.08 2.08 28.98
N ASN C 292 52.40 1.83 27.88
CA ASN C 292 52.23 2.89 26.89
C ASN C 292 50.82 3.45 26.87
N LEU C 293 50.02 3.05 27.85
CA LEU C 293 48.63 3.48 27.92
C LEU C 293 48.53 4.99 28.02
N TYR C 294 49.29 5.57 28.92
CA TYR C 294 49.31 7.01 29.09
C TYR C 294 49.61 7.72 27.77
N ALA C 295 50.72 7.34 27.15
CA ALA C 295 51.14 7.97 25.90
C ALA C 295 50.05 7.80 24.85
N HIS C 296 49.43 6.62 24.83
CA HIS C 296 48.35 6.29 23.90
C HIS C 296 47.12 7.19 24.05
N ILE C 297 46.69 7.38 25.29
CA ILE C 297 45.52 8.21 25.57
C ILE C 297 45.81 9.68 25.26
N GLN C 298 47.03 10.12 25.53
CA GLN C 298 47.41 11.48 25.16
C GLN C 298 47.32 11.63 23.65
N LYS C 299 47.76 10.60 22.94
CA LYS C 299 47.72 10.59 21.48
C LYS C 299 46.28 10.55 20.96
N LEU C 300 45.39 9.89 21.69
CA LEU C 300 43.99 9.77 21.28
C LEU C 300 43.20 11.06 21.45
N GLY C 301 43.61 11.92 22.35
CA GLY C 301 42.93 13.19 22.53
C GLY C 301 43.46 14.25 21.59
N GLN C 302 44.41 13.86 20.75
CA GLN C 302 45.01 14.81 19.81
C GLN C 302 44.40 14.57 18.42
N VAL C 303 44.47 15.57 17.55
CA VAL C 303 43.96 15.43 16.19
C VAL C 303 45.04 15.01 15.23
N PRO C 304 44.93 13.78 14.70
CA PRO C 304 45.92 13.18 13.80
C PRO C 304 46.17 14.02 12.56
N PRO C 305 47.38 13.91 11.97
CA PRO C 305 47.69 14.64 10.74
C PRO C 305 46.79 14.22 9.58
N GLY C 306 46.21 15.20 8.90
CA GLY C 306 45.32 14.92 7.78
C GLY C 306 43.92 14.64 8.26
N GLU C 307 43.71 14.75 9.56
CA GLU C 307 42.40 14.53 10.16
C GLU C 307 41.81 15.84 10.64
N SER C 308 40.63 15.77 11.24
CA SER C 308 39.93 16.98 11.66
C SER C 308 39.46 16.94 13.11
N VAL C 309 39.32 15.74 13.64
CA VAL C 309 38.88 15.53 15.00
C VAL C 309 39.84 14.59 15.70
N THR C 310 39.65 14.37 16.99
CA THR C 310 40.57 13.55 17.76
C THR C 310 40.58 12.10 17.31
N ALA C 311 41.67 11.40 17.59
CA ALA C 311 41.77 9.98 17.27
C ALA C 311 40.76 9.19 18.09
N MET C 312 40.49 9.68 19.29
CA MET C 312 39.49 9.10 20.18
C MET C 312 38.14 9.06 19.48
N GLU C 313 37.78 10.21 18.91
CA GLU C 313 36.53 10.38 18.22
C GLU C 313 36.42 9.45 17.03
N LEU C 314 37.48 9.40 16.21
CA LEU C 314 37.49 8.55 15.03
C LEU C 314 37.33 7.07 15.37
N GLU C 315 37.98 6.65 16.45
CA GLU C 315 37.95 5.28 16.90
C GLU C 315 36.56 4.83 17.36
N PHE C 316 35.83 5.71 18.02
CA PHE C 316 34.48 5.39 18.50
C PHE C 316 33.51 5.27 17.34
N LYS C 317 33.68 6.12 16.35
CA LYS C 317 32.85 6.08 15.15
C LYS C 317 32.99 4.74 14.42
N LEU C 318 34.20 4.19 14.45
CA LEU C 318 34.55 2.97 13.74
C LEU C 318 33.87 1.75 14.34
N LEU C 319 33.53 1.84 15.62
CA LEU C 319 32.78 0.78 16.29
C LEU C 319 31.40 0.63 15.70
N ALA C 320 30.78 1.76 15.39
CA ALA C 320 29.43 1.78 14.85
C ALA C 320 29.41 1.49 13.36
N SER C 321 30.48 1.86 12.67
CA SER C 321 30.55 1.72 11.22
C SER C 321 30.48 0.26 10.78
N SER C 322 30.92 -0.64 11.66
CA SER C 322 30.92 -2.06 11.37
C SER C 322 29.62 -2.74 11.77
N LYS C 323 28.49 -2.18 11.32
CA LYS C 323 27.20 -2.81 11.57
C LYS C 323 26.60 -3.36 10.27
N ALA C 324 27.28 -4.35 9.71
CA ALA C 324 26.87 -4.99 8.47
C ALA C 324 25.62 -5.85 8.66
N HIS C 325 25.47 -6.43 9.85
CA HIS C 325 24.41 -7.39 10.12
C HIS C 325 23.03 -6.74 10.19
N ARG C 328 17.43 -10.96 11.47
CA ARG C 328 16.32 -11.36 10.60
C ARG C 328 14.96 -11.15 11.26
N PHE C 329 14.36 -12.24 11.73
CA PHE C 329 13.05 -12.23 12.39
C PHE C 329 13.17 -12.35 13.91
N ILE C 330 13.41 -11.22 14.58
CA ILE C 330 13.69 -11.19 16.01
C ILE C 330 12.43 -11.32 16.87
N SER C 331 12.56 -12.08 17.95
CA SER C 331 11.47 -12.32 18.90
C SER C 331 11.00 -11.07 19.60
N ALA C 332 11.88 -10.09 19.69
CA ALA C 332 11.59 -8.84 20.37
C ALA C 332 10.54 -7.97 19.66
N ASN C 333 10.37 -8.14 18.34
CA ASN C 333 9.35 -7.39 17.60
C ASN C 333 7.98 -8.03 17.54
N LEU C 334 7.85 -9.22 18.10
CA LEU C 334 6.55 -9.86 18.14
C LEU C 334 5.62 -8.93 18.92
N PRO C 335 4.42 -8.66 18.36
CA PRO C 335 3.43 -7.77 18.97
C PRO C 335 3.17 -8.14 20.44
N CYS C 336 3.21 -9.43 20.76
CA CYS C 336 2.96 -9.87 22.12
C CYS C 336 4.07 -9.44 23.07
N ASN C 337 5.21 -9.03 22.52
CA ASN C 337 6.37 -8.63 23.35
C ASN C 337 6.63 -7.14 23.25
N LYS C 338 5.82 -6.45 22.46
CA LYS C 338 5.97 -5.02 22.22
C LYS C 338 6.06 -4.22 23.53
N PHE C 339 5.27 -4.61 24.51
CA PHE C 339 5.19 -3.88 25.77
C PHE C 339 6.25 -4.32 26.77
N LYS C 340 7.11 -5.24 26.36
CA LYS C 340 8.15 -5.78 27.24
C LYS C 340 9.52 -5.15 26.99
N ASN C 341 9.59 -4.21 26.06
CA ASN C 341 10.79 -3.45 25.76
C ASN C 341 10.67 -2.00 26.21
N ARG C 342 11.58 -1.57 27.07
CA ARG C 342 11.58 -0.20 27.57
C ARG C 342 11.82 0.79 26.41
N LEU C 343 12.77 0.48 25.55
CA LEU C 343 12.97 1.21 24.30
C LEU C 343 12.69 0.29 23.11
N VAL C 344 12.00 0.81 22.11
CA VAL C 344 11.59 -0.03 20.98
C VAL C 344 12.70 -0.28 19.97
N ASN C 345 13.80 0.46 20.07
CA ASN C 345 14.89 0.31 19.11
C ASN C 345 16.10 -0.41 19.71
N ILE C 346 15.95 -0.86 20.95
CA ILE C 346 16.99 -1.61 21.63
C ILE C 346 16.48 -3.01 21.91
N MET C 347 16.96 -3.96 21.13
CA MET C 347 16.46 -5.32 21.27
C MET C 347 17.59 -6.31 21.29
N PRO C 348 17.40 -7.42 22.03
CA PRO C 348 18.45 -8.42 22.07
C PRO C 348 18.54 -9.16 20.78
N TYR C 349 19.76 -9.54 20.42
CA TYR C 349 19.99 -10.41 19.28
C TYR C 349 19.33 -11.75 19.54
N GLU C 350 18.81 -12.36 18.49
CA GLU C 350 18.09 -13.61 18.68
C GLU C 350 19.01 -14.72 19.18
N LEU C 351 20.27 -14.70 18.73
CA LEU C 351 21.19 -15.76 19.07
C LEU C 351 21.58 -15.80 20.56
N THR C 352 21.85 -14.65 21.15
CA THR C 352 22.37 -14.61 22.51
C THR C 352 21.36 -14.18 23.56
N ARG C 353 20.10 -14.05 23.19
CA ARG C 353 19.09 -13.57 24.14
C ARG C 353 18.84 -14.60 25.23
N VAL C 354 18.45 -14.10 26.40
CA VAL C 354 18.16 -14.95 27.54
C VAL C 354 16.73 -15.48 27.44
N CYS C 355 16.57 -16.80 27.43
CA CYS C 355 15.26 -17.38 27.21
C CYS C 355 14.68 -17.93 28.50
N LEU C 356 13.40 -17.66 28.72
CA LEU C 356 12.73 -18.17 29.89
C LEU C 356 11.98 -19.42 29.48
N GLN C 357 11.75 -20.32 30.43
CA GLN C 357 10.93 -21.48 30.17
C GLN C 357 9.56 -21.00 29.77
N PRO C 358 9.06 -21.46 28.61
CA PRO C 358 7.76 -20.99 28.15
C PRO C 358 6.65 -21.44 29.10
N ILE C 359 5.61 -20.64 29.21
CA ILE C 359 4.45 -20.99 30.02
C ILE C 359 3.29 -21.38 29.10
N ARG C 360 2.71 -22.55 29.35
CA ARG C 360 1.68 -23.10 28.47
C ARG C 360 0.49 -22.17 28.30
N GLY C 361 0.16 -21.89 27.05
CA GLY C 361 -0.98 -21.06 26.71
C GLY C 361 -0.61 -19.60 26.64
N VAL C 362 0.60 -19.27 27.06
CA VAL C 362 1.02 -17.88 27.10
C VAL C 362 2.10 -17.59 26.05
N GLU C 363 1.67 -16.96 24.98
CA GLU C 363 2.57 -16.63 23.88
C GLU C 363 3.62 -15.62 24.32
N GLY C 364 4.86 -15.89 23.95
CA GLY C 364 5.97 -15.02 24.27
C GLY C 364 6.36 -15.00 25.73
N SER C 365 5.94 -16.03 26.45
CA SER C 365 6.22 -16.13 27.89
C SER C 365 7.67 -16.55 28.13
N ASP C 366 8.40 -16.71 27.04
CA ASP C 366 9.80 -17.11 27.07
C ASP C 366 10.71 -15.90 26.89
N TYR C 367 10.11 -14.74 26.69
CA TYR C 367 10.88 -13.57 26.32
C TYR C 367 11.15 -12.62 27.47
N ILE C 368 12.35 -12.06 27.46
CA ILE C 368 12.73 -10.96 28.31
C ILE C 368 13.84 -10.23 27.60
N ASN C 369 13.84 -8.90 27.67
CA ASN C 369 14.90 -8.11 27.03
C ASN C 369 16.21 -8.24 27.78
N ALA C 370 16.99 -9.25 27.44
CA ALA C 370 18.26 -9.51 28.09
C ALA C 370 19.16 -10.34 27.18
N SER C 371 20.47 -10.12 27.28
CA SER C 371 21.43 -10.83 26.48
C SER C 371 22.51 -11.46 27.32
N PHE C 372 23.06 -12.57 26.86
CA PHE C 372 24.22 -13.18 27.48
C PHE C 372 25.48 -12.53 26.97
N LEU C 373 26.35 -12.08 27.86
CA LEU C 373 27.62 -11.48 27.44
C LEU C 373 28.81 -12.26 27.99
N ASP C 374 29.84 -12.41 27.18
CA ASP C 374 31.01 -13.15 27.60
C ASP C 374 31.94 -12.30 28.46
N GLY C 375 32.51 -12.93 29.48
CA GLY C 375 33.49 -12.29 30.30
C GLY C 375 34.89 -12.57 29.79
N TYR C 376 35.86 -12.37 30.66
CA TYR C 376 37.25 -12.58 30.31
C TYR C 376 37.53 -14.07 30.25
N ARG C 377 36.98 -14.80 31.21
CA ARG C 377 37.32 -16.20 31.38
C ARG C 377 36.23 -17.16 30.94
N GLN C 378 34.99 -16.71 30.95
CA GLN C 378 33.90 -17.62 30.65
C GLN C 378 32.87 -17.00 29.76
N GLN C 379 32.16 -17.84 29.03
CA GLN C 379 31.03 -17.37 28.25
C GLN C 379 29.82 -17.27 29.15
N LYS C 380 28.84 -16.46 28.72
CA LYS C 380 27.62 -16.25 29.50
C LYS C 380 27.94 -15.87 30.94
N ALA C 381 28.90 -14.97 31.12
CA ALA C 381 29.35 -14.52 32.45
C ALA C 381 28.53 -13.34 32.98
N TYR C 382 27.87 -12.65 32.06
CA TYR C 382 27.03 -11.52 32.38
C TYR C 382 25.70 -11.63 31.66
N ILE C 383 24.65 -11.15 32.30
CA ILE C 383 23.41 -10.87 31.62
C ILE C 383 23.25 -9.34 31.55
N ALA C 384 23.22 -8.80 30.34
CA ALA C 384 23.01 -7.38 30.17
C ALA C 384 21.55 -7.17 29.81
N THR C 385 20.83 -6.45 30.66
CA THR C 385 19.40 -6.32 30.49
C THR C 385 18.94 -4.90 30.80
N GLN C 386 17.72 -4.57 30.39
CA GLN C 386 17.14 -3.27 30.68
C GLN C 386 16.71 -3.18 32.14
N GLY C 387 16.53 -1.97 32.62
CA GLY C 387 15.91 -1.74 33.92
C GLY C 387 14.47 -2.21 33.81
N PRO C 388 14.09 -3.19 34.64
CA PRO C 388 12.79 -3.84 34.57
C PRO C 388 11.63 -2.86 34.53
N LEU C 389 10.64 -3.19 33.72
CA LEU C 389 9.37 -2.51 33.74
C LEU C 389 8.50 -3.23 34.74
N ALA C 390 7.43 -2.58 35.20
CA ALA C 390 6.49 -3.24 36.09
C ALA C 390 5.90 -4.49 35.43
N GLU C 391 5.77 -4.45 34.10
CA GLU C 391 5.27 -5.58 33.34
C GLU C 391 6.25 -6.75 33.29
N SER C 392 7.53 -6.46 33.35
CA SER C 392 8.53 -7.51 33.23
C SER C 392 9.18 -7.81 34.58
N THR C 393 8.65 -7.25 35.65
CA THR C 393 9.20 -7.46 36.98
C THR C 393 9.14 -8.94 37.36
N GLU C 394 8.02 -9.58 37.10
CA GLU C 394 7.88 -11.01 37.38
C GLU C 394 8.83 -11.87 36.56
N ASP C 395 8.96 -11.56 35.28
CA ASP C 395 9.84 -12.30 34.39
C ASP C 395 11.29 -12.14 34.81
N PHE C 396 11.60 -10.96 35.32
CA PHE C 396 12.95 -10.62 35.75
C PHE C 396 13.45 -11.57 36.83
N TRP C 397 12.64 -11.77 37.85
CA TRP C 397 12.99 -12.68 38.93
C TRP C 397 13.05 -14.13 38.47
N ARG C 398 12.16 -14.48 37.55
CA ARG C 398 12.13 -15.82 37.00
C ARG C 398 13.42 -16.10 36.22
N MET C 399 13.96 -15.05 35.60
CA MET C 399 15.19 -15.15 34.86
C MET C 399 16.38 -15.45 35.76
N LEU C 400 16.48 -14.71 36.84
CA LEU C 400 17.55 -14.88 37.80
C LEU C 400 17.51 -16.27 38.40
N TRP C 401 16.31 -16.84 38.48
CA TRP C 401 16.17 -18.16 39.05
C TRP C 401 16.53 -19.21 38.02
N GLU C 402 15.96 -19.10 36.84
CA GLU C 402 16.13 -20.11 35.81
C GLU C 402 17.55 -20.17 35.27
N HIS C 403 18.31 -19.11 35.49
CA HIS C 403 19.67 -19.05 34.98
C HIS C 403 20.70 -18.91 36.08
N ASN C 404 20.30 -19.26 37.29
CA ASN C 404 21.23 -19.36 38.41
C ASN C 404 22.03 -18.09 38.65
N SER C 405 21.42 -16.95 38.39
CA SER C 405 22.02 -15.64 38.66
C SER C 405 21.69 -15.14 40.06
N THR C 406 22.69 -14.89 40.88
CA THR C 406 22.46 -14.45 42.26
C THR C 406 23.18 -13.15 42.63
N ILE C 407 23.64 -12.42 41.63
CA ILE C 407 24.24 -11.11 41.84
C ILE C 407 23.69 -10.14 40.83
N ILE C 408 23.03 -9.08 41.32
CA ILE C 408 22.48 -8.03 40.45
C ILE C 408 23.28 -6.76 40.61
N VAL C 409 23.50 -6.07 39.50
CA VAL C 409 24.18 -4.80 39.49
C VAL C 409 23.27 -3.77 38.85
N MET C 410 22.87 -2.78 39.64
CA MET C 410 22.01 -1.70 39.18
C MET C 410 22.82 -0.43 39.05
N LEU C 411 22.77 0.18 37.87
CA LEU C 411 23.66 1.30 37.57
C LEU C 411 22.92 2.64 37.41
N THR C 412 21.66 2.66 37.82
CA THR C 412 20.85 3.87 37.78
C THR C 412 20.05 4.08 39.06
N LYS C 413 19.53 5.28 39.22
CA LYS C 413 18.53 5.53 40.25
C LYS C 413 17.18 5.07 39.69
N LEU C 414 16.18 4.95 40.54
CA LEU C 414 14.85 4.57 40.09
C LEU C 414 14.32 5.64 39.13
N ARG C 415 14.60 6.89 39.45
CA ARG C 415 14.23 7.99 38.59
C ARG C 415 15.40 8.95 38.44
N GLU C 416 15.59 9.45 37.24
CA GLU C 416 16.59 10.47 36.97
C GLU C 416 16.03 11.47 35.97
N MET C 417 16.40 12.73 36.13
CA MET C 417 15.95 13.79 35.23
C MET C 417 14.42 13.87 35.13
N GLY C 418 13.74 13.50 36.21
CA GLY C 418 12.30 13.53 36.25
C GLY C 418 11.56 12.40 35.54
N ARG C 419 12.30 11.41 35.05
CA ARG C 419 11.69 10.29 34.33
C ARG C 419 12.17 8.95 34.87
N GLU C 420 11.36 7.91 34.69
CA GLU C 420 11.70 6.59 35.19
C GLU C 420 12.79 5.93 34.39
N LYS C 421 13.81 5.46 35.10
CA LYS C 421 14.91 4.73 34.51
C LYS C 421 14.71 3.25 34.81
N CYS C 422 14.09 2.97 35.94
CA CYS C 422 13.91 1.59 36.38
C CYS C 422 12.76 1.51 37.36
N HIS C 423 11.95 0.45 37.24
CA HIS C 423 10.84 0.22 38.14
C HIS C 423 11.37 -0.50 39.36
N GLN C 424 10.83 -0.23 40.54
CA GLN C 424 11.33 -0.88 41.73
C GLN C 424 10.82 -2.32 41.79
N TYR C 425 11.66 -3.25 41.34
CA TYR C 425 11.30 -4.65 41.25
C TYR C 425 11.56 -5.42 42.53
N TRP C 426 12.09 -4.75 43.55
CA TRP C 426 12.42 -5.44 44.79
C TRP C 426 11.57 -4.93 45.97
N PRO C 427 11.29 -5.82 46.93
CA PRO C 427 10.57 -5.46 48.16
C PRO C 427 11.45 -4.71 49.15
N ALA C 428 10.86 -3.75 49.86
CA ALA C 428 11.64 -2.87 50.72
C ALA C 428 11.58 -3.26 52.20
N GLU C 429 10.37 -3.47 52.71
CA GLU C 429 10.26 -3.69 54.15
C GLU C 429 9.79 -5.10 54.49
N ARG C 430 8.91 -5.64 53.66
CA ARG C 430 8.34 -6.96 53.92
C ARG C 430 8.40 -7.81 52.68
N SER C 431 8.06 -9.09 52.80
CA SER C 431 8.11 -9.99 51.66
C SER C 431 7.08 -9.63 50.61
N ALA C 432 7.27 -10.15 49.41
CA ALA C 432 6.35 -9.96 48.30
C ALA C 432 6.46 -11.16 47.38
N ARG C 433 5.35 -11.51 46.74
CA ARG C 433 5.35 -12.68 45.87
C ARG C 433 5.32 -12.27 44.39
N TYR C 434 6.33 -12.76 43.65
CA TYR C 434 6.43 -12.52 42.22
C TYR C 434 6.26 -13.84 41.47
N GLN C 435 5.00 -14.12 41.13
CA GLN C 435 4.56 -15.41 40.57
C GLN C 435 4.88 -16.55 41.50
N TYR C 436 5.87 -17.35 41.14
CA TYR C 436 6.20 -18.54 41.90
C TYR C 436 7.20 -18.21 42.99
N PHE C 437 7.70 -16.99 42.97
CA PHE C 437 8.84 -16.67 43.81
C PHE C 437 8.53 -15.65 44.90
N VAL C 438 9.02 -15.95 46.10
CA VAL C 438 8.90 -15.06 47.23
C VAL C 438 10.22 -14.39 47.53
N VAL C 439 10.25 -13.07 47.43
CA VAL C 439 11.45 -12.31 47.69
C VAL C 439 11.37 -11.68 49.06
N ASP C 440 12.19 -12.17 49.98
CA ASP C 440 12.20 -11.68 51.35
C ASP C 440 13.40 -10.78 51.54
N PRO C 441 13.18 -9.50 51.86
CA PRO C 441 14.29 -8.61 52.18
C PRO C 441 15.00 -9.06 53.44
N MET C 442 16.28 -9.37 53.34
CA MET C 442 17.03 -9.84 54.49
C MET C 442 17.84 -8.73 55.13
N ALA C 443 18.52 -7.94 54.31
CA ALA C 443 19.37 -6.90 54.84
C ALA C 443 19.64 -5.81 53.80
N GLU C 444 20.20 -4.72 54.29
CA GLU C 444 20.59 -3.58 53.46
C GLU C 444 21.75 -2.84 54.09
N TYR C 445 22.81 -2.64 53.30
CA TYR C 445 24.02 -2.00 53.80
C TYR C 445 24.32 -0.78 52.96
N ASN C 446 24.49 0.36 53.60
CA ASN C 446 24.72 1.61 52.90
C ASN C 446 26.21 1.89 52.85
N MET C 447 26.72 2.08 51.64
CA MET C 447 28.14 2.31 51.42
C MET C 447 28.32 3.67 50.75
N PRO C 448 29.54 4.24 50.80
CA PRO C 448 29.76 5.59 50.28
C PRO C 448 29.22 5.84 48.86
N GLN C 449 29.45 4.92 47.92
CA GLN C 449 29.02 5.17 46.55
C GLN C 449 28.06 4.12 46.00
N TYR C 450 27.63 3.18 46.84
CA TYR C 450 26.68 2.18 46.40
C TYR C 450 25.90 1.59 47.58
N ILE C 451 24.87 0.82 47.27
CA ILE C 451 24.05 0.15 48.27
C ILE C 451 24.02 -1.34 47.98
N LEU C 452 24.12 -2.15 49.01
CA LEU C 452 24.03 -3.59 48.86
C LEU C 452 22.78 -4.11 49.56
N ARG C 453 21.92 -4.78 48.79
CA ARG C 453 20.70 -5.36 49.35
C ARG C 453 20.72 -6.88 49.21
N GLU C 454 20.47 -7.57 50.32
CA GLU C 454 20.40 -9.02 50.29
C GLU C 454 18.96 -9.49 50.40
N PHE C 455 18.58 -10.42 49.53
CA PHE C 455 17.25 -10.99 49.55
C PHE C 455 17.30 -12.49 49.71
N LYS C 456 16.23 -13.06 50.27
CA LYS C 456 16.08 -14.51 50.28
C LYS C 456 14.96 -14.89 49.33
N VAL C 457 15.30 -15.45 48.17
CA VAL C 457 14.30 -15.82 47.18
C VAL C 457 13.89 -17.28 47.34
N THR C 458 12.59 -17.53 47.35
CA THR C 458 12.07 -18.88 47.54
C THR C 458 11.08 -19.28 46.46
N ASP C 459 11.29 -20.46 45.88
CA ASP C 459 10.32 -21.00 44.95
C ASP C 459 9.17 -21.56 45.78
N ALA C 460 8.00 -20.97 45.62
CA ALA C 460 6.84 -21.34 46.43
C ALA C 460 6.37 -22.74 46.08
N ARG C 461 6.83 -23.25 44.95
CA ARG C 461 6.42 -24.55 44.47
C ARG C 461 7.10 -25.69 45.22
N ASP C 462 8.41 -25.58 45.43
CA ASP C 462 9.16 -26.66 46.06
C ASP C 462 9.86 -26.24 47.34
N GLY C 463 9.98 -24.94 47.56
CA GLY C 463 10.53 -24.44 48.80
C GLY C 463 12.04 -24.24 48.81
N GLN C 464 12.69 -24.43 47.68
CA GLN C 464 14.12 -24.20 47.62
C GLN C 464 14.39 -22.71 47.68
N SER C 465 15.48 -22.31 48.31
CA SER C 465 15.77 -20.89 48.46
C SER C 465 17.21 -20.56 48.13
N ARG C 466 17.42 -19.34 47.65
CA ARG C 466 18.74 -18.82 47.39
C ARG C 466 18.88 -17.41 47.94
N THR C 467 20.11 -16.99 48.21
CA THR C 467 20.38 -15.61 48.54
C THR C 467 20.78 -14.85 47.29
N ILE C 468 20.00 -13.84 46.94
CA ILE C 468 20.33 -12.97 45.81
C ILE C 468 20.76 -11.64 46.37
N ARG C 469 21.88 -11.10 45.89
CA ARG C 469 22.38 -9.83 46.37
C ARG C 469 22.35 -8.79 45.25
N GLN C 470 21.99 -7.56 45.58
CA GLN C 470 21.88 -6.51 44.58
C GLN C 470 22.82 -5.37 44.90
N PHE C 471 23.63 -4.96 43.92
CA PHE C 471 24.51 -3.80 44.06
C PHE C 471 23.98 -2.62 43.26
N GLN C 472 23.61 -1.55 43.95
CA GLN C 472 23.14 -0.37 43.24
C GLN C 472 24.14 0.78 43.32
N PHE C 473 24.66 1.19 42.17
CA PHE C 473 25.57 2.32 42.12
C PHE C 473 24.80 3.64 42.13
N THR C 474 25.11 4.50 43.10
CA THR C 474 24.33 5.72 43.30
C THR C 474 25.06 7.00 42.90
N ASP C 475 26.33 6.89 42.56
CA ASP C 475 27.13 8.10 42.35
C ASP C 475 27.38 8.42 40.87
N TRP C 476 26.49 7.97 40.00
CA TRP C 476 26.58 8.33 38.59
C TRP C 476 25.76 9.59 38.31
N PRO C 477 26.42 10.64 37.82
CA PRO C 477 25.72 11.89 37.50
C PRO C 477 24.57 11.71 36.49
N GLU C 478 23.45 12.40 36.72
CA GLU C 478 22.27 12.29 35.88
C GLU C 478 22.52 12.95 34.53
N GLN C 479 23.63 13.67 34.44
CA GLN C 479 24.10 14.24 33.18
C GLN C 479 25.58 13.92 33.01
N GLY C 480 25.93 13.25 31.92
CA GLY C 480 27.31 12.94 31.64
C GLY C 480 27.86 11.79 32.47
N VAL C 481 29.19 11.79 32.64
CA VAL C 481 29.88 10.67 33.27
C VAL C 481 30.66 11.12 34.52
N PRO C 482 31.00 10.16 35.39
CA PRO C 482 31.82 10.43 36.57
C PRO C 482 33.10 11.19 36.24
N LYS C 483 33.52 12.07 37.15
CA LYS C 483 34.76 12.80 36.94
C LYS C 483 35.95 11.86 37.01
N THR C 484 35.92 10.97 38.00
CA THR C 484 36.92 9.93 38.16
C THR C 484 36.30 8.54 38.11
N GLY C 485 37.13 7.54 37.87
CA GLY C 485 36.62 6.18 37.87
C GLY C 485 36.95 5.50 39.19
N GLU C 486 37.54 6.27 40.11
CA GLU C 486 37.96 5.74 41.39
C GLU C 486 36.86 4.97 42.08
N GLY C 487 35.70 5.59 42.22
CA GLY C 487 34.58 4.97 42.89
C GLY C 487 34.04 3.80 42.11
N PHE C 488 33.98 3.95 40.79
CA PHE C 488 33.41 2.92 39.95
C PHE C 488 34.31 1.69 39.85
N ILE C 489 35.61 1.93 39.79
CA ILE C 489 36.60 0.85 39.78
C ILE C 489 36.44 0.00 41.03
N ASP C 490 36.39 0.66 42.19
CA ASP C 490 36.18 -0.05 43.44
C ASP C 490 34.87 -0.81 43.48
N PHE C 491 33.85 -0.24 42.87
CA PHE C 491 32.54 -0.87 42.83
C PHE C 491 32.63 -2.20 42.12
N ILE C 492 33.23 -2.19 40.94
CA ILE C 492 33.46 -3.40 40.17
C ILE C 492 34.24 -4.42 40.96
N GLY C 493 35.22 -3.96 41.73
CA GLY C 493 35.98 -4.83 42.59
C GLY C 493 35.13 -5.51 43.65
N GLN C 494 34.26 -4.74 44.30
CA GLN C 494 33.43 -5.29 45.36
C GLN C 494 32.46 -6.33 44.82
N VAL C 495 31.89 -6.05 43.66
CA VAL C 495 30.97 -6.98 43.03
C VAL C 495 31.64 -8.31 42.72
N HIS C 496 32.82 -8.24 42.13
CA HIS C 496 33.52 -9.46 41.76
C HIS C 496 34.16 -10.16 42.94
N LYS C 497 34.59 -9.39 43.93
CA LYS C 497 35.11 -9.98 45.15
C LYS C 497 34.01 -10.75 45.87
N THR C 498 32.80 -10.19 45.85
CA THR C 498 31.65 -10.83 46.48
C THR C 498 31.27 -12.12 45.77
N LYS C 499 31.24 -12.08 44.44
CA LYS C 499 30.97 -13.24 43.62
C LYS C 499 31.95 -14.37 43.95
N GLU C 500 33.22 -14.02 44.14
CA GLU C 500 34.24 -15.02 44.43
C GLU C 500 34.10 -15.58 45.85
N GLN C 501 33.94 -14.70 46.83
CA GLN C 501 33.95 -15.13 48.23
C GLN C 501 32.80 -16.07 48.58
N PHE C 502 31.69 -15.96 47.88
CA PHE C 502 30.51 -16.77 48.19
C PHE C 502 30.27 -17.94 47.26
N GLY C 503 31.14 -18.13 46.28
CA GLY C 503 31.01 -19.23 45.35
C GLY C 503 29.76 -19.15 44.49
N GLN C 504 29.54 -17.98 43.91
CA GLN C 504 28.39 -17.79 43.02
C GLN C 504 28.81 -18.12 41.58
N ASP C 505 28.36 -19.27 41.09
CA ASP C 505 28.84 -19.79 39.81
C ASP C 505 28.14 -19.18 38.60
N GLY C 506 26.96 -18.65 38.83
CA GLY C 506 26.13 -18.12 37.76
C GLY C 506 26.63 -16.80 37.20
N PRO C 507 25.92 -16.27 36.21
CA PRO C 507 26.25 -14.99 35.60
C PRO C 507 25.93 -13.80 36.53
N ILE C 508 26.48 -12.64 36.19
CA ILE C 508 26.20 -11.43 36.90
C ILE C 508 25.24 -10.58 36.08
N THR C 509 24.04 -10.35 36.63
CA THR C 509 23.02 -9.59 35.93
C THR C 509 23.24 -8.11 36.08
N VAL C 510 23.45 -7.42 34.97
CA VAL C 510 23.74 -5.98 35.01
C VAL C 510 22.68 -5.18 34.27
N HIS C 511 22.14 -4.13 34.89
CA HIS C 511 21.18 -3.30 34.18
C HIS C 511 21.31 -1.82 34.46
N CYS C 512 21.00 -1.03 33.44
CA CYS C 512 20.93 0.42 33.55
C CYS C 512 19.57 0.85 33.03
N SER C 513 19.55 1.85 32.15
CA SER C 513 18.27 2.26 31.57
C SER C 513 17.84 1.24 30.53
N ALA C 514 18.48 1.28 29.37
CA ALA C 514 18.19 0.36 28.28
C ALA C 514 19.03 -0.91 28.35
N GLY C 515 20.05 -0.91 29.19
CA GLY C 515 20.93 -2.06 29.33
C GLY C 515 22.05 -2.10 28.32
N VAL C 516 22.49 -0.94 27.84
CA VAL C 516 23.56 -0.94 26.86
C VAL C 516 24.66 0.08 27.15
N GLY C 517 24.29 1.23 27.71
CA GLY C 517 25.22 2.31 27.97
C GLY C 517 26.10 2.14 29.20
N ARG C 518 25.55 2.40 30.37
CA ARG C 518 26.33 2.26 31.60
C ARG C 518 26.69 0.80 31.81
N THR C 519 25.80 -0.09 31.39
CA THR C 519 26.01 -1.52 31.50
C THR C 519 27.22 -1.93 30.67
N GLY C 520 27.32 -1.35 29.49
CA GLY C 520 28.48 -1.57 28.64
C GLY C 520 29.76 -1.21 29.35
N VAL C 521 29.79 -0.02 29.99
CA VAL C 521 30.97 0.47 30.69
C VAL C 521 31.37 -0.45 31.83
N PHE C 522 30.39 -0.90 32.60
CA PHE C 522 30.67 -1.82 33.71
C PHE C 522 31.32 -3.08 33.18
N ILE C 523 30.68 -3.72 32.20
CA ILE C 523 31.16 -4.98 31.66
C ILE C 523 32.47 -4.81 30.89
N THR C 524 32.58 -3.75 30.11
CA THR C 524 33.83 -3.41 29.43
C THR C 524 34.99 -3.26 30.43
N LEU C 525 34.78 -2.49 31.50
CA LEU C 525 35.85 -2.32 32.47
C LEU C 525 36.15 -3.58 33.24
N SER C 526 35.12 -4.34 33.56
CA SER C 526 35.32 -5.61 34.26
C SER C 526 36.29 -6.52 33.51
N ILE C 527 36.21 -6.51 32.19
CA ILE C 527 37.05 -7.38 31.35
C ILE C 527 38.41 -6.75 31.12
N VAL C 528 38.42 -5.49 30.71
CA VAL C 528 39.66 -4.82 30.40
C VAL C 528 40.58 -4.75 31.61
N LEU C 529 40.04 -4.46 32.79
CA LEU C 529 40.88 -4.33 33.98
C LEU C 529 41.51 -5.65 34.41
N GLU C 530 40.77 -6.75 34.31
CA GLU C 530 41.33 -8.04 34.71
C GLU C 530 42.40 -8.49 33.71
N ARG C 531 42.13 -8.30 32.43
CA ARG C 531 43.11 -8.64 31.41
C ARG C 531 44.37 -7.80 31.55
N MET C 532 44.21 -6.55 31.95
CA MET C 532 45.34 -5.66 32.14
C MET C 532 46.19 -6.15 33.31
N ARG C 533 45.51 -6.71 34.30
CA ARG C 533 46.20 -7.22 35.49
C ARG C 533 46.97 -8.50 35.17
N TYR C 534 46.44 -9.33 34.28
CA TYR C 534 47.05 -10.63 34.01
C TYR C 534 47.89 -10.67 32.75
N GLU C 535 47.61 -9.79 31.81
CA GLU C 535 48.31 -9.82 30.53
C GLU C 535 49.07 -8.55 30.21
N GLY C 536 48.88 -7.52 31.02
CA GLY C 536 49.64 -6.29 30.83
C GLY C 536 49.38 -5.57 29.53
N VAL C 537 48.22 -5.81 28.93
CA VAL C 537 47.85 -5.12 27.68
C VAL C 537 46.45 -4.56 27.81
N VAL C 538 46.12 -3.61 26.94
CA VAL C 538 44.79 -3.00 26.92
C VAL C 538 44.24 -2.91 25.50
N ASP C 539 43.12 -3.57 25.25
CA ASP C 539 42.50 -3.44 23.94
C ASP C 539 41.07 -2.93 24.10
N MET C 540 40.92 -1.62 24.21
CA MET C 540 39.61 -1.04 24.44
C MET C 540 38.69 -1.27 23.27
N PHE C 541 39.18 -0.99 22.07
CA PHE C 541 38.36 -1.13 20.87
C PHE C 541 37.80 -2.55 20.68
N GLN C 542 38.68 -3.55 20.74
CA GLN C 542 38.27 -4.93 20.52
C GLN C 542 37.31 -5.42 21.57
N THR C 543 37.44 -4.89 22.78
CA THR C 543 36.55 -5.29 23.86
C THR C 543 35.12 -4.83 23.59
N VAL C 544 34.94 -3.58 23.18
CA VAL C 544 33.61 -3.05 22.90
C VAL C 544 33.00 -3.72 21.67
N LYS C 545 33.80 -3.94 20.64
CA LYS C 545 33.33 -4.60 19.43
C LYS C 545 32.84 -6.02 19.72
N THR C 546 33.55 -6.74 20.57
CA THR C 546 33.17 -8.08 20.99
C THR C 546 31.86 -8.09 21.78
N LEU C 547 31.67 -7.09 22.64
CA LEU C 547 30.43 -6.97 23.41
C LEU C 547 29.29 -6.68 22.49
N ARG C 548 29.52 -5.84 21.48
CA ARG C 548 28.49 -5.47 20.53
C ARG C 548 28.09 -6.61 19.61
N THR C 549 28.85 -7.70 19.62
CA THR C 549 28.49 -8.87 18.82
C THR C 549 27.53 -9.77 19.57
N GLN C 550 27.27 -9.45 20.83
CA GLN C 550 26.36 -10.24 21.65
C GLN C 550 25.15 -9.45 22.12
N ARG C 551 25.27 -8.14 22.10
CA ARG C 551 24.14 -7.25 22.38
C ARG C 551 24.47 -5.92 21.76
N PRO C 552 23.54 -5.35 20.97
CA PRO C 552 23.82 -4.17 20.17
C PRO C 552 24.09 -2.89 20.96
N ALA C 553 24.96 -2.04 20.42
CA ALA C 553 25.21 -0.69 20.92
C ALA C 553 25.75 -0.62 22.35
N MET C 554 26.50 -1.62 22.79
CA MET C 554 27.13 -1.56 24.10
C MET C 554 28.16 -0.42 24.15
N VAL C 555 28.14 0.32 25.25
CA VAL C 555 28.90 1.57 25.39
C VAL C 555 28.40 2.54 24.32
N GLN C 556 27.41 3.33 24.72
CA GLN C 556 26.55 4.07 23.79
C GLN C 556 27.07 5.44 23.36
N THR C 557 27.80 6.12 24.25
CA THR C 557 28.24 7.48 23.95
C THR C 557 29.75 7.60 24.02
N GLU C 558 30.31 8.62 23.37
CA GLU C 558 31.76 8.76 23.33
C GLU C 558 32.37 9.04 24.69
N ASP C 559 31.71 9.84 25.50
CA ASP C 559 32.24 10.16 26.82
C ASP C 559 32.22 8.95 27.75
N GLN C 560 31.35 8.00 27.46
CA GLN C 560 31.36 6.72 28.18
C GLN C 560 32.58 5.92 27.80
N TYR C 561 32.93 5.99 26.51
CA TYR C 561 34.11 5.33 25.98
C TYR C 561 35.39 5.94 26.55
N GLN C 562 35.46 7.26 26.57
CA GLN C 562 36.56 7.96 27.22
C GLN C 562 36.72 7.55 28.68
N LEU C 563 35.59 7.41 29.36
CA LEU C 563 35.57 7.04 30.77
C LEU C 563 36.22 5.68 30.94
N CYS C 564 36.01 4.80 29.98
CA CYS C 564 36.63 3.49 30.05
C CYS C 564 38.15 3.63 30.00
N TYR C 565 38.65 4.47 29.09
CA TYR C 565 40.08 4.70 28.99
C TYR C 565 40.63 5.31 30.26
N ARG C 566 39.96 6.35 30.76
CA ARG C 566 40.38 7.01 31.98
C ARG C 566 40.44 6.06 33.16
N ALA C 567 39.42 5.24 33.34
CA ALA C 567 39.40 4.29 34.44
C ALA C 567 40.57 3.31 34.35
N ALA C 568 40.85 2.86 33.14
CA ALA C 568 41.97 1.96 32.90
C ALA C 568 43.27 2.59 33.34
N LEU C 569 43.47 3.85 32.96
CA LEU C 569 44.67 4.60 33.33
C LEU C 569 44.79 4.80 34.84
N GLU C 570 43.66 5.05 35.50
CA GLU C 570 43.65 5.20 36.95
C GLU C 570 43.97 3.88 37.64
N TYR C 571 43.40 2.78 37.13
CA TYR C 571 43.64 1.46 37.70
C TYR C 571 45.09 1.06 37.60
N LEU C 572 45.72 1.44 36.50
CA LEU C 572 47.14 1.14 36.28
C LEU C 572 48.00 1.86 37.33
N GLY C 573 47.59 3.07 37.68
CA GLY C 573 48.31 3.86 38.65
C GLY C 573 48.38 3.23 40.02
N SER C 574 47.50 2.27 40.29
CA SER C 574 47.45 1.63 41.60
C SER C 574 48.38 0.42 41.74
N PHE C 575 49.23 0.19 40.73
CA PHE C 575 50.15 -0.95 40.77
C PHE C 575 51.57 -0.56 41.20
N ASP C 576 52.43 -1.57 41.30
CA ASP C 576 53.76 -1.40 41.90
C ASP C 576 54.72 -0.63 40.99
N HIS C 577 54.85 -1.10 39.76
CA HIS C 577 55.77 -0.48 38.81
C HIS C 577 55.42 0.98 38.56
N HIS D 1 -13.76 -7.26 -5.29
CA HIS D 1 -13.35 -8.58 -5.68
C HIS D 1 -13.15 -8.64 -7.19
N MET D 2 -12.11 -9.32 -7.65
CA MET D 2 -11.84 -9.38 -9.07
C MET D 2 -12.65 -10.48 -9.72
N GLY D 3 -13.96 -10.41 -9.55
CA GLY D 3 -14.87 -11.41 -10.07
C GLY D 3 -16.26 -11.26 -9.50
N SER D 4 -17.05 -12.33 -9.60
N SER D 4 -17.05 -12.33 -9.58
CA SER D 4 -18.44 -12.30 -9.16
CA SER D 4 -18.44 -12.28 -9.17
C SER D 4 -18.59 -12.24 -7.65
C SER D 4 -18.60 -12.25 -7.65
N ILE D 5 -19.52 -11.41 -7.20
CA ILE D 5 -19.85 -11.29 -5.77
C ILE D 5 -21.34 -11.57 -5.59
N PRO D 6 -21.70 -12.47 -4.67
CA PRO D 6 -23.12 -12.62 -4.30
C PRO D 6 -23.65 -11.35 -3.62
N ILE D 7 -24.87 -10.91 -3.96
CA ILE D 7 -25.40 -9.66 -3.42
C ILE D 7 -25.47 -9.64 -1.90
N THR D 8 -25.62 -10.80 -1.29
CA THR D 8 -25.68 -10.88 0.16
C THR D 8 -24.34 -10.49 0.77
N ASP D 9 -23.26 -10.74 0.05
CA ASP D 9 -21.92 -10.43 0.50
C ASP D 9 -21.42 -9.11 -0.05
N LEU D 10 -22.27 -8.40 -0.78
CA LEU D 10 -21.83 -7.17 -1.43
C LEU D 10 -21.36 -6.10 -0.45
N ALA D 11 -22.17 -5.79 0.56
CA ALA D 11 -21.80 -4.79 1.54
C ALA D 11 -20.47 -5.12 2.23
N ASP D 12 -20.28 -6.39 2.56
CA ASP D 12 -19.06 -6.84 3.22
C ASP D 12 -17.81 -6.62 2.36
N ASN D 13 -17.91 -6.90 1.08
CA ASN D 13 -16.79 -6.67 0.17
C ASN D 13 -16.41 -5.21 0.01
N ILE D 14 -17.42 -4.35 -0.04
CA ILE D 14 -17.18 -2.93 -0.25
C ILE D 14 -16.45 -2.35 0.95
N GLU D 15 -16.82 -2.77 2.16
CA GLU D 15 -16.18 -2.27 3.35
CA GLU D 15 -16.17 -2.28 3.36
C GLU D 15 -14.70 -2.64 3.36
N ARG D 16 -14.43 -3.86 2.90
CA ARG D 16 -13.10 -4.44 2.78
C ARG D 16 -12.28 -3.75 1.68
N LEU D 17 -12.94 -3.40 0.58
CA LEU D 17 -12.29 -2.62 -0.46
C LEU D 17 -11.98 -1.18 0.00
N LYS D 18 -12.84 -0.65 0.87
CA LYS D 18 -12.75 0.72 1.33
C LYS D 18 -11.73 0.93 2.43
N ALA D 19 -11.41 -0.14 3.12
CA ALA D 19 -10.53 -0.11 4.28
C ALA D 19 -9.15 0.43 3.94
N ASN D 20 -8.45 0.91 4.97
CA ASN D 20 -7.08 1.43 4.85
C ASN D 20 -6.93 2.48 3.77
N ASP D 21 -7.78 3.50 3.84
CA ASP D 21 -7.83 4.54 2.82
C ASP D 21 -8.14 3.96 1.45
N GLY D 22 -8.89 2.87 1.43
CA GLY D 22 -9.34 2.28 0.18
C GLY D 22 -8.24 1.70 -0.66
N LEU D 23 -7.29 1.02 -0.02
CA LEU D 23 -6.15 0.41 -0.70
C LEU D 23 -6.55 -0.64 -1.72
N LYS D 24 -7.32 -1.62 -1.27
CA LYS D 24 -7.80 -2.66 -2.15
C LYS D 24 -8.61 -2.12 -3.32
N PHE D 25 -9.44 -1.11 -3.07
CA PHE D 25 -10.24 -0.52 -4.14
C PHE D 25 -9.34 0.05 -5.23
N SER D 26 -8.32 0.78 -4.81
CA SER D 26 -7.37 1.38 -5.75
C SER D 26 -6.63 0.31 -6.52
N GLN D 27 -6.12 -0.69 -5.82
CA GLN D 27 -5.40 -1.79 -6.44
C GLN D 27 -6.26 -2.51 -7.47
N GLU D 28 -7.51 -2.76 -7.12
CA GLU D 28 -8.40 -3.46 -8.02
C GLU D 28 -8.65 -2.62 -9.25
N TYR D 29 -8.96 -1.33 -9.07
CA TYR D 29 -9.26 -0.47 -10.20
C TYR D 29 -8.08 -0.26 -11.14
N GLU D 30 -6.87 -0.24 -10.58
CA GLU D 30 -5.67 -0.06 -11.39
C GLU D 30 -5.33 -1.33 -12.15
N SER D 31 -5.86 -2.46 -11.69
CA SER D 31 -5.53 -3.76 -12.26
C SER D 31 -6.34 -4.13 -13.49
N ILE D 32 -7.41 -3.39 -13.73
CA ILE D 32 -8.30 -3.69 -14.85
C ILE D 32 -7.56 -3.66 -16.17
N ASP D 33 -7.58 -4.79 -16.86
CA ASP D 33 -6.85 -4.95 -18.08
C ASP D 33 -7.53 -5.96 -18.98
N PRO D 34 -8.04 -5.50 -20.13
CA PRO D 34 -8.67 -6.36 -21.13
C PRO D 34 -7.69 -7.36 -21.70
N GLY D 35 -6.40 -7.04 -21.64
CA GLY D 35 -5.38 -7.98 -22.04
C GLY D 35 -5.33 -8.22 -23.54
N GLN D 36 -5.60 -7.18 -24.31
CA GLN D 36 -5.54 -7.30 -25.75
C GLN D 36 -4.95 -6.05 -26.34
N GLN D 37 -4.56 -6.13 -27.60
CA GLN D 37 -4.11 -4.96 -28.31
C GLN D 37 -5.19 -4.61 -29.31
N PHE D 38 -5.36 -3.33 -29.59
CA PHE D 38 -6.43 -2.88 -30.44
C PHE D 38 -5.85 -2.07 -31.56
N THR D 39 -6.71 -1.67 -32.48
CA THR D 39 -6.31 -0.80 -33.56
C THR D 39 -7.29 0.38 -33.61
N TRP D 40 -6.85 1.51 -34.11
CA TRP D 40 -7.75 2.64 -34.29
C TRP D 40 -7.36 3.40 -35.55
N GLU D 41 -7.14 2.64 -36.61
CA GLU D 41 -6.74 3.21 -37.88
C GLU D 41 -7.76 4.21 -38.38
N ASN D 42 -9.04 3.90 -38.24
CA ASN D 42 -10.08 4.80 -38.71
C ASN D 42 -10.15 6.11 -37.93
N SER D 43 -9.96 6.03 -36.62
CA SER D 43 -9.98 7.24 -35.80
C SER D 43 -8.81 8.19 -36.11
N ASN D 44 -7.71 7.66 -36.63
CA ASN D 44 -6.54 8.49 -36.91
C ASN D 44 -6.48 9.06 -38.31
N LEU D 45 -7.39 8.63 -39.19
CA LEU D 45 -7.41 9.16 -40.55
C LEU D 45 -7.61 10.68 -40.53
N GLU D 46 -6.86 11.39 -41.36
CA GLU D 46 -6.86 12.84 -41.33
C GLU D 46 -8.27 13.42 -41.41
N VAL D 47 -9.12 12.79 -42.21
CA VAL D 47 -10.46 13.32 -42.42
C VAL D 47 -11.35 13.03 -41.20
N ASN D 48 -10.94 12.09 -40.36
CA ASN D 48 -11.76 11.73 -39.21
C ASN D 48 -11.32 12.35 -37.90
N LYS D 49 -10.07 12.79 -37.82
CA LYS D 49 -9.56 13.40 -36.60
C LYS D 49 -10.45 14.54 -36.09
N PRO D 50 -10.90 15.47 -36.96
CA PRO D 50 -11.80 16.52 -36.47
C PRO D 50 -13.16 16.03 -36.01
N LYS D 51 -13.48 14.75 -36.26
CA LYS D 51 -14.74 14.18 -35.84
C LYS D 51 -14.61 13.62 -34.43
N ASN D 52 -13.44 13.85 -33.83
CA ASN D 52 -13.21 13.44 -32.45
C ASN D 52 -13.23 14.67 -31.54
N ARG D 53 -14.09 14.63 -30.54
CA ARG D 53 -14.21 15.72 -29.59
C ARG D 53 -12.88 15.85 -28.82
N TYR D 54 -12.38 14.71 -28.37
CA TYR D 54 -11.07 14.63 -27.75
C TYR D 54 -10.18 13.73 -28.61
N ALA D 55 -9.07 14.27 -29.09
CA ALA D 55 -8.16 13.49 -29.91
C ALA D 55 -7.68 12.24 -29.19
N ASN D 56 -7.63 12.30 -27.87
CA ASN D 56 -7.11 11.21 -27.07
C ASN D 56 -8.17 10.22 -26.63
N VAL D 57 -9.38 10.37 -27.17
CA VAL D 57 -10.46 9.41 -26.94
C VAL D 57 -10.98 8.89 -28.28
N ILE D 58 -10.66 7.64 -28.59
CA ILE D 58 -10.93 7.12 -29.92
C ILE D 58 -11.78 5.84 -29.92
N ALA D 59 -12.15 5.38 -31.11
CA ALA D 59 -12.96 4.17 -31.26
C ALA D 59 -12.14 3.03 -31.82
N TYR D 60 -11.97 1.96 -31.03
CA TYR D 60 -11.29 0.76 -31.47
C TYR D 60 -11.96 0.25 -32.74
N ASP D 61 -11.16 -0.18 -33.70
CA ASP D 61 -11.68 -0.53 -35.00
C ASP D 61 -12.62 -1.71 -34.94
N HIS D 62 -12.32 -2.68 -34.08
CA HIS D 62 -13.07 -3.93 -34.07
C HIS D 62 -14.49 -3.77 -33.55
N SER D 63 -14.75 -2.71 -32.77
CA SER D 63 -16.05 -2.56 -32.14
C SER D 63 -16.75 -1.27 -32.50
N ARG D 64 -16.17 -0.47 -33.37
CA ARG D 64 -16.77 0.81 -33.70
C ARG D 64 -18.07 0.66 -34.46
N VAL D 65 -18.95 1.64 -34.32
CA VAL D 65 -20.18 1.67 -35.09
C VAL D 65 -19.89 2.22 -36.46
N ILE D 66 -20.20 1.43 -37.48
CA ILE D 66 -19.92 1.78 -38.87
C ILE D 66 -21.16 2.31 -39.54
N LEU D 67 -21.08 3.54 -40.02
CA LEU D 67 -22.16 4.12 -40.80
C LEU D 67 -22.06 3.60 -42.21
N THR D 68 -23.16 3.63 -42.93
CA THR D 68 -23.13 3.27 -44.34
C THR D 68 -22.32 4.33 -45.08
N SER D 69 -21.55 3.90 -46.06
CA SER D 69 -20.72 4.83 -46.81
C SER D 69 -21.54 5.71 -47.73
N ILE D 70 -21.15 6.97 -47.83
CA ILE D 70 -21.70 7.87 -48.83
C ILE D 70 -20.73 7.97 -49.99
N ASP D 71 -21.16 7.59 -51.19
CA ASP D 71 -20.29 7.59 -52.36
C ASP D 71 -19.69 8.95 -52.64
N GLY D 72 -18.36 8.98 -52.78
CA GLY D 72 -17.67 10.20 -53.14
C GLY D 72 -17.20 10.97 -51.93
N VAL D 73 -17.58 10.50 -50.75
CA VAL D 73 -17.23 11.19 -49.52
C VAL D 73 -16.42 10.29 -48.59
N PRO D 74 -15.10 10.47 -48.57
CA PRO D 74 -14.22 9.72 -47.68
C PRO D 74 -14.49 9.97 -46.19
N GLY D 75 -14.41 8.91 -45.40
CA GLY D 75 -14.66 9.01 -43.97
C GLY D 75 -16.13 9.01 -43.63
N SER D 76 -16.98 8.67 -44.59
CA SER D 76 -18.42 8.72 -44.40
C SER D 76 -18.91 7.64 -43.45
N ASP D 77 -18.07 6.66 -43.18
CA ASP D 77 -18.48 5.55 -42.34
C ASP D 77 -18.14 5.79 -40.91
N TYR D 78 -17.51 6.93 -40.62
CA TYR D 78 -16.99 7.14 -39.27
C TYR D 78 -17.80 8.04 -38.35
N ILE D 79 -17.96 7.53 -37.13
CA ILE D 79 -18.43 8.28 -36.01
C ILE D 79 -17.69 7.72 -34.79
N ASN D 80 -17.33 8.59 -33.86
CA ASN D 80 -16.71 8.13 -32.64
C ASN D 80 -17.73 7.46 -31.73
N ALA D 81 -17.91 6.15 -31.93
CA ALA D 81 -18.86 5.38 -31.14
C ALA D 81 -18.50 3.92 -31.20
N ASN D 82 -18.79 3.21 -30.11
CA ASN D 82 -18.51 1.77 -30.03
C ASN D 82 -19.70 1.03 -29.46
N TYR D 83 -19.94 -0.19 -29.91
CA TYR D 83 -20.94 -1.03 -29.28
C TYR D 83 -20.45 -1.48 -27.93
N ILE D 84 -21.33 -1.55 -26.96
CA ILE D 84 -21.00 -2.08 -25.65
C ILE D 84 -22.00 -3.15 -25.26
N ASP D 85 -21.51 -4.33 -24.88
CA ASP D 85 -22.39 -5.42 -24.46
C ASP D 85 -23.01 -5.09 -23.12
N GLY D 86 -24.25 -5.52 -22.93
CA GLY D 86 -24.89 -5.42 -21.63
C GLY D 86 -24.91 -6.79 -20.99
N TYR D 87 -25.83 -7.00 -20.06
CA TYR D 87 -25.98 -8.32 -19.44
C TYR D 87 -26.83 -9.27 -20.26
N ARG D 88 -26.20 -10.30 -20.83
CA ARG D 88 -26.89 -11.28 -21.67
C ARG D 88 -27.55 -10.57 -22.85
N LYS D 89 -26.94 -9.47 -23.29
CA LYS D 89 -27.42 -8.73 -24.44
C LYS D 89 -26.21 -8.28 -25.22
N GLN D 90 -26.17 -8.67 -26.48
CA GLN D 90 -25.05 -8.40 -27.34
C GLN D 90 -25.23 -7.03 -27.93
N ASN D 91 -24.18 -6.20 -27.90
CA ASN D 91 -24.28 -4.85 -28.47
C ASN D 91 -25.50 -4.09 -27.97
N ALA D 92 -25.78 -4.21 -26.68
CA ALA D 92 -26.97 -3.64 -26.10
C ALA D 92 -26.91 -2.13 -26.13
N TYR D 93 -25.68 -1.61 -26.07
CA TYR D 93 -25.52 -0.16 -26.04
C TYR D 93 -24.59 0.34 -27.13
N ILE D 94 -24.63 1.65 -27.35
CA ILE D 94 -23.63 2.36 -28.13
C ILE D 94 -23.09 3.52 -27.31
N ALA D 95 -21.82 3.47 -26.96
CA ALA D 95 -21.18 4.57 -26.28
C ALA D 95 -20.59 5.54 -27.30
N THR D 96 -20.97 6.82 -27.21
CA THR D 96 -20.45 7.81 -28.14
C THR D 96 -20.14 9.14 -27.43
N GLN D 97 -19.38 10.00 -28.10
CA GLN D 97 -19.11 11.35 -27.61
C GLN D 97 -20.34 12.21 -27.78
N GLY D 98 -20.42 13.31 -27.04
CA GLY D 98 -21.44 14.29 -27.32
C GLY D 98 -21.13 14.80 -28.71
N PRO D 99 -22.10 14.73 -29.64
CA PRO D 99 -21.83 15.08 -31.04
C PRO D 99 -21.31 16.49 -31.18
N LEU D 100 -20.41 16.68 -32.15
CA LEU D 100 -19.88 17.99 -32.48
C LEU D 100 -20.76 18.64 -33.53
N PRO D 101 -20.68 19.97 -33.68
CA PRO D 101 -21.50 20.63 -34.70
C PRO D 101 -21.41 20.01 -36.10
N GLU D 102 -20.25 19.49 -36.45
CA GLU D 102 -20.03 18.96 -37.79
C GLU D 102 -20.17 17.45 -37.85
N THR D 103 -20.60 16.83 -36.76
CA THR D 103 -20.87 15.39 -36.77
C THR D 103 -22.29 15.07 -36.33
N MET D 104 -23.13 16.09 -36.22
CA MET D 104 -24.50 15.87 -35.80
C MET D 104 -25.29 15.10 -36.83
N GLY D 105 -25.02 15.36 -38.10
CA GLY D 105 -25.67 14.62 -39.17
C GLY D 105 -25.36 13.14 -39.06
N ASP D 106 -24.12 12.83 -38.73
CA ASP D 106 -23.66 11.45 -38.55
C ASP D 106 -24.34 10.83 -37.36
N PHE D 107 -24.48 11.60 -36.30
CA PHE D 107 -25.10 11.14 -35.07
C PHE D 107 -26.53 10.72 -35.30
N TRP D 108 -27.32 11.55 -35.97
CA TRP D 108 -28.71 11.18 -36.22
C TRP D 108 -28.79 10.06 -37.25
N ARG D 109 -27.91 10.08 -38.23
CA ARG D 109 -27.87 9.00 -39.21
C ARG D 109 -27.49 7.69 -38.56
N MET D 110 -26.68 7.74 -37.50
CA MET D 110 -26.35 6.54 -36.75
C MET D 110 -27.59 6.02 -36.05
N VAL D 111 -28.28 6.92 -35.36
CA VAL D 111 -29.52 6.60 -34.65
C VAL D 111 -30.53 5.95 -35.60
N TRP D 112 -30.59 6.44 -36.83
CA TRP D 112 -31.51 5.90 -37.82
C TRP D 112 -31.13 4.48 -38.23
N GLU D 113 -29.92 4.32 -38.75
CA GLU D 113 -29.42 3.08 -39.28
C GLU D 113 -29.30 1.97 -38.23
N GLN D 114 -29.10 2.34 -36.98
CA GLN D 114 -28.96 1.37 -35.92
C GLN D 114 -30.33 1.04 -35.36
N ARG D 115 -31.35 1.72 -35.87
CA ARG D 115 -32.72 1.50 -35.42
C ARG D 115 -32.86 1.74 -33.93
N THR D 116 -32.20 2.78 -33.45
CA THR D 116 -32.24 3.15 -32.04
C THR D 116 -33.58 3.80 -31.68
N ALA D 117 -34.14 3.43 -30.55
CA ALA D 117 -35.36 4.06 -30.09
C ALA D 117 -35.09 4.99 -28.91
N THR D 118 -33.94 4.84 -28.27
CA THR D 118 -33.65 5.60 -27.05
C THR D 118 -32.25 6.18 -26.98
N VAL D 119 -32.16 7.50 -26.77
CA VAL D 119 -30.88 8.15 -26.53
C VAL D 119 -30.81 8.58 -25.07
N VAL D 120 -29.70 8.26 -24.41
CA VAL D 120 -29.48 8.61 -23.02
C VAL D 120 -28.35 9.63 -22.91
N MET D 121 -28.69 10.84 -22.48
CA MET D 121 -27.70 11.91 -22.32
C MET D 121 -27.35 12.09 -20.84
N MET D 122 -26.10 11.85 -20.51
CA MET D 122 -25.68 11.83 -19.11
C MET D 122 -25.09 13.11 -18.63
N THR D 123 -25.41 14.22 -19.29
CA THR D 123 -24.78 15.45 -18.90
C THR D 123 -25.65 16.62 -19.22
N ARG D 124 -25.38 17.76 -18.57
CA ARG D 124 -25.98 19.00 -18.98
C ARG D 124 -25.09 19.58 -20.06
N LEU D 125 -25.63 20.49 -20.85
CA LEU D 125 -24.89 21.11 -21.93
C LEU D 125 -23.71 21.90 -21.39
N GLU D 126 -23.93 22.56 -20.26
CA GLU D 126 -22.96 23.43 -19.63
C GLU D 126 -22.97 23.26 -18.12
N GLU D 127 -21.79 23.08 -17.52
CA GLU D 127 -21.69 22.94 -16.08
C GLU D 127 -20.66 23.91 -15.52
N LYS D 128 -21.11 24.83 -14.65
CA LYS D 128 -20.23 25.86 -14.10
C LYS D 128 -19.51 26.64 -15.20
N SER D 129 -20.25 27.15 -16.17
CA SER D 129 -19.70 27.94 -17.25
C SER D 129 -18.67 27.16 -18.10
N ARG D 130 -18.71 25.84 -17.99
CA ARG D 130 -17.85 24.98 -18.80
C ARG D 130 -18.69 24.07 -19.71
N VAL D 131 -18.45 24.21 -21.01
CA VAL D 131 -19.16 23.48 -22.04
C VAL D 131 -18.74 22.03 -22.07
N LYS D 132 -19.69 21.14 -21.80
CA LYS D 132 -19.40 19.73 -21.80
C LYS D 132 -19.83 19.08 -23.10
N CYS D 133 -20.82 19.66 -23.76
CA CYS D 133 -21.47 19.06 -24.93
C CYS D 133 -22.29 20.08 -25.71
N ASP D 134 -22.48 19.84 -27.02
CA ASP D 134 -23.29 20.72 -27.86
C ASP D 134 -24.72 20.24 -28.02
N GLN D 135 -25.68 21.17 -28.07
CA GLN D 135 -27.08 20.80 -28.29
C GLN D 135 -27.31 20.33 -29.72
N TYR D 136 -27.79 19.10 -29.86
CA TYR D 136 -27.92 18.45 -31.16
C TYR D 136 -29.36 18.20 -31.56
N TRP D 137 -30.29 18.63 -30.71
CA TRP D 137 -31.72 18.48 -30.95
C TRP D 137 -32.33 19.87 -31.11
N PRO D 138 -33.43 19.98 -31.87
CA PRO D 138 -34.09 21.28 -32.07
C PRO D 138 -34.80 21.80 -30.81
N ALA D 139 -34.66 23.10 -30.54
CA ALA D 139 -35.28 23.71 -29.39
C ALA D 139 -36.80 23.76 -29.56
N ARG D 140 -37.23 23.92 -30.80
CA ARG D 140 -38.64 23.83 -31.14
C ARG D 140 -38.77 23.46 -32.60
N GLY D 141 -39.81 22.70 -32.93
CA GLY D 141 -40.10 22.36 -34.30
C GLY D 141 -39.24 21.30 -34.94
N THR D 142 -38.80 21.57 -36.16
CA THR D 142 -38.12 20.60 -37.00
C THR D 142 -36.80 21.13 -37.53
N GLU D 143 -35.76 20.32 -37.45
CA GLU D 143 -34.47 20.66 -38.04
C GLU D 143 -33.97 19.59 -38.97
N THR D 144 -33.04 19.97 -39.83
CA THR D 144 -32.45 19.02 -40.75
C THR D 144 -30.96 18.84 -40.46
N CYS D 145 -30.61 17.67 -39.95
CA CYS D 145 -29.22 17.31 -39.69
C CYS D 145 -28.76 16.25 -40.68
N GLY D 146 -28.01 16.69 -41.69
CA GLY D 146 -27.55 15.79 -42.73
C GLY D 146 -28.70 15.26 -43.54
N LEU D 147 -28.89 13.94 -43.49
CA LEU D 147 -29.94 13.29 -44.23
C LEU D 147 -31.18 13.06 -43.38
N ILE D 148 -31.09 13.41 -42.10
CA ILE D 148 -32.18 13.16 -41.16
C ILE D 148 -32.89 14.46 -40.75
N GLN D 149 -34.21 14.40 -40.73
CA GLN D 149 -35.05 15.52 -40.36
C GLN D 149 -35.59 15.30 -38.95
N VAL D 150 -35.17 16.11 -37.99
CA VAL D 150 -35.55 15.86 -36.60
C VAL D 150 -36.65 16.78 -36.09
N THR D 151 -37.72 16.20 -35.54
CA THR D 151 -38.87 16.95 -35.07
C THR D 151 -39.10 16.77 -33.58
N LEU D 152 -39.03 17.86 -32.83
CA LEU D 152 -39.36 17.81 -31.41
C LEU D 152 -40.86 17.84 -31.18
N LEU D 153 -41.39 16.78 -30.57
CA LEU D 153 -42.81 16.66 -30.28
C LEU D 153 -43.14 17.15 -28.88
N ASP D 154 -42.34 16.73 -27.90
CA ASP D 154 -42.67 17.02 -26.51
C ASP D 154 -41.44 16.99 -25.57
N THR D 155 -41.47 17.87 -24.58
CA THR D 155 -40.45 17.92 -23.55
C THR D 155 -41.12 17.82 -22.19
N VAL D 156 -40.59 16.99 -21.31
CA VAL D 156 -41.10 16.94 -19.95
C VAL D 156 -39.96 17.11 -18.98
N GLU D 157 -39.93 18.24 -18.30
CA GLU D 157 -38.84 18.55 -17.41
C GLU D 157 -39.18 18.21 -15.96
N LEU D 158 -38.46 17.24 -15.41
CA LEU D 158 -38.61 16.89 -13.99
C LEU D 158 -37.38 17.33 -13.22
N ALA D 159 -37.41 17.15 -11.90
CA ALA D 159 -36.38 17.71 -11.03
C ALA D 159 -34.97 17.28 -11.43
N THR D 160 -34.73 15.97 -11.60
CA THR D 160 -33.37 15.52 -11.90
C THR D 160 -33.15 15.05 -13.36
N TYR D 161 -34.22 14.89 -14.14
CA TYR D 161 -34.07 14.51 -15.55
C TYR D 161 -35.14 15.07 -16.48
N THR D 162 -34.84 15.09 -17.77
CA THR D 162 -35.76 15.57 -18.80
C THR D 162 -35.98 14.53 -19.88
N VAL D 163 -37.22 14.35 -20.33
CA VAL D 163 -37.51 13.44 -21.43
C VAL D 163 -38.00 14.20 -22.66
N ARG D 164 -37.32 14.00 -23.79
CA ARG D 164 -37.76 14.61 -25.03
C ARG D 164 -38.16 13.57 -26.04
N THR D 165 -39.27 13.80 -26.71
CA THR D 165 -39.72 12.88 -27.74
C THR D 165 -39.55 13.50 -29.13
N PHE D 166 -38.89 12.76 -30.01
CA PHE D 166 -38.69 13.23 -31.38
C PHE D 166 -39.36 12.33 -32.41
N ALA D 167 -39.59 12.88 -33.59
CA ALA D 167 -39.98 12.10 -34.74
C ALA D 167 -38.88 12.21 -35.77
N LEU D 168 -38.47 11.08 -36.33
CA LEU D 168 -37.40 11.11 -37.32
C LEU D 168 -37.91 10.82 -38.73
N HIS D 169 -37.39 11.57 -39.68
CA HIS D 169 -37.62 11.32 -41.10
C HIS D 169 -36.28 11.37 -41.82
N LYS D 170 -36.04 10.39 -42.68
CA LYS D 170 -34.85 10.38 -43.51
C LYS D 170 -35.22 10.76 -44.95
N SER D 171 -34.35 11.52 -45.59
CA SER D 171 -34.58 11.96 -46.96
C SER D 171 -34.64 10.79 -47.93
N GLY D 172 -35.66 10.80 -48.80
CA GLY D 172 -35.78 9.76 -49.80
C GLY D 172 -36.65 8.61 -49.30
N SER D 173 -37.15 8.74 -48.09
CA SER D 173 -37.94 7.68 -47.46
C SER D 173 -39.27 8.20 -46.92
N SER D 174 -40.28 7.35 -46.92
CA SER D 174 -41.59 7.72 -46.37
C SER D 174 -41.78 7.15 -44.98
N GLU D 175 -40.79 6.39 -44.52
CA GLU D 175 -40.81 5.74 -43.21
C GLU D 175 -40.68 6.78 -42.09
N LYS D 176 -41.40 6.57 -41.00
CA LYS D 176 -41.24 7.41 -39.82
C LYS D 176 -40.85 6.58 -38.60
N ARG D 177 -39.86 7.05 -37.85
CA ARG D 177 -39.45 6.36 -36.63
C ARG D 177 -39.55 7.28 -35.44
N GLU D 178 -39.93 6.73 -34.29
CA GLU D 178 -40.02 7.50 -33.06
C GLU D 178 -38.74 7.35 -32.22
N LEU D 179 -38.39 8.41 -31.48
CA LEU D 179 -37.21 8.38 -30.61
C LEU D 179 -37.37 9.20 -29.32
N ARG D 180 -37.06 8.60 -28.17
CA ARG D 180 -37.06 9.34 -26.90
C ARG D 180 -35.64 9.64 -26.41
N GLN D 181 -35.44 10.83 -25.86
CA GLN D 181 -34.16 11.20 -25.26
C GLN D 181 -34.31 11.36 -23.76
N PHE D 182 -33.42 10.74 -22.99
CA PHE D 182 -33.44 10.92 -21.54
C PHE D 182 -32.19 11.65 -21.10
N GLN D 183 -32.35 12.88 -20.63
CA GLN D 183 -31.20 13.65 -20.18
C GLN D 183 -31.15 13.72 -18.65
N PHE D 184 -30.05 13.26 -18.06
CA PHE D 184 -29.86 13.31 -16.62
C PHE D 184 -29.25 14.64 -16.23
N MET D 185 -29.89 15.31 -15.27
CA MET D 185 -29.54 16.69 -14.92
C MET D 185 -28.84 16.81 -13.58
N ALA D 186 -28.72 15.72 -12.84
CA ALA D 186 -28.25 15.77 -11.46
C ALA D 186 -26.89 15.11 -11.29
N TRP D 187 -26.06 15.22 -12.31
CA TRP D 187 -24.67 14.84 -12.14
C TRP D 187 -23.91 16.11 -11.78
N PRO D 188 -23.18 16.08 -10.65
CA PRO D 188 -22.51 17.27 -10.12
C PRO D 188 -21.43 17.78 -11.05
N ASP D 189 -21.09 19.05 -10.89
CA ASP D 189 -20.08 19.70 -11.71
C ASP D 189 -18.72 19.03 -11.53
N HIS D 190 -18.45 18.56 -10.32
CA HIS D 190 -17.20 17.87 -10.00
C HIS D 190 -17.44 16.58 -9.23
N GLY D 191 -16.64 15.56 -9.54
CA GLY D 191 -16.73 14.31 -8.84
C GLY D 191 -17.97 13.54 -9.24
N VAL D 192 -18.35 12.60 -8.38
CA VAL D 192 -19.51 11.76 -8.59
C VAL D 192 -20.64 12.19 -7.67
N PRO D 193 -21.88 11.76 -7.93
CA PRO D 193 -22.98 12.11 -7.03
C PRO D 193 -22.75 11.64 -5.58
N GLU D 194 -23.21 12.42 -4.61
CA GLU D 194 -23.08 12.02 -3.21
C GLU D 194 -24.01 10.87 -2.88
N TYR D 195 -25.14 10.83 -3.54
CA TYR D 195 -26.09 9.75 -3.35
C TYR D 195 -26.46 9.14 -4.69
N PRO D 196 -26.61 7.81 -4.72
CA PRO D 196 -26.95 7.15 -5.98
C PRO D 196 -28.44 7.12 -6.23
N THR D 197 -29.22 7.68 -5.31
CA THR D 197 -30.67 7.54 -5.39
C THR D 197 -31.27 8.10 -6.69
N PRO D 198 -30.87 9.33 -7.11
CA PRO D 198 -31.46 9.81 -8.36
C PRO D 198 -31.03 9.03 -9.61
N ILE D 199 -29.75 8.69 -9.73
CA ILE D 199 -29.30 7.99 -10.92
C ILE D 199 -30.03 6.64 -11.03
N LEU D 200 -30.31 6.00 -9.90
CA LEU D 200 -31.03 4.73 -9.90
C LEU D 200 -32.45 4.91 -10.40
N ALA D 201 -33.08 6.01 -9.98
CA ALA D 201 -34.41 6.38 -10.44
C ALA D 201 -34.41 6.62 -11.94
N PHE D 202 -33.39 7.33 -12.41
CA PHE D 202 -33.21 7.62 -13.81
C PHE D 202 -33.11 6.32 -14.62
N LEU D 203 -32.26 5.41 -14.17
CA LEU D 203 -32.11 4.12 -14.81
C LEU D 203 -33.43 3.35 -14.84
N ARG D 204 -34.15 3.34 -13.72
CA ARG D 204 -35.43 2.63 -13.68
C ARG D 204 -36.43 3.18 -14.70
N ARG D 205 -36.43 4.50 -14.90
CA ARG D 205 -37.35 5.07 -15.86
C ARG D 205 -37.00 4.67 -17.27
N VAL D 206 -35.72 4.74 -17.62
CA VAL D 206 -35.27 4.40 -18.97
C VAL D 206 -35.62 2.96 -19.33
N LYS D 207 -35.35 2.04 -18.41
CA LYS D 207 -35.63 0.62 -18.64
C LYS D 207 -37.10 0.39 -18.97
N ALA D 208 -37.96 1.14 -18.31
CA ALA D 208 -39.40 1.04 -18.50
C ALA D 208 -39.81 1.53 -19.88
N CYS D 209 -39.05 2.45 -20.46
CA CYS D 209 -39.49 3.08 -21.69
C CYS D 209 -38.78 2.62 -22.95
N ASN D 210 -37.69 1.88 -22.81
CA ASN D 210 -36.97 1.38 -23.98
C ASN D 210 -37.64 0.12 -24.51
N PRO D 211 -38.24 0.18 -25.70
CA PRO D 211 -38.91 -1.01 -26.25
C PRO D 211 -37.96 -2.18 -26.48
N LEU D 212 -38.45 -3.40 -26.31
CA LEU D 212 -37.60 -4.59 -26.40
C LEU D 212 -37.26 -4.98 -27.83
N ASP D 213 -37.91 -4.38 -28.81
CA ASP D 213 -37.67 -4.77 -30.19
C ASP D 213 -36.93 -3.66 -30.92
N ALA D 214 -36.13 -2.93 -30.16
CA ALA D 214 -35.42 -1.79 -30.71
C ALA D 214 -33.95 -2.10 -30.94
N GLY D 215 -33.25 -1.24 -31.67
CA GLY D 215 -31.83 -1.38 -31.82
C GLY D 215 -31.12 -1.02 -30.53
N PRO D 216 -29.78 -0.98 -30.56
CA PRO D 216 -29.02 -0.61 -29.36
C PRO D 216 -29.30 0.80 -28.84
N MET D 217 -29.35 0.91 -27.52
CA MET D 217 -29.50 2.17 -26.84
C MET D 217 -28.25 3.02 -26.98
N VAL D 218 -28.37 4.26 -27.42
CA VAL D 218 -27.23 5.16 -27.48
C VAL D 218 -27.06 5.89 -26.16
N VAL D 219 -25.85 5.81 -25.59
CA VAL D 219 -25.53 6.52 -24.36
C VAL D 219 -24.39 7.49 -24.61
N HIS D 220 -24.53 8.72 -24.15
CA HIS D 220 -23.44 9.66 -24.36
C HIS D 220 -23.32 10.67 -23.22
N CYS D 221 -22.13 11.24 -23.08
CA CYS D 221 -21.92 12.35 -22.18
C CYS D 221 -21.07 13.35 -22.91
N SER D 222 -19.85 13.51 -22.43
CA SER D 222 -18.91 14.42 -23.05
C SER D 222 -18.04 13.64 -24.02
N ALA D 223 -17.22 12.74 -23.50
CA ALA D 223 -16.38 11.92 -24.34
C ALA D 223 -16.95 10.52 -24.53
N GLY D 224 -17.94 10.19 -23.71
CA GLY D 224 -18.59 8.91 -23.82
C GLY D 224 -17.86 7.75 -23.19
N VAL D 225 -17.16 7.99 -22.09
CA VAL D 225 -16.40 6.93 -21.42
C VAL D 225 -16.58 6.92 -19.90
N GLY D 226 -16.82 8.09 -19.31
CA GLY D 226 -16.91 8.21 -17.88
C GLY D 226 -18.29 8.00 -17.33
N ARG D 227 -19.10 9.06 -17.31
CA ARG D 227 -20.48 8.98 -16.84
C ARG D 227 -21.24 7.96 -17.67
N THR D 228 -20.92 7.95 -18.96
CA THR D 228 -21.47 6.97 -19.89
C THR D 228 -21.16 5.53 -19.47
N GLY D 229 -19.92 5.27 -19.06
CA GLY D 229 -19.52 3.99 -18.53
C GLY D 229 -20.32 3.60 -17.29
N CYS D 230 -20.49 4.55 -16.40
CA CYS D 230 -21.24 4.31 -15.17
C CYS D 230 -22.67 3.88 -15.43
N PHE D 231 -23.35 4.58 -16.34
CA PHE D 231 -24.73 4.23 -16.68
C PHE D 231 -24.82 2.80 -17.15
N ILE D 232 -23.96 2.46 -18.10
CA ILE D 232 -24.01 1.14 -18.73
C ILE D 232 -23.73 0.01 -17.75
N VAL D 233 -22.72 0.14 -16.90
CA VAL D 233 -22.39 -0.97 -16.02
C VAL D 233 -23.44 -1.10 -14.91
N ILE D 234 -23.97 0.01 -14.44
CA ILE D 234 -25.00 -0.07 -13.42
C ILE D 234 -26.26 -0.69 -14.03
N ASP D 235 -26.60 -0.24 -15.22
CA ASP D 235 -27.72 -0.79 -15.94
C ASP D 235 -27.56 -2.30 -16.14
N ALA D 236 -26.39 -2.73 -16.59
CA ALA D 236 -26.15 -4.14 -16.84
C ALA D 236 -26.19 -4.97 -15.55
N MET D 237 -25.63 -4.44 -14.47
CA MET D 237 -25.57 -5.18 -13.22
C MET D 237 -26.91 -5.20 -12.50
N LEU D 238 -27.73 -4.19 -12.72
CA LEU D 238 -29.10 -4.19 -12.20
C LEU D 238 -29.89 -5.33 -12.83
N GLU D 239 -29.64 -5.56 -14.12
CA GLU D 239 -30.26 -6.65 -14.82
C GLU D 239 -29.74 -7.98 -14.29
N ARG D 240 -28.42 -8.06 -14.09
CA ARG D 240 -27.82 -9.29 -13.60
C ARG D 240 -28.33 -9.70 -12.22
N MET D 241 -28.52 -8.71 -11.36
CA MET D 241 -29.07 -8.91 -10.03
C MET D 241 -30.48 -9.50 -10.05
N LYS D 242 -31.29 -9.07 -11.01
CA LYS D 242 -32.64 -9.57 -11.11
C LYS D 242 -32.68 -11.05 -11.47
N HIS D 243 -31.65 -11.53 -12.16
CA HIS D 243 -31.67 -12.89 -12.68
CA HIS D 243 -31.66 -12.88 -12.71
C HIS D 243 -30.76 -13.87 -11.95
N GLU D 244 -29.59 -13.40 -11.49
CA GLU D 244 -28.65 -14.34 -10.85
C GLU D 244 -28.35 -14.08 -9.38
N LYS D 245 -28.72 -12.91 -8.89
CA LYS D 245 -28.40 -12.51 -7.52
C LYS D 245 -26.89 -12.50 -7.20
N THR D 246 -26.09 -12.13 -8.20
CA THR D 246 -24.68 -11.81 -8.02
C THR D 246 -24.37 -10.59 -8.87
N VAL D 247 -23.20 -9.99 -8.65
CA VAL D 247 -22.73 -8.91 -9.51
C VAL D 247 -21.27 -9.15 -9.84
N ASP D 248 -20.87 -8.77 -11.05
CA ASP D 248 -19.49 -8.88 -11.47
C ASP D 248 -19.06 -7.56 -12.10
N ILE D 249 -18.90 -6.56 -11.26
CA ILE D 249 -18.53 -5.22 -11.70
C ILE D 249 -17.17 -5.23 -12.34
N TYR D 250 -16.22 -5.83 -11.63
CA TYR D 250 -14.85 -5.87 -12.12
C TYR D 250 -14.79 -6.52 -13.48
N GLY D 251 -15.49 -7.64 -13.63
CA GLY D 251 -15.53 -8.32 -14.90
C GLY D 251 -16.15 -7.48 -16.00
N HIS D 252 -17.25 -6.79 -15.69
CA HIS D 252 -17.98 -6.08 -16.73
C HIS D 252 -17.23 -4.90 -17.23
N VAL D 253 -16.59 -4.17 -16.31
CA VAL D 253 -15.76 -3.04 -16.67
C VAL D 253 -14.58 -3.50 -17.51
N THR D 254 -14.01 -4.65 -17.16
CA THR D 254 -12.97 -5.28 -17.97
C THR D 254 -13.43 -5.57 -19.38
N CYS D 255 -14.61 -6.16 -19.50
CA CYS D 255 -15.13 -6.47 -20.82
C CYS D 255 -15.45 -5.17 -21.58
N MET D 256 -15.98 -4.18 -20.88
CA MET D 256 -16.26 -2.88 -21.51
C MET D 256 -14.99 -2.22 -22.05
N ARG D 257 -13.87 -2.37 -21.35
CA ARG D 257 -12.61 -1.76 -21.79
C ARG D 257 -12.06 -2.38 -23.05
N SER D 258 -12.51 -3.58 -23.40
CA SER D 258 -12.05 -4.21 -24.64
C SER D 258 -12.90 -3.73 -25.82
N GLN D 259 -13.93 -2.97 -25.53
CA GLN D 259 -14.83 -2.50 -26.57
C GLN D 259 -14.68 -0.99 -26.75
N ARG D 260 -14.35 -0.28 -25.68
CA ARG D 260 -14.06 1.15 -25.78
C ARG D 260 -13.08 1.61 -24.69
N ASN D 261 -12.16 2.48 -25.05
CA ASN D 261 -11.15 2.86 -24.09
C ASN D 261 -11.72 3.63 -22.92
N TYR D 262 -11.07 3.45 -21.77
CA TYR D 262 -11.32 4.25 -20.58
C TYR D 262 -12.73 4.16 -20.04
N MET D 263 -13.46 3.12 -20.37
CA MET D 263 -14.82 3.00 -19.82
C MET D 263 -14.74 2.95 -18.30
N VAL D 264 -15.40 3.93 -17.67
CA VAL D 264 -15.21 4.25 -16.25
C VAL D 264 -13.80 4.82 -16.05
N GLN D 265 -13.62 6.13 -16.25
CA GLN D 265 -12.25 6.65 -16.37
C GLN D 265 -11.62 7.22 -15.10
N THR D 266 -12.37 7.24 -14.00
CA THR D 266 -11.79 7.60 -12.71
C THR D 266 -12.18 6.58 -11.64
N GLU D 267 -11.33 6.43 -10.63
CA GLU D 267 -11.59 5.48 -9.55
C GLU D 267 -12.84 5.82 -8.76
N ASP D 268 -13.13 7.11 -8.64
CA ASP D 268 -14.31 7.54 -7.91
C ASP D 268 -15.58 6.97 -8.55
N GLN D 269 -15.58 6.94 -9.89
CA GLN D 269 -16.69 6.36 -10.62
C GLN D 269 -16.82 4.85 -10.33
N TYR D 270 -15.68 4.16 -10.29
CA TYR D 270 -15.64 2.73 -9.97
C TYR D 270 -16.23 2.46 -8.58
N VAL D 271 -15.88 3.30 -7.61
CA VAL D 271 -16.43 3.19 -6.28
C VAL D 271 -17.93 3.55 -6.26
N PHE D 272 -18.29 4.63 -6.95
CA PHE D 272 -19.68 5.03 -7.01
C PHE D 272 -20.57 3.92 -7.57
N ILE D 273 -20.08 3.21 -8.57
CA ILE D 273 -20.83 2.11 -9.14
C ILE D 273 -21.16 1.07 -8.07
N HIS D 274 -20.17 0.72 -7.24
CA HIS D 274 -20.40 -0.20 -6.15
C HIS D 274 -21.45 0.34 -5.18
N GLU D 275 -21.33 1.62 -4.82
CA GLU D 275 -22.30 2.24 -3.91
C GLU D 275 -23.73 2.23 -4.45
N ALA D 276 -23.88 2.43 -5.76
CA ALA D 276 -25.21 2.40 -6.37
C ALA D 276 -25.82 1.00 -6.39
N LEU D 277 -25.01 0.01 -6.76
CA LEU D 277 -25.49 -1.35 -6.87
C LEU D 277 -25.79 -1.93 -5.50
N LEU D 278 -25.08 -1.45 -4.49
CA LEU D 278 -25.39 -1.80 -3.11
C LEU D 278 -26.73 -1.21 -2.65
N GLU D 279 -27.02 0.02 -3.05
CA GLU D 279 -28.30 0.59 -2.67
C GLU D 279 -29.43 -0.14 -3.35
N ALA D 280 -29.25 -0.46 -4.62
CA ALA D 280 -30.27 -1.15 -5.38
C ALA D 280 -30.55 -2.52 -4.80
N ALA D 281 -29.49 -3.16 -4.31
CA ALA D 281 -29.60 -4.48 -3.70
C ALA D 281 -30.32 -4.43 -2.37
N THR D 282 -30.23 -3.29 -1.71
CA THR D 282 -30.73 -3.11 -0.35
C THR D 282 -32.20 -2.71 -0.29
N CYS D 283 -32.62 -1.90 -1.25
CA CYS D 283 -33.95 -1.31 -1.21
C CYS D 283 -35.01 -2.09 -1.98
N GLY D 284 -34.56 -2.94 -2.89
CA GLY D 284 -35.47 -3.73 -3.71
C GLY D 284 -36.39 -2.88 -4.57
N HIS D 285 -37.62 -3.35 -4.76
CA HIS D 285 -38.57 -2.64 -5.61
C HIS D 285 -39.82 -2.25 -4.83
N THR D 286 -40.10 -0.95 -4.79
CA THR D 286 -41.15 -0.45 -3.93
C THR D 286 -42.20 0.37 -4.69
N GLU D 287 -42.08 0.39 -6.01
CA GLU D 287 -43.05 1.11 -6.83
C GLU D 287 -44.24 0.21 -7.13
N VAL D 288 -45.42 0.79 -7.11
CA VAL D 288 -46.63 0.04 -7.38
C VAL D 288 -47.60 0.89 -8.20
N PRO D 289 -48.14 0.33 -9.29
CA PRO D 289 -49.11 1.03 -10.14
C PRO D 289 -50.44 1.30 -9.42
N ALA D 290 -51.15 2.34 -9.84
CA ALA D 290 -52.40 2.73 -9.20
C ALA D 290 -53.38 1.57 -9.15
N ARG D 291 -53.31 0.73 -10.18
CA ARG D 291 -54.13 -0.46 -10.30
C ARG D 291 -53.99 -1.39 -9.09
N ASN D 292 -52.79 -1.39 -8.50
CA ASN D 292 -52.45 -2.30 -7.40
C ASN D 292 -52.31 -1.61 -6.06
N LEU D 293 -52.59 -0.31 -6.02
CA LEU D 293 -52.40 0.47 -4.81
C LEU D 293 -53.22 -0.02 -3.62
N TYR D 294 -54.50 -0.29 -3.84
CA TYR D 294 -55.36 -0.81 -2.76
C TYR D 294 -54.74 -2.08 -2.18
N ALA D 295 -54.51 -3.04 -3.07
CA ALA D 295 -54.01 -4.36 -2.67
C ALA D 295 -52.67 -4.28 -1.98
N HIS D 296 -51.80 -3.40 -2.48
CA HIS D 296 -50.47 -3.26 -1.93
C HIS D 296 -50.55 -2.83 -0.47
N ILE D 297 -51.44 -1.89 -0.17
CA ILE D 297 -51.61 -1.37 1.19
C ILE D 297 -52.16 -2.41 2.16
N GLN D 298 -53.08 -3.26 1.70
CA GLN D 298 -53.58 -4.34 2.53
C GLN D 298 -52.46 -5.29 2.94
N LYS D 299 -51.56 -5.58 2.00
CA LYS D 299 -50.42 -6.45 2.26
C LYS D 299 -49.43 -5.86 3.26
N LEU D 300 -49.29 -4.54 3.24
CA LEU D 300 -48.35 -3.85 4.12
C LEU D 300 -48.79 -3.85 5.57
N GLY D 301 -50.10 -3.98 5.80
CA GLY D 301 -50.62 -4.02 7.15
C GLY D 301 -50.56 -5.42 7.73
N GLN D 302 -49.99 -6.35 6.96
CA GLN D 302 -49.85 -7.74 7.39
C GLN D 302 -48.42 -8.07 7.83
N VAL D 303 -48.29 -9.12 8.63
CA VAL D 303 -46.98 -9.58 9.12
C VAL D 303 -46.42 -10.73 8.28
N PRO D 304 -45.32 -10.46 7.53
CA PRO D 304 -44.68 -11.41 6.62
C PRO D 304 -44.22 -12.71 7.28
N PRO D 305 -44.15 -13.80 6.51
CA PRO D 305 -43.69 -15.09 7.04
C PRO D 305 -42.25 -15.02 7.54
N GLY D 306 -42.04 -15.52 8.76
CA GLY D 306 -40.71 -15.50 9.36
C GLY D 306 -40.44 -14.17 10.02
N GLU D 307 -41.44 -13.29 10.02
CA GLU D 307 -41.30 -11.97 10.63
C GLU D 307 -42.15 -11.88 11.89
N SER D 308 -42.12 -10.72 12.53
CA SER D 308 -42.81 -10.53 13.80
C SER D 308 -43.71 -9.30 13.78
N VAL D 309 -43.45 -8.39 12.84
CA VAL D 309 -44.24 -7.18 12.73
C VAL D 309 -44.73 -6.97 11.30
N THR D 310 -45.57 -5.96 11.11
CA THR D 310 -46.19 -5.72 9.81
C THR D 310 -45.19 -5.32 8.74
N ALA D 311 -45.57 -5.54 7.48
CA ALA D 311 -44.73 -5.15 6.36
C ALA D 311 -44.55 -3.65 6.28
N MET D 312 -45.59 -2.90 6.65
CA MET D 312 -45.52 -1.45 6.72
C MET D 312 -44.44 -1.01 7.69
N GLU D 313 -44.46 -1.60 8.87
CA GLU D 313 -43.48 -1.28 9.90
C GLU D 313 -42.07 -1.61 9.40
N LEU D 314 -41.92 -2.78 8.78
CA LEU D 314 -40.63 -3.22 8.24
C LEU D 314 -40.10 -2.28 7.16
N GLU D 315 -40.99 -1.82 6.28
CA GLU D 315 -40.60 -0.91 5.21
C GLU D 315 -40.12 0.42 5.79
N PHE D 316 -40.75 0.84 6.88
CA PHE D 316 -40.37 2.08 7.54
C PHE D 316 -39.01 1.93 8.22
N LYS D 317 -38.80 0.77 8.84
CA LYS D 317 -37.52 0.46 9.48
C LYS D 317 -36.37 0.48 8.47
N LEU D 318 -36.64 0.05 7.25
CA LEU D 318 -35.61 -0.02 6.21
C LEU D 318 -35.16 1.38 5.79
N LEU D 319 -36.03 2.36 5.97
CA LEU D 319 -35.71 3.75 5.69
C LEU D 319 -34.58 4.26 6.58
N ALA D 320 -34.56 3.81 7.82
CA ALA D 320 -33.54 4.25 8.77
C ALA D 320 -32.22 3.50 8.57
N PHE D 329 -22.27 18.25 10.01
CA PHE D 329 -23.06 19.44 10.31
C PHE D 329 -22.26 20.40 11.18
N ILE D 330 -21.32 21.12 10.59
CA ILE D 330 -20.47 21.97 11.42
C ILE D 330 -21.16 23.31 11.69
N SER D 331 -21.93 23.80 10.72
CA SER D 331 -22.62 25.08 10.89
C SER D 331 -23.67 24.96 12.00
N ALA D 332 -24.25 23.77 12.10
CA ALA D 332 -25.25 23.48 13.12
C ALA D 332 -24.58 23.34 14.49
N ASN D 333 -23.30 22.98 14.48
CA ASN D 333 -22.56 22.76 15.72
C ASN D 333 -21.87 24.02 16.22
N LEU D 334 -21.93 25.07 15.42
CA LEU D 334 -21.34 26.35 15.81
C LEU D 334 -22.01 26.92 17.05
N PRO D 335 -21.19 27.42 17.99
CA PRO D 335 -21.59 28.00 19.28
C PRO D 335 -22.67 29.06 19.14
N CYS D 336 -22.53 29.88 18.10
CA CYS D 336 -23.45 30.97 17.81
C CYS D 336 -24.83 30.49 17.35
N ASN D 337 -24.94 29.20 17.06
CA ASN D 337 -26.18 28.64 16.53
C ASN D 337 -26.90 27.70 17.51
N LYS D 338 -26.33 27.53 18.69
CA LYS D 338 -26.92 26.67 19.73
C LYS D 338 -28.36 27.06 20.05
N PHE D 339 -28.61 28.36 20.09
CA PHE D 339 -29.94 28.88 20.44
C PHE D 339 -30.85 29.05 19.23
N LYS D 340 -30.37 28.69 18.04
CA LYS D 340 -31.14 28.88 16.82
C LYS D 340 -31.85 27.60 16.38
N ASN D 341 -31.67 26.53 17.13
CA ASN D 341 -32.35 25.27 16.85
C ASN D 341 -33.40 24.99 17.91
N ARG D 342 -34.65 24.85 17.48
CA ARG D 342 -35.74 24.56 18.39
C ARG D 342 -35.51 23.22 19.08
N LEU D 343 -35.11 22.22 18.30
CA LEU D 343 -34.66 20.95 18.84
C LEU D 343 -33.18 20.76 18.54
N VAL D 344 -32.44 20.30 19.55
CA VAL D 344 -31.00 20.19 19.46
C VAL D 344 -30.53 18.95 18.69
N ASN D 345 -31.44 18.02 18.42
CA ASN D 345 -31.07 16.78 17.74
C ASN D 345 -31.51 16.70 16.29
N ILE D 346 -32.12 17.77 15.79
CA ILE D 346 -32.57 17.85 14.40
C ILE D 346 -31.86 18.98 13.66
N MET D 347 -30.92 18.64 12.78
CA MET D 347 -30.09 19.63 12.10
C MET D 347 -29.99 19.40 10.58
N PRO D 348 -29.85 20.48 9.80
CA PRO D 348 -29.74 20.45 8.33
C PRO D 348 -28.41 20.00 7.74
N TYR D 349 -28.45 19.32 6.59
CA TYR D 349 -27.25 19.02 5.82
C TYR D 349 -26.57 20.29 5.29
N GLU D 350 -25.24 20.28 5.24
CA GLU D 350 -24.48 21.44 4.78
C GLU D 350 -24.70 21.75 3.30
N LEU D 351 -24.84 20.71 2.49
CA LEU D 351 -24.98 20.86 1.04
C LEU D 351 -26.31 21.47 0.61
N THR D 352 -27.40 21.06 1.25
CA THR D 352 -28.73 21.47 0.83
C THR D 352 -29.32 22.53 1.73
N ARG D 353 -28.51 23.05 2.65
CA ARG D 353 -29.00 24.07 3.57
C ARG D 353 -29.25 25.37 2.82
N VAL D 354 -30.23 26.13 3.28
CA VAL D 354 -30.56 27.41 2.68
C VAL D 354 -29.63 28.48 3.24
N CYS D 355 -28.92 29.18 2.35
CA CYS D 355 -27.92 30.13 2.83
C CYS D 355 -28.39 31.57 2.74
N LEU D 356 -28.17 32.31 3.82
CA LEU D 356 -28.48 33.72 3.90
C LEU D 356 -27.20 34.53 3.73
N GLN D 357 -27.34 35.76 3.24
CA GLN D 357 -26.21 36.67 3.15
C GLN D 357 -25.67 36.95 4.54
N PRO D 358 -24.35 36.73 4.74
CA PRO D 358 -23.75 36.91 6.06
C PRO D 358 -23.74 38.38 6.47
N ILE D 359 -23.88 38.63 7.77
CA ILE D 359 -23.85 40.00 8.29
C ILE D 359 -22.57 40.29 9.06
N VAL D 362 -21.63 39.71 13.08
CA VAL D 362 -22.61 38.78 13.62
C VAL D 362 -22.24 37.34 13.26
N GLU D 363 -21.76 36.59 14.24
CA GLU D 363 -21.38 35.19 14.04
C GLU D 363 -22.59 34.34 13.71
N GLY D 364 -22.47 33.49 12.70
CA GLY D 364 -23.54 32.59 12.34
C GLY D 364 -24.72 33.31 11.71
N SER D 365 -24.47 34.48 11.15
CA SER D 365 -25.52 35.27 10.53
C SER D 365 -25.93 34.75 9.15
N ASP D 366 -25.26 33.69 8.70
CA ASP D 366 -25.59 33.11 7.40
C ASP D 366 -26.41 31.85 7.60
N TYR D 367 -26.62 31.47 8.86
CA TYR D 367 -27.27 30.21 9.18
C TYR D 367 -28.73 30.38 9.54
N ILE D 368 -29.53 29.41 9.10
CA ILE D 368 -30.90 29.29 9.54
C ILE D 368 -31.25 27.81 9.43
N ASN D 369 -32.00 27.30 10.40
CA ASN D 369 -32.37 25.90 10.39
C ASN D 369 -33.40 25.61 9.28
N ALA D 370 -32.91 25.41 8.05
CA ALA D 370 -33.77 25.17 6.89
C ALA D 370 -33.03 24.45 5.76
N SER D 371 -33.74 23.62 5.00
CA SER D 371 -33.12 22.87 3.91
C SER D 371 -33.86 23.05 2.59
N PHE D 372 -33.13 22.97 1.49
CA PHE D 372 -33.74 22.93 0.17
C PHE D 372 -34.15 21.50 -0.18
N LEU D 373 -35.41 21.31 -0.54
CA LEU D 373 -35.89 19.99 -0.93
C LEU D 373 -36.41 20.01 -2.35
N ASP D 374 -36.13 18.96 -3.12
CA ASP D 374 -36.58 18.89 -4.50
C ASP D 374 -38.05 18.56 -4.57
N GLY D 375 -38.74 19.15 -5.54
CA GLY D 375 -40.11 18.79 -5.81
C GLY D 375 -40.16 17.76 -6.93
N TYR D 376 -41.34 17.57 -7.50
CA TYR D 376 -41.53 16.63 -8.59
C TYR D 376 -40.97 17.15 -9.90
N ARG D 377 -41.15 18.44 -10.17
CA ARG D 377 -40.76 18.99 -11.47
C ARG D 377 -39.49 19.84 -11.43
N GLN D 378 -39.19 20.42 -10.27
CA GLN D 378 -38.03 21.29 -10.18
C GLN D 378 -37.30 21.09 -8.86
N GLN D 379 -36.01 21.39 -8.87
CA GLN D 379 -35.21 21.34 -7.65
C GLN D 379 -35.42 22.58 -6.83
N LYS D 380 -35.09 22.50 -5.54
CA LYS D 380 -35.22 23.63 -4.61
C LYS D 380 -36.63 24.22 -4.64
N ALA D 381 -37.63 23.34 -4.65
CA ALA D 381 -39.02 23.73 -4.74
C ALA D 381 -39.65 23.98 -3.38
N TYR D 382 -39.02 23.47 -2.33
CA TYR D 382 -39.51 23.65 -0.97
C TYR D 382 -38.40 24.08 -0.03
N ILE D 383 -38.76 24.89 0.97
CA ILE D 383 -37.89 25.09 2.11
C ILE D 383 -38.50 24.43 3.33
N ALA D 384 -37.80 23.43 3.87
CA ALA D 384 -38.24 22.74 5.06
C ALA D 384 -37.49 23.30 6.26
N THR D 385 -38.23 23.85 7.21
CA THR D 385 -37.64 24.52 8.35
C THR D 385 -38.37 24.20 9.64
N GLN D 386 -37.75 24.52 10.77
CA GLN D 386 -38.35 24.34 12.08
C GLN D 386 -39.41 25.39 12.35
N GLY D 387 -40.27 25.16 13.34
CA GLY D 387 -41.16 26.19 13.80
C GLY D 387 -40.33 27.30 14.39
N PRO D 388 -40.40 28.50 13.78
CA PRO D 388 -39.57 29.65 14.16
C PRO D 388 -39.59 29.97 15.64
N LEU D 389 -38.43 30.30 16.19
CA LEU D 389 -38.37 30.80 17.56
C LEU D 389 -38.55 32.31 17.53
N ALA D 390 -38.90 32.89 18.67
CA ALA D 390 -39.03 34.34 18.76
C ALA D 390 -37.69 34.98 18.43
N GLU D 391 -36.63 34.27 18.80
CA GLU D 391 -35.26 34.70 18.52
C GLU D 391 -34.92 34.59 17.04
N SER D 392 -35.57 33.66 16.35
CA SER D 392 -35.24 33.38 14.96
C SER D 392 -36.29 33.95 14.00
N THR D 393 -37.21 34.73 14.54
CA THR D 393 -38.26 35.36 13.73
C THR D 393 -37.72 36.34 12.70
N GLU D 394 -36.79 37.18 13.11
CA GLU D 394 -36.18 38.17 12.22
C GLU D 394 -35.47 37.52 11.05
N ASP D 395 -34.76 36.44 11.34
CA ASP D 395 -34.05 35.67 10.32
C ASP D 395 -35.01 34.99 9.33
N PHE D 396 -36.14 34.53 9.84
CA PHE D 396 -37.14 33.83 9.04
C PHE D 396 -37.63 34.70 7.88
N TRP D 397 -37.99 35.94 8.20
CA TRP D 397 -38.48 36.87 7.19
C TRP D 397 -37.42 37.23 6.15
N ARG D 398 -36.18 37.33 6.60
CA ARG D 398 -35.07 37.67 5.70
C ARG D 398 -34.85 36.57 4.68
N MET D 399 -35.11 35.34 5.09
CA MET D 399 -34.98 34.18 4.22
C MET D 399 -36.00 34.24 3.09
N LEU D 400 -37.23 34.55 3.44
CA LEU D 400 -38.33 34.63 2.48
C LEU D 400 -38.08 35.67 1.40
N TRP D 401 -37.40 36.74 1.75
CA TRP D 401 -37.12 37.82 0.81
C TRP D 401 -35.96 37.45 -0.09
N GLU D 402 -34.87 36.96 0.50
CA GLU D 402 -33.65 36.69 -0.23
C GLU D 402 -33.78 35.53 -1.21
N HIS D 403 -34.79 34.68 -1.00
CA HIS D 403 -34.96 33.52 -1.86
C HIS D 403 -36.31 33.50 -2.55
N ASN D 404 -36.96 34.67 -2.61
CA ASN D 404 -38.21 34.84 -3.35
C ASN D 404 -39.28 33.83 -2.96
N SER D 405 -39.31 33.47 -1.68
CA SER D 405 -40.34 32.57 -1.19
C SER D 405 -41.55 33.40 -0.78
N THR D 406 -42.68 33.15 -1.43
CA THR D 406 -43.87 33.95 -1.17
C THR D 406 -45.10 33.11 -0.77
N ILE D 407 -44.87 31.84 -0.44
CA ILE D 407 -45.95 30.98 0.06
C ILE D 407 -45.48 30.17 1.26
N ILE D 408 -46.10 30.38 2.41
CA ILE D 408 -45.72 29.67 3.63
C ILE D 408 -46.76 28.64 3.99
N VAL D 409 -46.32 27.48 4.47
CA VAL D 409 -47.24 26.47 4.93
C VAL D 409 -46.95 26.11 6.39
N MET D 410 -47.90 26.43 7.26
CA MET D 410 -47.75 26.15 8.68
C MET D 410 -48.60 24.96 9.07
N LEU D 411 -47.98 23.96 9.69
CA LEU D 411 -48.67 22.70 9.92
C LEU D 411 -48.93 22.43 11.41
N THR D 412 -48.75 23.44 12.24
CA THR D 412 -49.01 23.32 13.67
C THR D 412 -49.80 24.52 14.19
N LYS D 413 -50.42 24.35 15.36
CA LYS D 413 -51.00 25.48 16.08
C LYS D 413 -49.91 26.17 16.87
N LEU D 414 -50.21 27.35 17.39
CA LEU D 414 -49.25 28.05 18.24
C LEU D 414 -48.95 27.20 19.46
N ARG D 415 -49.99 26.55 19.99
CA ARG D 415 -49.82 25.64 21.12
C ARG D 415 -50.54 24.31 20.88
N GLU D 416 -49.88 23.21 21.25
CA GLU D 416 -50.46 21.87 21.17
C GLU D 416 -50.04 21.04 22.39
N MET D 417 -50.95 20.18 22.85
CA MET D 417 -50.71 19.33 24.02
C MET D 417 -50.37 20.16 25.26
N GLY D 418 -50.88 21.39 25.31
CA GLY D 418 -50.65 22.27 26.43
C GLY D 418 -49.28 22.92 26.38
N ARG D 419 -48.54 22.69 25.30
CA ARG D 419 -47.20 23.22 25.15
C ARG D 419 -47.03 23.98 23.84
N GLU D 420 -46.09 24.90 23.80
CA GLU D 420 -45.86 25.71 22.60
C GLU D 420 -45.15 24.91 21.53
N LYS D 421 -45.72 24.91 20.32
CA LYS D 421 -45.14 24.23 19.17
C LYS D 421 -44.44 25.21 18.25
N CYS D 422 -44.94 26.43 18.22
CA CYS D 422 -44.42 27.45 17.31
C CYS D 422 -44.77 28.85 17.78
N HIS D 423 -43.84 29.77 17.60
CA HIS D 423 -44.03 31.18 17.95
C HIS D 423 -44.74 31.95 16.83
N GLN D 424 -45.56 32.92 17.23
CA GLN D 424 -46.27 33.77 16.27
C GLN D 424 -45.35 34.79 15.62
N TYR D 425 -44.86 34.47 14.43
CA TYR D 425 -43.90 35.32 13.72
C TYR D 425 -44.55 36.38 12.84
N TRP D 426 -45.88 36.42 12.84
CA TRP D 426 -46.62 37.33 11.99
C TRP D 426 -47.43 38.35 12.81
N PRO D 427 -47.61 39.57 12.26
CA PRO D 427 -48.43 40.61 12.89
C PRO D 427 -49.94 40.37 12.78
N ALA D 428 -50.66 40.74 13.83
CA ALA D 428 -52.10 40.49 13.96
C ALA D 428 -52.98 41.73 13.73
N GLU D 429 -52.63 42.86 14.35
CA GLU D 429 -53.52 44.02 14.30
C GLU D 429 -53.00 45.19 13.47
N ARG D 430 -51.70 45.47 13.55
CA ARG D 430 -51.12 46.58 12.80
C ARG D 430 -49.85 46.08 12.13
N SER D 431 -49.18 46.97 11.40
CA SER D 431 -47.93 46.63 10.75
C SER D 431 -46.89 46.27 11.81
N ALA D 432 -45.78 45.69 11.37
CA ALA D 432 -44.72 45.30 12.30
C ALA D 432 -43.35 45.43 11.63
N ARG D 433 -42.34 45.70 12.44
CA ARG D 433 -40.98 45.89 11.92
C ARG D 433 -40.06 44.71 12.20
N TYR D 434 -39.54 44.11 11.13
CA TYR D 434 -38.53 43.07 11.25
C TYR D 434 -37.25 43.51 10.52
N GLN D 435 -36.38 44.24 11.22
CA GLN D 435 -35.18 44.83 10.62
C GLN D 435 -35.54 45.70 9.42
N TYR D 436 -35.30 45.18 8.22
CA TYR D 436 -35.56 45.90 6.98
C TYR D 436 -36.99 45.73 6.48
N PHE D 437 -37.76 44.89 7.15
CA PHE D 437 -39.05 44.51 6.59
C PHE D 437 -40.24 44.98 7.42
N VAL D 438 -41.20 45.57 6.73
CA VAL D 438 -42.46 45.96 7.34
C VAL D 438 -43.52 44.99 6.87
N VAL D 439 -44.12 44.27 7.79
CA VAL D 439 -45.13 43.31 7.43
C VAL D 439 -46.51 43.84 7.77
N ASP D 440 -47.28 44.16 6.73
CA ASP D 440 -48.62 44.68 6.89
C ASP D 440 -49.65 43.61 6.63
N PRO D 441 -50.47 43.30 7.64
CA PRO D 441 -51.58 42.37 7.40
C PRO D 441 -52.56 42.96 6.39
N MET D 442 -52.73 42.23 5.30
CA MET D 442 -53.63 42.61 4.21
C MET D 442 -55.00 42.04 4.40
N ALA D 443 -55.06 40.75 4.69
CA ALA D 443 -56.33 40.03 4.76
C ALA D 443 -56.20 38.73 5.58
N GLU D 444 -57.33 38.12 5.93
CA GLU D 444 -57.33 36.83 6.63
C GLU D 444 -58.61 36.04 6.32
N TYR D 445 -58.44 34.81 5.86
CA TYR D 445 -59.56 33.99 5.45
C TYR D 445 -59.60 32.66 6.21
N ASN D 446 -60.74 32.39 6.83
CA ASN D 446 -60.91 31.18 7.63
C ASN D 446 -61.62 30.08 6.86
N MET D 447 -61.01 28.91 6.79
CA MET D 447 -61.58 27.79 6.07
C MET D 447 -61.81 26.65 7.06
N PRO D 448 -62.69 25.68 6.71
CA PRO D 448 -63.06 24.60 7.62
C PRO D 448 -61.87 23.92 8.28
N GLN D 449 -60.81 23.66 7.51
CA GLN D 449 -59.68 22.92 8.06
C GLN D 449 -58.37 23.69 7.96
N TYR D 450 -58.41 24.95 7.52
CA TYR D 450 -57.20 25.76 7.49
C TYR D 450 -57.48 27.25 7.52
N ILE D 451 -56.41 28.03 7.66
CA ILE D 451 -56.51 29.47 7.66
C ILE D 451 -55.52 30.06 6.65
N LEU D 452 -55.95 31.09 5.94
CA LEU D 452 -55.09 31.81 5.01
C LEU D 452 -54.84 33.24 5.46
N ARG D 453 -53.57 33.61 5.61
CA ARG D 453 -53.19 34.97 5.98
C ARG D 453 -52.35 35.65 4.89
N GLU D 454 -52.75 36.86 4.50
CA GLU D 454 -52.01 37.64 3.49
C GLU D 454 -51.29 38.84 4.12
N PHE D 455 -50.02 39.01 3.79
CA PHE D 455 -49.22 40.13 4.33
C PHE D 455 -48.58 40.98 3.24
N LYS D 456 -48.33 42.26 3.50
CA LYS D 456 -47.56 43.04 2.56
C LYS D 456 -46.21 43.32 3.18
N VAL D 457 -45.16 42.68 2.65
CA VAL D 457 -43.79 42.85 3.11
C VAL D 457 -43.08 43.91 2.25
N THR D 458 -42.42 44.87 2.91
CA THR D 458 -41.73 45.94 2.22
C THR D 458 -40.29 46.00 2.69
N ASP D 459 -39.36 46.00 1.74
CA ASP D 459 -37.94 46.21 2.03
C ASP D 459 -37.65 47.70 2.24
N ALA D 460 -37.27 48.07 3.45
CA ALA D 460 -37.04 49.48 3.80
C ALA D 460 -35.85 50.11 3.08
N ARG D 461 -34.98 49.28 2.51
CA ARG D 461 -33.77 49.76 1.85
C ARG D 461 -34.04 50.36 0.47
N ASP D 462 -34.88 49.70 -0.32
CA ASP D 462 -35.16 50.15 -1.69
C ASP D 462 -36.64 50.43 -1.93
N GLY D 463 -37.50 49.95 -1.04
CA GLY D 463 -38.92 50.25 -1.10
C GLY D 463 -39.74 49.26 -1.92
N GLN D 464 -39.10 48.20 -2.39
CA GLN D 464 -39.81 47.16 -3.13
C GLN D 464 -40.68 46.34 -2.19
N SER D 465 -41.81 45.86 -2.70
CA SER D 465 -42.76 45.11 -1.88
C SER D 465 -43.24 43.84 -2.58
N ARG D 466 -43.56 42.83 -1.77
CA ARG D 466 -44.12 41.58 -2.29
C ARG D 466 -45.30 41.15 -1.43
N THR D 467 -46.20 40.36 -2.03
CA THR D 467 -47.28 39.76 -1.27
C THR D 467 -46.88 38.36 -0.83
N ILE D 468 -46.84 38.14 0.47
CA ILE D 468 -46.56 36.81 1.02
C ILE D 468 -47.82 36.21 1.64
N ARG D 469 -48.14 34.97 1.29
CA ARG D 469 -49.32 34.30 1.84
C ARG D 469 -48.96 33.09 2.69
N GLN D 470 -49.69 32.94 3.79
CA GLN D 470 -49.43 31.86 4.73
C GLN D 470 -50.63 30.94 4.89
N PHE D 471 -50.41 29.66 4.68
CA PHE D 471 -51.45 28.66 4.84
C PHE D 471 -51.23 27.87 6.10
N GLN D 472 -52.12 28.03 7.08
CA GLN D 472 -51.97 27.31 8.33
C GLN D 472 -52.99 26.20 8.48
N PHE D 473 -52.51 24.97 8.54
CA PHE D 473 -53.38 23.82 8.72
C PHE D 473 -53.78 23.67 10.18
N THR D 474 -55.07 23.65 10.45
CA THR D 474 -55.57 23.67 11.82
C THR D 474 -56.19 22.36 12.27
N ASP D 475 -56.35 21.40 11.37
CA ASP D 475 -57.09 20.19 11.71
C ASP D 475 -56.19 18.99 11.97
N TRP D 476 -54.96 19.23 12.41
CA TRP D 476 -54.08 18.14 12.81
C TRP D 476 -54.21 17.85 14.30
N PRO D 477 -54.62 16.62 14.63
CA PRO D 477 -54.79 16.16 16.03
C PRO D 477 -53.49 16.27 16.82
N GLU D 478 -53.59 16.72 18.07
CA GLU D 478 -52.42 16.93 18.90
C GLU D 478 -51.80 15.61 19.35
N GLN D 479 -52.50 14.51 19.08
CA GLN D 479 -51.96 13.17 19.29
C GLN D 479 -52.15 12.29 18.06
N GLY D 480 -51.05 11.79 17.50
CA GLY D 480 -51.12 10.92 16.35
C GLY D 480 -51.37 11.65 15.04
N VAL D 481 -51.98 10.94 14.09
CA VAL D 481 -52.22 11.48 12.76
C VAL D 481 -53.71 11.43 12.45
N PRO D 482 -54.18 12.26 11.50
CA PRO D 482 -55.58 12.23 11.05
C PRO D 482 -56.08 10.86 10.59
N LYS D 483 -57.34 10.56 10.87
CA LYS D 483 -57.95 9.30 10.42
C LYS D 483 -58.14 9.26 8.90
N THR D 484 -58.61 10.37 8.33
CA THR D 484 -58.75 10.47 6.89
C THR D 484 -57.87 11.59 6.36
N GLY D 485 -57.54 11.51 5.08
CA GLY D 485 -56.68 12.51 4.47
C GLY D 485 -57.40 13.54 3.63
N GLU D 486 -58.73 13.50 3.64
CA GLU D 486 -59.57 14.38 2.83
C GLU D 486 -59.19 15.85 2.94
N GLY D 487 -59.15 16.35 4.17
CA GLY D 487 -58.88 17.75 4.42
C GLY D 487 -57.48 18.18 4.06
N PHE D 488 -56.50 17.33 4.37
CA PHE D 488 -55.11 17.68 4.13
C PHE D 488 -54.79 17.69 2.64
N ILE D 489 -55.37 16.74 1.92
CA ILE D 489 -55.21 16.67 0.47
C ILE D 489 -55.71 17.95 -0.20
N ASP D 490 -56.90 18.39 0.19
CA ASP D 490 -57.45 19.63 -0.34
C ASP D 490 -56.54 20.80 -0.01
N PHE D 491 -55.96 20.78 1.19
CA PHE D 491 -55.04 21.83 1.63
C PHE D 491 -53.80 21.87 0.72
N ILE D 492 -53.18 20.70 0.52
CA ILE D 492 -52.04 20.56 -0.38
C ILE D 492 -52.36 21.02 -1.79
N GLY D 493 -53.56 20.67 -2.25
CA GLY D 493 -54.05 21.10 -3.55
C GLY D 493 -54.21 22.60 -3.64
N GLN D 494 -54.78 23.19 -2.59
CA GLN D 494 -55.02 24.64 -2.55
C GLN D 494 -53.72 25.43 -2.50
N VAL D 495 -52.75 24.93 -1.76
CA VAL D 495 -51.44 25.57 -1.69
C VAL D 495 -50.78 25.59 -3.07
N HIS D 496 -50.80 24.46 -3.77
CA HIS D 496 -50.18 24.35 -5.09
C HIS D 496 -50.98 25.02 -6.20
N LYS D 497 -52.31 25.01 -6.08
CA LYS D 497 -53.19 25.70 -7.02
C LYS D 497 -52.91 27.20 -6.95
N THR D 498 -52.61 27.67 -5.75
CA THR D 498 -52.28 29.06 -5.53
C THR D 498 -50.98 29.44 -6.24
N LYS D 499 -49.96 28.62 -6.09
CA LYS D 499 -48.68 28.83 -6.77
C LYS D 499 -48.83 28.92 -8.27
N GLU D 500 -49.66 28.03 -8.82
CA GLU D 500 -49.86 27.95 -10.25
C GLU D 500 -50.68 29.12 -10.79
N GLN D 501 -51.82 29.38 -10.14
CA GLN D 501 -52.76 30.40 -10.60
C GLN D 501 -52.18 31.80 -10.48
N PHE D 502 -51.28 31.99 -9.52
CA PHE D 502 -50.72 33.30 -9.25
C PHE D 502 -49.34 33.51 -9.85
N GLY D 503 -48.82 32.49 -10.52
CA GLY D 503 -47.53 32.60 -11.19
C GLY D 503 -46.40 32.91 -10.24
N GLN D 504 -46.40 32.23 -9.09
CA GLN D 504 -45.33 32.36 -8.11
C GLN D 504 -44.27 31.30 -8.32
N ASP D 505 -43.13 31.71 -8.87
CA ASP D 505 -42.09 30.78 -9.29
C ASP D 505 -41.21 30.30 -8.14
N GLY D 506 -41.19 31.05 -7.06
CA GLY D 506 -40.29 30.75 -5.97
C GLY D 506 -40.67 29.50 -5.19
N PRO D 507 -39.83 29.12 -4.21
CA PRO D 507 -40.05 27.94 -3.36
C PRO D 507 -41.17 28.12 -2.33
N ILE D 508 -41.68 27.00 -1.83
CA ILE D 508 -42.73 26.98 -0.82
C ILE D 508 -42.18 26.63 0.55
N THR D 509 -42.25 27.56 1.50
CA THR D 509 -41.71 27.31 2.83
C THR D 509 -42.70 26.54 3.71
N VAL D 510 -42.28 25.36 4.16
CA VAL D 510 -43.13 24.49 4.96
C VAL D 510 -42.49 24.25 6.33
N HIS D 511 -43.22 24.49 7.42
CA HIS D 511 -42.69 24.22 8.75
C HIS D 511 -43.73 23.65 9.71
N CYS D 512 -43.27 22.78 10.61
CA CYS D 512 -44.10 22.26 11.68
C CYS D 512 -43.39 22.50 13.01
N SER D 513 -43.30 21.47 13.84
CA SER D 513 -42.58 21.60 15.09
C SER D 513 -41.09 21.61 14.81
N ALA D 514 -40.53 20.43 14.53
CA ALA D 514 -39.10 20.34 14.26
C ALA D 514 -38.80 20.56 12.78
N GLY D 515 -39.84 20.51 11.96
CA GLY D 515 -39.69 20.73 10.53
C GLY D 515 -39.24 19.49 9.80
N VAL D 516 -39.58 18.33 10.34
CA VAL D 516 -39.18 17.07 9.73
C VAL D 516 -40.35 16.08 9.68
N GLY D 517 -41.22 16.13 10.68
CA GLY D 517 -42.33 15.19 10.77
C GLY D 517 -43.45 15.51 9.81
N ARG D 518 -44.29 16.48 10.19
CA ARG D 518 -45.44 16.87 9.38
C ARG D 518 -44.99 17.50 8.07
N THR D 519 -43.88 18.21 8.11
CA THR D 519 -43.30 18.80 6.91
C THR D 519 -42.93 17.72 5.92
N GLY D 520 -42.39 16.63 6.44
CA GLY D 520 -42.06 15.48 5.62
C GLY D 520 -43.28 14.98 4.89
N VAL D 521 -44.38 14.80 5.61
CA VAL D 521 -45.62 14.28 5.03
C VAL D 521 -46.16 15.20 3.94
N PHE D 522 -46.11 16.50 4.20
CA PHE D 522 -46.58 17.50 3.23
C PHE D 522 -45.84 17.37 1.91
N ILE D 523 -44.51 17.43 1.99
CA ILE D 523 -43.68 17.39 0.81
C ILE D 523 -43.74 16.02 0.15
N THR D 524 -43.80 14.97 0.95
CA THR D 524 -43.98 13.65 0.39
C THR D 524 -45.24 13.58 -0.44
N LEU D 525 -46.35 14.03 0.13
CA LEU D 525 -47.63 13.99 -0.55
C LEU D 525 -47.68 14.96 -1.72
N SER D 526 -47.04 16.11 -1.57
CA SER D 526 -46.94 17.06 -2.68
C SER D 526 -46.32 16.42 -3.90
N ILE D 527 -45.33 15.55 -3.66
CA ILE D 527 -44.61 14.89 -4.73
C ILE D 527 -45.30 13.62 -5.23
N VAL D 528 -45.66 12.73 -4.31
CA VAL D 528 -46.25 11.44 -4.67
C VAL D 528 -47.59 11.57 -5.40
N LEU D 529 -48.44 12.46 -4.92
CA LEU D 529 -49.78 12.63 -5.48
C LEU D 529 -49.75 13.16 -6.90
N GLU D 530 -48.84 14.09 -7.20
CA GLU D 530 -48.77 14.61 -8.56
C GLU D 530 -48.24 13.57 -9.50
N ARG D 531 -47.23 12.84 -9.04
CA ARG D 531 -46.63 11.80 -9.84
C ARG D 531 -47.63 10.72 -10.17
N MET D 532 -48.48 10.41 -9.20
CA MET D 532 -49.51 9.40 -9.38
C MET D 532 -50.50 9.82 -10.45
N ARG D 533 -50.75 11.11 -10.54
CA ARG D 533 -51.69 11.64 -11.50
C ARG D 533 -51.13 11.60 -12.92
N TYR D 534 -49.83 11.83 -13.06
CA TYR D 534 -49.24 11.97 -14.38
C TYR D 534 -48.55 10.72 -14.86
N GLU D 535 -48.11 9.88 -13.93
CA GLU D 535 -47.37 8.67 -14.30
C GLU D 535 -48.10 7.42 -13.84
N GLY D 536 -49.14 7.58 -13.05
CA GLY D 536 -49.95 6.46 -12.60
C GLY D 536 -49.25 5.49 -11.67
N VAL D 537 -48.22 5.95 -10.97
CA VAL D 537 -47.50 5.09 -10.03
C VAL D 537 -47.27 5.76 -8.69
N VAL D 538 -46.95 4.95 -7.68
CA VAL D 538 -46.65 5.46 -6.34
C VAL D 538 -45.40 4.78 -5.77
N ASP D 539 -44.37 5.58 -5.51
CA ASP D 539 -43.16 5.06 -4.88
C ASP D 539 -42.91 5.81 -3.58
N MET D 540 -43.59 5.36 -2.53
CA MET D 540 -43.53 6.03 -1.25
C MET D 540 -42.11 5.99 -0.70
N PHE D 541 -41.55 4.79 -0.72
CA PHE D 541 -40.23 4.51 -0.18
C PHE D 541 -39.15 5.39 -0.80
N GLN D 542 -39.06 5.39 -2.12
CA GLN D 542 -38.04 6.14 -2.83
C GLN D 542 -38.21 7.66 -2.64
N THR D 543 -39.45 8.10 -2.53
CA THR D 543 -39.74 9.51 -2.34
C THR D 543 -39.22 9.94 -0.99
N VAL D 544 -39.52 9.15 0.03
CA VAL D 544 -39.09 9.48 1.38
C VAL D 544 -37.58 9.41 1.47
N LYS D 545 -36.99 8.40 0.83
CA LYS D 545 -35.55 8.24 0.83
C LYS D 545 -34.84 9.39 0.10
N THR D 546 -35.39 9.80 -1.03
CA THR D 546 -34.77 10.87 -1.80
C THR D 546 -34.76 12.15 -0.98
N LEU D 547 -35.85 12.39 -0.27
CA LEU D 547 -35.95 13.58 0.55
C LEU D 547 -34.95 13.54 1.69
N ARG D 548 -34.76 12.38 2.27
CA ARG D 548 -33.86 12.23 3.41
C ARG D 548 -32.40 12.42 3.02
N THR D 549 -32.12 12.47 1.73
CA THR D 549 -30.76 12.76 1.28
C THR D 549 -30.55 14.25 1.22
N GLN D 550 -31.61 15.01 1.50
CA GLN D 550 -31.55 16.46 1.44
C GLN D 550 -31.83 17.09 2.80
N ARG D 551 -32.51 16.33 3.65
CA ARG D 551 -32.73 16.73 5.03
C ARG D 551 -33.06 15.49 5.86
N PRO D 552 -32.36 15.31 6.98
CA PRO D 552 -32.50 14.08 7.78
C PRO D 552 -33.85 13.93 8.47
N ALA D 553 -34.27 12.67 8.63
CA ALA D 553 -35.44 12.28 9.42
C ALA D 553 -36.78 12.81 8.88
N MET D 554 -36.88 12.98 7.57
CA MET D 554 -38.16 13.33 6.96
C MET D 554 -39.12 12.17 7.15
N VAL D 555 -40.37 12.46 7.49
CA VAL D 555 -41.35 11.45 7.91
C VAL D 555 -40.82 10.70 9.13
N GLN D 556 -41.18 11.19 10.31
CA GLN D 556 -40.52 10.81 11.54
C GLN D 556 -41.09 9.55 12.20
N THR D 557 -42.39 9.31 12.06
CA THR D 557 -43.02 8.17 12.73
C THR D 557 -43.72 7.25 11.74
N GLU D 558 -43.98 6.01 12.15
CA GLU D 558 -44.61 5.03 11.28
C GLU D 558 -46.04 5.38 10.89
N ASP D 559 -46.80 5.92 11.84
CA ASP D 559 -48.19 6.27 11.56
C ASP D 559 -48.27 7.46 10.61
N GLN D 560 -47.21 8.25 10.57
CA GLN D 560 -47.08 9.32 9.58
C GLN D 560 -46.85 8.72 8.21
N TYR D 561 -46.05 7.66 8.17
CA TYR D 561 -45.79 6.93 6.94
C TYR D 561 -47.06 6.23 6.42
N GLN D 562 -47.76 5.56 7.32
CA GLN D 562 -49.06 4.97 7.01
C GLN D 562 -50.01 6.01 6.46
N LEU D 563 -49.98 7.20 7.04
CA LEU D 563 -50.85 8.31 6.65
C LEU D 563 -50.63 8.68 5.18
N CYS D 564 -49.38 8.61 4.76
CA CYS D 564 -49.01 8.93 3.39
C CYS D 564 -49.69 8.00 2.40
N TYR D 565 -49.70 6.71 2.71
CA TYR D 565 -50.36 5.73 1.86
C TYR D 565 -51.87 5.95 1.74
N ARG D 566 -52.52 6.12 2.90
CA ARG D 566 -53.96 6.28 2.95
C ARG D 566 -54.40 7.51 2.16
N ALA D 567 -53.66 8.59 2.34
CA ALA D 567 -53.92 9.83 1.63
C ALA D 567 -53.82 9.60 0.13
N ALA D 568 -52.78 8.87 -0.28
CA ALA D 568 -52.59 8.53 -1.68
C ALA D 568 -53.75 7.73 -2.23
N LEU D 569 -54.18 6.73 -1.45
CA LEU D 569 -55.33 5.90 -1.83
C LEU D 569 -56.62 6.71 -1.89
N GLU D 570 -56.76 7.64 -0.96
CA GLU D 570 -57.94 8.50 -0.93
C GLU D 570 -57.99 9.41 -2.14
N TYR D 571 -56.85 10.00 -2.51
CA TYR D 571 -56.76 10.89 -3.66
C TYR D 571 -57.10 10.17 -4.95
N LEU D 572 -56.73 8.91 -5.02
CA LEU D 572 -56.97 8.07 -6.19
C LEU D 572 -58.45 7.90 -6.46
N GLY D 573 -59.23 7.79 -5.39
CA GLY D 573 -60.66 7.58 -5.50
C GLY D 573 -61.38 8.70 -6.23
N SER D 574 -60.72 9.84 -6.36
CA SER D 574 -61.31 10.99 -7.03
C SER D 574 -61.06 10.99 -8.54
N PHE D 575 -60.48 9.91 -9.07
CA PHE D 575 -60.25 9.85 -10.52
C PHE D 575 -61.24 8.96 -11.25
N ASP D 576 -61.16 8.93 -12.59
CA ASP D 576 -62.18 8.30 -13.43
C ASP D 576 -62.26 6.79 -13.47
N HIS D 577 -61.15 6.14 -13.82
CA HIS D 577 -61.17 4.70 -14.01
C HIS D 577 -61.66 3.94 -12.78
N TYR D 578 -61.46 4.54 -11.60
CA TYR D 578 -61.72 3.86 -10.35
C TYR D 578 -62.84 4.52 -9.56
N ALA E 5 5.75 -28.50 9.33
CA ALA E 5 5.30 -27.33 8.60
C ALA E 5 6.33 -26.20 8.65
N LYS E 6 6.92 -25.88 7.50
CA LYS E 6 7.93 -24.83 7.44
C LYS E 6 7.30 -23.46 7.49
N LEU E 7 6.17 -23.31 6.81
CA LEU E 7 5.42 -22.06 6.82
C LEU E 7 4.27 -22.14 7.85
N THR E 8 4.09 -21.07 8.63
CA THR E 8 3.03 -21.09 9.63
C THR E 8 2.01 -19.99 9.33
N GLY E 9 0.78 -20.20 9.77
CA GLY E 9 -0.28 -19.24 9.53
C GLY E 9 -1.50 -19.51 10.39
N PRO E 10 -2.56 -18.72 10.17
CA PRO E 10 -3.83 -18.82 10.90
C PRO E 10 -4.66 -20.05 10.50
N GLY E 11 -4.11 -20.87 9.60
CA GLY E 11 -4.82 -22.07 9.16
C GLY E 11 -4.27 -23.30 9.84
N ASP E 12 -3.25 -23.10 10.67
CA ASP E 12 -2.64 -24.19 11.41
C ASP E 12 -3.63 -24.78 12.42
N LYS E 13 -3.24 -25.86 13.07
CA LYS E 13 -4.11 -26.53 14.04
C LYS E 13 -4.17 -25.77 15.36
N ASP E 14 -3.00 -25.42 15.89
CA ASP E 14 -2.90 -24.69 17.16
C ASP E 14 -3.43 -23.26 17.10
N ARG E 15 -3.42 -22.67 15.92
CA ARG E 15 -3.97 -21.32 15.73
C ARG E 15 -5.50 -21.32 15.84
N ARG E 16 -6.12 -22.30 15.19
CA ARG E 16 -7.58 -22.44 15.21
C ARG E 16 -8.04 -22.92 16.59
N ASN E 17 -7.17 -23.68 17.26
CA ASN E 17 -7.47 -24.18 18.60
C ASN E 17 -7.47 -23.06 19.65
N LYS E 18 -6.51 -22.14 19.54
CA LYS E 18 -6.40 -21.01 20.45
C LYS E 18 -7.52 -19.99 20.23
N ARG E 19 -7.82 -19.71 18.96
CA ARG E 19 -8.92 -18.81 18.60
C ARG E 19 -10.25 -19.37 19.11
N LYS E 20 -10.36 -20.69 19.11
CA LYS E 20 -11.56 -21.37 19.60
C LYS E 20 -11.74 -21.10 21.10
N HIS E 21 -10.64 -21.25 21.84
CA HIS E 21 -10.66 -21.01 23.28
C HIS E 21 -10.80 -19.52 23.62
N GLU E 22 -10.36 -18.67 22.69
CA GLU E 22 -10.43 -17.23 22.88
C GLU E 22 -11.83 -16.66 22.65
N LEU E 23 -12.54 -17.24 21.68
CA LEU E 23 -13.94 -16.87 21.44
C LEU E 23 -14.83 -17.38 22.56
N LEU E 24 -14.54 -18.58 23.05
CA LEU E 24 -15.24 -19.15 24.19
C LEU E 24 -15.01 -18.30 25.42
N GLU E 25 -13.75 -17.96 25.67
CA GLU E 25 -13.38 -17.09 26.77
C GLU E 25 -14.14 -15.78 26.66
N GLU E 26 -14.20 -15.24 25.45
CA GLU E 26 -14.90 -13.99 25.19
C GLU E 26 -16.40 -14.12 25.48
N ALA E 27 -16.96 -15.29 25.20
CA ALA E 27 -18.37 -15.54 25.43
C ALA E 27 -18.69 -15.62 26.93
N CYS E 28 -17.92 -16.40 27.66
CA CYS E 28 -18.15 -16.61 29.09
C CYS E 28 -17.67 -15.43 29.93
N ARG E 29 -16.88 -14.54 29.32
CA ARG E 29 -16.40 -13.35 30.02
C ARG E 29 -17.46 -12.27 29.94
N GLN E 30 -18.00 -12.08 28.76
CA GLN E 30 -19.03 -11.05 28.53
C GLN E 30 -20.28 -11.40 29.32
N GLY E 31 -20.49 -12.69 29.56
CA GLY E 31 -21.58 -13.15 30.41
C GLY E 31 -22.83 -13.66 29.70
N LEU E 32 -22.88 -13.48 28.38
CA LEU E 32 -24.05 -13.87 27.60
C LEU E 32 -24.35 -15.37 27.70
N PRO E 33 -25.59 -15.71 28.09
CA PRO E 33 -26.06 -17.09 28.00
C PRO E 33 -26.15 -17.48 26.53
N PHE E 34 -26.23 -18.77 26.23
CA PHE E 34 -26.24 -19.23 24.85
C PHE E 34 -27.37 -18.61 24.03
N ALA E 35 -28.54 -18.42 24.65
CA ALA E 35 -29.71 -17.93 23.94
C ALA E 35 -29.59 -16.46 23.56
N ALA E 36 -28.61 -15.76 24.14
CA ALA E 36 -28.45 -14.33 23.90
C ALA E 36 -27.42 -14.01 22.80
N TRP E 37 -26.65 -15.02 22.38
CA TRP E 37 -25.58 -14.81 21.41
C TRP E 37 -26.07 -14.30 20.06
N ASP E 38 -25.20 -13.54 19.39
CA ASP E 38 -25.56 -12.91 18.11
C ASP E 38 -25.62 -13.93 16.99
N GLY E 39 -25.96 -13.45 15.81
CA GLY E 39 -25.85 -14.24 14.61
C GLY E 39 -24.42 -14.66 14.35
N PRO E 40 -23.54 -13.66 14.08
CA PRO E 40 -22.11 -13.93 13.86
C PRO E 40 -21.46 -14.76 14.97
N THR E 41 -21.96 -14.60 16.19
CA THR E 41 -21.42 -15.30 17.34
C THR E 41 -21.67 -16.81 17.23
N VAL E 42 -22.88 -17.19 16.85
CA VAL E 42 -23.22 -18.61 16.81
C VAL E 42 -22.62 -19.30 15.59
N VAL E 43 -22.36 -18.56 14.50
CA VAL E 43 -21.79 -19.18 13.32
C VAL E 43 -20.29 -19.36 13.47
N SER E 44 -19.64 -18.50 14.25
CA SER E 44 -18.23 -18.72 14.53
C SER E 44 -18.11 -19.85 15.52
N TRP E 45 -19.18 -20.05 16.28
CA TRP E 45 -19.25 -21.18 17.21
C TRP E 45 -19.40 -22.49 16.44
N LEU E 46 -20.18 -22.49 15.36
CA LEU E 46 -20.37 -23.69 14.56
C LEU E 46 -19.09 -24.16 13.88
N GLU E 47 -18.36 -23.23 13.28
CA GLU E 47 -17.09 -23.55 12.64
C GLU E 47 -16.06 -24.09 13.62
N LEU E 48 -15.83 -23.33 14.68
CA LEU E 48 -14.67 -23.54 15.54
C LEU E 48 -14.89 -24.57 16.63
N TRP E 49 -15.98 -24.47 17.39
CA TRP E 49 -16.14 -25.37 18.51
C TRP E 49 -16.87 -26.65 18.12
N VAL E 50 -17.88 -26.53 17.27
CA VAL E 50 -18.65 -27.71 16.88
C VAL E 50 -17.92 -28.47 15.80
N GLY E 51 -17.34 -27.73 14.86
CA GLY E 51 -16.58 -28.33 13.79
C GLY E 51 -17.43 -28.82 12.64
N MET E 52 -18.38 -28.00 12.23
CA MET E 52 -19.25 -28.33 11.11
C MET E 52 -18.60 -27.92 9.79
N PRO E 53 -18.91 -28.66 8.72
CA PRO E 53 -18.41 -28.28 7.40
C PRO E 53 -19.03 -26.97 6.91
N ALA E 54 -18.37 -26.34 5.94
CA ALA E 54 -18.72 -24.98 5.53
C ALA E 54 -20.13 -24.83 4.99
N TRP E 55 -20.70 -25.88 4.44
CA TRP E 55 -22.01 -25.75 3.85
C TRP E 55 -23.09 -25.71 4.93
N TYR E 56 -22.84 -26.36 6.06
CA TYR E 56 -23.74 -26.23 7.20
C TYR E 56 -23.67 -24.83 7.77
N VAL E 57 -22.47 -24.29 7.96
CA VAL E 57 -22.33 -22.97 8.58
C VAL E 57 -22.80 -21.84 7.66
N ALA E 58 -22.89 -22.12 6.36
CA ALA E 58 -23.42 -21.15 5.41
C ALA E 58 -24.93 -21.06 5.55
N ALA E 59 -25.58 -22.20 5.73
CA ALA E 59 -27.03 -22.23 5.88
C ALA E 59 -27.44 -21.66 7.22
N CYS E 60 -26.54 -21.76 8.19
CA CYS E 60 -26.80 -21.22 9.52
C CYS E 60 -26.62 -19.71 9.52
N ARG E 61 -25.66 -19.25 8.73
CA ARG E 61 -25.39 -17.83 8.60
C ARG E 61 -26.55 -17.10 7.92
N ALA E 62 -27.35 -17.84 7.17
CA ALA E 62 -28.42 -17.24 6.40
C ALA E 62 -29.80 -17.45 7.02
N ASN E 63 -29.91 -18.37 7.96
CA ASN E 63 -31.22 -18.74 8.47
C ASN E 63 -31.38 -18.63 9.98
N VAL E 64 -30.26 -18.65 10.71
CA VAL E 64 -30.30 -18.48 12.17
C VAL E 64 -29.69 -17.15 12.62
N LYS E 65 -30.53 -16.28 13.17
CA LYS E 65 -30.13 -14.93 13.56
C LYS E 65 -29.70 -14.82 15.03
N SER E 66 -30.13 -15.79 15.84
CA SER E 66 -29.77 -15.80 17.26
C SER E 66 -29.68 -17.21 17.85
N GLY E 67 -29.00 -17.32 18.98
CA GLY E 67 -28.86 -18.59 19.67
C GLY E 67 -30.20 -19.09 20.20
N ALA E 68 -31.13 -18.16 20.42
CA ALA E 68 -32.47 -18.51 20.87
C ALA E 68 -33.19 -19.36 19.82
N ILE E 69 -33.10 -18.94 18.57
CA ILE E 69 -33.70 -19.66 17.46
C ILE E 69 -33.09 -21.04 17.36
N MET E 70 -31.77 -21.08 17.45
CA MET E 70 -30.99 -22.31 17.31
C MET E 70 -31.40 -23.32 18.37
N ALA E 71 -31.50 -22.85 19.61
CA ALA E 71 -31.82 -23.72 20.74
C ALA E 71 -33.19 -24.36 20.59
N ASN E 72 -34.14 -23.59 20.05
CA ASN E 72 -35.51 -24.06 19.91
C ASN E 72 -35.78 -24.76 18.59
N LEU E 73 -34.75 -24.90 17.77
CA LEU E 73 -34.88 -25.53 16.48
C LEU E 73 -35.23 -27.01 16.61
N SER E 74 -36.39 -27.39 16.08
CA SER E 74 -36.82 -28.78 16.16
C SER E 74 -35.97 -29.63 15.24
N ASP E 75 -36.13 -30.93 15.33
CA ASP E 75 -35.36 -31.87 14.53
C ASP E 75 -35.57 -31.64 13.03
N THR E 76 -36.82 -31.45 12.62
CA THR E 76 -37.12 -31.25 11.21
C THR E 76 -36.78 -29.83 10.74
N GLU E 77 -36.70 -28.88 11.67
CA GLU E 77 -36.35 -27.51 11.33
C GLU E 77 -34.85 -27.38 11.07
N ILE E 78 -34.07 -28.18 11.79
CA ILE E 78 -32.63 -28.24 11.60
C ILE E 78 -32.31 -28.69 10.17
N GLN E 79 -33.07 -29.66 9.71
CA GLN E 79 -32.89 -30.23 8.38
C GLN E 79 -33.09 -29.20 7.27
N ARG E 80 -33.99 -28.23 7.50
CA ARG E 80 -34.34 -27.30 6.44
C ARG E 80 -33.72 -25.90 6.59
N GLU E 81 -33.27 -25.54 7.78
CA GLU E 81 -32.64 -24.24 7.98
C GLU E 81 -31.11 -24.29 8.03
N ILE E 82 -30.57 -25.40 8.52
CA ILE E 82 -29.13 -25.59 8.53
C ILE E 82 -28.71 -26.54 7.40
N GLY E 83 -29.65 -27.34 6.95
CA GLY E 83 -29.43 -28.21 5.80
C GLY E 83 -28.91 -29.58 6.17
N ILE E 84 -29.03 -29.94 7.44
CA ILE E 84 -28.49 -31.19 7.90
C ILE E 84 -29.50 -32.33 7.77
N SER E 85 -29.31 -33.17 6.76
CA SER E 85 -30.18 -34.31 6.55
C SER E 85 -29.63 -35.53 7.27
N ASN E 86 -28.31 -35.55 7.48
CA ASN E 86 -27.64 -36.61 8.23
C ASN E 86 -28.04 -36.64 9.69
N PRO E 87 -28.69 -37.74 10.12
CA PRO E 87 -29.18 -37.87 11.49
C PRO E 87 -28.08 -37.82 12.56
N LEU E 88 -26.92 -38.40 12.29
CA LEU E 88 -25.84 -38.39 13.29
C LEU E 88 -25.19 -37.01 13.35
N HIS E 89 -25.23 -36.28 12.25
CA HIS E 89 -24.79 -34.89 12.25
C HIS E 89 -25.73 -34.04 13.10
N ARG E 90 -27.02 -34.33 13.00
CA ARG E 90 -27.99 -33.65 13.83
C ARG E 90 -27.72 -33.95 15.30
N LEU E 91 -27.50 -35.21 15.61
CA LEU E 91 -27.19 -35.63 16.97
C LEU E 91 -25.99 -34.91 17.52
N LYS E 92 -24.97 -34.76 16.68
CA LYS E 92 -23.77 -34.03 17.04
C LYS E 92 -24.15 -32.62 17.44
N LEU E 93 -25.09 -32.05 16.70
CA LEU E 93 -25.56 -30.68 16.92
C LEU E 93 -26.43 -30.52 18.16
N ARG E 94 -27.41 -31.39 18.32
CA ARG E 94 -28.30 -31.29 19.48
C ARG E 94 -27.52 -31.45 20.78
N LEU E 95 -26.56 -32.36 20.80
CA LEU E 95 -25.72 -32.55 21.98
C LEU E 95 -24.79 -31.36 22.19
N ALA E 96 -24.40 -30.71 21.11
CA ALA E 96 -23.54 -29.54 21.19
C ALA E 96 -24.28 -28.37 21.82
N ILE E 97 -25.46 -28.05 21.28
CA ILE E 97 -26.24 -26.94 21.80
C ILE E 97 -26.73 -27.25 23.21
N GLN E 98 -26.97 -28.52 23.50
CA GLN E 98 -27.42 -28.94 24.82
C GLN E 98 -26.32 -28.73 25.84
N GLU E 99 -25.11 -29.06 25.43
CA GLU E 99 -23.96 -28.94 26.33
C GLU E 99 -23.70 -27.47 26.63
N MET E 100 -23.84 -26.60 25.65
CA MET E 100 -23.60 -25.19 25.85
C MET E 100 -24.63 -24.50 26.75
N VAL E 101 -25.89 -24.87 26.61
CA VAL E 101 -26.94 -24.29 27.44
C VAL E 101 -26.73 -24.64 28.92
N SER E 102 -26.44 -25.90 29.17
CA SER E 102 -26.26 -26.40 30.54
C SER E 102 -24.96 -25.91 31.16
N LEU E 103 -24.05 -25.43 30.33
CA LEU E 103 -22.76 -24.93 30.81
C LEU E 103 -22.73 -23.41 30.84
N THR E 104 -23.75 -22.77 30.29
CA THR E 104 -23.87 -21.32 30.39
C THR E 104 -25.16 -20.93 31.12
N ASP E 150 -8.89 -32.88 24.12
CA ASP E 150 -10.31 -33.16 23.90
C ASP E 150 -10.48 -34.43 23.11
N MET E 151 -11.73 -34.89 23.02
CA MET E 151 -12.02 -36.15 22.36
C MET E 151 -13.06 -35.99 21.27
N ASN E 152 -12.65 -35.50 20.12
CA ASN E 152 -13.57 -35.33 19.00
C ASN E 152 -13.51 -36.53 18.08
N HIS E 153 -14.17 -36.42 16.93
CA HIS E 153 -14.32 -37.56 16.02
C HIS E 153 -12.98 -38.00 15.43
N GLU E 154 -12.05 -37.06 15.32
CA GLU E 154 -10.72 -37.39 14.82
C GLU E 154 -10.04 -38.29 15.83
N TRP E 155 -10.26 -38.03 17.11
CA TRP E 155 -9.70 -38.86 18.14
C TRP E 155 -10.36 -40.23 18.19
N VAL E 156 -11.68 -40.24 18.04
CA VAL E 156 -12.43 -41.47 17.98
C VAL E 156 -11.99 -42.31 16.80
N GLY E 157 -11.80 -41.64 15.66
CA GLY E 157 -11.45 -42.35 14.45
C GLY E 157 -10.02 -42.82 14.39
N ASN E 158 -9.09 -41.97 14.80
CA ASN E 158 -7.68 -42.29 14.63
C ASN E 158 -7.08 -43.01 15.85
N ASP E 159 -7.60 -42.76 17.05
CA ASP E 159 -7.03 -43.34 18.25
C ASP E 159 -7.90 -44.42 18.90
N TRP E 160 -9.09 -44.02 19.32
CA TRP E 160 -9.94 -44.87 20.16
C TRP E 160 -10.36 -46.15 19.48
N LEU E 161 -10.92 -46.01 18.29
CA LEU E 161 -11.48 -47.13 17.54
C LEU E 161 -10.45 -48.20 17.23
N PRO E 162 -9.24 -47.83 16.75
CA PRO E 162 -8.24 -48.88 16.54
C PRO E 162 -7.80 -49.59 17.81
N SER E 163 -7.80 -48.89 18.93
CA SER E 163 -7.39 -49.48 20.20
C SER E 163 -8.41 -50.50 20.66
N LEU E 164 -9.63 -50.39 20.13
CA LEU E 164 -10.66 -51.37 20.44
C LEU E 164 -10.51 -52.59 19.54
N GLY E 165 -9.58 -52.52 18.60
CA GLY E 165 -9.46 -53.54 17.60
C GLY E 165 -10.59 -53.42 16.59
N LEU E 166 -11.05 -52.20 16.38
CA LEU E 166 -12.09 -51.94 15.39
C LEU E 166 -11.74 -50.83 14.41
N PRO E 167 -10.60 -50.95 13.73
CA PRO E 167 -10.19 -49.85 12.85
C PRO E 167 -11.01 -49.75 11.57
N GLN E 168 -11.68 -50.82 11.16
CA GLN E 168 -12.42 -50.85 9.91
C GLN E 168 -13.50 -49.78 9.88
N TYR E 169 -14.07 -49.50 11.05
CA TYR E 169 -15.21 -48.61 11.14
C TYR E 169 -14.81 -47.14 11.19
N ARG E 170 -13.52 -46.88 11.05
CA ARG E 170 -13.01 -45.51 11.10
C ARG E 170 -13.72 -44.59 10.11
N SER E 171 -13.78 -44.99 8.85
CA SER E 171 -14.37 -44.20 7.79
C SER E 171 -15.78 -43.73 8.09
N TYR E 172 -16.59 -44.63 8.63
CA TYR E 172 -18.01 -44.39 8.80
C TYR E 172 -18.28 -43.53 10.01
N PHE E 173 -17.55 -43.80 11.08
CA PHE E 173 -17.63 -42.99 12.28
C PHE E 173 -17.20 -41.56 12.01
N MET E 174 -16.10 -41.40 11.29
CA MET E 174 -15.63 -40.06 11.00
C MET E 174 -16.48 -39.31 10.00
N GLU E 175 -17.04 -40.04 9.04
CA GLU E 175 -17.91 -39.44 8.04
C GLU E 175 -19.16 -38.92 8.70
N SER E 176 -19.56 -39.60 9.77
CA SER E 176 -20.74 -39.24 10.52
C SER E 176 -20.39 -38.26 11.63
N LEU E 177 -19.12 -37.87 11.71
CA LEU E 177 -18.66 -36.94 12.71
C LEU E 177 -18.99 -37.41 14.12
N VAL E 178 -18.69 -38.66 14.42
CA VAL E 178 -18.98 -39.20 15.74
C VAL E 178 -17.90 -38.88 16.75
N ASP E 179 -18.17 -37.93 17.65
CA ASP E 179 -17.26 -37.64 18.76
C ASP E 179 -17.63 -38.49 19.96
N ALA E 180 -16.87 -38.33 21.04
CA ALA E 180 -17.08 -39.11 22.25
C ALA E 180 -18.45 -38.86 22.88
N ARG E 181 -18.92 -37.62 22.79
CA ARG E 181 -20.18 -37.20 23.40
C ARG E 181 -21.38 -37.96 22.86
N MET E 182 -21.26 -38.47 21.63
CA MET E 182 -22.37 -39.11 20.93
C MET E 182 -22.45 -40.62 21.15
N LEU E 183 -21.36 -41.20 21.62
CA LEU E 183 -21.19 -42.64 21.68
C LEU E 183 -22.28 -43.39 22.43
N ASP E 184 -22.71 -42.86 23.57
CA ASP E 184 -23.73 -43.53 24.37
C ASP E 184 -25.11 -43.30 23.77
N HIS E 185 -25.22 -42.33 22.88
CA HIS E 185 -26.51 -42.00 22.29
C HIS E 185 -26.75 -42.72 20.97
N LEU E 186 -25.92 -43.71 20.67
CA LEU E 186 -26.05 -44.39 19.39
C LEU E 186 -27.10 -45.47 19.44
N ASN E 187 -28.10 -45.34 18.57
CA ASN E 187 -29.16 -46.33 18.45
C ASN E 187 -28.63 -47.62 17.86
N LYS E 188 -29.40 -48.69 17.99
CA LYS E 188 -29.04 -49.92 17.30
C LYS E 188 -29.18 -49.71 15.80
N LYS E 189 -30.15 -48.89 15.42
CA LYS E 189 -30.38 -48.61 14.00
C LYS E 189 -29.21 -47.83 13.40
N GLU E 190 -28.69 -46.90 14.17
CA GLU E 190 -27.60 -46.06 13.70
C GLU E 190 -26.30 -46.85 13.56
N LEU E 191 -26.08 -47.80 14.47
CA LEU E 191 -24.90 -48.66 14.40
C LEU E 191 -24.94 -49.63 13.23
N ARG E 192 -26.09 -50.30 13.06
CA ARG E 192 -26.27 -51.33 12.04
C ARG E 192 -26.16 -50.76 10.64
N GLY E 193 -26.91 -49.70 10.39
CA GLY E 193 -27.04 -49.14 9.06
C GLY E 193 -25.98 -48.15 8.67
N GLN E 194 -26.05 -46.98 9.29
CA GLN E 194 -25.19 -45.86 8.94
C GLN E 194 -23.71 -46.12 9.30
N LEU E 195 -23.45 -46.76 10.43
CA LEU E 195 -22.07 -47.00 10.86
C LEU E 195 -21.62 -48.41 10.51
N LYS E 196 -22.46 -49.11 9.74
CA LYS E 196 -22.11 -50.39 9.15
C LYS E 196 -21.72 -51.51 10.11
N MET E 197 -22.06 -51.42 11.40
CA MET E 197 -21.71 -52.51 12.32
C MET E 197 -22.76 -53.59 12.38
N VAL E 198 -22.74 -54.48 11.39
CA VAL E 198 -23.74 -55.53 11.30
C VAL E 198 -23.38 -56.69 12.21
N ASP E 199 -22.08 -56.89 12.44
CA ASP E 199 -21.62 -57.91 13.35
C ASP E 199 -22.02 -57.50 14.76
N SER E 200 -22.85 -58.32 15.40
CA SER E 200 -23.35 -58.00 16.73
C SER E 200 -22.24 -57.97 17.79
N PHE E 201 -21.22 -58.81 17.62
CA PHE E 201 -20.10 -58.82 18.57
C PHE E 201 -19.37 -57.50 18.58
N HIS E 202 -19.17 -56.94 17.39
CA HIS E 202 -18.51 -55.67 17.26
C HIS E 202 -19.32 -54.59 17.97
N ARG E 203 -20.65 -54.69 17.93
CA ARG E 203 -21.47 -53.73 18.66
C ARG E 203 -21.31 -53.93 20.17
N VAL E 204 -21.09 -55.17 20.58
CA VAL E 204 -20.83 -55.48 21.97
C VAL E 204 -19.47 -54.98 22.38
N SER E 205 -18.49 -55.26 21.52
CA SER E 205 -17.14 -54.79 21.72
C SER E 205 -17.16 -53.28 21.87
N LEU E 206 -17.94 -52.64 21.02
CA LEU E 206 -18.12 -51.21 21.08
C LEU E 206 -18.77 -50.84 22.41
N HIS E 207 -19.79 -51.59 22.79
CA HIS E 207 -20.54 -51.29 24.01
C HIS E 207 -19.66 -51.26 25.25
N TYR E 208 -18.79 -52.26 25.38
CA TYR E 208 -17.93 -52.33 26.55
C TYR E 208 -16.79 -51.33 26.49
N GLY E 209 -16.46 -50.88 25.29
CA GLY E 209 -15.49 -49.81 25.14
C GLY E 209 -16.04 -48.54 25.73
N ILE E 210 -17.28 -48.23 25.39
CA ILE E 210 -17.95 -47.05 25.91
C ILE E 210 -18.13 -47.11 27.43
N MET E 211 -18.51 -48.28 27.94
CA MET E 211 -18.71 -48.46 29.37
C MET E 211 -17.42 -48.16 30.11
N CYS E 212 -16.31 -48.58 29.53
CA CYS E 212 -15.00 -48.29 30.07
C CYS E 212 -14.72 -46.79 30.14
N LEU E 213 -15.10 -46.07 29.09
CA LEU E 213 -14.92 -44.62 29.07
C LEU E 213 -15.73 -43.95 30.16
N LYS E 214 -16.94 -44.43 30.38
CA LYS E 214 -17.76 -43.88 31.45
C LYS E 214 -17.14 -44.18 32.80
N ARG E 215 -16.53 -45.35 32.95
CA ARG E 215 -15.88 -45.73 34.20
C ARG E 215 -14.77 -44.75 34.52
N LEU E 216 -14.18 -44.17 33.48
CA LEU E 216 -13.06 -43.26 33.61
C LEU E 216 -13.45 -41.80 33.46
N ASN E 217 -14.76 -41.52 33.50
CA ASN E 217 -15.27 -40.15 33.36
C ASN E 217 -14.72 -39.43 32.13
N TYR E 218 -14.53 -40.18 31.06
CA TYR E 218 -14.10 -39.62 29.78
C TYR E 218 -12.80 -38.83 29.89
N ASP E 219 -11.90 -39.26 30.79
CA ASP E 219 -10.64 -38.57 30.93
C ASP E 219 -9.55 -39.24 30.09
N ARG E 220 -9.31 -38.70 28.91
CA ARG E 220 -8.32 -39.23 27.97
C ARG E 220 -6.93 -39.29 28.57
N LYS E 221 -6.55 -38.27 29.33
CA LYS E 221 -5.24 -38.23 29.96
C LYS E 221 -5.09 -39.38 30.95
N ASP E 222 -6.14 -39.60 31.73
CA ASP E 222 -6.16 -40.65 32.73
C ASP E 222 -6.10 -42.03 32.05
N LEU E 223 -6.83 -42.16 30.94
CA LEU E 223 -6.86 -43.39 30.16
C LEU E 223 -5.47 -43.73 29.64
N GLU E 224 -4.82 -42.75 29.00
CA GLU E 224 -3.50 -42.96 28.41
C GLU E 224 -2.45 -43.28 29.47
N ARG E 225 -2.57 -42.66 30.64
CA ARG E 225 -1.65 -42.91 31.74
C ARG E 225 -1.80 -44.34 32.26
N ARG E 226 -3.05 -44.72 32.46
CA ARG E 226 -3.38 -46.04 32.97
C ARG E 226 -2.88 -47.13 32.03
N ARG E 227 -2.96 -46.85 30.73
CA ARG E 227 -2.46 -47.76 29.72
C ARG E 227 -0.95 -47.92 29.81
N GLU E 228 -0.25 -46.83 30.09
CA GLU E 228 1.20 -46.83 30.20
C GLU E 228 1.68 -47.67 31.38
N GLU E 229 0.97 -47.59 32.48
CA GLU E 229 1.40 -48.23 33.72
C GLU E 229 1.06 -49.71 33.78
N SER E 230 0.35 -50.17 32.76
CA SER E 230 -0.10 -51.57 32.71
C SER E 230 0.54 -52.31 31.54
N GLN E 231 1.59 -51.74 30.97
CA GLN E 231 2.23 -52.34 29.81
C GLN E 231 3.05 -53.58 30.15
N THR E 232 3.59 -53.62 31.36
CA THR E 232 4.51 -54.69 31.71
C THR E 232 3.96 -55.66 32.77
N GLN E 233 2.80 -55.33 33.31
CA GLN E 233 2.21 -56.15 34.36
C GLN E 233 0.86 -56.70 33.93
N ILE E 234 0.29 -57.58 34.75
CA ILE E 234 -1.01 -58.14 34.46
C ILE E 234 -1.99 -57.56 35.44
N ARG E 235 -2.10 -56.24 35.44
CA ARG E 235 -3.01 -55.56 36.33
C ARG E 235 -3.86 -54.55 35.57
N ASP E 236 -5.13 -54.45 35.97
CA ASP E 236 -6.07 -53.50 35.39
C ASP E 236 -6.14 -53.62 33.88
N VAL E 237 -6.70 -54.73 33.41
CA VAL E 237 -6.75 -54.98 31.98
C VAL E 237 -7.95 -54.30 31.34
N MET E 238 -8.81 -53.72 32.17
CA MET E 238 -9.99 -53.03 31.65
C MET E 238 -9.60 -51.91 30.68
N VAL E 239 -8.38 -51.42 30.85
CA VAL E 239 -7.87 -50.29 30.09
C VAL E 239 -7.02 -50.76 28.91
N TRP E 240 -6.71 -52.06 28.89
CA TRP E 240 -5.90 -52.63 27.83
C TRP E 240 -6.45 -52.42 26.41
N SER E 241 -5.56 -52.07 25.50
CA SER E 241 -5.92 -51.89 24.11
C SER E 241 -5.79 -53.21 23.36
N ASN E 242 -6.14 -53.19 22.09
CA ASN E 242 -5.97 -54.35 21.23
C ASN E 242 -4.51 -54.74 21.10
N GLU E 243 -3.63 -53.74 21.05
CA GLU E 243 -2.19 -54.00 21.02
C GLU E 243 -1.76 -54.79 22.22
N ARG E 244 -2.09 -54.24 23.37
CA ARG E 244 -1.72 -54.78 24.67
C ARG E 244 -2.22 -56.21 24.82
N VAL E 245 -3.43 -56.45 24.33
CA VAL E 245 -3.97 -57.80 24.38
C VAL E 245 -3.20 -58.71 23.47
N MET E 246 -2.90 -58.25 22.26
CA MET E 246 -2.10 -59.03 21.34
C MET E 246 -0.73 -59.22 21.97
N GLY E 247 -0.26 -58.17 22.64
CA GLY E 247 1.03 -58.21 23.31
C GLY E 247 1.01 -59.23 24.43
N TRP E 248 -0.14 -59.37 25.07
CA TRP E 248 -0.31 -60.37 26.12
C TRP E 248 -0.28 -61.78 25.55
N VAL E 249 -1.01 -61.97 24.46
CA VAL E 249 -1.13 -63.28 23.82
C VAL E 249 0.21 -63.82 23.32
N SER E 250 1.01 -62.97 22.68
CA SER E 250 2.32 -63.42 22.20
C SER E 250 3.30 -63.70 23.35
N GLY E 251 3.05 -63.08 24.49
CA GLY E 251 3.87 -63.31 25.67
C GLY E 251 3.67 -64.68 26.27
N LEU E 252 2.52 -65.29 25.98
CA LEU E 252 2.20 -66.63 26.45
C LEU E 252 2.88 -67.68 25.60
N GLY E 253 3.43 -67.24 24.47
CA GLY E 253 4.09 -68.15 23.54
C GLY E 253 3.20 -68.43 22.36
N LEU E 254 2.23 -67.54 22.13
CA LEU E 254 1.30 -67.70 21.02
C LEU E 254 1.45 -66.57 20.01
N LYS E 255 2.68 -66.29 19.61
CA LYS E 255 2.97 -65.21 18.68
C LYS E 255 2.29 -65.39 17.32
N GLU E 256 2.03 -66.64 16.96
CA GLU E 256 1.49 -66.96 15.65
C GLU E 256 0.00 -66.71 15.51
N PHE E 257 -0.67 -66.37 16.59
CA PHE E 257 -2.10 -66.13 16.53
C PHE E 257 -2.44 -64.70 16.89
N ALA E 258 -1.51 -64.01 17.52
CA ALA E 258 -1.76 -62.67 18.03
C ALA E 258 -2.21 -61.69 16.96
N THR E 259 -1.66 -61.81 15.75
CA THR E 259 -1.99 -60.87 14.70
C THR E 259 -3.44 -61.02 14.24
N ASN E 260 -4.04 -62.18 14.52
CA ASN E 260 -5.42 -62.45 14.10
C ASN E 260 -6.44 -61.69 14.93
N LEU E 261 -5.97 -60.95 15.92
CA LEU E 261 -6.86 -60.16 16.76
C LEU E 261 -7.05 -58.77 16.19
N THR E 262 -6.33 -58.47 15.12
CA THR E 262 -6.51 -57.20 14.45
C THR E 262 -7.88 -57.20 13.80
N GLU E 263 -8.60 -56.11 13.99
CA GLU E 263 -9.96 -55.95 13.48
C GLU E 263 -10.88 -57.02 14.04
N SER E 264 -10.56 -57.53 15.23
CA SER E 264 -11.36 -58.58 15.83
C SER E 264 -12.34 -57.99 16.83
N GLY E 265 -12.03 -56.79 17.30
CA GLY E 265 -12.88 -56.12 18.28
C GLY E 265 -12.50 -56.55 19.67
N VAL E 266 -11.39 -57.26 19.79
CA VAL E 266 -10.92 -57.70 21.10
C VAL E 266 -10.07 -56.64 21.77
N HIS E 267 -10.51 -56.21 22.95
CA HIS E 267 -9.75 -55.26 23.73
C HIS E 267 -9.98 -55.55 25.21
N GLY E 268 -9.19 -54.92 26.07
CA GLY E 268 -9.21 -55.23 27.47
C GLY E 268 -10.52 -54.98 28.19
N ALA E 269 -11.22 -53.94 27.78
CA ALA E 269 -12.48 -53.59 28.42
C ALA E 269 -13.52 -54.69 28.24
N LEU E 270 -13.49 -55.35 27.08
CA LEU E 270 -14.39 -56.47 26.83
C LEU E 270 -14.10 -57.67 27.72
N LEU E 271 -12.83 -58.05 27.78
CA LEU E 271 -12.40 -59.18 28.60
C LEU E 271 -12.81 -58.96 30.06
N ALA E 272 -12.67 -57.72 30.51
CA ALA E 272 -12.84 -57.38 31.92
C ALA E 272 -14.30 -57.14 32.33
N LEU E 273 -15.14 -56.73 31.40
CA LEU E 273 -16.50 -56.32 31.75
C LEU E 273 -17.58 -57.28 31.28
N ASP E 274 -17.21 -58.25 30.44
CA ASP E 274 -18.18 -59.21 29.94
C ASP E 274 -18.00 -60.59 30.58
N GLU E 275 -19.03 -61.06 31.28
CA GLU E 275 -18.95 -62.35 31.96
C GLU E 275 -19.20 -63.52 31.02
N THR E 276 -19.91 -63.25 29.94
CA THR E 276 -20.21 -64.30 28.97
C THR E 276 -18.98 -64.63 28.12
N PHE E 277 -17.97 -63.76 28.15
CA PHE E 277 -16.78 -63.97 27.33
C PHE E 277 -15.74 -64.85 28.04
N ASP E 278 -15.60 -66.09 27.60
CA ASP E 278 -14.62 -67.00 28.19
C ASP E 278 -13.49 -67.25 27.20
N TYR E 279 -12.63 -68.21 27.51
CA TYR E 279 -11.44 -68.41 26.70
C TYR E 279 -11.77 -68.99 25.34
N SER E 280 -12.90 -69.70 25.26
CA SER E 280 -13.30 -70.36 24.02
C SER E 280 -13.69 -69.33 22.97
N ASP E 281 -14.39 -68.28 23.41
CA ASP E 281 -14.72 -67.16 22.53
C ASP E 281 -13.45 -66.57 21.94
N LEU E 282 -12.48 -66.34 22.81
CA LEU E 282 -11.20 -65.78 22.40
C LEU E 282 -10.44 -66.76 21.52
N ALA E 283 -10.65 -68.05 21.77
CA ALA E 283 -9.91 -69.07 21.04
C ALA E 283 -10.22 -69.04 19.55
N LEU E 284 -11.49 -68.91 19.19
CA LEU E 284 -11.85 -68.94 17.79
C LEU E 284 -11.63 -67.57 17.15
N LEU E 285 -11.53 -66.53 17.98
CA LEU E 285 -11.20 -65.20 17.46
C LEU E 285 -9.71 -65.16 17.12
N LEU E 286 -8.94 -66.04 17.75
CA LEU E 286 -7.55 -66.25 17.40
C LEU E 286 -7.41 -67.25 16.26
N GLN E 287 -8.55 -67.81 15.86
CA GLN E 287 -8.61 -68.86 14.83
C GLN E 287 -7.76 -70.05 15.22
N ILE E 288 -7.81 -70.42 16.49
CA ILE E 288 -7.08 -71.58 16.96
C ILE E 288 -7.80 -72.85 16.55
N PRO E 289 -7.08 -73.77 15.91
CA PRO E 289 -7.62 -75.06 15.51
C PRO E 289 -8.27 -75.77 16.69
N THR E 290 -9.44 -76.37 16.47
CA THR E 290 -10.14 -77.04 17.55
C THR E 290 -9.31 -78.20 18.10
N GLN E 291 -8.68 -78.96 17.20
CA GLN E 291 -7.91 -80.15 17.59
C GLN E 291 -6.68 -79.78 18.40
N ASN E 292 -6.23 -78.54 18.28
CA ASN E 292 -5.08 -78.09 19.05
C ASN E 292 -5.42 -78.01 20.54
N ALA E 293 -5.04 -79.05 21.28
CA ALA E 293 -5.36 -79.13 22.70
C ALA E 293 -4.36 -78.38 23.59
N GLN E 294 -3.08 -78.36 23.20
CA GLN E 294 -2.07 -77.68 24.00
C GLN E 294 -2.33 -76.19 24.06
N ALA E 295 -2.60 -75.59 22.91
CA ALA E 295 -2.88 -74.18 22.82
C ALA E 295 -4.11 -73.82 23.65
N ARG E 296 -5.16 -74.60 23.49
CA ARG E 296 -6.41 -74.34 24.22
C ARG E 296 -6.25 -74.67 25.71
N GLN E 297 -5.06 -75.14 26.09
CA GLN E 297 -4.73 -75.32 27.49
C GLN E 297 -3.98 -74.10 28.02
N LEU E 298 -2.93 -73.70 27.32
CA LEU E 298 -2.18 -72.51 27.70
C LEU E 298 -3.11 -71.34 27.78
N LEU E 299 -3.95 -71.21 26.77
CA LEU E 299 -4.87 -70.08 26.72
C LEU E 299 -5.83 -70.12 27.89
N GLU E 300 -6.47 -71.27 28.11
CA GLU E 300 -7.42 -71.40 29.21
C GLU E 300 -6.81 -71.07 30.56
N LYS E 301 -5.64 -71.64 30.84
CA LYS E 301 -4.97 -71.38 32.11
C LYS E 301 -4.58 -69.92 32.21
N GLU E 302 -3.94 -69.41 31.18
CA GLU E 302 -3.48 -68.03 31.21
C GLU E 302 -4.61 -67.01 31.16
N PHE E 303 -5.74 -67.39 30.56
CA PHE E 303 -6.88 -66.51 30.53
C PHE E 303 -7.44 -66.38 31.94
N SER E 304 -7.39 -67.48 32.68
CA SER E 304 -7.79 -67.50 34.08
C SER E 304 -6.88 -66.63 34.95
N ASN E 305 -5.58 -66.68 34.67
CA ASN E 305 -4.63 -65.83 35.38
C ASN E 305 -4.89 -64.37 35.07
N LEU E 306 -5.20 -64.08 33.82
CA LEU E 306 -5.47 -62.72 33.39
C LEU E 306 -6.68 -62.13 34.07
N ILE E 307 -7.78 -62.85 34.05
CA ILE E 307 -9.01 -62.35 34.66
C ILE E 307 -8.91 -62.29 36.18
N SER E 308 -8.29 -63.30 36.77
CA SER E 308 -8.18 -63.37 38.22
C SER E 308 -7.28 -62.27 38.76
N LEU E 309 -6.14 -62.07 38.12
CA LEU E 309 -5.15 -61.09 38.56
C LEU E 309 -5.51 -59.65 38.18
N GLY E 310 -6.18 -59.46 37.05
CA GLY E 310 -6.38 -58.12 36.51
C GLY E 310 -7.79 -57.61 36.31
N THR E 311 -8.79 -58.36 36.77
CA THR E 311 -10.17 -57.91 36.68
C THR E 311 -10.87 -58.17 37.99
N ASP E 312 -12.17 -57.92 37.99
CA ASP E 312 -13.01 -58.21 39.14
C ASP E 312 -14.11 -59.21 38.75
N ARG E 313 -13.85 -60.00 37.71
CA ARG E 313 -14.85 -60.93 37.18
C ARG E 313 -15.01 -62.21 38.00
N ARG E 314 -16.19 -62.81 37.89
CA ARG E 314 -16.56 -63.98 38.68
C ARG E 314 -16.25 -65.30 37.99
N LEU E 315 -15.96 -65.21 36.69
CA LEU E 315 -15.56 -66.38 35.90
C LEU E 315 -16.55 -67.54 35.99
N LYS F 6 -2.98 27.62 2.72
CA LYS F 6 -4.00 26.63 3.04
C LYS F 6 -4.19 26.46 4.54
N LEU F 7 -3.10 26.52 5.29
CA LEU F 7 -3.16 26.42 6.74
C LEU F 7 -3.17 27.81 7.38
N THR F 8 -4.03 28.00 8.37
CA THR F 8 -4.16 29.29 9.05
C THR F 8 -3.86 29.21 10.55
N GLY F 9 -3.41 30.34 11.11
CA GLY F 9 -3.08 30.40 12.53
C GLY F 9 -2.92 31.83 13.03
N PRO F 10 -2.57 31.99 14.31
CA PRO F 10 -2.39 33.33 14.90
C PRO F 10 -1.14 34.07 14.42
N GLY F 11 -0.37 33.44 13.53
CA GLY F 11 0.84 34.05 13.02
C GLY F 11 0.68 34.59 11.61
N ASP F 12 -0.51 34.41 11.06
CA ASP F 12 -0.81 34.88 9.71
C ASP F 12 -0.75 36.40 9.59
N LYS F 13 -0.90 36.90 8.37
CA LYS F 13 -0.83 38.33 8.09
C LYS F 13 -2.08 39.05 8.55
N ASP F 14 -3.25 38.52 8.17
CA ASP F 14 -4.53 39.10 8.54
C ASP F 14 -4.79 39.01 10.03
N ARG F 15 -4.13 38.05 10.68
CA ARG F 15 -4.24 37.88 12.13
C ARG F 15 -3.55 39.02 12.89
N ARG F 16 -2.37 39.43 12.42
CA ARG F 16 -1.62 40.50 13.07
C ARG F 16 -2.28 41.86 12.92
N ASN F 17 -2.96 42.08 11.79
CA ASN F 17 -3.68 43.33 11.56
C ASN F 17 -4.92 43.47 12.44
N LYS F 18 -5.66 42.38 12.61
CA LYS F 18 -6.87 42.38 13.44
C LYS F 18 -6.51 42.58 14.90
N ARG F 19 -5.47 41.90 15.36
CA ARG F 19 -4.99 42.06 16.72
C ARG F 19 -4.47 43.48 16.95
N LYS F 20 -3.88 44.08 15.92
CA LYS F 20 -3.34 45.43 16.01
C LYS F 20 -4.42 46.48 16.26
N HIS F 21 -5.50 46.42 15.48
CA HIS F 21 -6.60 47.38 15.60
C HIS F 21 -7.44 47.17 16.87
N GLU F 22 -7.43 45.95 17.41
CA GLU F 22 -8.17 45.65 18.64
C GLU F 22 -7.43 46.16 19.88
N LEU F 23 -6.11 46.08 19.84
CA LEU F 23 -5.29 46.66 20.91
C LEU F 23 -5.36 48.18 20.85
N LEU F 24 -5.37 48.73 19.64
CA LEU F 24 -5.52 50.17 19.43
C LEU F 24 -6.87 50.68 19.93
N GLU F 25 -7.92 49.98 19.53
CA GLU F 25 -9.28 50.31 19.96
C GLU F 25 -9.34 50.31 21.48
N GLU F 26 -8.69 49.32 22.08
CA GLU F 26 -8.62 49.18 23.53
C GLU F 26 -7.99 50.40 24.20
N ALA F 27 -7.00 50.99 23.53
CA ALA F 27 -6.33 52.18 24.03
C ALA F 27 -7.24 53.41 23.99
N CYS F 28 -7.87 53.64 22.84
CA CYS F 28 -8.72 54.82 22.64
C CYS F 28 -10.05 54.66 23.35
N ARG F 29 -10.35 53.44 23.77
CA ARG F 29 -11.57 53.17 24.50
C ARG F 29 -11.38 53.49 25.97
N GLN F 30 -10.29 52.99 26.52
CA GLN F 30 -10.01 53.14 27.94
C GLN F 30 -9.78 54.61 28.29
N GLY F 31 -9.26 55.37 27.32
CA GLY F 31 -9.08 56.81 27.50
C GLY F 31 -7.68 57.16 27.94
N LEU F 32 -6.90 56.13 28.24
CA LEU F 32 -5.55 56.30 28.73
C LEU F 32 -4.63 57.04 27.76
N PRO F 33 -3.99 58.11 28.25
CA PRO F 33 -2.93 58.75 27.49
C PRO F 33 -1.75 57.79 27.39
N PHE F 34 -0.85 58.04 26.46
CA PHE F 34 0.28 57.14 26.22
C PHE F 34 1.15 56.89 27.46
N ALA F 35 1.32 57.93 28.27
CA ALA F 35 2.22 57.83 29.42
C ALA F 35 1.67 56.94 30.54
N ALA F 36 0.39 56.59 30.45
CA ALA F 36 -0.24 55.82 31.51
C ALA F 36 -0.24 54.33 31.21
N TRP F 37 0.10 53.98 29.97
CA TRP F 37 0.08 52.58 29.53
C TRP F 37 1.05 51.70 30.31
N ASP F 38 0.71 50.43 30.42
CA ASP F 38 1.52 49.47 31.15
C ASP F 38 2.74 49.03 30.35
N GLY F 39 3.55 48.19 30.96
CA GLY F 39 4.64 47.53 30.26
C GLY F 39 4.12 46.67 29.12
N PRO F 40 3.33 45.63 29.45
CA PRO F 40 2.74 44.74 28.43
C PRO F 40 2.01 45.48 27.32
N THR F 41 1.41 46.61 27.65
CA THR F 41 0.68 47.38 26.66
C THR F 41 1.61 47.95 25.61
N VAL F 42 2.71 48.56 26.05
CA VAL F 42 3.61 49.21 25.11
C VAL F 42 4.48 48.21 24.36
N VAL F 43 4.72 47.04 24.95
CA VAL F 43 5.59 46.07 24.29
C VAL F 43 4.80 45.36 23.21
N SER F 44 3.49 45.25 23.40
CA SER F 44 2.65 44.75 22.34
C SER F 44 2.45 45.85 21.32
N TRP F 45 2.57 47.09 21.78
CA TRP F 45 2.48 48.23 20.86
C TRP F 45 3.70 48.31 19.97
N LEU F 46 4.87 48.03 20.53
CA LEU F 46 6.11 48.02 19.79
C LEU F 46 6.10 46.94 18.73
N GLU F 47 5.64 45.77 19.13
CA GLU F 47 5.58 44.62 18.24
C GLU F 47 4.68 44.89 17.04
N LEU F 48 3.44 45.25 17.32
CA LEU F 48 2.38 45.26 16.31
C LEU F 48 2.25 46.56 15.52
N TRP F 49 2.23 47.70 16.21
CA TRP F 49 1.97 48.97 15.51
C TRP F 49 3.24 49.62 14.99
N VAL F 50 4.32 49.56 15.76
CA VAL F 50 5.57 50.17 15.33
C VAL F 50 6.30 49.25 14.39
N GLY F 51 6.27 47.95 14.72
CA GLY F 51 6.91 46.96 13.88
C GLY F 51 8.39 46.84 14.15
N MET F 52 8.75 46.84 15.43
CA MET F 52 10.13 46.68 15.81
C MET F 52 10.48 45.21 15.89
N PRO F 53 11.74 44.88 15.59
CA PRO F 53 12.22 43.51 15.68
C PRO F 53 12.23 43.01 17.12
N ALA F 54 12.28 41.71 17.30
CA ALA F 54 12.11 41.07 18.59
C ALA F 54 13.18 41.48 19.59
N TRP F 55 14.38 41.81 19.12
CA TRP F 55 15.45 42.14 20.04
C TRP F 55 15.32 43.55 20.61
N TYR F 56 14.72 44.47 19.86
CA TYR F 56 14.42 45.79 20.40
C TYR F 56 13.32 45.68 21.47
N VAL F 57 12.24 44.95 21.17
CA VAL F 57 11.13 44.87 22.11
C VAL F 57 11.50 44.07 23.35
N ALA F 58 12.57 43.28 23.26
CA ALA F 58 13.05 42.54 24.42
C ALA F 58 13.79 43.46 25.39
N ALA F 59 14.57 44.36 24.83
CA ALA F 59 15.32 45.31 25.65
C ALA F 59 14.40 46.36 26.24
N CYS F 60 13.28 46.60 25.55
CA CYS F 60 12.32 47.59 26.04
C CYS F 60 11.47 47.02 27.15
N ARG F 61 11.14 45.73 27.04
CA ARG F 61 10.35 45.07 28.05
C ARG F 61 11.15 44.95 29.33
N ALA F 62 12.47 45.05 29.20
CA ALA F 62 13.35 44.83 30.33
C ALA F 62 13.85 46.12 30.96
N ASN F 63 13.67 47.23 30.25
CA ASN F 63 14.21 48.50 30.71
C ASN F 63 13.14 49.59 30.85
N VAL F 64 12.04 49.42 30.13
CA VAL F 64 10.93 50.37 30.20
C VAL F 64 9.75 49.74 30.93
N LYS F 65 9.43 50.27 32.10
CA LYS F 65 8.40 49.68 32.95
C LYS F 65 7.02 50.29 32.71
N SER F 66 7.01 51.50 32.16
CA SER F 66 5.77 52.18 31.88
C SER F 66 5.94 53.14 30.71
N GLY F 67 4.82 53.52 30.08
CA GLY F 67 4.86 54.46 28.98
C GLY F 67 5.34 55.84 29.38
N ALA F 68 5.19 56.16 30.67
CA ALA F 68 5.65 57.44 31.19
C ALA F 68 7.15 57.58 31.00
N ILE F 69 7.86 56.49 31.30
CA ILE F 69 9.30 56.42 31.13
C ILE F 69 9.65 56.61 29.67
N MET F 70 8.90 55.93 28.81
CA MET F 70 9.08 55.94 27.37
C MET F 70 8.85 57.30 26.71
N ALA F 71 7.79 57.98 27.14
CA ALA F 71 7.41 59.26 26.54
C ALA F 71 8.50 60.30 26.69
N ASN F 72 9.17 60.28 27.85
CA ASN F 72 10.19 61.28 28.18
C ASN F 72 11.58 60.86 27.74
N LEU F 73 11.67 59.70 27.10
CA LEU F 73 12.93 59.15 26.67
C LEU F 73 13.58 59.97 25.55
N SER F 74 14.73 60.57 25.84
CA SER F 74 15.46 61.33 24.84
C SER F 74 16.11 60.35 23.89
N ASP F 75 16.71 60.87 22.82
CA ASP F 75 17.39 60.07 21.84
C ASP F 75 18.55 59.25 22.40
N THR F 76 19.37 59.87 23.24
CA THR F 76 20.54 59.19 23.76
C THR F 76 20.15 58.15 24.81
N GLU F 77 18.99 58.36 25.44
CA GLU F 77 18.53 57.43 26.44
C GLU F 77 18.03 56.18 25.76
N ILE F 78 17.45 56.36 24.57
CA ILE F 78 17.02 55.24 23.74
C ILE F 78 18.21 54.40 23.34
N GLN F 79 19.29 55.08 22.97
CA GLN F 79 20.51 54.41 22.51
C GLN F 79 21.16 53.54 23.59
N ARG F 80 21.11 53.95 24.85
CA ARG F 80 21.87 53.24 25.87
C ARG F 80 21.01 52.32 26.72
N GLU F 81 19.71 52.55 26.73
CA GLU F 81 18.82 51.71 27.51
C GLU F 81 18.09 50.69 26.64
N ILE F 82 17.85 51.02 25.38
CA ILE F 82 17.23 50.06 24.47
C ILE F 82 18.27 49.37 23.58
N GLY F 83 19.40 50.02 23.34
CA GLY F 83 20.48 49.38 22.61
C GLY F 83 20.45 49.60 21.11
N ILE F 84 19.71 50.60 20.68
CA ILE F 84 19.51 50.86 19.26
C ILE F 84 20.60 51.76 18.71
N SER F 85 21.51 51.18 17.94
CA SER F 85 22.60 51.96 17.39
C SER F 85 22.22 52.59 16.06
N ASN F 86 21.32 51.95 15.31
CA ASN F 86 20.85 52.51 14.05
C ASN F 86 20.02 53.77 14.29
N PRO F 87 20.50 54.92 13.81
CA PRO F 87 19.84 56.23 13.98
C PRO F 87 18.45 56.31 13.35
N LEU F 88 18.25 55.69 12.21
CA LEU F 88 16.95 55.73 11.56
C LEU F 88 15.96 54.85 12.32
N HIS F 89 16.46 53.83 13.00
CA HIS F 89 15.60 53.05 13.87
C HIS F 89 15.18 53.87 15.06
N ARG F 90 16.11 54.65 15.60
CA ARG F 90 15.81 55.53 16.71
C ARG F 90 14.77 56.57 16.31
N LEU F 91 14.99 57.16 15.15
CA LEU F 91 14.09 58.16 14.62
C LEU F 91 12.69 57.57 14.47
N LYS F 92 12.62 56.35 13.98
CA LYS F 92 11.35 55.66 13.82
C LYS F 92 10.57 55.59 15.13
N LEU F 93 11.29 55.31 16.21
CA LEU F 93 10.68 55.16 17.52
C LEU F 93 10.23 56.50 18.10
N ARG F 94 11.08 57.51 18.01
CA ARG F 94 10.75 58.83 18.52
C ARG F 94 9.56 59.43 17.81
N LEU F 95 9.50 59.28 16.49
CA LEU F 95 8.36 59.76 15.72
C LEU F 95 7.12 58.95 16.06
N ALA F 96 7.35 57.69 16.42
CA ALA F 96 6.26 56.81 16.81
C ALA F 96 5.68 57.26 18.14
N ILE F 97 6.52 57.45 19.15
CA ILE F 97 6.03 57.84 20.48
C ILE F 97 5.45 59.25 20.44
N GLN F 98 5.97 60.08 19.55
CA GLN F 98 5.48 61.45 19.42
C GLN F 98 4.06 61.47 18.88
N GLU F 99 3.81 60.62 17.89
CA GLU F 99 2.49 60.55 17.27
C GLU F 99 1.44 60.02 18.24
N MET F 100 1.81 59.06 19.06
CA MET F 100 0.88 58.47 20.00
C MET F 100 0.45 59.45 21.10
N VAL F 101 1.40 60.27 21.55
CA VAL F 101 1.10 61.27 22.56
C VAL F 101 0.07 62.26 22.00
N SER F 102 0.29 62.68 20.77
CA SER F 102 -0.57 63.65 20.12
C SER F 102 -1.93 63.06 19.73
N LEU F 103 -2.01 61.73 19.71
CA LEU F 103 -3.27 61.07 19.35
C LEU F 103 -4.03 60.57 20.58
N THR F 104 -3.37 60.57 21.73
CA THR F 104 -4.03 60.21 22.98
C THR F 104 -3.98 61.37 23.96
N SER F 105 -3.92 62.58 23.40
CA SER F 105 -3.90 63.79 24.22
C SER F 105 -5.32 64.21 24.58
N ASP F 150 -2.25 50.97 5.48
CA ASP F 150 -1.35 51.87 6.18
C ASP F 150 -0.06 52.02 5.37
N MET F 151 0.79 52.96 5.78
CA MET F 151 1.99 53.27 5.01
C MET F 151 3.27 53.15 5.81
N ASN F 152 3.71 51.92 6.02
CA ASN F 152 4.95 51.66 6.73
C ASN F 152 6.08 51.36 5.76
N HIS F 153 7.20 50.87 6.30
CA HIS F 153 8.41 50.70 5.51
C HIS F 153 8.22 49.67 4.41
N GLU F 154 7.31 48.72 4.62
CA GLU F 154 7.00 47.74 3.59
C GLU F 154 6.31 48.40 2.40
N TRP F 155 5.43 49.34 2.67
CA TRP F 155 4.78 50.07 1.60
C TRP F 155 5.77 51.02 0.94
N VAL F 156 6.61 51.66 1.75
CA VAL F 156 7.64 52.55 1.22
C VAL F 156 8.60 51.78 0.32
N GLY F 157 8.93 50.56 0.72
CA GLY F 157 9.85 49.73 -0.04
C GLY F 157 9.31 49.03 -1.29
N ASN F 158 8.12 48.44 -1.21
CA ASN F 158 7.61 47.66 -2.32
C ASN F 158 6.75 48.43 -3.31
N ASP F 159 6.06 49.46 -2.83
CA ASP F 159 5.12 50.18 -3.69
C ASP F 159 5.60 51.57 -4.07
N TRP F 160 5.76 52.44 -3.08
CA TRP F 160 6.04 53.84 -3.34
C TRP F 160 7.34 54.06 -4.09
N LEU F 161 8.42 53.51 -3.55
CA LEU F 161 9.76 53.73 -4.10
C LEU F 161 9.92 53.25 -5.53
N PRO F 162 9.43 52.03 -5.86
CA PRO F 162 9.55 51.70 -7.28
C PRO F 162 8.73 52.62 -8.19
N SER F 163 7.63 53.18 -7.68
CA SER F 163 6.79 54.04 -8.50
C SER F 163 7.51 55.34 -8.81
N LEU F 164 8.51 55.67 -8.00
CA LEU F 164 9.31 56.86 -8.23
C LEU F 164 10.41 56.59 -9.24
N GLY F 165 10.53 55.34 -9.67
CA GLY F 165 11.62 54.95 -10.54
C GLY F 165 12.91 54.85 -9.74
N LEU F 166 12.79 54.49 -8.47
CA LEU F 166 13.95 54.33 -7.59
C LEU F 166 13.95 52.99 -6.87
N PRO F 167 13.91 51.88 -7.63
CA PRO F 167 13.80 50.59 -6.96
C PRO F 167 15.10 50.14 -6.27
N GLN F 168 16.25 50.65 -6.72
CA GLN F 168 17.53 50.18 -6.21
C GLN F 168 17.65 50.40 -4.71
N TYR F 169 17.06 51.47 -4.24
CA TYR F 169 17.23 51.91 -2.87
C TYR F 169 16.31 51.20 -1.89
N ARG F 170 15.55 50.23 -2.40
CA ARG F 170 14.62 49.47 -1.60
C ARG F 170 15.27 48.81 -0.39
N SER F 171 16.36 48.09 -0.63
CA SER F 171 17.07 47.38 0.43
C SER F 171 17.43 48.25 1.61
N TYR F 172 17.92 49.44 1.31
CA TYR F 172 18.49 50.29 2.33
C TYR F 172 17.39 50.95 3.13
N PHE F 173 16.34 51.39 2.44
CA PHE F 173 15.20 51.98 3.11
C PHE F 173 14.58 50.98 4.07
N MET F 174 14.37 49.77 3.59
CA MET F 174 13.71 48.76 4.39
C MET F 174 14.59 48.29 5.53
N GLU F 175 15.90 48.28 5.32
CA GLU F 175 16.82 47.89 6.37
C GLU F 175 16.78 48.91 7.48
N SER F 176 16.58 50.17 7.11
CA SER F 176 16.53 51.25 8.07
C SER F 176 15.11 51.50 8.55
N LEU F 177 14.19 50.65 8.09
CA LEU F 177 12.78 50.72 8.50
C LEU F 177 12.16 52.07 8.23
N VAL F 178 12.35 52.58 7.03
CA VAL F 178 11.85 53.89 6.68
C VAL F 178 10.38 53.82 6.30
N ASP F 179 9.53 54.28 7.22
CA ASP F 179 8.10 54.36 6.95
C ASP F 179 7.77 55.72 6.36
N ALA F 180 6.50 55.95 6.04
CA ALA F 180 6.07 57.20 5.44
C ALA F 180 6.29 58.37 6.39
N ARG F 181 6.10 58.14 7.68
CA ARG F 181 6.20 59.19 8.70
C ARG F 181 7.61 59.78 8.80
N MET F 182 8.62 59.01 8.40
CA MET F 182 10.01 59.45 8.57
C MET F 182 10.51 60.23 7.35
N LEU F 183 9.78 60.09 6.24
CA LEU F 183 10.25 60.61 4.96
C LEU F 183 10.60 62.09 4.96
N ASP F 184 9.76 62.91 5.59
CA ASP F 184 9.96 64.34 5.55
C ASP F 184 11.08 64.76 6.48
N HIS F 185 11.45 63.88 7.41
CA HIS F 185 12.49 64.20 8.39
C HIS F 185 13.88 63.69 8.02
N LEU F 186 14.07 63.24 6.77
CA LEU F 186 15.35 62.65 6.38
C LEU F 186 16.41 63.67 5.97
N ASN F 187 17.54 63.65 6.68
CA ASN F 187 18.68 64.53 6.41
C ASN F 187 19.36 64.24 5.09
N LYS F 188 20.16 65.20 4.65
CA LYS F 188 21.01 65.03 3.47
C LYS F 188 22.08 64.01 3.81
N LYS F 189 22.53 64.02 5.06
CA LYS F 189 23.52 63.10 5.56
C LYS F 189 22.97 61.68 5.60
N GLU F 190 21.71 61.55 6.02
CA GLU F 190 21.09 60.24 6.15
C GLU F 190 20.79 59.61 4.80
N LEU F 191 20.39 60.42 3.83
CA LEU F 191 20.09 59.93 2.48
C LEU F 191 21.35 59.47 1.77
N ARG F 192 22.38 60.29 1.84
CA ARG F 192 23.63 60.02 1.15
C ARG F 192 24.34 58.79 1.71
N GLY F 193 24.48 58.73 3.03
CA GLY F 193 25.29 57.72 3.67
C GLY F 193 24.58 56.41 3.95
N GLN F 194 23.67 56.45 4.91
CA GLN F 194 22.99 55.25 5.36
C GLN F 194 22.09 54.66 4.27
N LEU F 195 21.42 55.54 3.53
CA LEU F 195 20.47 55.12 2.49
C LEU F 195 21.07 55.13 1.08
N LYS F 196 22.37 55.36 1.01
CA LYS F 196 23.14 55.19 -0.23
C LYS F 196 22.72 56.07 -1.42
N MET F 197 22.06 57.19 -1.17
CA MET F 197 21.65 58.07 -2.26
C MET F 197 22.74 59.10 -2.62
N VAL F 198 23.74 58.68 -3.39
CA VAL F 198 24.84 59.56 -3.72
C VAL F 198 24.51 60.49 -4.88
N ASP F 199 23.65 60.04 -5.78
CA ASP F 199 23.22 60.88 -6.89
C ASP F 199 22.31 61.98 -6.36
N SER F 200 22.71 63.23 -6.53
CA SER F 200 21.95 64.35 -6.02
C SER F 200 20.58 64.45 -6.68
N PHE F 201 20.53 64.08 -7.95
CA PHE F 201 19.29 64.10 -8.71
C PHE F 201 18.26 63.14 -8.13
N HIS F 202 18.72 61.97 -7.71
CA HIS F 202 17.83 60.99 -7.12
C HIS F 202 17.23 61.50 -5.82
N ARG F 203 18.00 62.26 -5.05
CA ARG F 203 17.48 62.85 -3.81
C ARG F 203 16.46 63.93 -4.13
N VAL F 204 16.66 64.60 -5.26
CA VAL F 204 15.72 65.58 -5.75
C VAL F 204 14.42 64.92 -6.16
N SER F 205 14.55 63.83 -6.91
CA SER F 205 13.41 63.02 -7.31
C SER F 205 12.61 62.58 -6.10
N LEU F 206 13.32 62.12 -5.08
CA LEU F 206 12.73 61.68 -3.84
C LEU F 206 11.99 62.81 -3.15
N HIS F 207 12.62 63.99 -3.12
CA HIS F 207 12.03 65.13 -2.45
C HIS F 207 10.66 65.47 -3.03
N TYR F 208 10.55 65.45 -4.36
CA TYR F 208 9.29 65.79 -5.00
C TYR F 208 8.28 64.67 -4.85
N GLY F 209 8.76 63.45 -4.61
CA GLY F 209 7.87 62.36 -4.29
C GLY F 209 7.20 62.63 -2.96
N ILE F 210 7.98 63.02 -1.97
CA ILE F 210 7.47 63.34 -0.64
C ILE F 210 6.50 64.51 -0.68
N MET F 211 6.87 65.55 -1.42
CA MET F 211 6.04 66.74 -1.53
C MET F 211 4.68 66.39 -2.12
N CYS F 212 4.67 65.46 -3.07
CA CYS F 212 3.43 64.96 -3.65
C CYS F 212 2.55 64.34 -2.59
N LEU F 213 3.17 63.59 -1.69
CA LEU F 213 2.44 62.95 -0.60
C LEU F 213 1.84 63.99 0.34
N LYS F 214 2.59 65.05 0.63
CA LYS F 214 2.08 66.12 1.47
C LYS F 214 0.92 66.84 0.81
N ARG F 215 1.01 67.00 -0.51
CA ARG F 215 -0.07 67.62 -1.28
C ARG F 215 -1.34 66.80 -1.16
N LEU F 216 -1.15 65.49 -1.00
CA LEU F 216 -2.28 64.57 -0.92
C LEU F 216 -2.54 64.18 0.52
N ASN F 217 -1.86 64.87 1.44
CA ASN F 217 -2.03 64.65 2.88
C ASN F 217 -1.93 63.19 3.30
N TYR F 218 -1.02 62.45 2.66
CA TYR F 218 -0.71 61.06 3.00
C TYR F 218 -1.92 60.12 2.93
N ASP F 219 -2.78 60.35 1.95
CA ASP F 219 -3.92 59.47 1.72
C ASP F 219 -3.56 58.42 0.68
N ARG F 220 -3.20 57.24 1.14
CA ARG F 220 -2.82 56.16 0.25
C ARG F 220 -3.94 55.83 -0.73
N LYS F 221 -5.18 55.84 -0.24
CA LYS F 221 -6.33 55.51 -1.08
C LYS F 221 -6.52 56.48 -2.24
N ASP F 222 -6.40 57.78 -1.95
CA ASP F 222 -6.55 58.79 -2.97
C ASP F 222 -5.45 58.72 -4.02
N LEU F 223 -4.23 58.45 -3.57
CA LEU F 223 -3.08 58.36 -4.46
C LEU F 223 -3.23 57.26 -5.50
N GLU F 224 -3.52 56.06 -5.03
CA GLU F 224 -3.68 54.89 -5.90
C GLU F 224 -4.90 55.05 -6.82
N ARG F 225 -5.95 55.68 -6.31
CA ARG F 225 -7.15 55.94 -7.10
C ARG F 225 -6.87 56.92 -8.23
N ARG F 226 -6.18 58.01 -7.91
CA ARG F 226 -5.85 59.05 -8.88
C ARG F 226 -4.94 58.52 -10.00
N ARG F 227 -4.04 57.62 -9.65
CA ARG F 227 -3.15 57.02 -10.64
C ARG F 227 -3.94 56.19 -11.64
N GLU F 228 -4.97 55.51 -11.14
CA GLU F 228 -5.84 54.70 -11.98
C GLU F 228 -6.64 55.53 -12.97
N GLU F 229 -7.10 56.70 -12.53
CA GLU F 229 -7.97 57.54 -13.34
C GLU F 229 -7.18 58.36 -14.34
N SER F 230 -5.86 58.28 -14.25
CA SER F 230 -4.98 59.06 -15.12
C SER F 230 -4.12 58.15 -16.00
N GLN F 231 -4.51 56.88 -16.11
CA GLN F 231 -3.71 55.92 -16.86
C GLN F 231 -3.80 56.14 -18.37
N THR F 232 -4.95 56.64 -18.84
CA THR F 232 -5.21 56.77 -20.27
C THR F 232 -5.30 58.21 -20.76
N GLN F 233 -5.21 59.16 -19.84
CA GLN F 233 -5.34 60.56 -20.20
C GLN F 233 -4.07 61.34 -19.87
N ILE F 234 -4.05 62.60 -20.27
CA ILE F 234 -2.92 63.48 -19.97
C ILE F 234 -3.38 64.56 -19.01
N ARG F 235 -3.88 64.13 -17.85
CA ARG F 235 -4.35 65.06 -16.82
C ARG F 235 -3.80 64.69 -15.45
N ASP F 236 -3.44 65.71 -14.68
CA ASP F 236 -2.92 65.53 -13.31
C ASP F 236 -1.76 64.54 -13.27
N VAL F 237 -0.62 64.96 -13.81
CA VAL F 237 0.54 64.07 -13.91
C VAL F 237 1.37 64.03 -12.63
N MET F 238 1.04 64.90 -11.67
CA MET F 238 1.78 64.95 -10.42
C MET F 238 1.76 63.60 -9.70
N VAL F 239 0.74 62.79 -10.02
CA VAL F 239 0.52 61.53 -9.37
C VAL F 239 1.09 60.37 -10.20
N TRP F 240 1.44 60.65 -11.45
CA TRP F 240 1.96 59.62 -12.36
C TRP F 240 3.16 58.88 -11.79
N SER F 241 3.14 57.56 -11.97
CA SER F 241 4.23 56.73 -11.52
C SER F 241 5.30 56.67 -12.58
N ASN F 242 6.40 56.00 -12.27
CA ASN F 242 7.46 55.79 -13.25
C ASN F 242 6.92 55.00 -14.43
N GLU F 243 6.05 54.04 -14.15
CA GLU F 243 5.38 53.26 -15.20
C GLU F 243 4.60 54.15 -16.15
N ARG F 244 3.70 54.93 -15.57
CA ARG F 244 2.82 55.80 -16.34
C ARG F 244 3.63 56.78 -17.17
N VAL F 245 4.74 57.26 -16.61
CA VAL F 245 5.61 58.16 -17.32
C VAL F 245 6.29 57.46 -18.49
N MET F 246 6.75 56.23 -18.28
CA MET F 246 7.36 55.45 -19.36
C MET F 246 6.34 55.17 -20.46
N GLY F 247 5.11 54.85 -20.05
CA GLY F 247 4.05 54.57 -20.99
C GLY F 247 3.69 55.77 -21.83
N TRP F 248 3.78 56.95 -21.23
CA TRP F 248 3.48 58.19 -21.94
C TRP F 248 4.52 58.47 -23.01
N VAL F 249 5.79 58.29 -22.66
CA VAL F 249 6.88 58.53 -23.59
C VAL F 249 6.79 57.61 -24.81
N SER F 250 6.55 56.33 -24.55
CA SER F 250 6.43 55.34 -25.61
C SER F 250 5.16 55.57 -26.41
N GLY F 251 4.18 56.22 -25.79
CA GLY F 251 2.94 56.56 -26.47
C GLY F 251 3.18 57.63 -27.53
N LEU F 252 4.25 58.40 -27.34
CA LEU F 252 4.64 59.42 -28.30
C LEU F 252 5.42 58.83 -29.46
N GLY F 253 5.82 57.56 -29.32
CA GLY F 253 6.57 56.87 -30.36
C GLY F 253 8.06 56.72 -30.07
N LEU F 254 8.43 56.78 -28.80
CA LEU F 254 9.83 56.65 -28.40
C LEU F 254 10.06 55.41 -27.54
N LYS F 255 9.56 54.28 -28.01
CA LYS F 255 9.64 53.02 -27.28
C LYS F 255 11.08 52.57 -27.02
N GLU F 256 11.99 53.00 -27.88
CA GLU F 256 13.38 52.56 -27.77
C GLU F 256 14.14 53.31 -26.67
N PHE F 257 13.49 54.32 -26.08
CA PHE F 257 14.14 55.12 -25.04
C PHE F 257 13.40 55.03 -23.71
N ALA F 258 12.15 54.58 -23.75
CA ALA F 258 11.31 54.54 -22.56
C ALA F 258 11.92 53.70 -21.46
N THR F 259 12.60 52.62 -21.84
CA THR F 259 13.20 51.70 -20.90
C THR F 259 14.36 52.32 -20.12
N ASN F 260 14.91 53.42 -20.64
CA ASN F 260 16.03 54.10 -20.00
C ASN F 260 15.59 54.93 -18.79
N LEU F 261 14.30 54.95 -18.53
CA LEU F 261 13.78 55.68 -17.38
C LEU F 261 13.68 54.78 -16.15
N THR F 262 14.00 53.51 -16.34
CA THR F 262 14.03 52.56 -15.23
C THR F 262 15.18 52.92 -14.30
N GLU F 263 14.90 52.99 -13.01
CA GLU F 263 15.89 53.33 -12.01
C GLU F 263 16.55 54.68 -12.29
N SER F 264 15.84 55.55 -12.97
CA SER F 264 16.35 56.86 -13.34
C SER F 264 15.84 57.90 -12.36
N GLY F 265 14.75 57.56 -11.68
CA GLY F 265 14.13 58.44 -10.70
C GLY F 265 13.16 59.41 -11.31
N VAL F 266 12.83 59.21 -12.58
CA VAL F 266 11.88 60.08 -13.25
C VAL F 266 10.45 59.59 -13.01
N HIS F 267 9.64 60.47 -12.43
CA HIS F 267 8.25 60.17 -12.19
C HIS F 267 7.44 61.45 -12.33
N GLY F 268 6.12 61.30 -12.33
CA GLY F 268 5.23 62.42 -12.60
C GLY F 268 5.30 63.57 -11.63
N ALA F 269 5.56 63.29 -10.36
CA ALA F 269 5.61 64.32 -9.34
C ALA F 269 6.75 65.30 -9.58
N LEU F 270 7.87 64.80 -10.10
CA LEU F 270 9.01 65.64 -10.40
C LEU F 270 8.70 66.61 -11.54
N LEU F 271 8.14 66.07 -12.63
CA LEU F 271 7.80 66.84 -13.82
C LEU F 271 6.87 68.01 -13.50
N ALA F 272 5.92 67.76 -12.60
CA ALA F 272 4.87 68.72 -12.34
C ALA F 272 5.30 69.78 -11.32
N LEU F 273 6.25 69.43 -10.47
CA LEU F 273 6.56 70.29 -9.34
C LEU F 273 7.92 70.97 -9.43
N ASP F 274 8.74 70.54 -10.40
CA ASP F 274 10.06 71.12 -10.56
C ASP F 274 10.13 72.00 -11.80
N GLU F 275 10.41 73.29 -11.59
CA GLU F 275 10.47 74.24 -12.69
C GLU F 275 11.83 74.23 -13.38
N THR F 276 12.87 73.85 -12.64
CA THR F 276 14.22 73.81 -13.19
C THR F 276 14.40 72.63 -14.13
N PHE F 277 13.47 71.68 -14.08
CA PHE F 277 13.52 70.49 -14.91
C PHE F 277 12.87 70.73 -16.25
N ASP F 278 13.67 70.80 -17.31
CA ASP F 278 13.14 71.00 -18.64
C ASP F 278 13.31 69.76 -19.50
N TYR F 279 13.03 69.89 -20.80
CA TYR F 279 13.05 68.76 -21.72
C TYR F 279 14.47 68.31 -21.99
N SER F 280 15.42 69.23 -21.86
CA SER F 280 16.82 68.93 -22.13
C SER F 280 17.34 67.96 -21.09
N ASP F 281 16.91 68.17 -19.84
CA ASP F 281 17.22 67.25 -18.76
C ASP F 281 16.72 65.86 -19.08
N LEU F 282 15.46 65.79 -19.50
CA LEU F 282 14.82 64.54 -19.84
C LEU F 282 15.49 63.88 -21.03
N ALA F 283 15.99 64.70 -21.95
CA ALA F 283 16.61 64.20 -23.17
C ALA F 283 17.85 63.37 -22.87
N LEU F 284 18.68 63.85 -21.95
CA LEU F 284 19.93 63.15 -21.63
C LEU F 284 19.67 62.01 -20.67
N LEU F 285 18.55 62.07 -19.96
CA LEU F 285 18.15 61.01 -19.06
C LEU F 285 17.56 59.85 -19.86
N LEU F 286 17.07 60.17 -21.05
CA LEU F 286 16.62 59.16 -22.00
C LEU F 286 17.80 58.68 -22.83
N GLN F 287 18.95 59.32 -22.63
CA GLN F 287 20.17 59.06 -23.41
C GLN F 287 19.93 59.32 -24.89
N ILE F 288 19.17 60.36 -25.21
CA ILE F 288 18.90 60.75 -26.59
C ILE F 288 20.07 61.52 -27.19
N PRO F 289 20.56 61.06 -28.36
CA PRO F 289 21.66 61.70 -29.09
C PRO F 289 21.40 63.17 -29.36
N THR F 290 22.43 64.00 -29.18
CA THR F 290 22.32 65.44 -29.39
C THR F 290 22.00 65.80 -30.84
N GLN F 291 22.62 65.08 -31.78
CA GLN F 291 22.44 65.39 -33.21
C GLN F 291 21.01 65.10 -33.65
N ASN F 292 20.31 64.27 -32.90
CA ASN F 292 18.93 63.97 -33.20
C ASN F 292 18.06 65.20 -32.97
N ALA F 293 17.78 65.92 -34.06
CA ALA F 293 17.03 67.16 -33.98
C ALA F 293 15.54 66.88 -33.89
N GLN F 294 15.11 65.82 -34.56
CA GLN F 294 13.70 65.43 -34.56
C GLN F 294 13.25 65.06 -33.15
N ALA F 295 14.05 64.23 -32.48
CA ALA F 295 13.73 63.82 -31.12
C ALA F 295 13.66 65.00 -30.17
N ARG F 296 14.66 65.88 -30.25
CA ARG F 296 14.71 67.04 -29.36
C ARG F 296 13.69 68.11 -29.74
N GLN F 297 12.99 67.91 -30.86
CA GLN F 297 11.89 68.77 -31.24
C GLN F 297 10.57 68.18 -30.78
N LEU F 298 10.35 66.92 -31.11
CA LEU F 298 9.16 66.19 -30.69
C LEU F 298 9.01 66.22 -29.18
N LEU F 299 10.13 65.99 -28.50
CA LEU F 299 10.16 65.97 -27.04
C LEU F 299 9.76 67.32 -26.47
N GLU F 300 10.39 68.36 -26.98
CA GLU F 300 10.12 69.72 -26.54
C GLU F 300 8.65 70.06 -26.66
N LYS F 301 8.07 69.72 -27.79
CA LYS F 301 6.66 69.96 -28.06
C LYS F 301 5.75 69.24 -27.06
N GLU F 302 5.95 67.93 -26.91
CA GLU F 302 5.13 67.12 -26.03
C GLU F 302 5.34 67.42 -24.56
N PHE F 303 6.53 67.89 -24.21
CA PHE F 303 6.85 68.25 -22.83
C PHE F 303 6.05 69.49 -22.46
N SER F 304 5.91 70.40 -23.41
CA SER F 304 5.09 71.58 -23.26
C SER F 304 3.61 71.21 -23.15
N ASN F 305 3.19 70.25 -23.97
CA ASN F 305 1.81 69.77 -23.92
C ASN F 305 1.54 69.11 -22.58
N LEU F 306 2.53 68.36 -22.10
CA LEU F 306 2.43 67.65 -20.83
C LEU F 306 2.26 68.64 -19.69
N ILE F 307 3.09 69.67 -19.68
CA ILE F 307 3.05 70.68 -18.64
C ILE F 307 1.76 71.48 -18.71
N SER F 308 1.34 71.83 -19.92
CA SER F 308 0.16 72.66 -20.11
C SER F 308 -1.13 71.95 -19.71
N LEU F 309 -1.28 70.70 -20.15
CA LEU F 309 -2.52 69.96 -19.91
C LEU F 309 -2.59 69.37 -18.51
N GLY F 310 -1.45 68.99 -17.94
CA GLY F 310 -1.45 68.22 -16.70
C GLY F 310 -0.73 68.79 -15.51
N THR F 311 -0.27 70.04 -15.59
CA THR F 311 0.42 70.65 -14.46
C THR F 311 -0.10 72.05 -14.16
N ASP F 312 0.55 72.72 -13.22
CA ASP F 312 0.23 74.09 -12.90
C ASP F 312 1.45 75.00 -13.11
N ARG F 313 2.37 74.53 -13.95
CA ARG F 313 3.59 75.27 -14.24
C ARG F 313 3.34 76.34 -15.30
N ALA G 5 -50.70 13.42 -18.61
CA ALA G 5 -51.43 12.92 -17.45
C ALA G 5 -52.13 11.60 -17.78
N LYS G 6 -51.68 10.52 -17.16
CA LYS G 6 -52.27 9.20 -17.43
C LYS G 6 -53.60 9.02 -16.71
N LEU G 7 -53.74 9.58 -15.52
CA LEU G 7 -55.02 9.50 -14.82
C LEU G 7 -55.89 10.74 -15.07
N THR G 8 -57.17 10.51 -15.32
CA THR G 8 -58.11 11.60 -15.59
C THR G 8 -59.24 11.63 -14.57
N GLY G 9 -59.85 12.80 -14.39
CA GLY G 9 -60.93 12.94 -13.44
C GLY G 9 -61.71 14.22 -13.64
N PRO G 10 -62.70 14.48 -12.76
CA PRO G 10 -63.50 15.69 -12.90
C PRO G 10 -62.75 16.97 -12.54
N GLY G 11 -61.47 16.84 -12.16
CA GLY G 11 -60.68 18.00 -11.77
C GLY G 11 -59.71 18.45 -12.84
N ASP G 12 -59.70 17.75 -13.98
CA ASP G 12 -58.81 18.10 -15.09
C ASP G 12 -59.15 19.48 -15.63
N LYS G 13 -58.33 20.01 -16.54
CA LYS G 13 -58.55 21.37 -17.02
C LYS G 13 -59.68 21.44 -18.03
N ASP G 14 -59.61 20.61 -19.07
CA ASP G 14 -60.64 20.58 -20.10
C ASP G 14 -61.94 20.01 -19.56
N ARG G 15 -61.81 19.23 -18.50
CA ARG G 15 -62.96 18.65 -17.82
C ARG G 15 -63.78 19.73 -17.11
N ARG G 16 -63.07 20.61 -16.40
CA ARG G 16 -63.70 21.73 -15.73
C ARG G 16 -64.15 22.75 -16.77
N ASN G 17 -63.43 22.82 -17.87
CA ASN G 17 -63.76 23.71 -18.97
C ASN G 17 -65.06 23.26 -19.63
N LYS G 18 -65.25 21.95 -19.70
CA LYS G 18 -66.46 21.41 -20.29
C LYS G 18 -67.67 21.74 -19.42
N ARG G 19 -67.53 21.57 -18.11
CA ARG G 19 -68.60 21.92 -17.18
C ARG G 19 -68.90 23.41 -17.20
N LYS G 20 -67.86 24.21 -17.43
CA LYS G 20 -67.97 25.66 -17.49
C LYS G 20 -68.83 26.12 -18.66
N HIS G 21 -68.57 25.58 -19.85
CA HIS G 21 -69.35 25.94 -21.03
C HIS G 21 -70.78 25.39 -20.97
N GLU G 22 -70.97 24.31 -20.22
CA GLU G 22 -72.28 23.69 -20.06
C GLU G 22 -73.20 24.47 -19.13
N LEU G 23 -72.66 25.12 -18.10
CA LEU G 23 -73.48 25.99 -17.27
C LEU G 23 -73.92 27.25 -17.99
N LEU G 24 -73.01 27.85 -18.77
CA LEU G 24 -73.41 29.01 -19.54
C LEU G 24 -74.45 28.70 -20.60
N GLU G 25 -74.21 27.64 -21.36
CA GLU G 25 -75.14 27.22 -22.39
C GLU G 25 -76.54 26.96 -21.85
N GLU G 26 -76.62 26.23 -20.75
CA GLU G 26 -77.90 25.90 -20.12
C GLU G 26 -78.59 27.13 -19.54
N ALA G 27 -77.82 28.09 -19.03
CA ALA G 27 -78.39 29.31 -18.47
C ALA G 27 -79.03 30.15 -19.57
N CYS G 28 -78.30 30.34 -20.67
CA CYS G 28 -78.78 31.15 -21.76
C CYS G 28 -79.83 30.44 -22.62
N ARG G 29 -79.96 29.14 -22.45
CA ARG G 29 -80.96 28.34 -23.19
C ARG G 29 -82.29 28.37 -22.42
N GLN G 30 -82.19 28.17 -21.11
CA GLN G 30 -83.31 28.18 -20.17
C GLN G 30 -83.99 29.54 -20.10
N GLY G 31 -83.22 30.59 -20.36
CA GLY G 31 -83.79 31.93 -20.35
C GLY G 31 -83.46 32.69 -19.08
N LEU G 32 -82.80 32.04 -18.12
CA LEU G 32 -82.44 32.70 -16.86
C LEU G 32 -81.50 33.89 -17.06
N PRO G 33 -81.91 35.08 -16.61
CA PRO G 33 -80.99 36.21 -16.54
C PRO G 33 -79.98 35.98 -15.42
N PHE G 34 -78.86 36.71 -15.44
CA PHE G 34 -77.84 36.55 -14.42
C PHE G 34 -78.41 36.80 -13.02
N ALA G 35 -79.34 37.75 -12.93
CA ALA G 35 -79.96 38.16 -11.68
C ALA G 35 -80.90 37.12 -11.09
N ALA G 36 -81.25 36.12 -11.90
CA ALA G 36 -82.20 35.08 -11.49
C ALA G 36 -81.51 33.81 -10.98
N TRP G 37 -80.20 33.71 -11.17
CA TRP G 37 -79.44 32.50 -10.82
C TRP G 37 -79.53 32.18 -9.34
N ASP G 38 -79.44 30.89 -9.01
CA ASP G 38 -79.56 30.44 -7.63
C ASP G 38 -78.31 30.78 -6.84
N GLY G 39 -78.31 30.40 -5.56
CA GLY G 39 -77.10 30.45 -4.76
C GLY G 39 -76.02 29.57 -5.37
N PRO G 40 -76.26 28.24 -5.39
CA PRO G 40 -75.32 27.29 -5.99
C PRO G 40 -74.91 27.62 -7.42
N THR G 41 -75.79 28.25 -8.19
CA THR G 41 -75.51 28.57 -9.58
C THR G 41 -74.38 29.59 -9.71
N VAL G 42 -74.44 30.65 -8.91
CA VAL G 42 -73.44 31.72 -9.03
C VAL G 42 -72.10 31.32 -8.42
N VAL G 43 -72.11 30.38 -7.48
CA VAL G 43 -70.85 29.98 -6.85
C VAL G 43 -70.06 29.01 -7.72
N SER G 44 -70.73 28.22 -8.53
CA SER G 44 -70.05 27.38 -9.50
C SER G 44 -69.62 28.26 -10.66
N TRP G 45 -70.32 29.38 -10.83
CA TRP G 45 -69.94 30.37 -11.83
C TRP G 45 -68.64 31.07 -11.40
N LEU G 46 -68.52 31.35 -10.11
CA LEU G 46 -67.31 31.97 -9.58
C LEU G 46 -66.12 31.04 -9.69
N GLU G 47 -66.30 29.78 -9.33
CA GLU G 47 -65.24 28.78 -9.43
C GLU G 47 -64.80 28.60 -10.86
N LEU G 48 -65.77 28.28 -11.72
CA LEU G 48 -65.49 27.76 -13.04
C LEU G 48 -65.28 28.82 -14.11
N TRP G 49 -66.16 29.79 -14.21
CA TRP G 49 -66.08 30.73 -15.31
C TRP G 49 -65.17 31.91 -14.97
N VAL G 50 -65.26 32.37 -13.72
CA VAL G 50 -64.47 33.51 -13.29
C VAL G 50 -63.06 33.10 -12.92
N GLY G 51 -62.94 31.95 -12.26
CA GLY G 51 -61.64 31.44 -11.87
C GLY G 51 -61.16 32.05 -10.57
N MET G 52 -62.05 32.16 -9.59
CA MET G 52 -61.73 32.68 -8.27
C MET G 52 -61.20 31.58 -7.34
N PRO G 53 -60.31 31.95 -6.42
CA PRO G 53 -59.77 31.02 -5.41
C PRO G 53 -60.82 30.55 -4.41
N ALA G 54 -60.49 29.45 -3.73
CA ALA G 54 -61.43 28.75 -2.85
C ALA G 54 -61.95 29.58 -1.67
N TRP G 55 -61.18 30.54 -1.18
CA TRP G 55 -61.61 31.34 -0.03
C TRP G 55 -62.59 32.45 -0.38
N TYR G 56 -62.50 33.00 -1.59
CA TYR G 56 -63.49 33.95 -2.05
C TYR G 56 -64.83 33.25 -2.27
N VAL G 57 -64.80 32.10 -2.93
CA VAL G 57 -66.01 31.37 -3.26
C VAL G 57 -66.66 30.80 -2.01
N ALA G 58 -65.90 30.71 -0.92
CA ALA G 58 -66.46 30.25 0.35
C ALA G 58 -67.32 31.35 0.96
N ALA G 59 -66.84 32.59 0.86
CA ALA G 59 -67.58 33.72 1.39
C ALA G 59 -68.78 34.03 0.52
N CYS G 60 -68.71 33.69 -0.77
CA CYS G 60 -69.83 33.93 -1.66
C CYS G 60 -70.90 32.88 -1.48
N ARG G 61 -70.48 31.65 -1.20
CA ARG G 61 -71.43 30.56 -0.96
C ARG G 61 -72.21 30.77 0.32
N ALA G 62 -71.66 31.56 1.24
CA ALA G 62 -72.26 31.75 2.55
C ALA G 62 -72.98 33.08 2.72
N ASN G 63 -72.73 34.02 1.82
CA ASN G 63 -73.24 35.38 1.96
C ASN G 63 -74.10 35.83 0.79
N VAL G 64 -73.89 35.22 -0.37
CA VAL G 64 -74.67 35.56 -1.55
C VAL G 64 -75.62 34.43 -1.91
N LYS G 65 -76.92 34.70 -1.74
CA LYS G 65 -77.97 33.69 -1.92
C LYS G 65 -78.61 33.74 -3.31
N SER G 66 -78.42 34.85 -4.03
CA SER G 66 -78.94 34.96 -5.40
C SER G 66 -78.07 35.88 -6.23
N GLY G 67 -78.18 35.74 -7.54
CA GLY G 67 -77.41 36.56 -8.46
C GLY G 67 -77.77 38.02 -8.36
N ALA G 68 -78.98 38.27 -7.88
CA ALA G 68 -79.45 39.62 -7.65
C ALA G 68 -78.58 40.30 -6.60
N ILE G 69 -78.28 39.57 -5.53
CA ILE G 69 -77.42 40.09 -4.47
C ILE G 69 -76.03 40.44 -4.99
N MET G 70 -75.43 39.54 -5.76
CA MET G 70 -74.10 39.76 -6.29
C MET G 70 -74.04 40.95 -7.22
N ALA G 71 -75.01 41.04 -8.12
CA ALA G 71 -75.06 42.10 -9.11
C ALA G 71 -75.17 43.48 -8.46
N ASN G 72 -75.95 43.57 -7.39
CA ASN G 72 -76.18 44.86 -6.73
C ASN G 72 -75.16 45.13 -5.63
N LEU G 73 -74.24 44.19 -5.44
CA LEU G 73 -73.21 44.33 -4.41
C LEU G 73 -72.26 45.46 -4.77
N SER G 74 -72.22 46.48 -3.93
CA SER G 74 -71.37 47.64 -4.19
C SER G 74 -69.90 47.30 -4.01
N ASP G 75 -69.04 48.25 -4.34
CA ASP G 75 -67.60 48.09 -4.26
C ASP G 75 -67.17 47.78 -2.82
N THR G 76 -67.74 48.50 -1.86
CA THR G 76 -67.39 48.31 -0.46
C THR G 76 -68.04 47.05 0.13
N GLU G 77 -69.16 46.64 -0.43
CA GLU G 77 -69.88 45.46 0.05
C GLU G 77 -69.20 44.16 -0.37
N ILE G 78 -68.58 44.18 -1.54
CA ILE G 78 -67.80 43.05 -2.03
C ILE G 78 -66.63 42.76 -1.08
N GLN G 79 -66.00 43.82 -0.61
CA GLN G 79 -64.81 43.71 0.25
C GLN G 79 -65.08 42.97 1.55
N ARG G 80 -66.28 43.14 2.11
CA ARG G 80 -66.59 42.58 3.41
C ARG G 80 -67.48 41.33 3.36
N GLU G 81 -68.17 41.14 2.25
CA GLU G 81 -69.08 40.00 2.11
C GLU G 81 -68.46 38.85 1.30
N ILE G 82 -67.62 39.21 0.34
CA ILE G 82 -66.89 38.21 -0.45
C ILE G 82 -65.46 38.06 0.07
N GLY G 83 -64.97 39.12 0.72
CA GLY G 83 -63.66 39.11 1.37
C GLY G 83 -62.55 39.62 0.48
N ILE G 84 -62.91 40.30 -0.59
CA ILE G 84 -61.93 40.81 -1.55
C ILE G 84 -61.45 42.24 -1.28
N SER G 85 -60.24 42.39 -0.76
CA SER G 85 -59.66 43.72 -0.53
C SER G 85 -58.84 44.17 -1.75
N ASN G 86 -58.34 43.21 -2.50
CA ASN G 86 -57.56 43.49 -3.71
C ASN G 86 -58.40 44.19 -4.77
N PRO G 87 -58.01 45.42 -5.12
CA PRO G 87 -58.74 46.24 -6.10
C PRO G 87 -58.85 45.58 -7.47
N LEU G 88 -57.80 44.89 -7.89
CA LEU G 88 -57.78 44.22 -9.18
C LEU G 88 -58.61 42.94 -9.19
N HIS G 89 -58.73 42.31 -8.03
CA HIS G 89 -59.65 41.18 -7.88
C HIS G 89 -61.10 41.66 -7.96
N ARG G 90 -61.38 42.81 -7.35
CA ARG G 90 -62.71 43.44 -7.39
C ARG G 90 -63.09 43.86 -8.81
N LEU G 91 -62.17 44.49 -9.51
CA LEU G 91 -62.40 44.89 -10.90
C LEU G 91 -62.75 43.69 -11.75
N LYS G 92 -62.03 42.59 -11.51
CA LYS G 92 -62.24 41.32 -12.22
C LYS G 92 -63.66 40.78 -12.07
N LEU G 93 -64.20 40.88 -10.85
CA LEU G 93 -65.55 40.40 -10.59
C LEU G 93 -66.61 41.34 -11.16
N ARG G 94 -66.43 42.65 -10.95
CA ARG G 94 -67.40 43.62 -11.47
C ARG G 94 -67.48 43.59 -12.99
N LEU G 95 -66.36 43.42 -13.66
CA LEU G 95 -66.37 43.27 -15.10
C LEU G 95 -66.98 41.94 -15.51
N ALA G 96 -66.83 40.94 -14.64
CA ALA G 96 -67.40 39.62 -14.90
C ALA G 96 -68.92 39.65 -14.84
N ILE G 97 -69.46 40.20 -13.75
CA ILE G 97 -70.91 40.26 -13.56
C ILE G 97 -71.56 41.17 -14.60
N GLN G 98 -70.82 42.17 -15.05
CA GLN G 98 -71.32 43.10 -16.05
C GLN G 98 -71.48 42.40 -17.39
N GLU G 99 -70.50 41.55 -17.72
CA GLU G 99 -70.52 40.79 -18.97
C GLU G 99 -71.67 39.79 -18.97
N MET G 100 -71.90 39.16 -17.82
CA MET G 100 -72.94 38.15 -17.70
C MET G 100 -74.34 38.75 -17.81
N VAL G 101 -74.52 39.94 -17.24
CA VAL G 101 -75.80 40.63 -17.34
C VAL G 101 -76.10 40.95 -18.80
N SER G 102 -75.09 41.47 -19.50
CA SER G 102 -75.23 41.88 -20.89
C SER G 102 -75.35 40.70 -21.86
N LEU G 103 -75.00 39.51 -21.40
CA LEU G 103 -75.07 38.34 -22.27
C LEU G 103 -76.29 37.47 -21.97
N THR G 104 -76.99 37.74 -20.87
CA THR G 104 -78.20 37.00 -20.55
C THR G 104 -79.41 37.93 -20.49
N ASP G 150 -60.29 30.09 -24.45
CA ASP G 150 -60.63 31.38 -23.86
C ASP G 150 -59.36 32.15 -23.52
N MET G 151 -59.52 33.41 -23.15
CA MET G 151 -58.37 34.28 -22.89
C MET G 151 -58.42 34.90 -21.50
N ASN G 152 -58.06 34.11 -20.49
CA ASN G 152 -58.02 34.59 -19.12
C ASN G 152 -56.59 34.93 -18.72
N HIS G 153 -56.42 35.13 -17.42
CA HIS G 153 -55.14 35.57 -16.84
C HIS G 153 -53.98 34.59 -17.00
N GLU G 154 -54.28 33.29 -17.08
CA GLU G 154 -53.24 32.30 -17.31
C GLU G 154 -52.68 32.47 -18.70
N TRP G 155 -53.57 32.76 -19.64
CA TRP G 155 -53.15 33.02 -21.01
C TRP G 155 -52.43 34.36 -21.06
N VAL G 156 -52.91 35.33 -20.29
CA VAL G 156 -52.25 36.62 -20.18
C VAL G 156 -50.84 36.47 -19.61
N GLY G 157 -50.70 35.62 -18.60
CA GLY G 157 -49.43 35.41 -17.93
C GLY G 157 -48.41 34.54 -18.64
N ASN G 158 -48.86 33.42 -19.22
CA ASN G 158 -47.93 32.45 -19.79
C ASN G 158 -47.65 32.61 -21.28
N ASP G 159 -48.61 33.12 -22.03
CA ASP G 159 -48.48 33.20 -23.47
C ASP G 159 -48.31 34.62 -24.00
N TRP G 160 -49.32 35.45 -23.77
CA TRP G 160 -49.38 36.78 -24.37
C TRP G 160 -48.27 37.73 -23.92
N LEU G 161 -48.10 37.87 -22.62
CA LEU G 161 -47.17 38.85 -22.06
C LEU G 161 -45.70 38.63 -22.47
N PRO G 162 -45.19 37.39 -22.44
CA PRO G 162 -43.80 37.20 -22.90
C PRO G 162 -43.62 37.53 -24.38
N SER G 163 -44.69 37.40 -25.16
CA SER G 163 -44.63 37.69 -26.59
C SER G 163 -44.42 39.18 -26.85
N LEU G 164 -44.77 40.00 -25.86
CA LEU G 164 -44.55 41.44 -25.95
C LEU G 164 -43.13 41.78 -25.55
N GLY G 165 -42.39 40.78 -25.10
CA GLY G 165 -41.06 41.00 -24.57
C GLY G 165 -41.12 41.62 -23.19
N LEU G 166 -42.17 41.29 -22.44
CA LEU G 166 -42.31 41.78 -21.07
C LEU G 166 -42.60 40.66 -20.07
N PRO G 167 -41.69 39.66 -19.99
CA PRO G 167 -41.96 38.50 -19.15
C PRO G 167 -41.82 38.80 -17.66
N GLN G 168 -41.11 39.87 -17.32
CA GLN G 168 -40.82 40.17 -15.92
C GLN G 168 -42.09 40.37 -15.11
N TYR G 169 -43.11 40.91 -15.76
CA TYR G 169 -44.32 41.31 -15.07
C TYR G 169 -45.30 40.15 -14.87
N ARG G 170 -44.90 38.95 -15.30
CA ARG G 170 -45.75 37.76 -15.19
C ARG G 170 -46.23 37.48 -13.77
N SER G 171 -45.29 37.38 -12.85
CA SER G 171 -45.58 37.05 -11.45
C SER G 171 -46.63 37.98 -10.88
N TYR G 172 -46.50 39.26 -11.20
CA TYR G 172 -47.32 40.30 -10.61
C TYR G 172 -48.69 40.37 -11.27
N PHE G 173 -48.74 40.22 -12.59
CA PHE G 173 -49.99 40.20 -13.32
C PHE G 173 -50.89 39.03 -12.94
N MET G 174 -50.32 37.85 -12.88
CA MET G 174 -51.11 36.66 -12.57
C MET G 174 -51.58 36.71 -11.12
N GLU G 175 -50.76 37.30 -10.27
CA GLU G 175 -51.13 37.44 -8.86
C GLU G 175 -52.36 38.32 -8.70
N SER G 176 -52.50 39.29 -9.60
CA SER G 176 -53.63 40.22 -9.57
C SER G 176 -54.80 39.71 -10.41
N LEU G 177 -54.64 38.51 -10.96
CA LEU G 177 -55.67 37.84 -11.78
C LEU G 177 -56.10 38.71 -12.95
N VAL G 178 -55.14 39.25 -13.68
CA VAL G 178 -55.46 40.11 -14.80
C VAL G 178 -55.75 39.29 -16.06
N ASP G 179 -57.04 39.17 -16.40
CA ASP G 179 -57.43 38.52 -17.65
C ASP G 179 -57.53 39.56 -18.76
N ALA G 180 -57.90 39.10 -19.95
CA ALA G 180 -57.99 39.98 -21.11
C ALA G 180 -59.03 41.08 -20.93
N ARG G 181 -60.12 40.74 -20.25
CA ARG G 181 -61.23 41.66 -20.07
C ARG G 181 -60.85 42.90 -19.26
N MET G 182 -59.81 42.77 -18.43
CA MET G 182 -59.43 43.84 -17.52
C MET G 182 -58.37 44.79 -18.07
N LEU G 183 -57.70 44.38 -19.14
CA LEU G 183 -56.53 45.10 -19.65
C LEU G 183 -56.77 46.58 -19.94
N ASP G 184 -57.91 46.90 -20.56
CA ASP G 184 -58.18 48.27 -20.96
C ASP G 184 -58.67 49.15 -19.79
N HIS G 185 -59.10 48.51 -18.71
CA HIS G 185 -59.65 49.22 -17.54
C HIS G 185 -58.61 49.45 -16.44
N LEU G 186 -57.34 49.29 -16.78
CA LEU G 186 -56.26 49.42 -15.81
C LEU G 186 -55.87 50.88 -15.62
N ASN G 187 -55.95 51.36 -14.38
CA ASN G 187 -55.55 52.72 -14.06
C ASN G 187 -54.05 52.94 -14.20
N LYS G 188 -53.63 54.20 -14.24
CA LYS G 188 -52.22 54.54 -14.21
C LYS G 188 -51.66 54.21 -12.84
N LYS G 189 -52.51 54.37 -11.82
CA LYS G 189 -52.14 54.02 -10.46
C LYS G 189 -51.95 52.52 -10.29
N GLU G 190 -52.83 51.74 -10.92
CA GLU G 190 -52.80 50.28 -10.81
C GLU G 190 -51.61 49.68 -11.54
N LEU G 191 -51.24 50.26 -12.67
CA LEU G 191 -50.10 49.76 -13.46
C LEU G 191 -48.75 49.99 -12.79
N ARG G 192 -48.51 51.23 -12.32
CA ARG G 192 -47.23 51.60 -11.73
C ARG G 192 -47.00 50.87 -10.41
N GLY G 193 -48.01 50.86 -9.55
CA GLY G 193 -47.87 50.36 -8.19
C GLY G 193 -48.02 48.85 -8.04
N GLN G 194 -49.25 48.36 -8.19
CA GLN G 194 -49.56 46.96 -7.96
C GLN G 194 -48.90 46.02 -8.97
N LEU G 195 -48.80 46.48 -10.22
CA LEU G 195 -48.24 45.65 -11.29
C LEU G 195 -46.77 45.99 -11.57
N LYS G 196 -46.19 46.84 -10.73
CA LYS G 196 -44.75 47.12 -10.75
C LYS G 196 -44.21 47.70 -12.06
N MET G 197 -45.09 48.31 -12.85
CA MET G 197 -44.69 48.91 -14.13
C MET G 197 -44.21 50.34 -13.97
N VAL G 198 -42.97 50.52 -13.56
CA VAL G 198 -42.42 51.85 -13.35
C VAL G 198 -41.94 52.46 -14.67
N ASP G 199 -41.51 51.60 -15.59
CA ASP G 199 -41.07 52.04 -16.91
C ASP G 199 -42.23 52.57 -17.75
N SER G 200 -42.14 53.85 -18.08
CA SER G 200 -43.17 54.52 -18.89
C SER G 200 -43.22 53.94 -20.30
N PHE G 201 -42.05 53.54 -20.81
CA PHE G 201 -41.94 52.93 -22.13
C PHE G 201 -42.69 51.62 -22.21
N HIS G 202 -42.60 50.83 -21.13
CA HIS G 202 -43.25 49.54 -21.07
C HIS G 202 -44.77 49.63 -21.15
N ARG G 203 -45.33 50.67 -20.54
CA ARG G 203 -46.77 50.91 -20.61
C ARG G 203 -47.18 51.33 -22.02
N VAL G 204 -46.26 51.96 -22.73
CA VAL G 204 -46.49 52.33 -24.13
C VAL G 204 -46.52 51.04 -24.96
N SER G 205 -45.56 50.16 -24.69
CA SER G 205 -45.50 48.85 -25.31
C SER G 205 -46.79 48.09 -25.05
N LEU G 206 -47.27 48.17 -23.82
CA LEU G 206 -48.54 47.56 -23.43
C LEU G 206 -49.74 48.15 -24.16
N HIS G 207 -49.81 49.47 -24.23
CA HIS G 207 -50.95 50.14 -24.86
C HIS G 207 -51.11 49.78 -26.33
N TYR G 208 -50.01 49.79 -27.06
CA TYR G 208 -50.04 49.46 -28.48
C TYR G 208 -50.23 47.95 -28.66
N GLY G 209 -49.85 47.20 -27.63
CA GLY G 209 -50.12 45.78 -27.60
C GLY G 209 -51.60 45.52 -27.52
N ILE G 210 -52.26 46.21 -26.59
CA ILE G 210 -53.70 46.11 -26.42
C ILE G 210 -54.40 46.58 -27.69
N MET G 211 -53.88 47.66 -28.25
CA MET G 211 -54.42 48.25 -29.46
C MET G 211 -54.44 47.25 -30.61
N CYS G 212 -53.39 46.45 -30.71
CA CYS G 212 -53.34 45.40 -31.72
C CYS G 212 -54.44 44.38 -31.50
N LEU G 213 -54.67 44.02 -30.24
CA LEU G 213 -55.72 43.07 -29.88
C LEU G 213 -57.09 43.61 -30.23
N LYS G 214 -57.30 44.89 -29.97
CA LYS G 214 -58.57 45.54 -30.31
C LYS G 214 -58.78 45.55 -31.82
N ARG G 215 -57.69 45.72 -32.56
CA ARG G 215 -57.74 45.66 -34.03
C ARG G 215 -58.20 44.29 -34.52
N LEU G 216 -57.88 43.26 -33.75
CA LEU G 216 -58.21 41.90 -34.14
C LEU G 216 -59.43 41.36 -33.39
N ASN G 217 -60.10 42.26 -32.67
CA ASN G 217 -61.31 41.94 -31.93
C ASN G 217 -61.21 40.73 -31.00
N TYR G 218 -60.04 40.56 -30.37
CA TYR G 218 -59.82 39.55 -29.34
C TYR G 218 -60.12 38.13 -29.81
N ASP G 219 -59.77 37.84 -31.05
CA ASP G 219 -59.89 36.50 -31.61
C ASP G 219 -58.55 35.78 -31.45
N ARG G 220 -58.43 34.98 -30.40
CA ARG G 220 -57.17 34.27 -30.11
C ARG G 220 -56.75 33.38 -31.28
N LYS G 221 -57.74 32.75 -31.92
CA LYS G 221 -57.47 31.86 -33.06
C LYS G 221 -56.85 32.61 -34.24
N ASP G 222 -57.38 33.79 -34.55
CA ASP G 222 -56.87 34.58 -35.67
C ASP G 222 -55.44 35.07 -35.42
N LEU G 223 -55.15 35.46 -34.18
CA LEU G 223 -53.82 35.96 -33.81
C LEU G 223 -52.73 34.92 -34.01
N GLU G 224 -52.93 33.74 -33.43
CA GLU G 224 -51.94 32.67 -33.51
C GLU G 224 -51.77 32.18 -34.94
N ARG G 225 -52.87 32.17 -35.70
CA ARG G 225 -52.82 31.77 -37.10
C ARG G 225 -51.99 32.75 -37.94
N ARG G 226 -52.26 34.05 -37.75
CA ARG G 226 -51.54 35.09 -38.48
C ARG G 226 -50.05 35.10 -38.18
N ARG G 227 -49.70 34.84 -36.93
CA ARG G 227 -48.29 34.79 -36.52
C ARG G 227 -47.56 33.63 -37.19
N ASP G 236 -47.34 42.38 -42.79
CA ASP G 236 -48.18 42.42 -41.60
C ASP G 236 -47.41 41.97 -40.36
N VAL G 237 -46.47 42.80 -39.92
CA VAL G 237 -45.62 42.49 -38.78
C VAL G 237 -46.31 42.86 -37.48
N MET G 238 -47.49 43.47 -37.59
CA MET G 238 -48.26 43.89 -36.44
C MET G 238 -48.54 42.70 -35.52
N VAL G 239 -48.50 41.50 -36.10
CA VAL G 239 -48.83 40.29 -35.36
C VAL G 239 -47.54 39.64 -34.85
N TRP G 240 -46.40 40.07 -35.38
CA TRP G 240 -45.11 39.52 -34.98
C TRP G 240 -44.86 39.68 -33.47
N SER G 241 -44.33 38.63 -32.86
CA SER G 241 -44.00 38.64 -31.43
C SER G 241 -42.58 39.15 -31.21
N ASN G 242 -42.19 39.23 -29.94
CA ASN G 242 -40.82 39.59 -29.57
C ASN G 242 -39.82 38.57 -30.09
N GLU G 243 -40.24 37.30 -30.10
CA GLU G 243 -39.42 36.22 -30.65
C GLU G 243 -39.09 36.46 -32.12
N ARG G 244 -40.14 36.66 -32.92
CA ARG G 244 -39.98 36.88 -34.36
C ARG G 244 -39.11 38.09 -34.68
N VAL G 245 -39.24 39.13 -33.85
CA VAL G 245 -38.42 40.33 -34.01
C VAL G 245 -36.95 40.05 -33.75
N MET G 246 -36.67 39.29 -32.69
CA MET G 246 -35.30 38.91 -32.35
C MET G 246 -34.66 38.03 -33.43
N GLY G 247 -35.43 37.09 -33.96
CA GLY G 247 -34.96 36.20 -35.01
C GLY G 247 -34.66 36.95 -36.30
N TRP G 248 -35.44 37.99 -36.55
CA TRP G 248 -35.28 38.83 -37.72
C TRP G 248 -33.96 39.61 -37.67
N VAL G 249 -33.67 40.18 -36.49
CA VAL G 249 -32.46 40.97 -36.29
C VAL G 249 -31.19 40.17 -36.53
N SER G 250 -31.12 38.97 -35.98
CA SER G 250 -29.97 38.11 -36.16
C SER G 250 -29.86 37.60 -37.59
N THR G 259 -30.35 39.43 -29.04
CA THR G 259 -30.58 38.92 -27.69
C THR G 259 -30.87 40.06 -26.72
N ASN G 260 -30.50 41.27 -27.12
CA ASN G 260 -30.72 42.45 -26.30
C ASN G 260 -32.17 42.88 -26.32
N LEU G 261 -32.99 42.14 -27.06
CA LEU G 261 -34.40 42.44 -27.18
C LEU G 261 -35.23 41.73 -26.12
N THR G 262 -34.58 40.89 -25.33
CA THR G 262 -35.26 40.22 -24.22
C THR G 262 -35.63 41.20 -23.11
N GLU G 263 -36.87 41.11 -22.65
CA GLU G 263 -37.40 41.97 -21.59
C GLU G 263 -37.31 43.46 -21.92
N SER G 264 -37.33 43.77 -23.21
CA SER G 264 -37.22 45.16 -23.66
C SER G 264 -38.58 45.78 -23.97
N GLY G 265 -39.59 44.94 -24.18
CA GLY G 265 -40.92 45.42 -24.50
C GLY G 265 -41.12 45.63 -25.98
N VAL G 266 -40.19 45.11 -26.78
CA VAL G 266 -40.26 45.25 -28.23
C VAL G 266 -41.11 44.16 -28.88
N HIS G 267 -42.16 44.59 -29.57
CA HIS G 267 -43.04 43.68 -30.31
C HIS G 267 -43.60 44.36 -31.55
N GLY G 268 -44.24 43.57 -32.41
CA GLY G 268 -44.74 44.06 -33.68
C GLY G 268 -45.79 45.15 -33.60
N ALA G 269 -46.64 45.08 -32.57
CA ALA G 269 -47.73 46.05 -32.40
C ALA G 269 -47.21 47.46 -32.13
N LEU G 270 -46.14 47.56 -31.35
CA LEU G 270 -45.54 48.86 -31.05
C LEU G 270 -44.95 49.49 -32.31
N LEU G 271 -44.16 48.70 -33.04
CA LEU G 271 -43.51 49.15 -34.26
C LEU G 271 -44.49 49.69 -35.30
N ALA G 272 -45.63 49.02 -35.42
CA ALA G 272 -46.58 49.32 -36.50
C ALA G 272 -47.51 50.48 -36.16
N LEU G 273 -47.75 50.72 -34.88
CA LEU G 273 -48.76 51.68 -34.47
C LEU G 273 -48.19 52.94 -33.83
N ASP G 274 -46.90 52.93 -33.52
CA ASP G 274 -46.28 54.10 -32.92
C ASP G 274 -45.36 54.81 -33.91
N GLU G 275 -45.68 56.08 -34.18
CA GLU G 275 -44.91 56.87 -35.12
C GLU G 275 -43.67 57.46 -34.46
N THR G 276 -43.72 57.60 -33.14
CA THR G 276 -42.61 58.20 -32.40
C THR G 276 -41.39 57.29 -32.33
N PHE G 277 -41.59 56.01 -32.68
CA PHE G 277 -40.50 55.04 -32.65
C PHE G 277 -39.71 55.00 -33.95
N ASP G 278 -38.46 55.45 -33.89
CA ASP G 278 -37.58 55.40 -35.05
C ASP G 278 -36.50 54.34 -34.85
N TYR G 279 -35.52 54.32 -35.75
CA TYR G 279 -34.46 53.31 -35.71
C TYR G 279 -33.48 53.53 -34.57
N SER G 280 -33.31 54.79 -34.16
CA SER G 280 -32.37 55.14 -33.10
C SER G 280 -32.79 54.60 -31.74
N ASP G 281 -34.08 54.67 -31.45
CA ASP G 281 -34.64 54.08 -30.24
C ASP G 281 -34.26 52.61 -30.21
N LEU G 282 -34.49 51.96 -31.34
CA LEU G 282 -34.15 50.54 -31.49
C LEU G 282 -32.65 50.32 -31.42
N ALA G 283 -31.89 51.28 -31.91
CA ALA G 283 -30.44 51.16 -31.97
C ALA G 283 -29.85 51.05 -30.57
N LEU G 284 -30.35 51.87 -29.65
CA LEU G 284 -29.87 51.87 -28.28
C LEU G 284 -30.50 50.75 -27.46
N LEU G 285 -31.63 50.24 -27.93
CA LEU G 285 -32.28 49.09 -27.30
C LEU G 285 -31.58 47.78 -27.64
N LEU G 286 -30.86 47.76 -28.76
CA LEU G 286 -30.04 46.61 -29.12
C LEU G 286 -28.67 46.67 -28.45
N LEU G 298 -26.82 50.01 -41.50
CA LEU G 298 -27.59 48.86 -41.94
C LEU G 298 -28.97 48.83 -41.30
N LEU G 299 -29.02 49.08 -40.00
CA LEU G 299 -30.26 49.05 -39.23
C LEU G 299 -31.26 50.08 -39.71
N GLU G 300 -30.80 51.33 -39.83
CA GLU G 300 -31.65 52.42 -40.26
C GLU G 300 -32.28 52.14 -41.62
N LYS G 301 -31.47 51.63 -42.55
CA LYS G 301 -31.95 51.28 -43.88
C LYS G 301 -33.05 50.22 -43.84
N GLU G 302 -32.78 49.12 -43.15
CA GLU G 302 -33.73 48.02 -43.07
C GLU G 302 -34.97 48.40 -42.26
N PHE G 303 -34.82 49.37 -41.38
CA PHE G 303 -35.93 49.88 -40.59
C PHE G 303 -36.93 50.57 -41.50
N SER G 304 -36.42 51.26 -42.51
CA SER G 304 -37.24 51.88 -43.53
C SER G 304 -37.93 50.81 -44.38
N ASN G 305 -37.19 49.75 -44.69
CA ASN G 305 -37.72 48.63 -45.46
C ASN G 305 -38.85 47.90 -44.75
N LEU G 306 -38.67 47.70 -43.44
CA LEU G 306 -39.65 47.00 -42.62
C LEU G 306 -40.98 47.74 -42.55
N ILE G 307 -40.94 49.04 -42.24
CA ILE G 307 -42.14 49.86 -42.13
C ILE G 307 -42.87 49.96 -43.47
N LYS H 6 50.85 -10.47 34.55
CA LYS H 6 52.06 -9.70 34.27
C LYS H 6 52.28 -8.63 35.33
N LEU H 7 51.20 -8.02 35.79
CA LEU H 7 51.27 -6.94 36.77
C LEU H 7 50.91 -7.43 38.18
N THR H 8 51.65 -6.96 39.18
CA THR H 8 51.42 -7.38 40.56
C THR H 8 51.23 -6.19 41.50
N MET H 52 36.54 -10.39 56.19
CA MET H 52 35.27 -9.69 56.28
C MET H 52 35.05 -8.81 55.05
N PRO H 53 33.82 -8.80 54.51
CA PRO H 53 33.49 -7.96 53.35
C PRO H 53 33.48 -6.47 53.70
N ALA H 54 33.31 -5.62 52.70
CA ALA H 54 33.53 -4.19 52.84
C ALA H 54 32.50 -3.48 53.73
N TRP H 55 31.28 -4.02 53.78
CA TRP H 55 30.21 -3.34 54.51
C TRP H 55 30.26 -3.61 56.02
N TYR H 56 31.00 -4.64 56.42
CA TYR H 56 31.15 -4.96 57.84
C TYR H 56 32.25 -4.11 58.47
N VAL H 57 33.30 -3.85 57.71
CA VAL H 57 34.42 -3.05 58.20
C VAL H 57 34.12 -1.56 58.10
N ALA H 58 33.01 -1.21 57.47
CA ALA H 58 32.59 0.18 57.34
C ALA H 58 31.74 0.60 58.53
N ALA H 59 31.01 -0.36 59.09
CA ALA H 59 30.23 -0.12 60.30
C ALA H 59 31.13 -0.23 61.53
N CYS H 60 32.26 -0.93 61.37
CA CYS H 60 33.24 -1.10 62.43
C CYS H 60 34.10 0.14 62.62
N ARG H 61 34.45 0.78 61.51
CA ARG H 61 35.30 1.97 61.55
C ARG H 61 34.52 3.20 62.04
N ALA H 62 33.19 3.09 62.04
CA ALA H 62 32.34 4.19 62.45
C ALA H 62 31.72 3.93 63.82
N ASN H 63 31.78 2.69 64.28
CA ASN H 63 31.25 2.31 65.58
C ASN H 63 32.32 1.69 66.46
#